data_7OTM
#
_entry.id   7OTM
#
_cell.length_a   1.00
_cell.length_b   1.00
_cell.length_c   1.00
_cell.angle_alpha   90.00
_cell.angle_beta   90.00
_cell.angle_gamma   90.00
#
_symmetry.space_group_name_H-M   'P 1'
#
loop_
_entity.id
_entity.type
_entity.pdbx_description
1 polymer 'DNA-dependent protein kinase catalytic subunit,DNA-PKcs'
2 non-polymer 8-(dibenzo[b,d]thiophen-4-yl)-2-(morpholin-4-yl)-4H-chromen-4-one
#
_entity_poly.entity_id   1
_entity_poly.type   'polypeptide(L)'
_entity_poly.pdbx_seq_one_letter_code
;MAGSGAGVRCSLLRLQETLSAADRCGAALAGHQLIRGLGQECVLSSSPAVLALQTSLVFSRDFGLLVFVRKSLNSIEFRE
CREEILKFLCIFLEKMGQKIAPYSVEIKNTCTSVYTKDRAAKCKIPALDLLIKLLQTFRSSRLMDEFKIGELFSKFYGEL
ALKKKIPDTVLEKVYELLGLLGEVHPSEMINNAENLFRAFLGELKTQMTSAVREPKLPVLAGCLKGLSSLLCNFTKSMEE
DPQTSREIFNFVLKAIRPQIDLKRYAVPSAGLRLFALHASQFSTCLLDNYVSLFEVLLKWCAHTNVELKKAALSALESFL
KQVSNMVAKNAEMHKNKLQYFMEQFYGIIRNVDSNNKELSIAIRGYGLFAGPCKVINAKDVDFMYVELIQRCKQMFLTQT
DTGDDRVYQMPSFLQSVASVLLYLDTVPEVYTPVLEHLVVMQIDSFPQYSPKMQLVCCRAIVKVFLALAAKGPVLRNCIS
TVVHQGLIRICSKPVVLPKGPESESEDHRASGEVRTGKWKVPTYKDYVDLFRHLLSSDQMMDSILADEAFFSVNSSSESL
NHLLYDEFVKSVLKIVEKLDLTLEIQTVGEQENGDEAPGVWMIPTSDPAANLHPAKPKDFSAFINLVEFCREILPEKQAE
FFEPWVYSFSYELILQSTRLPLISGFYKLLSITVRNAKKIKYFEGVSPKSLKHSPEDPEKYSCFALFVKFGKEVAVKMKQ
YKDELLASCLTFLLSLPHNIIELDVRAYVPALQMAFKLGLSYTPLAEVGLNALEEWSIYIDRHVMQPYYKDILPCLDGYL
KTSALSDETKNNWEVSALSRAAQKGFNKVVLKHLKKTKNLSSNEAISLEEIRIRVVQMLGSLGGQINKNLLTVTSSDEMM
KSYVAWDREKRLSFAVPFREMKPVIFLDVFLPRVTELALTASDRQTKVAACELLHSMVMFMLGKATQMPEGGQGAPPMYQ
LYKRTFPVLLRLACDVDQVTRQLYEPLVMQLIHWFTNNKKFESQDTVALLEAILDGIVDPVDSTLRDFCGRCIREFLKWS
IKQITPQQQEKSPVNTKSLFKRLYSLALHPNAFKRLGASLAFNNIYREFREEESLVEQFVFEALVIYMESLALAHADEKS
LGTIQQCCDAIDHLCRIIEKKHVSLNKAKKRRLPRGFPPSASLCLLDLVKWLLAHCGRPQTECRHKSIELFYKFVPLLPG
NRSPNLWLKDVLKEEGVSFLINTFEGGGCGQPSGILAQPTLLYLRGPFSLQATLCWLDLLLAALECYNTFIGERTVGALQ
VLGTEAQSSLLKAVAFFLESIAMHDIIAAEKCFGTGAAGNRTSPQEGERYNYSKCTVVVRIMEFTTTLLNTSPEGWKLLK
KDLCNTHLMRVLVQTLCEPASIGFNIGDVQVMAHLPDVCVNLMKALKMSPYKDILETHLREKITAQSIEELCAVNLYGPD
AQVDRSRLAAVVSACKQLHRAGLLHNILPSQSTDLHHSVGTELLSLVYKGIAPGDERQCLPSLDLSCKQLASGLLELAFA
FGGLCERLVSLLLNPAVLSTASLGSSQGSVIHFSHGEYFYSLFSETINTELLKNLDLAVLELMQSSVDNTKMVSAVLNGM
LDQSFRERANQKHQGLKLATTILQHWKKCDSWWAKDSPLETKMAVLALLAKILQIDSSVSFNTSHGSFPEVFTTYISLLA
DTKLDLHLKGQAVTLLPFFTSLTGGSLEELRRVLEQLIVAHFPMQSREFPPGTPRFNNYVDCMKKFLDALELSQSPMLLE
LMTEVLCREQQHVMEELFQSSFRRIARRGSCVTQVGLLESVYEMFRKDDPRLSFTRQSFVDRSLLTLLWHCSLDALREFF
STIVVDAIDVLKSRFTKLNESTFDTQITKKMGYYKILDVMYSRLPKDDVHAKESKINQVFHGSCITEGNELTKTLIKLCY
DAFTENMAGENQLLERRRLYHCAAYNCAISVICCVFNELKFYQGFLFSEKPEKNLLIFENLIDLKRRYNFPVEVEVPMER
KKKYIEIRKEAREAANGDSDGPSYMSSLSYLADSTLSEEMSQFDFSTGVQSYSYSSQDPRPATGRFRRREQRDPTVHDDV
LELEMDELNRHECMAPLTALVKHMHRSLGPPQGEEDSVPRDLPSWMKFLHGKLGNPIVPLNIRLFLAKLVINTEEVFRPY
AKHWLSPLLQLAASENNGGEGIHYMVVEIVATILSWTGLATPTGVPKDEVLANRLLNFLMKHVFHPKRAVFRHNLEIIKT
LVECWKDCLSIPYRLIFEKFSGKDPNSKDNSVGIQLLGIVMANDLPPYDPQCGIQSSEYFQALVNNMSFVRYKEVYAAAA
EVLGLILRYVMERKNILEESLCELVAKQLKQHQNTMEDKFIVCLNKVTKSFPPLADRFMNAVFFLLPKFHGVLKTLCLEV
VLCRVEGMTELYFQLKSKDFVQVMRHRDDERQKVCLDIIYKMMPKLKPVELRELLNPVVEFVSHPSTTCREQMYNILMWI
HDNYRDPESETDNDSQEIFKLAKDVLIQGLIDENPGLQLIIRNFWSHETRLPSNTLDRLLALNSLYSPKIEVHFLSLATN
FLLEMTSMSPDYPNPMFEHPLSECEFQEYTIDSDWRFRSTVLTPMFVETQASQGTLQTRTQEGSLSARWPVAGQIRATQQ
QHDFTLTQTADGRSSFDWLTGSSTDPLVDHTSPSSDSLLFAHKRSERLQRAPLKSVGPDFGKKRLGLPGDEVDNKVKGAA
GRTDLLRLRRRFMRDQEKLSLMYARKGVAEQKREKEIKSELKMKQDAQVVLYRSYRHGDLPDIQIKHSSLITPLQAVAQR
DPIIAKQLFSSLFSGILKEMDKFKTLSEKNNITQKLLQDFNRFLNTTFSFFPPFVSCIQDISCQHAALLSLDPAAVSAGC
LASLQQPVGIRLLEEALLRLLPAELPAKRVRGKARLPPDVLRWVELAKLYRSIGEYDVLRGIFTSEIGTKQITQSALLAE
ARSDYSEAAKQYDEALNKQDWVDGEPTEAEKDFWELASLDCYNHLAEWKSLEYCSTASIDSENPPDLNKIWSEPFYQETY
LPYMIRSKLKLLLQGEADQSLLTFIDKAMHGELQKAILELHYSQELSLLYLLQDDVDRAKYYIQNGIQSFMQNYSSIDVL
LHQSRLTKLQSVQALTEIQEFISFISKQGNLSSQVPLKRLLNTWTNRYPDAKMDPMNIWDDIITNRCFFLSKIEEKLTPL
PEDNSMNVDQDGDPSDRMEVQEQEEDISSLIRSCKFSMKMKMIDSARKQNNFSLAMKLLKELHKESKTRDDWLVSWVQSY
CRLSHCRSRSQGCSEQVLTVLKTVSLLDENNVSSYLSKNILAFRDQNILLGTTYRIIANALSSEPACLAEIEEDKARRIL
ELSGSSSEDSEKVIAGLYQRAFQHLSEAVQAAEEEAQPPSWSCGPAAGVIDAYMTLADFCDQQLRKEEENASVIDSAELQ
AYPALVVEKMLKALKLNSNEARLKFPRLLQIIERYPEETLSLMTKEISSVPCWQFISWISHMVALLDKDQAVAVQHSVEE
ITDNYPQAIVYPFIISSESYSFKDTSTGHKNKEFVARIKSKLDQGGVIQDFINALDQLSNPELLFKDWSNDVRAELAKTP
VNKKNIEKMYERMYAALGDPKAPGLGAFRRKFIQTFGKEFDKHFGKGGSKLLRMKLSDFNDITNMLLLKMNKDSKPPGNL
KECSPWMSDFKVEFLRNELEIPGQYDGRGKPLPEYHVRIAGFDERVTVMASLRRPKRIIIRGHDEREHPFLVKGGEDLRQ
DQRVEQLFQVMNGILAQDSACSQRALQLRTYSVVPMTSRLGLIEWLENTVTLKDLLLNTMSQEEKAAYLSDPRAPPCEYK
DWLTKMSGKHDVGAYMLMYKGANRTETVTSFRKRESKVPADLLKRAFVRMSTSPEAFLALRSHFASSHALICISHWILGI
GDRHLNNFMVAMETGGVIGIDFGHAFGSATQFLPVPELMPFRLTRQFINLMLPMKETGLMYSIMVHALRAFRSDPGLLTN
TMDVFVKEPSFDWKNFEQKMLKKGGSWIQEINVAEKNWYPRQKICYAKRKLAGANPAVITCDELLLGHEKAPAFRDYVAV
ARGSKDHNIRAQEPESGLSEETQVKCLMDQATDPNILGRTWEGWEPWM(UNK)(UNK)(UNK)(UNK)(UNK)(UNK)
(UNK)(UNK)(UNK)(UNK)(UNK)(UNK)(UNK)(UNK)(UNK)(UNK)(UNK)(UNK)(UNK)(UNK)
;
_entity_poly.pdbx_strand_id   A
#
loop_
_chem_comp.id
_chem_comp.type
_chem_comp.name
_chem_comp.formula
2R4 non-polymer 8-(dibenzo[b,d]thiophen-4-yl)-2-(morpholin-4-yl)-4H-chromen-4-one 'C25 H19 N O3 S'
#
# COMPACT_ATOMS: atom_id res chain seq x y z
N ARG A 9 -25.53 19.29 -28.59
CA ARG A 9 -25.53 20.27 -29.67
C ARG A 9 -26.53 21.40 -29.40
N CYS A 10 -26.06 22.63 -29.47
CA CYS A 10 -26.89 23.80 -29.22
C CYS A 10 -27.44 24.42 -30.51
N SER A 11 -27.44 23.67 -31.61
CA SER A 11 -28.02 24.16 -32.86
C SER A 11 -29.50 23.78 -32.96
N LEU A 12 -29.79 22.48 -32.89
CA LEU A 12 -31.17 22.02 -33.02
C LEU A 12 -32.04 22.54 -31.88
N LEU A 13 -31.43 22.87 -30.73
CA LEU A 13 -32.17 23.29 -29.55
C LEU A 13 -33.11 24.45 -29.85
N ARG A 14 -32.71 25.36 -30.75
CA ARG A 14 -33.59 26.40 -31.22
C ARG A 14 -33.84 26.34 -32.72
N LEU A 15 -33.11 25.51 -33.47
CA LEU A 15 -33.48 25.28 -34.86
C LEU A 15 -34.86 24.63 -34.96
N GLN A 16 -35.15 23.69 -34.07
CA GLN A 16 -36.46 23.04 -34.10
C GLN A 16 -37.55 24.04 -33.77
N GLU A 17 -37.28 24.99 -32.88
CA GLU A 17 -38.28 26.00 -32.55
C GLU A 17 -38.42 27.04 -33.66
N THR A 18 -37.34 27.36 -34.37
CA THR A 18 -37.47 28.21 -35.55
C THR A 18 -38.35 27.54 -36.60
N LEU A 19 -38.17 26.24 -36.80
CA LEU A 19 -39.01 25.53 -37.76
C LEU A 19 -40.45 25.42 -37.27
N SER A 20 -40.64 25.25 -35.96
CA SER A 20 -41.97 25.23 -35.36
C SER A 20 -42.66 26.58 -35.46
N ALA A 21 -41.89 27.67 -35.52
CA ALA A 21 -42.48 28.97 -35.83
C ALA A 21 -42.75 29.11 -37.33
N ALA A 22 -41.88 28.53 -38.16
CA ALA A 22 -42.01 28.67 -39.60
C ALA A 22 -43.27 27.98 -40.12
N ASP A 23 -43.48 26.72 -39.73
CA ASP A 23 -44.67 26.01 -40.17
C ASP A 23 -45.94 26.56 -39.55
N ARG A 24 -45.84 27.26 -38.43
CA ARG A 24 -47.00 27.85 -37.78
C ARG A 24 -47.54 29.04 -38.57
N CYS A 25 -46.80 29.54 -39.56
CA CYS A 25 -47.18 30.74 -40.31
C CYS A 25 -47.84 30.32 -41.62
N GLY A 26 -49.15 30.44 -41.68
CA GLY A 26 -49.89 30.21 -42.90
C GLY A 26 -50.12 28.73 -43.19
N ALA A 27 -50.80 28.49 -44.31
CA ALA A 27 -51.08 27.15 -44.80
C ALA A 27 -50.40 26.87 -46.13
N ALA A 28 -50.56 27.75 -47.11
CA ALA A 28 -49.74 27.69 -48.32
C ALA A 28 -48.32 28.14 -47.99
N LEU A 29 -47.34 27.44 -48.56
CA LEU A 29 -45.92 27.69 -48.33
C LEU A 29 -45.53 27.58 -46.85
N ALA A 30 -46.36 26.94 -46.04
CA ALA A 30 -46.04 26.76 -44.63
C ALA A 30 -44.95 25.72 -44.42
N GLY A 31 -44.98 24.64 -45.20
CA GLY A 31 -43.99 23.60 -45.11
C GLY A 31 -43.51 23.13 -46.47
N HIS A 32 -43.57 24.02 -47.46
CA HIS A 32 -43.20 23.66 -48.82
C HIS A 32 -41.73 23.29 -48.92
N GLN A 33 -40.84 24.15 -48.44
CA GLN A 33 -39.42 23.85 -48.42
C GLN A 33 -38.95 23.34 -47.05
N LEU A 34 -39.86 23.30 -46.07
CA LEU A 34 -39.55 22.73 -44.76
C LEU A 34 -39.36 21.22 -44.81
N ILE A 35 -39.73 20.57 -45.92
CA ILE A 35 -39.42 19.15 -46.10
C ILE A 35 -37.92 18.93 -46.01
N ARG A 36 -37.14 19.81 -46.66
CA ARG A 36 -35.70 19.65 -46.61
C ARG A 36 -35.15 20.06 -45.25
N GLY A 37 -35.81 20.99 -44.56
CA GLY A 37 -35.42 21.30 -43.20
C GLY A 37 -35.57 20.13 -42.26
N LEU A 38 -36.69 19.42 -42.35
CA LEU A 38 -36.86 18.20 -41.58
C LEU A 38 -35.82 17.16 -41.99
N GLY A 39 -35.54 17.06 -43.29
CA GLY A 39 -34.55 16.11 -43.77
C GLY A 39 -33.16 16.36 -43.25
N GLN A 40 -32.78 17.63 -43.09
CA GLN A 40 -31.48 17.92 -42.49
C GLN A 40 -31.51 17.79 -40.97
N GLU A 41 -32.64 18.11 -40.32
CA GLU A 41 -32.74 17.97 -38.87
C GLU A 41 -32.65 16.50 -38.44
N CYS A 42 -33.29 15.60 -39.19
CA CYS A 42 -33.29 14.20 -38.82
C CYS A 42 -31.88 13.61 -38.85
N VAL A 43 -31.11 13.90 -39.90
CA VAL A 43 -29.73 13.46 -39.94
C VAL A 43 -28.87 14.24 -38.96
N LEU A 44 -29.30 15.44 -38.58
CA LEU A 44 -28.61 16.16 -37.51
C LEU A 44 -28.69 15.40 -36.20
N SER A 45 -29.85 14.86 -35.88
CA SER A 45 -30.02 14.12 -34.63
C SER A 45 -29.59 12.65 -34.82
N SER A 46 -28.27 12.49 -34.98
CA SER A 46 -27.64 11.16 -34.96
C SER A 46 -26.20 11.33 -34.49
N SER A 47 -25.98 11.13 -33.18
CA SER A 47 -24.65 11.22 -32.59
C SER A 47 -24.46 10.14 -31.55
N PRO A 48 -23.23 9.60 -31.41
CA PRO A 48 -23.00 8.53 -30.45
C PRO A 48 -22.56 8.99 -29.06
N ALA A 49 -22.18 10.26 -28.89
CA ALA A 49 -21.69 10.75 -27.61
C ALA A 49 -22.87 10.96 -26.67
N VAL A 50 -23.25 9.89 -25.99
CA VAL A 50 -24.45 9.89 -25.15
C VAL A 50 -24.39 10.94 -24.05
N LEU A 51 -23.18 11.36 -23.66
CA LEU A 51 -23.07 12.48 -22.74
C LEU A 51 -23.63 13.76 -23.36
N ALA A 52 -23.48 13.89 -24.68
CA ALA A 52 -24.11 14.99 -25.42
C ALA A 52 -25.55 14.68 -25.82
N LEU A 53 -26.04 13.47 -25.53
CA LEU A 53 -27.44 13.16 -25.79
C LEU A 53 -28.36 13.57 -24.65
N GLN A 54 -27.81 13.97 -23.50
CA GLN A 54 -28.64 14.40 -22.38
C GLN A 54 -29.50 15.60 -22.79
N THR A 55 -28.93 16.52 -23.57
CA THR A 55 -29.75 17.59 -24.14
C THR A 55 -30.73 17.05 -25.18
N SER A 56 -30.46 15.89 -25.76
CA SER A 56 -31.41 15.30 -26.70
C SER A 56 -32.58 14.62 -26.01
N LEU A 57 -32.46 14.30 -24.72
CA LEU A 57 -33.61 13.75 -23.99
C LEU A 57 -34.75 14.75 -23.89
N VAL A 58 -34.46 16.05 -23.85
CA VAL A 58 -35.55 17.02 -23.74
C VAL A 58 -36.27 17.17 -25.07
N PHE A 59 -35.59 16.87 -26.18
CA PHE A 59 -36.22 17.06 -27.47
C PHE A 59 -37.32 16.04 -27.73
N SER A 60 -37.34 14.92 -27.02
CA SER A 60 -38.46 14.00 -27.13
C SER A 60 -39.76 14.67 -26.71
N ARG A 61 -39.73 15.40 -25.59
CA ARG A 61 -40.93 16.13 -25.18
C ARG A 61 -41.11 17.39 -26.03
N ASP A 62 -40.01 17.99 -26.47
CA ASP A 62 -40.12 19.13 -27.38
C ASP A 62 -40.83 18.77 -28.67
N PHE A 63 -40.78 17.50 -29.07
CA PHE A 63 -41.58 17.01 -30.18
C PHE A 63 -43.07 17.06 -29.85
N GLY A 64 -43.42 17.16 -28.56
CA GLY A 64 -44.81 17.31 -28.19
C GLY A 64 -45.44 18.56 -28.77
N LEU A 65 -44.73 19.68 -28.73
CA LEU A 65 -45.27 20.88 -29.37
C LEU A 65 -45.24 20.79 -30.89
N LEU A 66 -44.24 20.11 -31.45
CA LEU A 66 -44.20 19.89 -32.89
C LEU A 66 -45.40 19.10 -33.37
N VAL A 67 -45.90 18.16 -32.57
CA VAL A 67 -47.11 17.44 -32.93
C VAL A 67 -48.39 18.17 -32.50
N PHE A 68 -48.31 19.02 -31.46
CA PHE A 68 -49.45 19.87 -31.13
C PHE A 68 -49.77 20.83 -32.27
N VAL A 69 -48.75 21.40 -32.89
CA VAL A 69 -48.97 22.30 -34.02
C VAL A 69 -49.67 21.56 -35.15
N ARG A 70 -49.26 20.32 -35.41
CA ARG A 70 -49.78 19.53 -36.52
C ARG A 70 -51.02 18.73 -36.17
N LYS A 71 -51.51 18.82 -34.94
CA LYS A 71 -52.74 18.13 -34.57
C LYS A 71 -53.90 18.54 -35.47
N SER A 72 -53.84 19.74 -36.04
CA SER A 72 -54.87 20.23 -36.94
C SER A 72 -54.37 20.35 -38.38
N LEU A 73 -53.31 21.11 -38.61
CA LEU A 73 -52.91 21.47 -39.97
C LEU A 73 -52.19 20.31 -40.65
N ASN A 74 -52.67 19.94 -41.84
CA ASN A 74 -51.95 19.05 -42.73
C ASN A 74 -52.49 19.28 -44.14
N SER A 75 -51.66 19.86 -44.99
CA SER A 75 -52.04 20.19 -46.36
C SER A 75 -51.47 19.17 -47.33
N ILE A 76 -51.69 19.42 -48.62
CA ILE A 76 -51.19 18.51 -49.65
C ILE A 76 -49.66 18.53 -49.66
N GLU A 77 -49.06 19.72 -49.59
CA GLU A 77 -47.61 19.87 -49.62
C GLU A 77 -46.98 19.60 -48.27
N PHE A 78 -47.77 19.30 -47.25
CA PHE A 78 -47.31 19.27 -45.86
C PHE A 78 -47.30 17.88 -45.25
N ARG A 79 -48.12 16.96 -45.76
CA ARG A 79 -48.04 15.58 -45.28
C ARG A 79 -46.70 14.94 -45.62
N GLU A 80 -45.94 15.52 -46.55
CA GLU A 80 -44.55 15.12 -46.70
C GLU A 80 -43.81 15.30 -45.38
N CYS A 81 -43.71 16.56 -44.91
CA CYS A 81 -43.11 16.82 -43.61
C CYS A 81 -43.73 15.94 -42.54
N ARG A 82 -45.04 15.75 -42.58
CA ARG A 82 -45.70 14.88 -41.61
C ARG A 82 -45.23 13.43 -41.73
N GLU A 83 -44.70 13.02 -42.88
CA GLU A 83 -44.20 11.67 -43.04
C GLU A 83 -42.75 11.56 -42.59
N GLU A 84 -41.89 12.47 -43.05
CA GLU A 84 -40.51 12.43 -42.57
C GLU A 84 -40.39 12.67 -41.08
N ILE A 85 -41.32 13.41 -40.46
CA ILE A 85 -41.24 13.60 -39.02
C ILE A 85 -41.52 12.28 -38.29
N LEU A 86 -42.50 11.52 -38.77
CA LEU A 86 -42.79 10.22 -38.15
C LEU A 86 -41.67 9.23 -38.43
N LYS A 87 -41.09 9.29 -39.63
CA LYS A 87 -39.93 8.44 -39.93
C LYS A 87 -38.77 8.77 -39.01
N PHE A 88 -38.50 10.06 -38.79
CA PHE A 88 -37.45 10.46 -37.87
C PHE A 88 -37.77 10.04 -36.44
N LEU A 89 -39.04 10.14 -36.04
CA LEU A 89 -39.42 9.72 -34.70
C LEU A 89 -39.15 8.24 -34.51
N CYS A 90 -39.54 7.42 -35.49
CA CYS A 90 -39.28 5.98 -35.41
C CYS A 90 -37.78 5.71 -35.39
N ILE A 91 -37.01 6.42 -36.22
CA ILE A 91 -35.57 6.20 -36.30
C ILE A 91 -34.91 6.53 -34.96
N PHE A 92 -35.25 7.69 -34.39
CA PHE A 92 -34.65 8.09 -33.14
C PHE A 92 -35.09 7.21 -31.98
N LEU A 93 -36.37 6.79 -31.98
CA LEU A 93 -36.86 5.89 -30.96
C LEU A 93 -36.14 4.55 -31.01
N GLU A 94 -35.87 4.04 -32.21
CA GLU A 94 -35.11 2.80 -32.30
C GLU A 94 -33.64 2.99 -32.03
N LYS A 95 -33.11 4.21 -32.22
CA LYS A 95 -31.70 4.43 -31.87
C LYS A 95 -31.51 4.56 -30.37
N MET A 96 -32.51 5.10 -29.65
CA MET A 96 -32.38 5.19 -28.21
C MET A 96 -32.90 3.95 -27.48
N GLY A 97 -33.81 3.20 -28.07
CA GLY A 97 -34.34 2.02 -27.41
C GLY A 97 -35.34 2.33 -26.32
N GLN A 98 -34.91 2.16 -25.06
CA GLN A 98 -35.75 2.46 -23.90
C GLN A 98 -34.95 3.30 -22.91
N LYS A 99 -34.33 4.37 -23.41
CA LYS A 99 -33.62 5.28 -22.54
C LYS A 99 -34.56 5.92 -21.52
N ILE A 100 -35.56 6.64 -22.01
CA ILE A 100 -36.52 7.33 -21.15
C ILE A 100 -37.92 7.12 -21.69
N ALA A 101 -38.91 7.36 -20.83
CA ALA A 101 -40.32 7.28 -21.19
C ALA A 101 -41.09 8.49 -20.68
N PRO A 102 -40.77 9.69 -21.15
CA PRO A 102 -41.67 10.84 -20.97
C PRO A 102 -42.53 11.16 -22.18
N TYR A 103 -42.42 10.38 -23.26
CA TYR A 103 -42.98 10.73 -24.55
C TYR A 103 -43.69 9.57 -25.24
N SER A 104 -43.63 8.36 -24.69
CA SER A 104 -44.22 7.20 -25.36
C SER A 104 -45.74 7.36 -25.49
N VAL A 105 -46.41 7.76 -24.41
CA VAL A 105 -47.85 7.96 -24.48
C VAL A 105 -48.19 9.12 -25.41
N GLU A 106 -47.35 10.17 -25.42
CA GLU A 106 -47.57 11.28 -26.32
C GLU A 106 -47.34 10.90 -27.78
N ILE A 107 -46.61 9.82 -28.03
CA ILE A 107 -46.54 9.31 -29.39
C ILE A 107 -47.76 8.46 -29.72
N LYS A 108 -48.16 7.59 -28.79
CA LYS A 108 -49.28 6.68 -29.06
C LYS A 108 -50.57 7.46 -29.32
N ASN A 109 -50.95 8.35 -28.41
CA ASN A 109 -52.19 9.08 -28.57
C ASN A 109 -52.16 9.95 -29.82
N THR A 110 -51.03 10.66 -30.03
CA THR A 110 -50.94 11.55 -31.18
C THR A 110 -50.98 10.77 -32.49
N CYS A 111 -50.30 9.63 -32.57
CA CYS A 111 -50.30 8.88 -33.83
C CYS A 111 -51.66 8.28 -34.11
N THR A 112 -52.34 7.80 -33.06
CA THR A 112 -53.68 7.26 -33.26
C THR A 112 -54.63 8.35 -33.70
N SER A 113 -54.42 9.58 -33.22
CA SER A 113 -55.23 10.70 -33.72
C SER A 113 -54.86 11.06 -35.16
N VAL A 114 -53.57 10.97 -35.50
CA VAL A 114 -53.10 11.37 -36.82
C VAL A 114 -53.62 10.43 -37.89
N TYR A 115 -53.67 9.13 -37.59
CA TYR A 115 -54.14 8.16 -38.58
C TYR A 115 -55.60 8.36 -38.95
N THR A 116 -56.33 9.15 -38.17
CA THR A 116 -57.70 9.50 -38.56
C THR A 116 -57.73 10.24 -39.89
N LYS A 117 -56.66 10.97 -40.20
CA LYS A 117 -56.56 11.77 -41.43
C LYS A 117 -55.44 11.28 -42.34
N ASP A 118 -55.37 9.97 -42.57
CA ASP A 118 -54.34 9.39 -43.42
C ASP A 118 -54.33 9.98 -44.84
N ALA A 127 -47.57 7.64 -47.16
CA ALA A 127 -47.58 7.93 -45.73
C ALA A 127 -48.06 6.71 -44.93
N LEU A 128 -47.46 5.56 -45.20
CA LEU A 128 -47.77 4.34 -44.48
C LEU A 128 -46.89 4.14 -43.26
N ASP A 129 -46.03 5.11 -42.94
CA ASP A 129 -45.16 4.99 -41.78
C ASP A 129 -45.94 4.97 -40.47
N LEU A 130 -47.22 5.31 -40.48
CA LEU A 130 -47.98 5.36 -39.24
C LEU A 130 -48.14 3.97 -38.63
N LEU A 131 -48.46 2.97 -39.47
CA LEU A 131 -48.59 1.61 -38.95
C LEU A 131 -47.28 1.11 -38.37
N ILE A 132 -46.17 1.34 -39.08
CA ILE A 132 -44.89 0.79 -38.63
C ILE A 132 -44.42 1.52 -37.38
N LYS A 133 -44.65 2.83 -37.28
CA LYS A 133 -44.30 3.51 -36.05
C LYS A 133 -45.17 3.04 -34.90
N LEU A 134 -46.44 2.71 -35.15
CA LEU A 134 -47.26 2.11 -34.11
C LEU A 134 -46.63 0.80 -33.64
N LEU A 135 -46.33 -0.09 -34.60
CA LEU A 135 -45.71 -1.38 -34.28
C LEU A 135 -44.46 -1.19 -33.42
N GLN A 136 -43.60 -0.27 -33.84
CA GLN A 136 -42.31 -0.12 -33.21
C GLN A 136 -42.44 0.53 -31.84
N THR A 137 -43.30 1.54 -31.72
CA THR A 137 -43.56 2.14 -30.41
C THR A 137 -44.06 1.10 -29.43
N PHE A 138 -44.99 0.25 -29.87
CA PHE A 138 -45.54 -0.73 -28.94
C PHE A 138 -44.51 -1.78 -28.56
N ARG A 139 -43.79 -2.31 -29.55
CA ARG A 139 -42.78 -3.33 -29.26
C ARG A 139 -41.56 -2.76 -28.54
N SER A 140 -41.41 -1.44 -28.48
CA SER A 140 -40.29 -0.85 -27.76
C SER A 140 -40.68 -0.36 -26.37
N SER A 141 -41.94 0.05 -26.20
CA SER A 141 -42.35 0.71 -24.97
C SER A 141 -43.16 -0.21 -24.06
N ARG A 142 -43.86 -1.19 -24.62
CA ARG A 142 -44.71 -2.04 -23.79
C ARG A 142 -43.93 -3.17 -23.11
N LEU A 143 -42.71 -3.46 -23.58
CA LEU A 143 -42.00 -4.65 -23.11
C LEU A 143 -41.70 -4.58 -21.61
N MET A 144 -41.16 -3.45 -21.15
CA MET A 144 -40.60 -3.36 -19.81
C MET A 144 -41.52 -2.71 -18.80
N ASP A 145 -42.38 -1.79 -19.22
CA ASP A 145 -43.27 -1.07 -18.32
C ASP A 145 -44.70 -1.61 -18.30
N GLU A 146 -45.19 -2.09 -19.46
CA GLU A 146 -46.58 -2.49 -19.61
C GLU A 146 -47.51 -1.38 -19.11
N PHE A 147 -47.48 -0.27 -19.83
CA PHE A 147 -48.16 0.95 -19.40
C PHE A 147 -49.66 0.78 -19.50
N LYS A 148 -50.24 -0.04 -18.61
CA LYS A 148 -51.63 -0.44 -18.76
C LYS A 148 -52.59 0.73 -18.61
N ILE A 149 -52.34 1.62 -17.64
CA ILE A 149 -53.28 2.70 -17.37
C ILE A 149 -53.33 3.67 -18.55
N GLY A 150 -52.17 4.02 -19.11
CA GLY A 150 -52.10 4.86 -20.29
C GLY A 150 -52.12 4.09 -21.59
N GLU A 151 -52.47 2.82 -21.54
CA GLU A 151 -52.40 1.90 -22.67
C GLU A 151 -53.83 1.50 -23.04
N LEU A 152 -54.48 2.32 -23.86
CA LEU A 152 -55.85 2.06 -24.29
C LEU A 152 -55.83 0.99 -25.38
N PHE A 153 -56.91 0.21 -25.45
CA PHE A 153 -57.00 -0.91 -26.37
C PHE A 153 -58.16 -0.81 -27.35
N SER A 154 -59.36 -0.50 -26.85
CA SER A 154 -60.58 -0.67 -27.63
C SER A 154 -60.62 0.22 -28.87
N LYS A 155 -59.86 1.32 -28.89
CA LYS A 155 -59.79 2.11 -30.12
C LYS A 155 -59.16 1.31 -31.25
N PHE A 156 -58.31 0.33 -30.91
CA PHE A 156 -57.69 -0.48 -31.94
C PHE A 156 -58.68 -1.50 -32.51
N TYR A 157 -59.54 -2.06 -31.65
CA TYR A 157 -60.64 -2.86 -32.16
C TYR A 157 -61.60 -2.02 -33.00
N GLY A 158 -61.83 -0.77 -32.59
CA GLY A 158 -62.69 0.11 -33.36
C GLY A 158 -62.14 0.40 -34.75
N GLU A 159 -60.83 0.65 -34.84
CA GLU A 159 -60.22 0.86 -36.15
C GLU A 159 -60.13 -0.44 -36.95
N LEU A 160 -60.03 -1.58 -36.26
CA LEU A 160 -60.15 -2.87 -36.94
C LEU A 160 -61.51 -3.00 -37.59
N ALA A 161 -62.56 -2.55 -36.89
CA ALA A 161 -63.90 -2.56 -37.46
C ALA A 161 -63.96 -1.76 -38.76
N LEU A 162 -63.05 -0.81 -38.94
CA LEU A 162 -63.05 0.05 -40.11
C LEU A 162 -62.11 -0.42 -41.21
N LYS A 163 -61.07 -1.18 -40.85
CA LYS A 163 -60.08 -1.64 -41.83
C LYS A 163 -60.64 -2.64 -42.83
N LYS A 164 -61.93 -2.96 -42.77
CA LYS A 164 -62.53 -3.97 -43.62
C LYS A 164 -62.67 -3.53 -45.07
N LYS A 165 -62.35 -2.28 -45.38
CA LYS A 165 -62.54 -1.75 -46.72
C LYS A 165 -61.49 -2.30 -47.69
N ILE A 166 -61.90 -2.45 -48.95
CA ILE A 166 -60.96 -2.80 -50.01
C ILE A 166 -59.82 -1.80 -50.12
N PRO A 167 -60.03 -0.47 -49.97
CA PRO A 167 -58.88 0.45 -49.98
C PRO A 167 -57.90 0.20 -48.85
N ASP A 168 -56.89 1.05 -48.74
CA ASP A 168 -55.68 0.77 -47.95
C ASP A 168 -54.93 -0.42 -48.54
N THR A 169 -54.45 -0.20 -49.77
CA THR A 169 -53.99 -1.31 -50.60
C THR A 169 -52.80 -2.05 -49.99
N VAL A 170 -51.82 -1.32 -49.47
CA VAL A 170 -50.69 -1.94 -48.75
C VAL A 170 -50.62 -1.24 -47.40
N LEU A 171 -51.39 -1.76 -46.44
CA LEU A 171 -51.38 -1.28 -45.07
C LEU A 171 -51.50 -2.46 -44.11
N GLU A 172 -51.17 -3.67 -44.56
CA GLU A 172 -51.59 -4.91 -43.91
C GLU A 172 -51.02 -5.08 -42.51
N LYS A 173 -49.92 -4.40 -42.19
CA LYS A 173 -49.30 -4.58 -40.87
C LYS A 173 -50.15 -3.97 -39.76
N VAL A 174 -51.25 -3.28 -40.10
CA VAL A 174 -52.22 -2.94 -39.07
C VAL A 174 -52.82 -4.20 -38.47
N TYR A 175 -52.80 -5.31 -39.20
CA TYR A 175 -53.11 -6.59 -38.60
C TYR A 175 -52.04 -7.03 -37.62
N GLU A 176 -50.87 -6.40 -37.66
CA GLU A 176 -49.86 -6.69 -36.66
C GLU A 176 -49.97 -5.75 -35.47
N LEU A 177 -50.42 -4.51 -35.69
CA LEU A 177 -50.39 -3.52 -34.61
C LEU A 177 -51.31 -3.89 -33.45
N LEU A 178 -52.37 -4.66 -33.72
CA LEU A 178 -53.20 -5.13 -32.62
C LEU A 178 -52.68 -6.40 -31.97
N GLY A 179 -51.70 -7.06 -32.61
CA GLY A 179 -51.07 -8.21 -31.97
C GLY A 179 -50.14 -7.83 -30.85
N LEU A 180 -49.71 -6.57 -30.78
CA LEU A 180 -48.75 -6.16 -29.76
C LEU A 180 -49.34 -6.25 -28.36
N LEU A 181 -50.59 -5.85 -28.18
CA LEU A 181 -51.18 -5.91 -26.85
C LEU A 181 -51.32 -7.36 -26.38
N GLY A 182 -51.76 -8.25 -27.27
CA GLY A 182 -51.86 -9.66 -26.91
C GLY A 182 -50.51 -10.28 -26.66
N GLU A 183 -49.51 -9.86 -27.42
CA GLU A 183 -48.15 -10.35 -27.21
C GLU A 183 -47.61 -9.92 -25.86
N VAL A 184 -47.84 -8.66 -25.47
CA VAL A 184 -47.19 -8.11 -24.29
C VAL A 184 -48.00 -8.39 -23.03
N HIS A 185 -49.21 -7.84 -22.94
CA HIS A 185 -49.97 -7.84 -21.69
C HIS A 185 -51.45 -8.00 -21.96
N PRO A 186 -51.89 -9.18 -22.39
CA PRO A 186 -53.33 -9.41 -22.53
C PRO A 186 -54.00 -9.66 -21.20
N SER A 187 -54.73 -8.67 -20.70
CA SER A 187 -55.42 -8.80 -19.42
C SER A 187 -56.94 -8.78 -19.58
N GLU A 188 -57.44 -8.74 -20.81
CA GLU A 188 -58.88 -8.74 -21.04
C GLU A 188 -59.28 -9.64 -22.22
N MET A 189 -58.44 -10.60 -22.61
CA MET A 189 -58.66 -11.39 -23.82
C MET A 189 -59.34 -12.69 -23.41
N ILE A 190 -60.59 -12.87 -23.85
CA ILE A 190 -61.33 -14.10 -23.57
C ILE A 190 -61.83 -14.71 -24.87
N ASN A 191 -62.71 -13.99 -25.57
CA ASN A 191 -63.36 -14.55 -26.75
C ASN A 191 -63.35 -13.63 -27.96
N ASN A 192 -63.07 -12.33 -27.79
CA ASN A 192 -62.84 -11.48 -28.96
C ASN A 192 -61.65 -11.98 -29.76
N ALA A 193 -60.55 -12.30 -29.07
CA ALA A 193 -59.38 -12.85 -29.73
C ALA A 193 -59.67 -14.19 -30.40
N GLU A 194 -60.79 -14.82 -30.03
CA GLU A 194 -61.18 -16.07 -30.68
C GLU A 194 -62.01 -15.79 -31.93
N ASN A 195 -63.15 -15.12 -31.77
CA ASN A 195 -64.07 -14.99 -32.90
C ASN A 195 -63.54 -14.02 -33.96
N LEU A 196 -63.04 -12.85 -33.55
CA LEU A 196 -62.55 -11.90 -34.54
C LEU A 196 -61.36 -12.48 -35.30
N PHE A 197 -60.52 -13.25 -34.61
CA PHE A 197 -59.33 -13.76 -35.28
C PHE A 197 -59.58 -15.06 -36.03
N ARG A 198 -60.65 -15.78 -35.74
CA ARG A 198 -61.04 -16.84 -36.66
C ARG A 198 -61.68 -16.26 -37.91
N ALA A 199 -62.38 -15.13 -37.77
CA ALA A 199 -62.77 -14.38 -38.97
C ALA A 199 -61.55 -13.91 -39.75
N PHE A 200 -60.50 -13.51 -39.03
CA PHE A 200 -59.24 -13.15 -39.66
C PHE A 200 -58.64 -14.35 -40.40
N LEU A 201 -58.73 -15.54 -39.80
CA LEU A 201 -58.26 -16.75 -40.47
C LEU A 201 -59.06 -17.02 -41.74
N GLY A 202 -60.38 -16.80 -41.70
CA GLY A 202 -61.17 -16.89 -42.91
C GLY A 202 -60.73 -15.91 -43.96
N GLU A 203 -60.35 -14.70 -43.54
CA GLU A 203 -59.80 -13.71 -44.47
C GLU A 203 -58.52 -14.24 -45.12
N LEU A 204 -57.66 -14.86 -44.30
CA LEU A 204 -56.46 -15.50 -44.85
C LEU A 204 -56.84 -16.57 -45.88
N LYS A 205 -57.87 -17.36 -45.57
CA LYS A 205 -58.34 -18.38 -46.51
C LYS A 205 -58.73 -17.74 -47.83
N THR A 206 -59.49 -16.64 -47.76
CA THR A 206 -59.94 -15.98 -48.98
C THR A 206 -58.77 -15.42 -49.78
N GLN A 207 -57.82 -14.76 -49.11
CA GLN A 207 -56.67 -14.21 -49.80
C GLN A 207 -55.84 -15.32 -50.43
N MET A 208 -55.50 -15.15 -51.69
CA MET A 208 -54.75 -16.16 -52.43
C MET A 208 -53.56 -15.53 -53.14
N LEU A 217 -50.83 -9.09 -53.77
CA LEU A 217 -51.81 -9.83 -53.00
C LEU A 217 -51.17 -10.84 -52.03
N PRO A 218 -50.17 -11.63 -52.50
CA PRO A 218 -49.44 -12.46 -51.53
C PRO A 218 -48.73 -11.66 -50.47
N VAL A 219 -48.25 -10.46 -50.82
CA VAL A 219 -47.62 -9.58 -49.84
C VAL A 219 -48.61 -9.21 -48.75
N LEU A 220 -49.88 -8.98 -49.12
CA LEU A 220 -50.91 -8.76 -48.13
C LEU A 220 -51.06 -9.97 -47.21
N ALA A 221 -50.99 -11.17 -47.77
CA ALA A 221 -51.11 -12.39 -46.99
C ALA A 221 -49.93 -12.63 -46.08
N GLY A 222 -48.75 -12.08 -46.41
CA GLY A 222 -47.56 -12.39 -45.64
C GLY A 222 -47.68 -12.01 -44.17
N CYS A 223 -48.20 -10.81 -43.90
CA CYS A 223 -48.30 -10.31 -42.54
C CYS A 223 -49.41 -10.98 -41.76
N LEU A 224 -50.29 -11.72 -42.43
CA LEU A 224 -51.36 -12.42 -41.71
C LEU A 224 -50.78 -13.49 -40.80
N LYS A 225 -49.76 -14.20 -41.27
CA LYS A 225 -49.13 -15.23 -40.46
C LYS A 225 -48.39 -14.64 -39.26
N GLY A 226 -47.88 -13.42 -39.38
CA GLY A 226 -47.29 -12.78 -38.21
C GLY A 226 -48.31 -12.56 -37.10
N LEU A 227 -49.50 -12.06 -37.45
CA LEU A 227 -50.54 -11.89 -36.45
C LEU A 227 -51.00 -13.24 -35.92
N SER A 228 -51.09 -14.25 -36.78
CA SER A 228 -51.47 -15.58 -36.31
C SER A 228 -50.47 -16.10 -35.28
N SER A 229 -49.17 -15.99 -35.59
CA SER A 229 -48.15 -16.46 -34.65
C SER A 229 -48.20 -15.66 -33.37
N LEU A 230 -48.40 -14.34 -33.47
CA LEU A 230 -48.46 -13.52 -32.27
C LEU A 230 -49.69 -13.87 -31.44
N LEU A 231 -50.77 -14.30 -32.08
CA LEU A 231 -51.92 -14.84 -31.37
C LEU A 231 -51.60 -16.19 -30.75
N CYS A 232 -50.65 -16.92 -31.30
CA CYS A 232 -50.22 -18.15 -30.65
C CYS A 232 -49.35 -17.90 -29.41
N ASN A 233 -49.30 -16.65 -28.92
CA ASN A 233 -48.55 -16.37 -27.71
C ASN A 233 -49.06 -17.19 -26.53
N PHE A 234 -50.38 -17.34 -26.42
CA PHE A 234 -50.99 -18.19 -25.42
C PHE A 234 -51.15 -19.61 -25.98
N THR A 235 -51.81 -20.46 -25.20
CA THR A 235 -51.96 -21.86 -25.58
C THR A 235 -53.11 -22.04 -26.56
N LYS A 236 -52.85 -22.78 -27.63
CA LYS A 236 -53.90 -23.17 -28.57
C LYS A 236 -53.46 -24.52 -29.17
N SER A 237 -53.90 -25.60 -28.55
CA SER A 237 -53.40 -26.93 -28.86
C SER A 237 -54.46 -27.74 -29.61
N MET A 238 -54.09 -28.98 -29.95
CA MET A 238 -55.03 -29.90 -30.58
C MET A 238 -56.07 -30.43 -29.60
N GLU A 239 -56.27 -29.76 -28.47
CA GLU A 239 -57.56 -29.83 -27.81
C GLU A 239 -58.66 -29.23 -28.68
N GLU A 240 -58.27 -28.42 -29.67
CA GLU A 240 -59.16 -27.96 -30.73
C GLU A 240 -58.86 -28.70 -32.03
N ASP A 241 -59.80 -28.61 -32.97
CA ASP A 241 -59.68 -29.21 -34.28
C ASP A 241 -58.87 -28.38 -35.28
N PRO A 242 -59.07 -27.03 -35.38
CA PRO A 242 -58.48 -26.29 -36.51
C PRO A 242 -56.95 -26.30 -36.58
N GLN A 243 -56.29 -27.00 -35.65
CA GLN A 243 -54.84 -27.10 -35.70
C GLN A 243 -54.38 -27.80 -36.98
N THR A 244 -55.10 -28.84 -37.40
CA THR A 244 -54.76 -29.52 -38.65
C THR A 244 -54.84 -28.57 -39.84
N SER A 245 -55.90 -27.77 -39.90
CA SER A 245 -56.02 -26.78 -40.97
C SER A 245 -54.90 -25.75 -40.90
N ARG A 246 -54.54 -25.33 -39.69
CA ARG A 246 -53.45 -24.36 -39.55
C ARG A 246 -52.15 -24.92 -40.09
N GLU A 247 -51.85 -26.18 -39.76
CA GLU A 247 -50.65 -26.81 -40.29
C GLU A 247 -50.72 -26.95 -41.81
N ILE A 248 -51.90 -27.25 -42.34
CA ILE A 248 -52.04 -27.43 -43.78
C ILE A 248 -51.77 -26.11 -44.51
N PHE A 249 -52.33 -25.01 -44.00
CA PHE A 249 -52.05 -23.70 -44.59
C PHE A 249 -50.57 -23.33 -44.45
N ASN A 250 -49.98 -23.58 -43.29
CA ASN A 250 -48.55 -23.27 -43.14
C ASN A 250 -47.72 -24.05 -44.14
N PHE A 251 -48.03 -25.33 -44.29
CA PHE A 251 -47.31 -26.19 -45.22
C PHE A 251 -47.44 -25.67 -46.64
N VAL A 252 -48.66 -25.33 -47.07
CA VAL A 252 -48.82 -24.87 -48.44
C VAL A 252 -48.15 -23.51 -48.65
N LEU A 253 -48.19 -22.63 -47.66
CA LEU A 253 -47.66 -21.28 -47.84
C LEU A 253 -46.14 -21.21 -47.83
N LYS A 254 -45.48 -22.04 -47.02
CA LYS A 254 -44.03 -21.99 -47.04
C LYS A 254 -43.43 -22.63 -48.28
N ALA A 255 -44.17 -23.48 -49.00
CA ALA A 255 -43.68 -24.05 -50.25
C ALA A 255 -44.89 -24.19 -51.19
N ILE A 256 -45.09 -23.16 -52.01
CA ILE A 256 -46.16 -23.18 -53.00
C ILE A 256 -45.58 -22.91 -54.39
N ARG A 257 -44.71 -21.89 -54.50
CA ARG A 257 -43.99 -21.63 -55.74
C ARG A 257 -42.78 -20.75 -55.45
N PRO A 258 -41.81 -21.24 -54.70
CA PRO A 258 -40.68 -20.39 -54.28
C PRO A 258 -39.62 -20.22 -55.35
N GLN A 259 -39.32 -21.29 -56.08
CA GLN A 259 -38.24 -21.28 -57.06
C GLN A 259 -38.56 -20.48 -58.31
N ILE A 260 -39.82 -20.07 -58.48
CA ILE A 260 -40.20 -19.31 -59.66
C ILE A 260 -40.07 -17.81 -59.43
N ASP A 261 -40.20 -17.36 -58.17
CA ASP A 261 -40.10 -15.94 -57.89
C ASP A 261 -38.67 -15.52 -57.56
N LEU A 262 -38.03 -16.23 -56.64
CA LEU A 262 -36.67 -15.95 -56.18
C LEU A 262 -36.52 -14.56 -55.57
N LYS A 263 -37.61 -13.81 -55.40
CA LYS A 263 -37.55 -12.44 -54.92
C LYS A 263 -38.33 -12.23 -53.64
N ARG A 264 -39.56 -12.72 -53.58
CA ARG A 264 -40.37 -12.56 -52.38
C ARG A 264 -39.88 -13.45 -51.25
N TYR A 265 -39.63 -12.82 -50.10
CA TYR A 265 -39.11 -13.51 -48.92
C TYR A 265 -39.85 -13.04 -47.69
N ALA A 266 -41.12 -12.66 -47.84
CA ALA A 266 -41.92 -12.18 -46.73
C ALA A 266 -42.92 -13.21 -46.23
N VAL A 267 -43.78 -13.72 -47.13
CA VAL A 267 -44.70 -14.79 -46.74
C VAL A 267 -43.99 -16.10 -46.40
N PRO A 268 -43.01 -16.58 -47.19
CA PRO A 268 -42.43 -17.88 -46.83
C PRO A 268 -41.58 -17.79 -45.57
N SER A 269 -40.72 -16.77 -45.48
CA SER A 269 -39.94 -16.57 -44.27
C SER A 269 -40.84 -16.27 -43.07
N ALA A 270 -41.99 -15.65 -43.30
CA ALA A 270 -42.90 -15.36 -42.20
C ALA A 270 -43.51 -16.64 -41.63
N GLY A 271 -44.03 -17.50 -42.49
CA GLY A 271 -44.49 -18.80 -42.01
C GLY A 271 -43.37 -19.60 -41.40
N LEU A 272 -42.15 -19.41 -41.90
CA LEU A 272 -41.00 -20.10 -41.37
C LEU A 272 -40.71 -19.66 -39.93
N ARG A 273 -40.69 -18.36 -39.68
CA ARG A 273 -40.51 -17.85 -38.33
C ARG A 273 -41.65 -18.29 -37.43
N LEU A 274 -42.87 -18.39 -37.98
CA LEU A 274 -43.97 -18.95 -37.21
C LEU A 274 -43.65 -20.35 -36.72
N PHE A 275 -43.27 -21.22 -37.65
CA PHE A 275 -42.99 -22.60 -37.26
C PHE A 275 -41.81 -22.68 -36.32
N ALA A 276 -40.90 -21.71 -36.40
CA ALA A 276 -39.77 -21.67 -35.46
C ALA A 276 -40.24 -21.30 -34.06
N LEU A 277 -40.84 -20.12 -33.92
CA LEU A 277 -41.17 -19.61 -32.60
C LEU A 277 -42.22 -20.48 -31.91
N HIS A 278 -43.13 -21.06 -32.68
CA HIS A 278 -44.22 -21.85 -32.12
C HIS A 278 -44.22 -23.23 -32.77
N ALA A 279 -43.96 -24.26 -31.98
CA ALA A 279 -44.02 -25.63 -32.46
C ALA A 279 -44.72 -26.60 -31.53
N SER A 280 -44.85 -26.29 -30.23
CA SER A 280 -45.47 -27.23 -29.30
C SER A 280 -46.91 -27.52 -29.69
N GLN A 281 -47.63 -26.49 -30.13
CA GLN A 281 -48.99 -26.71 -30.61
C GLN A 281 -49.01 -27.62 -31.83
N PHE A 282 -47.89 -27.68 -32.57
CA PHE A 282 -47.76 -28.59 -33.71
C PHE A 282 -46.95 -29.80 -33.22
N SER A 283 -47.62 -30.66 -32.45
CA SER A 283 -46.97 -31.79 -31.83
C SER A 283 -47.23 -33.10 -32.56
N THR A 284 -48.46 -33.32 -32.99
CA THR A 284 -48.86 -34.60 -33.55
C THR A 284 -49.11 -34.56 -35.05
N CYS A 285 -49.70 -33.48 -35.57
CA CYS A 285 -50.09 -33.46 -36.97
C CYS A 285 -48.89 -33.45 -37.92
N LEU A 286 -47.75 -32.92 -37.49
CA LEU A 286 -46.59 -32.95 -38.38
C LEU A 286 -46.03 -34.35 -38.53
N LEU A 287 -46.38 -35.25 -37.61
CA LEU A 287 -46.03 -36.66 -37.78
C LEU A 287 -46.75 -37.27 -38.98
N ASP A 288 -47.77 -36.58 -39.49
CA ASP A 288 -48.51 -37.10 -40.63
C ASP A 288 -47.75 -36.89 -41.94
N ASN A 289 -46.98 -35.81 -42.04
CA ASN A 289 -46.29 -35.42 -43.28
C ASN A 289 -44.84 -35.04 -42.94
N TYR A 290 -44.28 -35.71 -41.95
CA TYR A 290 -42.88 -35.57 -41.53
C TYR A 290 -41.89 -35.50 -42.69
N VAL A 291 -41.94 -36.43 -43.64
CA VAL A 291 -40.99 -36.43 -44.75
C VAL A 291 -41.05 -35.13 -45.53
N SER A 292 -42.28 -34.74 -45.91
CA SER A 292 -42.45 -33.61 -46.81
C SER A 292 -42.05 -32.32 -46.13
N LEU A 293 -42.38 -32.19 -44.84
CA LEU A 293 -41.93 -31.02 -44.09
C LEU A 293 -40.42 -31.02 -43.95
N PHE A 294 -39.81 -32.19 -43.79
CA PHE A 294 -38.38 -32.23 -43.56
C PHE A 294 -37.61 -31.82 -44.80
N GLU A 295 -37.99 -32.32 -45.98
CA GLU A 295 -37.19 -31.92 -47.14
C GLU A 295 -37.33 -30.42 -47.42
N VAL A 296 -38.52 -29.87 -47.22
CA VAL A 296 -38.69 -28.45 -47.51
C VAL A 296 -37.93 -27.60 -46.50
N LEU A 297 -37.93 -28.00 -45.22
CA LEU A 297 -37.10 -27.27 -44.25
C LEU A 297 -35.64 -27.39 -44.60
N LEU A 298 -35.21 -28.57 -45.05
CA LEU A 298 -33.84 -28.74 -45.51
C LEU A 298 -33.52 -27.77 -46.63
N LYS A 299 -34.43 -27.64 -47.60
CA LYS A 299 -34.19 -26.76 -48.73
C LYS A 299 -34.11 -25.30 -48.29
N TRP A 300 -35.00 -24.89 -47.38
CA TRP A 300 -34.97 -23.51 -46.90
C TRP A 300 -33.68 -23.22 -46.14
N CYS A 301 -33.24 -24.16 -45.31
CA CYS A 301 -31.92 -24.02 -44.70
C CYS A 301 -30.83 -24.03 -45.75
N ALA A 302 -31.09 -24.61 -46.92
CA ALA A 302 -30.13 -24.67 -48.01
C ALA A 302 -30.22 -23.47 -48.94
N HIS A 303 -31.29 -22.68 -48.86
CA HIS A 303 -31.46 -21.53 -49.75
C HIS A 303 -30.68 -20.36 -49.16
N THR A 304 -29.68 -19.89 -49.89
CA THR A 304 -28.84 -18.78 -49.43
C THR A 304 -29.67 -17.50 -49.40
N ASN A 305 -29.93 -17.01 -48.19
CA ASN A 305 -30.70 -15.78 -48.04
C ASN A 305 -30.55 -15.27 -46.61
N VAL A 306 -30.17 -13.99 -46.47
CA VAL A 306 -30.21 -13.36 -45.17
C VAL A 306 -31.68 -13.27 -44.72
N GLU A 307 -31.90 -13.37 -43.41
CA GLU A 307 -33.22 -13.26 -42.79
C GLU A 307 -34.04 -14.51 -43.07
N LEU A 308 -33.52 -15.40 -43.92
CA LEU A 308 -34.15 -16.67 -44.21
C LEU A 308 -33.38 -17.86 -43.65
N LYS A 309 -32.04 -17.80 -43.67
CA LYS A 309 -31.24 -18.90 -43.15
C LYS A 309 -31.42 -19.05 -41.64
N LYS A 310 -31.37 -17.94 -40.90
CA LYS A 310 -31.49 -18.00 -39.45
C LYS A 310 -32.83 -18.59 -39.05
N ALA A 311 -33.92 -18.10 -39.66
CA ALA A 311 -35.25 -18.61 -39.35
C ALA A 311 -35.40 -20.07 -39.78
N ALA A 312 -34.82 -20.42 -40.93
CA ALA A 312 -34.90 -21.81 -41.38
C ALA A 312 -34.23 -22.75 -40.39
N LEU A 313 -33.03 -22.37 -39.93
CA LEU A 313 -32.33 -23.19 -38.95
C LEU A 313 -33.12 -23.30 -37.65
N SER A 314 -33.67 -22.17 -37.18
CA SER A 314 -34.44 -22.20 -35.94
C SER A 314 -35.66 -23.10 -36.06
N ALA A 315 -36.39 -23.00 -37.16
CA ALA A 315 -37.59 -23.81 -37.32
C ALA A 315 -37.24 -25.28 -37.50
N LEU A 316 -36.17 -25.58 -38.24
CA LEU A 316 -35.77 -26.97 -38.37
C LEU A 316 -35.38 -27.55 -37.03
N GLU A 317 -34.66 -26.79 -36.21
CA GLU A 317 -34.28 -27.31 -34.90
C GLU A 317 -35.50 -27.48 -34.01
N SER A 318 -36.50 -26.59 -34.11
CA SER A 318 -37.72 -26.77 -33.33
C SER A 318 -38.46 -28.03 -33.76
N PHE A 319 -38.57 -28.24 -35.07
CA PHE A 319 -39.18 -29.45 -35.60
C PHE A 319 -38.45 -30.68 -35.10
N LEU A 320 -37.11 -30.65 -35.11
CA LEU A 320 -36.31 -31.78 -34.66
C LEU A 320 -36.51 -32.05 -33.18
N LYS A 321 -36.51 -30.99 -32.36
CA LYS A 321 -36.78 -31.14 -30.93
C LYS A 321 -38.12 -31.81 -30.70
N GLN A 322 -39.16 -31.31 -31.36
CA GLN A 322 -40.49 -31.84 -31.14
C GLN A 322 -40.59 -33.29 -31.58
N VAL A 323 -40.06 -33.62 -32.75
CA VAL A 323 -40.16 -35.00 -33.22
C VAL A 323 -39.35 -35.93 -32.32
N SER A 324 -38.21 -35.46 -31.82
CA SER A 324 -37.45 -36.25 -30.87
C SER A 324 -38.26 -36.55 -29.62
N ASN A 325 -38.92 -35.53 -29.09
CA ASN A 325 -39.70 -35.71 -27.87
C ASN A 325 -40.87 -36.66 -28.12
N MET A 326 -41.57 -36.49 -29.25
CA MET A 326 -42.70 -37.37 -29.55
C MET A 326 -42.25 -38.81 -29.76
N VAL A 327 -41.12 -39.02 -30.43
CA VAL A 327 -40.60 -40.38 -30.57
C VAL A 327 -40.22 -40.93 -29.21
N ALA A 328 -39.71 -40.07 -28.32
CA ALA A 328 -39.47 -40.50 -26.95
C ALA A 328 -40.75 -40.93 -26.27
N LYS A 329 -41.88 -40.29 -26.59
CA LYS A 329 -43.15 -40.72 -26.02
C LYS A 329 -43.51 -42.14 -26.46
N ASN A 330 -43.24 -42.47 -27.72
CA ASN A 330 -43.52 -43.83 -28.21
C ASN A 330 -42.44 -44.18 -29.22
N ALA A 331 -41.37 -44.81 -28.73
CA ALA A 331 -40.29 -45.28 -29.60
C ALA A 331 -40.60 -46.62 -30.24
N GLU A 332 -41.64 -47.31 -29.80
CA GLU A 332 -42.07 -48.53 -30.48
C GLU A 332 -42.60 -48.21 -31.86
N MET A 333 -43.54 -47.27 -31.95
CA MET A 333 -44.07 -46.85 -33.23
C MET A 333 -43.17 -45.77 -33.83
N HIS A 334 -43.54 -45.28 -35.01
CA HIS A 334 -42.75 -44.32 -35.77
C HIS A 334 -41.34 -44.83 -36.03
N LYS A 335 -41.15 -46.14 -35.93
CA LYS A 335 -39.83 -46.70 -36.14
C LYS A 335 -39.31 -46.38 -37.52
N ASN A 336 -40.17 -46.51 -38.53
CA ASN A 336 -39.75 -46.33 -39.92
C ASN A 336 -39.32 -44.89 -40.18
N LYS A 337 -40.07 -43.92 -39.65
CA LYS A 337 -39.63 -42.54 -39.81
C LYS A 337 -38.36 -42.28 -39.01
N LEU A 338 -38.16 -43.00 -37.91
CA LEU A 338 -36.89 -42.88 -37.21
C LEU A 338 -35.73 -43.36 -38.09
N GLN A 339 -35.91 -44.51 -38.77
CA GLN A 339 -34.83 -44.92 -39.67
C GLN A 339 -34.68 -43.95 -40.83
N TYR A 340 -35.78 -43.34 -41.28
CA TYR A 340 -35.69 -42.33 -42.34
C TYR A 340 -34.82 -41.16 -41.88
N PHE A 341 -35.06 -40.66 -40.66
CA PHE A 341 -34.28 -39.55 -40.14
C PHE A 341 -32.82 -39.93 -39.98
N MET A 342 -32.55 -41.06 -39.33
CA MET A 342 -31.17 -41.47 -39.13
C MET A 342 -30.48 -41.81 -40.44
N GLU A 343 -31.23 -42.27 -41.44
CA GLU A 343 -30.65 -42.51 -42.76
C GLU A 343 -30.24 -41.20 -43.42
N GLN A 344 -31.08 -40.17 -43.31
CA GLN A 344 -30.70 -38.87 -43.84
C GLN A 344 -29.47 -38.32 -43.11
N PHE A 345 -29.45 -38.46 -41.79
CA PHE A 345 -28.29 -38.03 -41.02
C PHE A 345 -27.04 -38.78 -41.47
N TYR A 346 -27.17 -40.09 -41.67
CA TYR A 346 -26.06 -40.89 -42.18
C TYR A 346 -25.56 -40.35 -43.50
N GLY A 347 -26.48 -40.11 -44.44
CA GLY A 347 -26.09 -39.60 -45.73
C GLY A 347 -25.36 -38.28 -45.65
N ILE A 348 -25.77 -37.43 -44.72
CA ILE A 348 -25.17 -36.10 -44.64
C ILE A 348 -24.05 -35.99 -43.62
N ILE A 349 -23.65 -37.09 -42.99
CA ILE A 349 -22.49 -37.08 -42.11
C ILE A 349 -21.38 -38.01 -42.59
N ARG A 350 -21.71 -39.22 -43.04
CA ARG A 350 -20.68 -40.22 -43.34
C ARG A 350 -19.83 -39.79 -44.52
N ASN A 351 -20.44 -39.26 -45.57
CA ASN A 351 -19.66 -38.79 -46.69
C ASN A 351 -18.93 -37.50 -46.31
N VAL A 352 -17.96 -37.12 -47.15
CA VAL A 352 -17.37 -35.80 -47.06
C VAL A 352 -18.34 -34.85 -47.75
N ASP A 353 -19.22 -34.24 -46.96
CA ASP A 353 -20.38 -33.58 -47.51
C ASP A 353 -19.98 -32.36 -48.32
N SER A 354 -20.99 -31.74 -48.95
CA SER A 354 -20.81 -30.56 -49.77
C SER A 354 -21.27 -29.29 -49.05
N ASN A 355 -21.06 -29.21 -47.74
CA ASN A 355 -21.52 -28.04 -46.98
C ASN A 355 -20.90 -28.09 -45.58
N ASN A 356 -21.17 -27.04 -44.81
CA ASN A 356 -20.96 -26.99 -43.38
C ASN A 356 -22.26 -26.80 -42.60
N LYS A 357 -23.12 -25.89 -43.04
CA LYS A 357 -24.33 -25.58 -42.29
C LYS A 357 -25.34 -26.71 -42.32
N GLU A 358 -25.14 -27.73 -43.16
CA GLU A 358 -25.94 -28.94 -43.08
C GLU A 358 -25.33 -29.96 -42.12
N LEU A 359 -24.11 -29.69 -41.62
CA LEU A 359 -23.50 -30.57 -40.64
C LEU A 359 -24.14 -30.40 -39.27
N SER A 360 -24.44 -29.15 -38.90
CA SER A 360 -25.10 -28.92 -37.63
C SER A 360 -26.45 -29.62 -37.56
N ILE A 361 -27.11 -29.79 -38.70
CA ILE A 361 -28.39 -30.49 -38.70
C ILE A 361 -28.22 -31.94 -38.26
N ALA A 362 -27.25 -32.64 -38.85
CA ALA A 362 -27.00 -34.02 -38.46
C ALA A 362 -26.50 -34.10 -37.04
N ILE A 363 -25.69 -33.13 -36.61
CA ILE A 363 -25.18 -33.12 -35.25
C ILE A 363 -26.33 -33.02 -34.24
N ARG A 364 -27.24 -32.09 -34.47
CA ARG A 364 -28.41 -31.98 -33.60
C ARG A 364 -29.26 -33.23 -33.67
N GLY A 365 -29.38 -33.83 -34.85
CA GLY A 365 -30.16 -35.06 -34.97
C GLY A 365 -29.60 -36.17 -34.10
N TYR A 366 -28.28 -36.34 -34.13
CA TYR A 366 -27.66 -37.34 -33.24
C TYR A 366 -27.85 -36.97 -31.77
N GLY A 367 -27.63 -35.70 -31.43
CA GLY A 367 -27.77 -35.29 -30.05
C GLY A 367 -29.17 -35.53 -29.51
N LEU A 368 -30.17 -35.53 -30.38
CA LEU A 368 -31.52 -35.79 -29.91
C LEU A 368 -31.87 -37.27 -29.95
N PHE A 369 -31.64 -37.94 -31.07
CA PHE A 369 -32.15 -39.29 -31.27
C PHE A 369 -31.25 -40.34 -30.64
N ALA A 370 -30.90 -40.19 -29.36
CA ALA A 370 -30.02 -41.13 -28.69
C ALA A 370 -30.79 -42.25 -28.01
N GLY A 371 -31.68 -41.90 -27.07
CA GLY A 371 -32.53 -42.85 -26.41
C GLY A 371 -33.46 -43.57 -27.38
N PRO A 372 -34.11 -42.82 -28.27
CA PRO A 372 -34.84 -43.48 -29.36
C PRO A 372 -34.01 -44.53 -30.09
N CYS A 373 -32.81 -44.18 -30.55
CA CYS A 373 -31.98 -45.13 -31.27
C CYS A 373 -31.61 -46.31 -30.38
N LYS A 374 -31.20 -46.02 -29.14
CA LYS A 374 -30.73 -47.07 -28.25
C LYS A 374 -31.83 -48.08 -27.94
N VAL A 375 -33.08 -47.62 -27.81
CA VAL A 375 -34.17 -48.52 -27.50
C VAL A 375 -34.78 -49.13 -28.75
N ILE A 376 -34.59 -48.54 -29.92
CA ILE A 376 -35.14 -49.13 -31.14
C ILE A 376 -34.21 -50.18 -31.74
N ASN A 377 -32.91 -50.11 -31.42
CA ASN A 377 -31.97 -51.08 -31.97
C ASN A 377 -31.09 -51.57 -30.83
N ALA A 378 -30.08 -52.36 -31.19
CA ALA A 378 -29.04 -52.78 -30.25
C ALA A 378 -28.06 -51.63 -30.07
N LYS A 379 -26.89 -51.93 -29.52
CA LYS A 379 -25.92 -50.89 -29.25
C LYS A 379 -25.37 -50.31 -30.55
N ASP A 380 -26.22 -49.61 -31.28
CA ASP A 380 -25.80 -48.86 -32.46
C ASP A 380 -25.26 -47.48 -32.09
N VAL A 381 -25.45 -47.05 -30.85
CA VAL A 381 -25.02 -45.72 -30.43
C VAL A 381 -23.51 -45.59 -30.54
N ASP A 382 -22.78 -46.70 -30.44
CA ASP A 382 -21.34 -46.68 -30.58
C ASP A 382 -20.93 -46.10 -31.93
N PHE A 383 -21.63 -46.52 -33.00
CA PHE A 383 -21.28 -46.06 -34.33
C PHE A 383 -21.28 -44.54 -34.42
N MET A 384 -22.44 -43.91 -34.21
CA MET A 384 -22.43 -42.47 -34.44
C MET A 384 -21.72 -41.70 -33.33
N TYR A 385 -21.53 -42.30 -32.16
CA TYR A 385 -20.60 -41.65 -31.23
C TYR A 385 -19.23 -41.54 -31.83
N VAL A 386 -18.72 -42.65 -32.39
CA VAL A 386 -17.42 -42.61 -33.04
C VAL A 386 -17.44 -41.65 -34.21
N GLU A 387 -18.54 -41.67 -34.98
CA GLU A 387 -18.63 -40.86 -36.18
C GLU A 387 -18.52 -39.37 -35.85
N LEU A 388 -19.35 -38.90 -34.93
CA LEU A 388 -19.34 -37.48 -34.61
C LEU A 388 -18.13 -37.08 -33.79
N ILE A 389 -17.52 -37.99 -33.03
CA ILE A 389 -16.29 -37.59 -32.37
C ILE A 389 -15.14 -37.47 -33.37
N GLN A 390 -15.11 -38.31 -34.42
CA GLN A 390 -14.14 -38.08 -35.47
C GLN A 390 -14.43 -36.77 -36.21
N ARG A 391 -15.71 -36.48 -36.44
CA ARG A 391 -16.08 -35.23 -37.10
C ARG A 391 -15.64 -34.02 -36.28
N CYS A 392 -15.81 -34.08 -34.96
CA CYS A 392 -15.33 -33.02 -34.09
C CYS A 392 -13.81 -32.95 -34.13
N LYS A 393 -13.15 -34.11 -34.21
CA LYS A 393 -11.70 -34.14 -34.27
C LYS A 393 -11.18 -33.44 -35.53
N GLN A 394 -11.85 -33.65 -36.66
CA GLN A 394 -11.40 -33.08 -37.93
C GLN A 394 -12.03 -31.72 -38.22
N MET A 395 -12.68 -31.10 -37.24
CA MET A 395 -13.25 -29.76 -37.41
C MET A 395 -12.69 -28.75 -36.43
N PHE A 396 -12.56 -29.12 -35.15
CA PHE A 396 -12.05 -28.23 -34.12
C PHE A 396 -10.56 -28.41 -33.87
N LEU A 397 -10.14 -29.65 -33.57
CA LEU A 397 -8.75 -29.88 -33.19
C LEU A 397 -7.80 -29.54 -34.33
N THR A 398 -8.15 -29.93 -35.56
CA THR A 398 -7.30 -29.73 -36.72
C THR A 398 -7.40 -28.32 -37.28
N GLN A 399 -7.93 -27.39 -36.49
CA GLN A 399 -8.18 -26.04 -36.98
C GLN A 399 -6.90 -25.41 -37.52
N THR A 400 -7.03 -24.72 -38.65
CA THR A 400 -5.94 -24.01 -39.28
C THR A 400 -6.13 -22.51 -39.25
N ASP A 401 -7.25 -22.02 -39.75
CA ASP A 401 -7.56 -20.60 -39.73
C ASP A 401 -9.07 -20.43 -39.64
N THR A 402 -9.54 -19.22 -39.87
CA THR A 402 -10.96 -18.94 -39.81
C THR A 402 -11.67 -19.53 -41.03
N GLY A 403 -12.99 -19.57 -40.96
CA GLY A 403 -13.80 -20.11 -42.02
C GLY A 403 -15.12 -20.69 -41.52
N ASP A 404 -15.39 -21.93 -41.92
CA ASP A 404 -16.63 -22.60 -41.54
C ASP A 404 -16.44 -23.62 -40.43
N ASP A 405 -15.27 -23.68 -39.81
CA ASP A 405 -15.02 -24.52 -38.63
C ASP A 405 -15.09 -23.71 -37.35
N ARG A 406 -16.01 -22.77 -37.28
CA ARG A 406 -16.01 -21.75 -36.25
C ARG A 406 -16.14 -22.35 -34.87
N VAL A 407 -15.74 -21.56 -33.87
CA VAL A 407 -15.88 -21.95 -32.48
C VAL A 407 -17.34 -21.79 -32.09
N TYR A 408 -18.13 -21.16 -32.95
CA TYR A 408 -19.52 -20.88 -32.61
C TYR A 408 -20.43 -22.08 -32.82
N GLN A 409 -19.99 -23.09 -33.56
CA GLN A 409 -20.70 -24.36 -33.60
C GLN A 409 -20.24 -25.30 -32.50
N MET A 410 -19.22 -24.90 -31.74
CA MET A 410 -18.60 -25.82 -30.79
C MET A 410 -19.56 -26.29 -29.72
N PRO A 411 -20.30 -25.42 -29.02
CA PRO A 411 -21.21 -25.94 -28.00
C PRO A 411 -22.36 -26.75 -28.56
N SER A 412 -22.81 -26.48 -29.78
CA SER A 412 -23.81 -27.36 -30.37
C SER A 412 -23.25 -28.76 -30.54
N PHE A 413 -22.06 -28.85 -31.13
CA PHE A 413 -21.39 -30.14 -31.26
C PHE A 413 -21.22 -30.80 -29.90
N LEU A 414 -20.84 -30.01 -28.90
CA LEU A 414 -20.51 -30.56 -27.58
C LEU A 414 -21.75 -31.03 -26.86
N GLN A 415 -22.85 -30.28 -26.95
CA GLN A 415 -24.10 -30.73 -26.37
C GLN A 415 -24.55 -32.03 -27.01
N SER A 416 -24.40 -32.14 -28.34
CA SER A 416 -24.77 -33.39 -29.00
C SER A 416 -23.88 -34.55 -28.55
N VAL A 417 -22.56 -34.32 -28.44
CA VAL A 417 -21.68 -35.41 -28.04
C VAL A 417 -21.96 -35.82 -26.61
N ALA A 418 -22.30 -34.88 -25.74
CA ALA A 418 -22.66 -35.25 -24.38
C ALA A 418 -23.95 -36.05 -24.35
N SER A 419 -24.96 -35.61 -25.11
CA SER A 419 -26.25 -36.31 -25.10
C SER A 419 -26.13 -37.71 -25.69
N VAL A 420 -25.19 -37.91 -26.61
CA VAL A 420 -24.97 -39.28 -27.09
C VAL A 420 -24.05 -40.05 -26.16
N LEU A 421 -23.24 -39.36 -25.35
CA LEU A 421 -22.38 -40.03 -24.38
C LEU A 421 -23.15 -40.56 -23.19
N LEU A 422 -24.22 -39.88 -22.80
CA LEU A 422 -25.02 -40.32 -21.66
C LEU A 422 -25.40 -41.78 -21.77
N TYR A 423 -25.80 -42.22 -22.95
CA TYR A 423 -26.36 -43.55 -23.14
C TYR A 423 -25.33 -44.59 -23.53
N LEU A 424 -24.05 -44.22 -23.58
CA LEU A 424 -23.00 -45.20 -23.83
C LEU A 424 -22.70 -46.00 -22.57
N ASP A 425 -22.62 -47.31 -22.72
CA ASP A 425 -22.21 -48.18 -21.63
C ASP A 425 -20.79 -48.71 -21.79
N THR A 426 -20.29 -48.78 -23.02
CA THR A 426 -18.93 -49.21 -23.31
C THR A 426 -18.27 -48.09 -24.12
N VAL A 427 -17.74 -47.10 -23.42
CA VAL A 427 -17.08 -45.98 -24.11
C VAL A 427 -15.77 -46.48 -24.70
N PRO A 428 -15.49 -46.21 -25.97
CA PRO A 428 -14.18 -46.55 -26.53
C PRO A 428 -13.09 -45.77 -25.80
N GLU A 429 -11.99 -46.45 -25.53
CA GLU A 429 -10.93 -45.86 -24.72
C GLU A 429 -10.02 -44.97 -25.54
N VAL A 430 -9.94 -45.20 -26.86
CA VAL A 430 -9.04 -44.41 -27.70
C VAL A 430 -9.47 -42.96 -27.72
N TYR A 431 -10.77 -42.71 -27.86
CA TYR A 431 -11.26 -41.36 -28.12
C TYR A 431 -11.35 -40.49 -26.88
N THR A 432 -11.12 -41.05 -25.70
CA THR A 432 -11.25 -40.26 -24.47
C THR A 432 -10.35 -39.04 -24.46
N PRO A 433 -9.05 -39.12 -24.76
CA PRO A 433 -8.25 -37.90 -24.81
C PRO A 433 -8.75 -36.90 -25.84
N VAL A 434 -9.36 -37.37 -26.93
CA VAL A 434 -9.95 -36.43 -27.87
C VAL A 434 -11.09 -35.68 -27.20
N LEU A 435 -11.92 -36.37 -26.42
CA LEU A 435 -13.00 -35.71 -25.71
C LEU A 435 -12.44 -34.71 -24.71
N GLU A 436 -11.35 -35.05 -24.05
CA GLU A 436 -10.78 -34.10 -23.11
C GLU A 436 -10.26 -32.88 -23.85
N HIS A 437 -9.76 -33.06 -25.06
CA HIS A 437 -9.35 -31.88 -25.82
C HIS A 437 -10.54 -31.02 -26.21
N LEU A 438 -11.65 -31.62 -26.66
CA LEU A 438 -12.81 -30.80 -26.94
C LEU A 438 -13.22 -29.99 -25.71
N VAL A 439 -13.31 -30.63 -24.55
CA VAL A 439 -13.77 -29.88 -23.37
C VAL A 439 -12.74 -28.85 -22.94
N VAL A 440 -11.45 -29.17 -23.04
CA VAL A 440 -10.44 -28.22 -22.60
C VAL A 440 -10.44 -26.99 -23.48
N MET A 441 -10.39 -27.18 -24.80
CA MET A 441 -10.35 -26.00 -25.64
C MET A 441 -11.72 -25.36 -25.79
N GLN A 442 -12.78 -26.04 -25.34
CA GLN A 442 -14.06 -25.39 -25.13
C GLN A 442 -13.98 -24.43 -23.94
N ILE A 443 -13.27 -24.82 -22.88
CA ILE A 443 -13.00 -23.87 -21.80
C ILE A 443 -12.16 -22.72 -22.33
N ASP A 444 -11.16 -23.03 -23.14
CA ASP A 444 -10.36 -21.97 -23.74
C ASP A 444 -11.22 -20.96 -24.50
N SER A 445 -12.07 -21.46 -25.39
CA SER A 445 -12.87 -20.54 -26.21
C SER A 445 -14.19 -20.19 -25.53
N PHE A 446 -14.10 -19.81 -24.26
CA PHE A 446 -15.22 -19.22 -23.55
C PHE A 446 -15.33 -17.71 -23.78
N PRO A 447 -14.24 -16.94 -23.64
CA PRO A 447 -14.37 -15.49 -23.85
C PRO A 447 -14.94 -15.12 -25.21
N GLN A 448 -14.56 -15.87 -26.26
CA GLN A 448 -14.97 -15.52 -27.60
C GLN A 448 -16.47 -15.48 -27.78
N TYR A 449 -17.22 -16.21 -26.97
CA TYR A 449 -18.67 -16.28 -27.15
C TYR A 449 -19.31 -15.01 -26.61
N SER A 450 -20.36 -14.55 -27.31
CA SER A 450 -21.12 -13.42 -26.82
C SER A 450 -21.90 -13.83 -25.57
N PRO A 451 -22.17 -12.88 -24.67
CA PRO A 451 -22.85 -13.24 -23.41
C PRO A 451 -24.16 -13.96 -23.59
N LYS A 452 -24.75 -13.91 -24.79
CA LYS A 452 -25.91 -14.77 -25.05
C LYS A 452 -25.48 -16.22 -25.25
N MET A 453 -24.31 -16.44 -25.83
CA MET A 453 -23.84 -17.78 -26.16
C MET A 453 -23.02 -18.41 -25.04
N GLN A 454 -22.40 -17.61 -24.18
CA GLN A 454 -21.62 -18.16 -23.08
C GLN A 454 -22.48 -18.99 -22.15
N LEU A 455 -23.75 -18.64 -21.99
CA LEU A 455 -24.65 -19.48 -21.23
C LEU A 455 -24.77 -20.85 -21.88
N VAL A 456 -24.85 -20.90 -23.20
CA VAL A 456 -24.90 -22.17 -23.91
C VAL A 456 -23.60 -22.94 -23.71
N CYS A 457 -22.48 -22.23 -23.74
CA CYS A 457 -21.18 -22.88 -23.54
C CYS A 457 -21.12 -23.55 -22.18
N CYS A 458 -21.43 -22.80 -21.13
CA CYS A 458 -21.43 -23.37 -19.79
C CYS A 458 -22.45 -24.50 -19.65
N ARG A 459 -23.62 -24.36 -20.29
CA ARG A 459 -24.61 -25.42 -20.22
C ARG A 459 -24.09 -26.69 -20.87
N ALA A 460 -23.44 -26.57 -22.02
CA ALA A 460 -22.89 -27.74 -22.70
C ALA A 460 -21.80 -28.38 -21.88
N ILE A 461 -20.94 -27.57 -21.26
CA ILE A 461 -19.79 -28.11 -20.56
C ILE A 461 -20.21 -28.78 -19.25
N VAL A 462 -21.19 -28.21 -18.55
CA VAL A 462 -21.73 -28.91 -17.39
C VAL A 462 -22.53 -30.12 -17.83
N LYS A 463 -23.16 -30.06 -19.00
CA LYS A 463 -23.83 -31.23 -19.55
C LYS A 463 -22.87 -32.39 -19.72
N VAL A 464 -21.72 -32.12 -20.33
CA VAL A 464 -20.76 -33.21 -20.56
C VAL A 464 -20.17 -33.68 -19.25
N PHE A 465 -19.94 -32.77 -18.29
CA PHE A 465 -19.41 -33.20 -16.99
C PHE A 465 -20.38 -34.14 -16.30
N LEU A 466 -21.67 -33.81 -16.27
CA LEU A 466 -22.61 -34.68 -15.58
C LEU A 466 -22.92 -35.95 -16.36
N ALA A 467 -22.81 -35.91 -17.69
CA ALA A 467 -22.93 -37.14 -18.45
C ALA A 467 -21.72 -38.03 -18.21
N LEU A 468 -20.56 -37.43 -17.99
CA LEU A 468 -19.31 -38.14 -17.81
C LEU A 468 -19.24 -38.80 -16.44
N ALA A 469 -19.72 -38.12 -15.40
CA ALA A 469 -19.62 -38.63 -14.03
C ALA A 469 -20.65 -39.75 -13.80
N ALA A 470 -20.48 -40.83 -14.55
CA ALA A 470 -21.32 -42.00 -14.38
C ALA A 470 -20.53 -43.29 -14.51
N LYS A 471 -19.22 -43.24 -14.25
CA LYS A 471 -18.38 -44.43 -14.36
C LYS A 471 -17.26 -44.34 -13.32
N GLY A 472 -16.68 -45.49 -13.02
CA GLY A 472 -15.63 -45.57 -12.03
C GLY A 472 -14.37 -44.81 -12.41
N PRO A 473 -13.68 -45.28 -13.46
CA PRO A 473 -12.43 -44.62 -13.87
C PRO A 473 -12.64 -43.38 -14.72
N VAL A 474 -13.72 -43.39 -15.50
CA VAL A 474 -13.97 -42.28 -16.42
C VAL A 474 -14.22 -40.99 -15.64
N LEU A 475 -15.07 -41.05 -14.62
CA LEU A 475 -15.35 -39.90 -13.77
C LEU A 475 -14.07 -39.15 -13.43
N ARG A 476 -13.16 -39.82 -12.73
CA ARG A 476 -11.91 -39.22 -12.33
C ARG A 476 -11.11 -38.82 -13.55
N ASN A 477 -10.64 -39.83 -14.30
CA ASN A 477 -9.66 -39.61 -15.35
C ASN A 477 -10.11 -38.60 -16.38
N CYS A 478 -11.36 -38.19 -16.35
CA CYS A 478 -11.80 -37.20 -17.30
C CYS A 478 -12.15 -35.87 -16.66
N ILE A 479 -13.02 -35.84 -15.65
CA ILE A 479 -13.38 -34.56 -15.06
C ILE A 479 -12.17 -33.91 -14.41
N SER A 480 -11.41 -34.70 -13.64
CA SER A 480 -10.25 -34.13 -12.97
C SER A 480 -9.22 -33.62 -13.97
N THR A 481 -8.97 -34.40 -15.02
CA THR A 481 -7.99 -33.99 -16.01
C THR A 481 -8.43 -32.76 -16.75
N VAL A 482 -9.72 -32.68 -17.09
CA VAL A 482 -10.24 -31.53 -17.81
C VAL A 482 -10.15 -30.27 -16.96
N VAL A 483 -10.52 -30.35 -15.69
CA VAL A 483 -10.46 -29.17 -14.83
C VAL A 483 -9.02 -28.73 -14.62
N HIS A 484 -8.12 -29.69 -14.41
CA HIS A 484 -6.72 -29.33 -14.26
C HIS A 484 -6.19 -28.66 -15.51
N GLN A 485 -6.52 -29.19 -16.68
CA GLN A 485 -6.00 -28.57 -17.90
C GLN A 485 -6.63 -27.22 -18.15
N GLY A 486 -7.92 -27.06 -17.84
CA GLY A 486 -8.54 -25.76 -18.00
C GLY A 486 -7.87 -24.73 -17.12
N LEU A 487 -7.52 -25.10 -15.90
CA LEU A 487 -6.79 -24.18 -15.03
C LEU A 487 -5.42 -23.86 -15.59
N ILE A 488 -4.71 -24.86 -16.11
CA ILE A 488 -3.41 -24.60 -16.71
C ILE A 488 -3.56 -23.58 -17.82
N ARG A 489 -4.56 -23.77 -18.68
CA ARG A 489 -4.82 -22.85 -19.77
C ARG A 489 -5.06 -21.45 -19.25
N ILE A 490 -6.13 -21.25 -18.49
CA ILE A 490 -6.55 -19.90 -18.11
C ILE A 490 -5.61 -19.26 -17.10
N CYS A 491 -4.62 -19.99 -16.58
CA CYS A 491 -3.54 -19.37 -15.86
C CYS A 491 -2.38 -19.01 -16.77
N SER A 492 -2.24 -19.71 -17.90
CA SER A 492 -1.16 -19.43 -18.82
C SER A 492 -1.36 -18.14 -19.61
N LYS A 493 -2.55 -17.56 -19.57
CA LYS A 493 -2.80 -16.32 -20.31
C LYS A 493 -1.91 -15.20 -19.76
N PRO A 494 -1.49 -14.26 -20.60
CA PRO A 494 -0.49 -13.29 -20.17
C PRO A 494 -1.02 -12.36 -19.10
N VAL A 495 -0.12 -11.93 -18.22
CA VAL A 495 -0.50 -11.10 -17.08
C VAL A 495 -0.87 -9.71 -17.58
N VAL A 496 -2.03 -9.22 -17.15
CA VAL A 496 -2.53 -7.90 -17.54
C VAL A 496 -2.43 -6.98 -16.33
N LEU A 497 -1.78 -5.85 -16.51
CA LEU A 497 -1.46 -4.92 -15.43
C LEU A 497 -1.74 -3.50 -15.89
N PRO A 498 -1.92 -2.56 -14.96
CA PRO A 498 -1.99 -1.14 -15.31
C PRO A 498 -0.67 -0.62 -15.87
N TRP A 519 -11.66 -13.56 -31.74
CA TRP A 519 -10.21 -13.54 -31.77
C TRP A 519 -9.66 -12.51 -30.79
N LYS A 520 -10.54 -12.04 -29.90
CA LYS A 520 -10.14 -11.04 -28.92
C LYS A 520 -9.07 -11.60 -28.00
N VAL A 521 -8.11 -10.75 -27.62
CA VAL A 521 -7.06 -11.20 -26.71
C VAL A 521 -7.68 -11.48 -25.34
N PRO A 522 -7.45 -12.64 -24.77
CA PRO A 522 -8.07 -12.96 -23.48
C PRO A 522 -7.20 -12.65 -22.28
N THR A 523 -7.75 -12.91 -21.10
CA THR A 523 -7.02 -12.85 -19.85
C THR A 523 -7.72 -13.80 -18.88
N TYR A 524 -7.23 -13.86 -17.64
CA TYR A 524 -7.88 -14.76 -16.70
C TYR A 524 -9.25 -14.27 -16.28
N LYS A 525 -9.54 -12.98 -16.43
CA LYS A 525 -10.79 -12.44 -15.92
C LYS A 525 -11.98 -13.00 -16.68
N ASP A 526 -11.82 -13.32 -17.95
CA ASP A 526 -12.96 -13.67 -18.79
C ASP A 526 -13.53 -15.03 -18.47
N TYR A 527 -12.75 -15.92 -17.86
CA TYR A 527 -13.19 -17.25 -17.50
C TYR A 527 -13.80 -17.31 -16.11
N VAL A 528 -13.60 -16.26 -15.30
CA VAL A 528 -14.09 -16.26 -13.93
C VAL A 528 -15.58 -16.56 -13.92
N ASP A 529 -16.31 -15.95 -14.84
CA ASP A 529 -17.75 -16.19 -14.92
C ASP A 529 -18.01 -17.65 -15.26
N LEU A 530 -17.19 -18.23 -16.14
CA LEU A 530 -17.38 -19.62 -16.53
C LEU A 530 -17.24 -20.55 -15.34
N PHE A 531 -16.13 -20.43 -14.61
CA PHE A 531 -15.92 -21.33 -13.48
C PHE A 531 -16.90 -21.03 -12.35
N ARG A 532 -17.35 -19.79 -12.24
CA ARG A 532 -18.38 -19.45 -11.29
C ARG A 532 -19.69 -20.17 -11.59
N HIS A 533 -20.08 -20.20 -12.86
CA HIS A 533 -21.34 -20.86 -13.21
C HIS A 533 -21.22 -22.37 -13.14
N LEU A 534 -20.11 -22.93 -13.61
CA LEU A 534 -19.93 -24.37 -13.47
C LEU A 534 -19.93 -24.77 -12.02
N LEU A 535 -19.31 -23.96 -11.17
CA LEU A 535 -19.15 -24.28 -9.76
C LEU A 535 -20.41 -23.99 -8.97
N SER A 536 -21.36 -23.28 -9.56
CA SER A 536 -22.61 -22.92 -8.91
C SER A 536 -23.74 -23.41 -9.79
N SER A 537 -23.70 -24.68 -10.19
CA SER A 537 -24.59 -25.21 -11.21
C SER A 537 -25.72 -26.07 -10.66
N ASP A 538 -25.94 -26.09 -9.35
CA ASP A 538 -26.97 -26.96 -8.78
C ASP A 538 -28.35 -26.31 -8.89
N GLN A 539 -28.70 -25.86 -10.09
CA GLN A 539 -29.91 -25.09 -10.31
C GLN A 539 -30.45 -25.25 -11.73
N MET A 540 -31.16 -24.22 -12.21
CA MET A 540 -31.92 -24.30 -13.45
C MET A 540 -31.14 -24.93 -14.58
N MET A 541 -29.79 -24.85 -14.56
CA MET A 541 -29.03 -25.63 -15.53
C MET A 541 -29.34 -27.11 -15.38
N ASP A 542 -29.16 -27.66 -14.18
CA ASP A 542 -29.48 -29.06 -13.95
C ASP A 542 -30.95 -29.36 -14.15
N SER A 543 -31.83 -28.39 -13.96
CA SER A 543 -33.25 -28.67 -14.16
C SER A 543 -33.59 -28.77 -15.64
N ILE A 544 -33.17 -27.78 -16.43
CA ILE A 544 -33.49 -27.77 -17.86
C ILE A 544 -32.63 -28.75 -18.64
N LEU A 545 -31.56 -29.27 -18.05
CA LEU A 545 -30.87 -30.38 -18.68
C LEU A 545 -31.63 -31.69 -18.51
N ALA A 546 -32.71 -31.67 -17.72
CA ALA A 546 -33.65 -32.77 -17.63
C ALA A 546 -34.75 -32.68 -18.69
N ASP A 547 -34.68 -31.67 -19.56
CA ASP A 547 -35.60 -31.60 -20.70
C ASP A 547 -35.54 -32.90 -21.50
N GLU A 548 -34.32 -33.36 -21.79
CA GLU A 548 -34.14 -34.70 -22.32
C GLU A 548 -34.31 -35.70 -21.18
N ALA A 549 -34.92 -36.84 -21.49
CA ALA A 549 -35.23 -37.85 -20.47
C ALA A 549 -33.96 -38.62 -20.14
N PHE A 550 -33.06 -37.94 -19.43
CA PHE A 550 -31.84 -38.60 -18.96
C PHE A 550 -32.03 -39.22 -17.59
N PHE A 551 -33.20 -39.08 -16.99
CA PHE A 551 -33.52 -39.69 -15.71
C PHE A 551 -33.92 -41.13 -15.96
N SER A 552 -34.49 -41.80 -14.95
CA SER A 552 -34.87 -43.20 -14.96
C SER A 552 -33.66 -44.13 -15.00
N VAL A 553 -32.45 -43.58 -14.88
CA VAL A 553 -31.22 -44.35 -14.81
C VAL A 553 -30.40 -43.83 -13.64
N ASN A 554 -29.41 -44.62 -13.23
CA ASN A 554 -28.51 -44.21 -12.17
C ASN A 554 -27.79 -42.93 -12.58
N SER A 555 -28.03 -41.85 -11.85
CA SER A 555 -27.47 -40.55 -12.19
C SER A 555 -26.91 -39.88 -10.95
N SER A 556 -25.66 -39.44 -11.02
CA SER A 556 -25.05 -38.64 -9.97
C SER A 556 -25.33 -37.16 -10.19
N SER A 557 -26.60 -36.82 -10.33
CA SER A 557 -27.04 -35.47 -10.68
C SER A 557 -27.32 -34.62 -9.45
N GLU A 558 -26.73 -34.95 -8.31
CA GLU A 558 -26.94 -34.18 -7.08
C GLU A 558 -25.73 -33.31 -6.75
N SER A 559 -24.56 -33.93 -6.62
CA SER A 559 -23.37 -33.30 -6.07
C SER A 559 -22.46 -32.77 -7.15
N LEU A 560 -23.02 -32.30 -8.25
CA LEU A 560 -22.18 -31.79 -9.33
C LEU A 560 -21.36 -30.60 -8.85
N ASN A 561 -22.00 -29.65 -8.17
CA ASN A 561 -21.27 -28.49 -7.71
C ASN A 561 -20.16 -28.89 -6.76
N HIS A 562 -20.45 -29.81 -5.83
CA HIS A 562 -19.45 -30.20 -4.84
C HIS A 562 -18.31 -30.95 -5.48
N LEU A 563 -18.61 -31.84 -6.43
CA LEU A 563 -17.58 -32.57 -7.13
C LEU A 563 -16.66 -31.65 -7.90
N LEU A 564 -17.25 -30.68 -8.62
CA LEU A 564 -16.43 -29.72 -9.34
C LEU A 564 -15.61 -28.87 -8.37
N TYR A 565 -16.15 -28.57 -7.20
CA TYR A 565 -15.40 -27.78 -6.24
C TYR A 565 -14.17 -28.55 -5.77
N ASP A 566 -14.35 -29.82 -5.43
CA ASP A 566 -13.20 -30.59 -4.98
C ASP A 566 -12.18 -30.77 -6.08
N GLU A 567 -12.63 -31.01 -7.31
CA GLU A 567 -11.70 -31.11 -8.43
C GLU A 567 -10.95 -29.81 -8.66
N PHE A 568 -11.66 -28.69 -8.55
CA PHE A 568 -11.01 -27.39 -8.74
C PHE A 568 -9.93 -27.18 -7.70
N VAL A 569 -10.23 -27.47 -6.44
CA VAL A 569 -9.27 -27.21 -5.38
C VAL A 569 -8.07 -28.15 -5.49
N LYS A 570 -8.32 -29.43 -5.79
CA LYS A 570 -7.22 -30.35 -6.00
C LYS A 570 -6.33 -29.87 -7.13
N SER A 571 -6.94 -29.38 -8.21
CA SER A 571 -6.15 -28.89 -9.34
C SER A 571 -5.35 -27.65 -8.98
N VAL A 572 -5.92 -26.77 -8.18
CA VAL A 572 -5.16 -25.61 -7.72
C VAL A 572 -3.95 -26.06 -6.93
N LEU A 573 -4.12 -27.05 -6.07
CA LEU A 573 -2.97 -27.56 -5.31
C LEU A 573 -1.95 -28.22 -6.22
N LYS A 574 -2.42 -28.99 -7.20
CA LYS A 574 -1.49 -29.62 -8.14
C LYS A 574 -0.67 -28.57 -8.86
N ILE A 575 -1.30 -27.48 -9.27
CA ILE A 575 -0.58 -26.43 -9.96
C ILE A 575 0.42 -25.77 -9.01
N VAL A 576 0.00 -25.44 -7.80
CA VAL A 576 0.88 -24.70 -6.92
C VAL A 576 2.04 -25.57 -6.43
N GLU A 577 1.93 -26.89 -6.53
CA GLU A 577 3.02 -27.75 -6.08
C GLU A 577 4.06 -28.03 -7.14
N LYS A 578 3.67 -28.07 -8.42
CA LYS A 578 4.56 -28.47 -9.50
C LYS A 578 5.13 -27.29 -10.27
N LEU A 579 4.96 -26.07 -9.76
CA LEU A 579 5.55 -24.89 -10.36
C LEU A 579 6.91 -24.58 -9.75
N ASP A 580 7.79 -23.99 -10.56
CA ASP A 580 9.11 -23.59 -10.10
C ASP A 580 9.08 -22.09 -9.87
N LEU A 581 8.63 -21.71 -8.69
CA LEU A 581 8.50 -20.30 -8.34
C LEU A 581 9.75 -19.74 -7.71
N THR A 582 10.82 -20.53 -7.59
CA THR A 582 12.02 -20.07 -6.92
C THR A 582 12.58 -18.85 -7.63
N LEU A 583 13.37 -18.07 -6.90
CA LEU A 583 13.92 -16.83 -7.40
C LEU A 583 15.43 -16.99 -7.58
N GLU A 584 15.95 -16.38 -8.63
CA GLU A 584 17.35 -16.48 -9.00
C GLU A 584 18.03 -15.12 -8.87
N ILE A 585 19.20 -15.10 -8.25
CA ILE A 585 19.98 -13.88 -8.14
C ILE A 585 20.33 -13.36 -9.53
N GLN A 586 20.22 -12.05 -9.70
CA GLN A 586 20.51 -11.40 -10.98
C GLN A 586 21.84 -11.84 -11.60
N MET A 602 28.68 -5.79 -8.27
CA MET A 602 28.30 -6.57 -7.11
C MET A 602 28.31 -5.70 -5.86
N ILE A 603 27.18 -5.68 -5.16
CA ILE A 603 27.04 -4.85 -3.97
C ILE A 603 26.40 -5.66 -2.86
N PRO A 604 26.91 -5.61 -1.64
CA PRO A 604 26.27 -6.32 -0.53
C PRO A 604 24.96 -5.64 -0.14
N THR A 605 23.86 -6.37 -0.27
CA THR A 605 22.55 -5.81 0.00
C THR A 605 21.88 -6.58 1.12
N SER A 606 21.33 -5.86 2.09
CA SER A 606 20.71 -6.46 3.26
C SER A 606 19.24 -6.76 3.08
N ASP A 607 18.54 -6.02 2.24
CA ASP A 607 17.15 -6.34 1.98
C ASP A 607 17.10 -7.66 1.24
N PRO A 608 16.42 -8.67 1.74
CA PRO A 608 16.47 -9.98 1.10
C PRO A 608 15.51 -10.09 -0.07
N ALA A 609 15.43 -9.05 -0.90
CA ALA A 609 14.60 -9.10 -2.09
C ALA A 609 15.23 -8.37 -3.25
N ALA A 610 16.50 -7.99 -3.14
CA ALA A 610 17.18 -7.24 -4.18
C ALA A 610 18.09 -8.15 -4.98
N ASN A 611 18.27 -7.81 -6.25
CA ASN A 611 19.16 -8.51 -7.17
C ASN A 611 18.72 -9.95 -7.40
N LEU A 612 17.46 -10.26 -7.15
CA LEU A 612 16.91 -11.58 -7.46
C LEU A 612 15.69 -11.42 -8.35
N HIS A 613 15.47 -12.41 -9.20
CA HIS A 613 14.44 -12.38 -10.22
C HIS A 613 13.82 -13.76 -10.36
N PRO A 614 12.62 -13.85 -10.92
CA PRO A 614 11.99 -15.15 -11.15
C PRO A 614 12.87 -16.08 -11.97
N ALA A 615 12.97 -17.33 -11.54
CA ALA A 615 13.80 -18.29 -12.24
C ALA A 615 13.18 -18.69 -13.57
N LYS A 616 11.87 -18.85 -13.60
CA LYS A 616 11.14 -19.22 -14.80
C LYS A 616 10.00 -18.22 -14.97
N PRO A 617 10.27 -17.05 -15.53
CA PRO A 617 9.30 -15.96 -15.49
C PRO A 617 7.96 -16.25 -16.13
N LYS A 618 7.82 -17.41 -16.75
CA LYS A 618 6.52 -17.85 -17.21
C LYS A 618 5.78 -18.67 -16.16
N ASP A 619 6.42 -18.91 -15.01
CA ASP A 619 5.76 -19.51 -13.86
C ASP A 619 5.17 -18.45 -12.94
N PHE A 620 5.86 -17.34 -12.75
CA PHE A 620 5.28 -16.23 -11.98
C PHE A 620 4.02 -15.69 -12.63
N SER A 621 4.02 -15.53 -13.94
CA SER A 621 2.79 -15.09 -14.60
C SER A 621 1.66 -16.07 -14.34
N ALA A 622 1.95 -17.36 -14.49
CA ALA A 622 0.92 -18.37 -14.27
C ALA A 622 0.43 -18.36 -12.84
N PHE A 623 1.34 -18.22 -11.88
CA PHE A 623 0.94 -18.28 -10.49
C PHE A 623 0.21 -17.03 -10.04
N ILE A 624 0.58 -15.86 -10.56
CA ILE A 624 -0.18 -14.67 -10.25
C ILE A 624 -1.59 -14.80 -10.81
N ASN A 625 -1.71 -15.28 -12.05
CA ASN A 625 -3.03 -15.56 -12.59
C ASN A 625 -3.78 -16.54 -11.70
N LEU A 626 -3.08 -17.51 -11.12
CA LEU A 626 -3.74 -18.53 -10.31
C LEU A 626 -4.19 -17.95 -8.98
N VAL A 627 -3.36 -17.13 -8.35
CA VAL A 627 -3.74 -16.50 -7.09
C VAL A 627 -4.97 -15.63 -7.30
N GLU A 628 -4.99 -14.86 -8.37
CA GLU A 628 -6.17 -14.03 -8.63
C GLU A 628 -7.39 -14.88 -8.93
N PHE A 629 -7.24 -15.90 -9.78
CA PHE A 629 -8.39 -16.71 -10.13
C PHE A 629 -8.96 -17.40 -8.90
N CYS A 630 -8.10 -17.89 -8.02
CA CYS A 630 -8.57 -18.46 -6.77
C CYS A 630 -9.24 -17.40 -5.91
N ARG A 631 -8.72 -16.17 -5.91
CA ARG A 631 -9.33 -15.13 -5.10
C ARG A 631 -10.76 -14.85 -5.55
N GLU A 632 -11.04 -14.90 -6.83
CA GLU A 632 -12.41 -14.62 -7.26
C GLU A 632 -13.29 -15.86 -7.46
N ILE A 633 -12.75 -17.07 -7.41
CA ILE A 633 -13.62 -18.24 -7.53
C ILE A 633 -13.81 -18.94 -6.20
N LEU A 634 -12.74 -19.02 -5.42
CA LEU A 634 -12.74 -19.89 -4.24
C LEU A 634 -13.64 -19.38 -3.13
N PRO A 635 -13.50 -18.13 -2.65
CA PRO A 635 -14.24 -17.77 -1.43
C PRO A 635 -15.73 -17.56 -1.64
N GLU A 636 -16.12 -16.83 -2.68
CA GLU A 636 -17.51 -16.39 -2.74
C GLU A 636 -18.46 -17.53 -3.00
N LYS A 637 -18.01 -18.61 -3.64
CA LYS A 637 -18.78 -19.83 -3.59
C LYS A 637 -18.83 -20.28 -2.14
N GLN A 638 -20.05 -20.46 -1.63
CA GLN A 638 -20.24 -20.52 -0.19
C GLN A 638 -19.40 -21.62 0.43
N ALA A 639 -18.84 -21.34 1.61
CA ALA A 639 -17.69 -22.08 2.10
C ALA A 639 -18.03 -23.40 2.77
N GLU A 640 -19.29 -23.85 2.72
CA GLU A 640 -19.57 -25.17 3.27
C GLU A 640 -18.89 -26.28 2.48
N PHE A 641 -18.56 -26.02 1.21
CA PHE A 641 -17.73 -26.94 0.46
C PHE A 641 -16.28 -26.86 0.89
N PHE A 642 -15.81 -25.64 1.16
CA PHE A 642 -14.44 -25.40 1.59
C PHE A 642 -14.18 -25.91 3.00
N GLU A 643 -15.24 -26.23 3.74
CA GLU A 643 -15.08 -26.59 5.15
C GLU A 643 -14.03 -27.67 5.41
N PRO A 644 -13.99 -28.79 4.68
CA PRO A 644 -12.96 -29.80 4.99
C PRO A 644 -11.63 -29.54 4.33
N TRP A 645 -11.56 -28.64 3.36
CA TRP A 645 -10.32 -28.38 2.67
C TRP A 645 -9.36 -27.52 3.46
N VAL A 646 -9.78 -26.98 4.58
CA VAL A 646 -9.02 -25.90 5.21
C VAL A 646 -7.68 -26.42 5.71
N TYR A 647 -7.68 -27.57 6.38
CA TYR A 647 -6.43 -28.02 6.97
C TYR A 647 -5.42 -28.42 5.91
N SER A 648 -5.83 -29.24 4.94
CA SER A 648 -4.91 -29.63 3.89
C SER A 648 -4.41 -28.41 3.12
N PHE A 649 -5.31 -27.51 2.79
CA PHE A 649 -4.98 -26.37 1.94
C PHE A 649 -4.04 -25.42 2.65
N SER A 650 -4.34 -25.09 3.90
CA SER A 650 -3.45 -24.26 4.71
C SER A 650 -2.12 -24.94 4.93
N TYR A 651 -2.13 -26.24 5.20
CA TYR A 651 -0.88 -26.93 5.46
C TYR A 651 0.03 -26.86 4.25
N GLU A 652 -0.52 -27.12 3.08
CA GLU A 652 0.31 -27.10 1.89
C GLU A 652 0.84 -25.70 1.61
N LEU A 653 -0.02 -24.68 1.73
CA LEU A 653 0.46 -23.33 1.45
C LEU A 653 1.52 -22.91 2.47
N ILE A 654 1.39 -23.34 3.71
CA ILE A 654 2.36 -22.97 4.72
C ILE A 654 3.69 -23.68 4.47
N LEU A 655 3.64 -24.93 4.03
CA LEU A 655 4.86 -25.61 3.64
C LEU A 655 5.53 -24.92 2.45
N GLN A 656 4.74 -24.50 1.46
CA GLN A 656 5.30 -23.79 0.32
C GLN A 656 5.90 -22.46 0.73
N SER A 657 5.21 -21.74 1.63
CA SER A 657 5.65 -20.39 1.97
C SER A 657 6.82 -20.40 2.93
N THR A 658 6.90 -21.38 3.81
CA THR A 658 8.07 -21.48 4.67
C THR A 658 9.31 -21.73 3.84
N ARG A 659 9.16 -22.48 2.76
CA ARG A 659 10.29 -22.75 1.88
C ARG A 659 10.60 -21.55 0.98
N LEU A 660 9.56 -20.83 0.55
CA LEU A 660 9.69 -19.70 -0.37
C LEU A 660 9.00 -18.48 0.24
N PRO A 661 9.60 -17.87 1.24
CA PRO A 661 8.93 -16.75 1.91
C PRO A 661 8.65 -15.58 0.98
N LEU A 662 9.63 -15.17 0.18
CA LEU A 662 9.51 -13.93 -0.57
C LEU A 662 8.46 -13.97 -1.66
N ILE A 663 7.91 -15.14 -1.99
CA ILE A 663 6.85 -15.16 -2.98
C ILE A 663 5.63 -14.48 -2.37
N SER A 664 5.18 -13.40 -3.02
CA SER A 664 4.04 -12.67 -2.52
C SER A 664 2.76 -13.47 -2.56
N GLY A 665 2.70 -14.53 -3.37
CA GLY A 665 1.43 -15.13 -3.69
C GLY A 665 0.88 -16.03 -2.62
N PHE A 666 1.74 -16.60 -1.78
CA PHE A 666 1.24 -17.56 -0.82
C PHE A 666 0.46 -16.87 0.29
N TYR A 667 0.89 -15.67 0.68
CA TYR A 667 0.11 -14.90 1.64
C TYR A 667 -1.22 -14.46 1.06
N LYS A 668 -1.25 -14.12 -0.23
CA LYS A 668 -2.51 -13.75 -0.85
C LYS A 668 -3.44 -14.94 -1.00
N LEU A 669 -2.90 -16.12 -1.23
CA LEU A 669 -3.70 -17.33 -1.36
C LEU A 669 -4.07 -17.93 -0.02
N LEU A 670 -3.40 -17.52 1.04
CA LEU A 670 -3.67 -18.02 2.37
C LEU A 670 -4.55 -17.10 3.18
N SER A 671 -4.55 -15.81 2.88
CA SER A 671 -5.54 -14.92 3.47
C SER A 671 -6.93 -15.36 3.10
N ILE A 672 -7.13 -15.85 1.87
CA ILE A 672 -8.46 -16.29 1.47
C ILE A 672 -8.88 -17.50 2.28
N THR A 673 -7.94 -18.41 2.55
CA THR A 673 -8.22 -19.55 3.41
C THR A 673 -8.62 -19.09 4.80
N VAL A 674 -7.87 -18.14 5.37
CA VAL A 674 -8.22 -17.65 6.69
C VAL A 674 -9.60 -16.99 6.67
N ARG A 675 -9.90 -16.26 5.60
CA ARG A 675 -11.14 -15.49 5.56
C ARG A 675 -12.36 -16.40 5.44
N ASN A 676 -12.35 -17.36 4.52
CA ASN A 676 -13.49 -18.26 4.45
C ASN A 676 -13.33 -19.46 5.37
N ALA A 677 -12.34 -19.42 6.25
CA ALA A 677 -12.42 -20.21 7.47
C ALA A 677 -13.18 -19.44 8.55
N LYS A 678 -12.91 -18.14 8.67
CA LYS A 678 -13.67 -17.32 9.60
C LYS A 678 -15.14 -17.27 9.24
N LYS A 679 -15.47 -17.29 7.95
CA LYS A 679 -16.87 -17.18 7.55
C LYS A 679 -17.71 -18.32 8.09
N ILE A 680 -17.13 -19.51 8.23
CA ILE A 680 -17.90 -20.67 8.65
C ILE A 680 -17.73 -20.90 10.15
N LYS A 681 -17.14 -19.92 10.84
CA LYS A 681 -16.87 -20.03 12.27
C LYS A 681 -16.05 -21.28 12.57
N TYR A 682 -15.09 -21.57 11.70
CA TYR A 682 -14.31 -22.79 11.80
C TYR A 682 -13.39 -22.78 13.01
N PHE A 683 -12.87 -21.63 13.38
CA PHE A 683 -11.83 -21.54 14.41
C PHE A 683 -12.39 -21.32 15.80
N GLU A 684 -13.71 -21.33 15.97
CA GLU A 684 -14.29 -20.82 17.20
C GLU A 684 -14.25 -21.86 18.30
N GLY A 685 -13.95 -21.41 19.51
CA GLY A 685 -13.98 -22.25 20.68
C GLY A 685 -13.01 -23.41 20.63
N VAL A 686 -11.76 -23.13 20.30
CA VAL A 686 -10.79 -24.22 20.13
C VAL A 686 -9.49 -23.90 20.86
N SER A 687 -9.40 -22.69 21.41
CA SER A 687 -8.11 -22.22 21.95
C SER A 687 -7.48 -23.11 23.00
N PRO A 688 -8.21 -23.66 24.00
CA PRO A 688 -7.47 -24.44 24.99
C PRO A 688 -7.00 -25.80 24.46
N ASP A 697 -11.92 -32.14 17.92
CA ASP A 697 -11.47 -32.51 16.59
C ASP A 697 -9.97 -32.28 16.45
N PRO A 698 -9.22 -33.36 16.22
CA PRO A 698 -7.78 -33.20 16.02
C PRO A 698 -7.44 -32.33 14.83
N GLU A 699 -8.27 -32.34 13.78
CA GLU A 699 -7.98 -31.52 12.61
C GLU A 699 -7.99 -30.04 12.97
N LYS A 700 -9.07 -29.57 13.62
CA LYS A 700 -9.18 -28.16 13.95
C LYS A 700 -8.04 -27.72 14.85
N TYR A 701 -7.70 -28.54 15.85
CA TYR A 701 -6.66 -28.15 16.78
C TYR A 701 -5.27 -28.18 16.13
N SER A 702 -5.02 -29.13 15.25
CA SER A 702 -3.77 -29.12 14.50
C SER A 702 -3.68 -27.85 13.66
N CYS A 703 -4.77 -27.49 13.00
CA CYS A 703 -4.80 -26.26 12.20
C CYS A 703 -4.56 -25.04 13.07
N PHE A 704 -5.14 -25.02 14.26
CA PHE A 704 -4.96 -23.89 15.15
C PHE A 704 -3.51 -23.76 15.60
N ALA A 705 -2.93 -24.87 16.07
CA ALA A 705 -1.53 -24.83 16.45
C ALA A 705 -0.63 -24.57 15.25
N LEU A 706 -1.14 -24.78 14.04
CA LEU A 706 -0.38 -24.45 12.85
C LEU A 706 -0.35 -22.95 12.63
N PHE A 707 -1.53 -22.31 12.61
CA PHE A 707 -1.57 -20.87 12.40
C PHE A 707 -0.96 -20.08 13.55
N VAL A 708 -1.05 -20.54 14.79
CA VAL A 708 -0.39 -19.79 15.85
C VAL A 708 1.09 -19.68 15.56
N LYS A 709 1.72 -20.83 15.28
CA LYS A 709 3.14 -20.83 14.99
C LYS A 709 3.44 -20.01 13.75
N PHE A 710 2.70 -20.24 12.66
CA PHE A 710 3.03 -19.57 11.42
C PHE A 710 2.82 -18.06 11.52
N GLY A 711 1.76 -17.63 12.21
CA GLY A 711 1.56 -16.22 12.41
C GLY A 711 2.70 -15.59 13.17
N LYS A 712 3.20 -16.26 14.21
CA LYS A 712 4.38 -15.74 14.89
C LYS A 712 5.56 -15.63 13.93
N GLU A 713 5.78 -16.68 13.12
CA GLU A 713 6.89 -16.65 12.19
C GLU A 713 6.80 -15.47 11.24
N VAL A 714 5.65 -15.31 10.60
CA VAL A 714 5.51 -14.26 9.59
C VAL A 714 5.51 -12.88 10.24
N ALA A 715 5.06 -12.78 11.49
CA ALA A 715 5.09 -11.49 12.16
C ALA A 715 6.52 -11.08 12.46
N VAL A 716 7.39 -12.03 12.79
CA VAL A 716 8.79 -11.68 12.95
C VAL A 716 9.43 -11.40 11.60
N LYS A 717 9.10 -12.20 10.59
CA LYS A 717 9.77 -12.07 9.29
C LYS A 717 9.44 -10.76 8.62
N MET A 718 8.18 -10.39 8.56
CA MET A 718 7.72 -9.25 7.78
C MET A 718 8.43 -7.94 8.08
N LYS A 719 9.22 -7.90 9.16
CA LYS A 719 9.87 -6.64 9.52
C LYS A 719 10.91 -6.21 8.50
N GLN A 720 11.28 -7.07 7.56
CA GLN A 720 12.26 -6.72 6.55
C GLN A 720 11.69 -6.70 5.14
N TYR A 721 10.40 -6.93 4.97
CA TYR A 721 9.81 -6.92 3.64
C TYR A 721 9.49 -5.49 3.24
N LYS A 722 9.03 -5.31 2.01
CA LYS A 722 8.73 -3.95 1.53
C LYS A 722 7.73 -3.87 0.37
N ASP A 723 7.38 -2.62 0.07
CA ASP A 723 6.47 -2.27 -1.02
C ASP A 723 5.19 -3.09 -1.18
N GLU A 724 5.32 -4.29 -1.71
CA GLU A 724 4.14 -5.12 -1.99
C GLU A 724 4.13 -6.41 -1.19
N LEU A 725 5.26 -7.09 -1.10
CA LEU A 725 5.34 -8.28 -0.26
C LEU A 725 4.89 -7.97 1.16
N LEU A 726 5.33 -6.85 1.71
CA LEU A 726 4.91 -6.47 3.05
C LEU A 726 3.41 -6.25 3.10
N ALA A 727 2.84 -5.65 2.06
CA ALA A 727 1.41 -5.42 2.06
C ALA A 727 0.65 -6.73 2.13
N SER A 728 1.07 -7.72 1.35
CA SER A 728 0.37 -9.01 1.41
C SER A 728 0.57 -9.69 2.75
N CYS A 729 1.78 -9.64 3.29
CA CYS A 729 2.02 -10.22 4.62
C CYS A 729 1.06 -9.62 5.63
N LEU A 730 0.94 -8.29 5.65
CA LEU A 730 0.04 -7.65 6.57
C LEU A 730 -1.40 -8.07 6.34
N THR A 731 -1.86 -8.01 5.09
CA THR A 731 -3.25 -8.34 4.81
C THR A 731 -3.59 -9.74 5.29
N PHE A 732 -2.64 -10.67 5.18
CA PHE A 732 -2.86 -11.97 5.80
C PHE A 732 -2.89 -11.86 7.31
N LEU A 733 -1.87 -11.21 7.88
CA LEU A 733 -1.63 -11.30 9.31
C LEU A 733 -2.78 -10.73 10.10
N LEU A 734 -3.30 -9.58 9.67
CA LEU A 734 -4.40 -8.95 10.34
C LEU A 734 -5.73 -9.59 10.01
N SER A 735 -5.73 -10.67 9.24
CA SER A 735 -6.94 -11.44 9.00
C SER A 735 -7.07 -12.62 9.94
N LEU A 736 -6.07 -12.91 10.73
CA LEU A 736 -6.15 -14.02 11.67
C LEU A 736 -7.27 -13.77 12.66
N PRO A 737 -7.98 -14.80 13.11
CA PRO A 737 -9.10 -14.57 14.02
C PRO A 737 -8.65 -14.19 15.42
N HIS A 738 -9.58 -13.60 16.16
CA HIS A 738 -9.28 -13.18 17.51
C HIS A 738 -8.91 -14.35 18.40
N ASN A 739 -9.27 -15.57 18.01
CA ASN A 739 -8.84 -16.72 18.80
C ASN A 739 -7.32 -16.81 18.85
N ILE A 740 -6.66 -16.66 17.71
CA ILE A 740 -5.20 -16.62 17.72
C ILE A 740 -4.68 -15.32 18.31
N ILE A 741 -5.31 -14.20 17.97
CA ILE A 741 -4.74 -12.92 18.40
C ILE A 741 -4.74 -12.79 19.92
N GLU A 742 -5.86 -13.17 20.55
CA GLU A 742 -6.07 -13.03 21.98
C GLU A 742 -4.89 -13.53 22.78
N LEU A 743 -4.18 -14.52 22.28
CA LEU A 743 -3.13 -15.15 23.07
C LEU A 743 -1.94 -14.21 23.23
N ASP A 744 -1.47 -13.61 22.15
CA ASP A 744 -0.25 -12.83 22.19
C ASP A 744 -0.39 -11.54 21.39
N VAL A 745 -1.47 -10.79 21.64
CA VAL A 745 -1.70 -9.48 21.02
C VAL A 745 -0.44 -8.64 20.91
N ARG A 746 0.49 -8.79 21.84
CA ARG A 746 1.67 -7.93 21.82
C ARG A 746 2.47 -8.10 20.54
N ALA A 747 2.60 -9.33 20.04
CA ALA A 747 3.38 -9.52 18.82
C ALA A 747 2.61 -9.10 17.57
N TYR A 748 1.28 -9.15 17.59
CA TYR A 748 0.53 -8.74 16.43
C TYR A 748 0.30 -7.25 16.36
N VAL A 749 0.53 -6.51 17.46
CA VAL A 749 0.33 -5.06 17.41
C VAL A 749 1.21 -4.38 16.35
N PRO A 750 2.51 -4.61 16.29
CA PRO A 750 3.31 -3.88 15.29
C PRO A 750 2.81 -4.07 13.88
N ALA A 751 2.16 -5.20 13.59
CA ALA A 751 1.48 -5.34 12.32
C ALA A 751 0.38 -4.30 12.17
N LEU A 752 -0.40 -4.10 13.23
CA LEU A 752 -1.48 -3.12 13.15
C LEU A 752 -0.92 -1.72 12.98
N GLN A 753 0.14 -1.40 13.70
CA GLN A 753 0.74 -0.08 13.57
C GLN A 753 1.31 0.14 12.18
N MET A 754 1.94 -0.87 11.60
CA MET A 754 2.47 -0.72 10.25
C MET A 754 1.36 -0.62 9.23
N ALA A 755 0.28 -1.36 9.41
CA ALA A 755 -0.85 -1.21 8.50
C ALA A 755 -1.43 0.19 8.58
N PHE A 756 -1.55 0.73 9.78
CA PHE A 756 -2.09 2.07 9.92
C PHE A 756 -1.13 3.12 9.40
N LYS A 757 0.16 2.84 9.41
CA LYS A 757 1.11 3.77 8.82
C LYS A 757 1.03 3.72 7.30
N LEU A 758 0.96 2.52 6.73
CA LEU A 758 0.97 2.37 5.28
C LEU A 758 -0.35 2.72 4.64
N GLY A 759 -1.44 2.69 5.38
CA GLY A 759 -2.73 2.93 4.77
C GLY A 759 -3.02 4.36 4.42
N LEU A 760 -2.20 5.31 4.87
CA LEU A 760 -2.41 6.71 4.53
C LEU A 760 -2.31 6.92 3.03
N SER A 761 -1.56 6.07 2.34
CA SER A 761 -1.47 6.10 0.88
C SER A 761 -2.14 4.92 0.22
N TYR A 762 -2.31 3.80 0.94
CA TYR A 762 -2.82 2.57 0.34
C TYR A 762 -4.12 2.23 1.09
N THR A 763 -5.22 2.66 0.50
CA THR A 763 -6.54 2.45 1.07
C THR A 763 -6.85 1.00 1.42
N PRO A 764 -6.48 0.00 0.62
CA PRO A 764 -6.73 -1.38 1.08
C PRO A 764 -6.05 -1.71 2.39
N LEU A 765 -4.82 -1.26 2.62
CA LEU A 765 -4.18 -1.52 3.90
C LEU A 765 -4.85 -0.75 5.03
N ALA A 766 -5.29 0.49 4.78
CA ALA A 766 -6.01 1.18 5.83
C ALA A 766 -7.31 0.47 6.18
N GLU A 767 -8.03 0.00 5.17
CA GLU A 767 -9.28 -0.71 5.41
C GLU A 767 -9.03 -2.02 6.16
N VAL A 768 -7.93 -2.69 5.85
CA VAL A 768 -7.59 -3.91 6.58
C VAL A 768 -7.30 -3.61 8.03
N GLY A 769 -6.52 -2.56 8.30
CA GLY A 769 -6.24 -2.19 9.68
C GLY A 769 -7.52 -1.89 10.44
N LEU A 770 -8.48 -1.22 9.79
CA LEU A 770 -9.72 -0.90 10.48
C LEU A 770 -10.57 -2.14 10.73
N ASN A 771 -10.72 -3.01 9.73
CA ASN A 771 -11.50 -4.22 9.96
C ASN A 771 -10.86 -5.09 11.03
N ALA A 772 -9.54 -5.02 11.17
CA ALA A 772 -8.88 -5.77 12.22
C ALA A 772 -9.15 -5.15 13.58
N LEU A 773 -9.04 -3.83 13.68
CA LEU A 773 -9.23 -3.17 14.97
C LEU A 773 -10.66 -3.33 15.47
N GLU A 774 -11.65 -3.26 14.58
CA GLU A 774 -13.02 -3.48 15.01
C GLU A 774 -13.16 -4.82 15.71
N GLU A 775 -12.71 -5.89 15.06
CA GLU A 775 -12.89 -7.23 15.59
C GLU A 775 -12.07 -7.44 16.85
N TRP A 776 -10.82 -6.97 16.87
CA TRP A 776 -10.03 -7.02 18.09
C TRP A 776 -10.79 -6.40 19.24
N SER A 777 -11.11 -5.10 19.12
CA SER A 777 -11.73 -4.39 20.23
C SER A 777 -13.04 -5.03 20.65
N ILE A 778 -13.85 -5.47 19.69
CA ILE A 778 -15.14 -6.03 20.07
C ILE A 778 -14.99 -7.37 20.77
N TYR A 779 -14.06 -8.22 20.32
CA TYR A 779 -14.09 -9.60 20.75
C TYR A 779 -13.08 -9.93 21.85
N ILE A 780 -11.90 -9.33 21.87
CA ILE A 780 -10.97 -9.61 22.94
C ILE A 780 -11.52 -9.08 24.26
N ASP A 781 -11.18 -9.74 25.36
CA ASP A 781 -11.48 -9.20 26.67
C ASP A 781 -10.87 -7.82 26.83
N ARG A 782 -11.63 -6.91 27.42
CA ARG A 782 -11.24 -5.52 27.49
C ARG A 782 -9.95 -5.34 28.28
N HIS A 783 -9.76 -6.14 29.32
CA HIS A 783 -8.56 -6.01 30.14
C HIS A 783 -7.33 -6.52 29.40
N VAL A 784 -7.49 -7.58 28.62
CA VAL A 784 -6.39 -8.05 27.79
C VAL A 784 -6.03 -6.99 26.78
N MET A 785 -7.05 -6.42 26.14
CA MET A 785 -6.83 -5.51 25.03
C MET A 785 -6.36 -4.13 25.48
N GLN A 786 -6.64 -3.75 26.71
CA GLN A 786 -6.57 -2.35 27.11
C GLN A 786 -5.18 -1.74 27.04
N PRO A 787 -4.12 -2.31 27.61
CA PRO A 787 -2.84 -1.58 27.63
C PRO A 787 -2.21 -1.37 26.26
N TYR A 788 -2.80 -1.87 25.18
CA TYR A 788 -2.26 -1.70 23.84
C TYR A 788 -2.95 -0.61 23.05
N TYR A 789 -4.00 0.00 23.61
CA TYR A 789 -4.65 1.10 22.91
C TYR A 789 -3.71 2.27 22.75
N LYS A 790 -2.90 2.55 23.76
CA LYS A 790 -1.97 3.65 23.67
C LYS A 790 -0.89 3.42 22.69
N ASP A 791 -1.00 2.35 21.92
CA ASP A 791 -0.16 2.07 20.77
C ASP A 791 -0.95 1.99 19.48
N ILE A 792 -2.10 1.31 19.49
CA ILE A 792 -2.90 1.20 18.28
C ILE A 792 -3.46 2.55 17.88
N LEU A 793 -4.05 3.28 18.82
CA LEU A 793 -4.83 4.47 18.49
C LEU A 793 -3.99 5.60 17.90
N PRO A 794 -2.87 6.02 18.49
CA PRO A 794 -2.16 7.19 17.96
C PRO A 794 -1.87 7.13 16.47
N CYS A 795 -1.95 5.94 15.89
CA CYS A 795 -1.74 5.75 14.47
C CYS A 795 -2.96 6.11 13.64
N LEU A 796 -4.16 6.10 14.23
CA LEU A 796 -5.33 6.58 13.52
C LEU A 796 -5.34 8.09 13.38
N ASP A 797 -4.33 8.78 13.91
CA ASP A 797 -4.35 10.22 13.92
C ASP A 797 -4.32 10.79 12.52
N GLY A 798 -3.47 10.23 11.66
CA GLY A 798 -3.22 10.83 10.36
C GLY A 798 -4.47 10.95 9.51
N TYR A 799 -5.36 9.97 9.58
CA TYR A 799 -6.56 10.00 8.77
C TYR A 799 -7.44 11.18 9.11
N LEU A 800 -7.50 11.56 10.39
CA LEU A 800 -8.23 12.74 10.79
C LEU A 800 -7.46 14.02 10.49
N LYS A 801 -6.16 14.04 10.81
CA LYS A 801 -5.41 15.27 10.70
C LYS A 801 -5.16 15.69 9.26
N THR A 802 -4.42 14.88 8.51
CA THR A 802 -3.87 15.44 7.27
C THR A 802 -4.86 15.36 6.11
N SER A 803 -5.61 14.27 6.02
CA SER A 803 -6.28 13.92 4.77
C SER A 803 -7.40 14.90 4.40
N ALA A 804 -7.80 15.79 5.31
CA ALA A 804 -8.89 16.72 5.00
C ALA A 804 -8.56 17.60 3.80
N LEU A 805 -7.30 17.95 3.60
CA LEU A 805 -6.89 18.77 2.48
C LEU A 805 -6.87 17.96 1.19
N SER A 847 -11.94 6.52 -1.82
CA SER A 847 -12.38 5.71 -0.69
C SER A 847 -11.78 6.22 0.60
N LEU A 848 -10.76 7.07 0.50
CA LEU A 848 -10.12 7.59 1.70
C LEU A 848 -11.10 8.36 2.57
N GLU A 849 -12.06 9.05 1.96
CA GLU A 849 -13.06 9.75 2.76
C GLU A 849 -13.90 8.76 3.56
N GLU A 850 -14.22 7.61 2.98
CA GLU A 850 -14.95 6.61 3.74
C GLU A 850 -14.11 6.08 4.88
N ILE A 851 -12.80 5.92 4.66
CA ILE A 851 -11.95 5.43 5.74
C ILE A 851 -11.92 6.44 6.88
N ARG A 852 -11.80 7.73 6.56
CA ARG A 852 -11.76 8.72 7.63
C ARG A 852 -13.09 8.76 8.39
N ILE A 853 -14.21 8.62 7.68
CA ILE A 853 -15.48 8.54 8.38
C ILE A 853 -15.52 7.31 9.28
N ARG A 854 -14.94 6.21 8.81
CA ARG A 854 -14.92 5.00 9.63
C ARG A 854 -14.03 5.17 10.84
N VAL A 855 -12.94 5.92 10.72
CA VAL A 855 -12.07 6.15 11.87
C VAL A 855 -12.76 7.03 12.90
N VAL A 856 -13.54 8.01 12.45
CA VAL A 856 -14.32 8.81 13.39
C VAL A 856 -15.36 7.95 14.09
N GLN A 857 -16.10 7.14 13.33
CA GLN A 857 -17.05 6.26 13.97
C GLN A 857 -16.36 5.24 14.85
N MET A 858 -15.09 4.93 14.58
CA MET A 858 -14.36 4.02 15.44
C MET A 858 -14.04 4.66 16.78
N LEU A 859 -13.52 5.89 16.75
CA LEU A 859 -13.23 6.58 17.99
C LEU A 859 -14.50 6.83 18.78
N GLY A 860 -15.62 7.03 18.09
CA GLY A 860 -16.89 7.10 18.77
C GLY A 860 -17.29 5.78 19.39
N SER A 861 -17.13 4.69 18.64
CA SER A 861 -17.56 3.38 19.13
C SER A 861 -16.74 2.93 20.32
N LEU A 862 -15.43 3.15 20.27
CA LEU A 862 -14.63 3.07 21.48
C LEU A 862 -15.17 4.10 22.46
N GLY A 863 -15.36 3.70 23.70
CA GLY A 863 -15.92 4.59 24.69
C GLY A 863 -15.11 5.86 24.83
N GLY A 864 -15.69 6.80 25.57
CA GLY A 864 -14.98 8.04 25.78
C GLY A 864 -13.74 7.91 26.63
N GLN A 865 -13.60 6.82 27.36
CA GLN A 865 -12.47 6.61 28.24
C GLN A 865 -11.38 5.77 27.59
N ILE A 866 -11.52 5.48 26.30
CA ILE A 866 -10.52 4.76 25.55
C ILE A 866 -9.86 5.66 24.50
N ASN A 867 -10.66 6.44 23.77
CA ASN A 867 -10.13 7.24 22.68
C ASN A 867 -9.29 8.41 23.15
N LYS A 868 -9.24 8.71 24.44
CA LYS A 868 -8.31 9.73 24.91
C LYS A 868 -6.90 9.39 24.50
N ASN A 869 -6.63 8.11 24.27
CA ASN A 869 -5.30 7.67 23.87
C ASN A 869 -4.94 8.16 22.48
N LEU A 870 -5.91 8.64 21.70
CA LEU A 870 -5.62 9.06 20.35
C LEU A 870 -4.57 10.15 20.30
N LEU A 871 -4.37 10.87 21.41
CA LEU A 871 -3.46 12.00 21.46
C LEU A 871 -2.15 11.66 22.14
N THR A 872 -1.90 10.38 22.38
CA THR A 872 -0.74 9.95 23.17
C THR A 872 0.59 10.33 22.55
N VAL A 873 0.62 10.64 21.26
CA VAL A 873 1.87 10.86 20.53
C VAL A 873 2.76 11.92 21.18
N THR A 874 2.23 12.65 22.17
CA THR A 874 3.06 13.57 22.93
C THR A 874 4.23 12.84 23.59
N SER A 875 4.09 11.53 23.83
CA SER A 875 5.21 10.72 24.29
C SER A 875 5.88 9.92 23.18
N SER A 876 5.15 9.66 22.09
CA SER A 876 5.76 8.96 20.96
C SER A 876 6.82 9.82 20.28
N ASP A 877 6.40 10.96 19.73
CA ASP A 877 7.34 11.95 19.24
C ASP A 877 7.69 12.86 20.43
N GLU A 878 8.56 12.34 21.29
CA GLU A 878 8.95 13.09 22.46
C GLU A 878 9.96 14.18 22.14
N MET A 879 10.82 13.95 21.14
CA MET A 879 11.80 14.97 20.79
C MET A 879 11.19 16.11 19.98
N MET A 880 10.13 15.81 19.22
CA MET A 880 9.40 16.83 18.45
C MET A 880 10.32 17.61 17.52
N LYS A 881 10.90 16.88 16.55
CA LYS A 881 11.77 17.50 15.57
C LYS A 881 11.03 18.57 14.77
N SER A 882 9.72 18.41 14.62
CA SER A 882 8.95 19.27 13.74
C SER A 882 8.70 20.66 14.32
N TYR A 883 9.17 20.96 15.53
CA TYR A 883 8.91 22.25 16.14
C TYR A 883 10.09 22.84 16.91
N VAL A 884 11.32 22.46 16.58
CA VAL A 884 12.49 22.85 17.35
C VAL A 884 13.55 23.43 16.42
N ALA A 885 14.26 24.45 16.90
CA ALA A 885 15.29 25.10 16.10
C ALA A 885 16.42 24.13 15.78
N TRP A 886 16.83 24.15 14.51
CA TRP A 886 17.98 23.34 14.11
C TRP A 886 19.27 23.86 14.75
N ASP A 887 19.51 25.15 14.62
CA ASP A 887 20.68 25.79 15.21
C ASP A 887 20.24 27.04 15.96
N ARG A 888 20.84 27.26 17.12
CA ARG A 888 20.49 28.40 17.97
C ARG A 888 21.06 29.71 17.47
N GLU A 889 21.58 29.74 16.25
CA GLU A 889 22.03 30.97 15.60
C GLU A 889 21.45 31.00 14.19
N LYS A 890 21.81 32.02 13.44
CA LYS A 890 21.48 32.12 12.03
C LYS A 890 22.77 32.21 11.23
N ARG A 891 22.99 31.26 10.33
CA ARG A 891 24.25 31.15 9.61
C ARG A 891 24.14 31.45 8.13
N LEU A 892 23.05 31.05 7.47
CA LEU A 892 22.92 31.22 6.03
C LEU A 892 22.29 32.58 5.73
N SER A 893 23.11 33.62 5.88
CA SER A 893 22.66 34.99 5.68
C SER A 893 22.82 35.35 4.21
N PHE A 894 21.87 34.90 3.40
CA PHE A 894 21.84 35.22 1.98
C PHE A 894 21.47 36.69 1.80
N ALA A 895 22.20 37.39 0.94
CA ALA A 895 22.01 38.83 0.77
C ALA A 895 21.39 39.08 -0.59
N VAL A 896 20.06 39.13 -0.63
CA VAL A 896 19.33 39.19 -1.90
C VAL A 896 19.74 40.45 -2.66
N PRO A 897 20.07 40.35 -3.94
CA PRO A 897 20.56 41.52 -4.66
C PRO A 897 19.43 42.33 -5.29
N PHE A 898 19.28 43.58 -4.87
CA PHE A 898 18.41 44.54 -5.52
C PHE A 898 19.28 45.63 -6.15
N ARG A 899 18.62 46.63 -6.72
CA ARG A 899 19.35 47.67 -7.44
C ARG A 899 20.28 48.44 -6.51
N GLU A 900 19.80 48.82 -5.33
CA GLU A 900 20.54 49.74 -4.47
C GLU A 900 20.66 49.22 -3.05
N MET A 901 19.67 48.46 -2.60
CA MET A 901 19.60 47.95 -1.24
C MET A 901 19.68 46.44 -1.28
N LYS A 902 20.24 45.85 -0.23
CA LYS A 902 20.43 44.40 -0.18
C LYS A 902 19.95 43.89 1.17
N PRO A 903 18.71 43.40 1.23
CA PRO A 903 18.21 42.85 2.48
C PRO A 903 18.58 41.38 2.62
N VAL A 904 18.98 41.01 3.82
CA VAL A 904 19.49 39.67 4.08
C VAL A 904 18.33 38.77 4.49
N ILE A 905 18.06 37.78 3.70
CA ILE A 905 17.25 36.65 4.11
C ILE A 905 18.14 35.75 4.94
N PHE A 906 17.56 35.03 5.89
CA PHE A 906 18.28 33.98 6.60
C PHE A 906 17.71 32.65 6.14
N LEU A 907 18.47 31.92 5.34
CA LEU A 907 17.98 30.71 4.71
C LEU A 907 17.80 29.56 5.69
N ASP A 908 18.21 29.72 6.94
CA ASP A 908 17.99 28.65 7.92
C ASP A 908 16.51 28.36 8.09
N VAL A 909 15.65 29.37 7.91
CA VAL A 909 14.24 29.20 8.20
C VAL A 909 13.55 28.31 7.19
N PHE A 910 14.13 28.13 6.00
CA PHE A 910 13.50 27.30 4.99
C PHE A 910 13.98 25.87 5.03
N LEU A 911 15.07 25.57 5.71
CA LEU A 911 15.60 24.20 5.70
C LEU A 911 14.64 23.20 6.33
N PRO A 912 14.12 23.41 7.53
CA PRO A 912 13.22 22.39 8.12
C PRO A 912 12.01 22.11 7.27
N ARG A 913 11.55 23.05 6.48
CA ARG A 913 10.38 22.79 5.65
C ARG A 913 10.77 22.20 4.31
N VAL A 914 11.86 22.70 3.72
CA VAL A 914 12.25 22.28 2.38
C VAL A 914 12.76 20.85 2.40
N THR A 915 13.54 20.47 3.42
CA THR A 915 14.01 19.10 3.49
C THR A 915 12.85 18.13 3.63
N GLU A 916 11.88 18.47 4.48
CA GLU A 916 10.71 17.61 4.63
C GLU A 916 9.94 17.52 3.33
N LEU A 917 9.79 18.65 2.63
CA LEU A 917 9.07 18.65 1.36
C LEU A 917 9.79 17.80 0.32
N ALA A 918 11.12 17.90 0.26
CA ALA A 918 11.88 17.09 -0.69
C ALA A 918 11.78 15.62 -0.36
N LEU A 919 11.84 15.27 0.92
CA LEU A 919 11.84 13.86 1.29
C LEU A 919 10.48 13.23 1.03
N THR A 920 9.41 13.87 1.49
CA THR A 920 8.09 13.24 1.48
C THR A 920 7.01 14.09 0.83
N ALA A 921 7.34 14.86 -0.20
CA ALA A 921 6.34 15.65 -0.89
C ALA A 921 5.71 14.85 -2.01
N SER A 922 4.46 15.15 -2.29
CA SER A 922 3.71 14.48 -3.34
C SER A 922 3.63 15.39 -4.57
N ASP A 923 2.85 14.95 -5.56
CA ASP A 923 2.59 15.67 -6.80
C ASP A 923 3.81 15.66 -7.71
N ARG A 924 4.93 15.13 -7.22
CA ARG A 924 6.10 14.79 -8.02
C ARG A 924 6.78 16.04 -8.59
N GLN A 925 6.14 17.19 -8.42
CA GLN A 925 6.65 18.45 -8.96
C GLN A 925 7.14 19.37 -7.86
N THR A 926 6.37 19.51 -6.79
CA THR A 926 6.88 20.15 -5.59
C THR A 926 8.12 19.41 -5.10
N LYS A 927 8.11 18.08 -5.19
CA LYS A 927 9.29 17.32 -4.79
C LYS A 927 10.49 17.70 -5.64
N VAL A 928 10.31 17.80 -6.95
CA VAL A 928 11.41 18.17 -7.83
C VAL A 928 11.93 19.55 -7.45
N ALA A 929 11.03 20.52 -7.33
CA ALA A 929 11.44 21.90 -7.05
C ALA A 929 12.16 21.98 -5.72
N ALA A 930 11.64 21.30 -4.70
CA ALA A 930 12.28 21.31 -3.40
C ALA A 930 13.65 20.65 -3.48
N CYS A 931 13.80 19.62 -4.30
CA CYS A 931 15.11 18.98 -4.43
C CYS A 931 16.14 19.93 -5.02
N GLU A 932 15.77 20.66 -6.08
CA GLU A 932 16.72 21.64 -6.61
C GLU A 932 17.03 22.72 -5.58
N LEU A 933 16.01 23.18 -4.86
CA LEU A 933 16.27 24.21 -3.88
C LEU A 933 17.20 23.71 -2.79
N LEU A 934 17.00 22.48 -2.33
CA LEU A 934 17.85 21.94 -1.28
C LEU A 934 19.27 21.77 -1.78
N HIS A 935 19.43 21.33 -3.03
CA HIS A 935 20.75 21.24 -3.64
C HIS A 935 21.43 22.60 -3.64
N SER A 936 20.68 23.64 -4.05
CA SER A 936 21.24 24.97 -4.11
C SER A 936 21.64 25.46 -2.72
N MET A 937 20.81 25.21 -1.71
CA MET A 937 21.15 25.62 -0.35
C MET A 937 22.36 24.86 0.17
N VAL A 938 22.48 23.58 -0.17
CA VAL A 938 23.63 22.81 0.32
C VAL A 938 24.91 23.34 -0.29
N MET A 939 24.93 23.52 -1.61
CA MET A 939 26.09 24.11 -2.25
C MET A 939 26.37 25.50 -1.68
N PHE A 940 25.31 26.22 -1.34
CA PHE A 940 25.47 27.53 -0.72
C PHE A 940 26.19 27.42 0.61
N MET A 941 25.80 26.44 1.43
CA MET A 941 26.48 26.24 2.72
C MET A 941 27.95 25.97 2.51
N LEU A 942 28.25 25.05 1.59
CA LEU A 942 29.63 24.66 1.36
C LEU A 942 30.46 25.86 0.92
N GLY A 943 29.92 26.64 -0.02
CA GLY A 943 30.65 27.82 -0.47
C GLY A 943 30.81 28.85 0.64
N LYS A 944 29.76 29.04 1.45
CA LYS A 944 29.84 29.98 2.56
C LYS A 944 30.90 29.58 3.56
N ALA A 945 31.18 28.27 3.66
CA ALA A 945 32.16 27.80 4.63
C ALA A 945 33.54 28.41 4.40
N THR A 946 33.96 28.51 3.14
CA THR A 946 35.32 28.95 2.83
C THR A 946 35.33 30.36 2.27
N GLN A 947 34.48 31.23 2.82
CA GLN A 947 34.35 32.59 2.36
C GLN A 947 35.08 33.61 3.22
N MET A 948 35.39 33.26 4.46
CA MET A 948 36.10 34.16 5.36
C MET A 948 36.77 33.40 6.49
N GLY A 954 36.68 34.32 9.62
CA GLY A 954 35.65 34.24 10.64
C GLY A 954 34.37 33.57 10.16
N ALA A 955 34.52 32.45 9.47
CA ALA A 955 33.36 31.71 8.98
C ALA A 955 32.58 31.10 10.14
N PRO A 956 31.25 31.05 10.04
CA PRO A 956 30.47 30.45 11.11
C PRO A 956 30.74 28.96 11.21
N PRO A 957 30.73 28.39 12.41
CA PRO A 957 30.80 26.93 12.50
C PRO A 957 29.45 26.32 12.19
N MET A 958 29.29 25.79 10.99
CA MET A 958 28.02 25.25 10.55
C MET A 958 27.90 23.77 10.86
N TYR A 959 28.74 23.26 11.76
CA TYR A 959 28.70 21.86 12.12
C TYR A 959 27.29 21.43 12.53
N GLN A 960 26.57 22.29 13.24
CA GLN A 960 25.19 21.98 13.59
C GLN A 960 24.29 21.90 12.38
N LEU A 961 24.66 22.52 11.28
CA LEU A 961 23.85 22.41 10.07
C LEU A 961 24.23 21.17 9.28
N TYR A 962 25.52 20.88 9.22
CA TYR A 962 25.96 19.64 8.58
C TYR A 962 25.32 18.45 9.26
N LYS A 963 25.39 18.39 10.59
CA LYS A 963 24.91 17.24 11.33
C LYS A 963 23.47 16.92 11.00
N ARG A 964 22.66 17.94 10.77
CA ARG A 964 21.24 17.75 10.57
C ARG A 964 20.84 17.77 9.11
N THR A 965 21.75 18.13 8.22
CA THR A 965 21.47 18.09 6.79
C THR A 965 21.93 16.79 6.14
N PHE A 966 23.12 16.30 6.51
CA PHE A 966 23.65 15.11 5.87
C PHE A 966 22.71 13.91 5.90
N PRO A 967 22.00 13.63 6.98
CA PRO A 967 20.98 12.58 6.89
C PRO A 967 20.03 12.78 5.75
N VAL A 968 19.67 14.02 5.44
CA VAL A 968 18.71 14.26 4.37
C VAL A 968 19.33 13.98 3.01
N LEU A 969 20.56 14.43 2.80
CA LEU A 969 21.23 14.13 1.55
C LEU A 969 21.38 12.63 1.35
N LEU A 970 21.74 11.91 2.42
CA LEU A 970 21.85 10.46 2.30
C LEU A 970 20.51 9.83 1.98
N ARG A 971 19.44 10.27 2.63
CA ARG A 971 18.15 9.66 2.36
C ARG A 971 17.59 10.04 1.02
N LEU A 972 18.13 11.08 0.39
CA LEU A 972 17.69 11.46 -0.95
C LEU A 972 18.53 10.79 -2.03
N ALA A 973 19.83 10.64 -1.78
CA ALA A 973 20.71 10.05 -2.76
C ALA A 973 20.33 8.63 -3.10
N CYS A 974 19.56 7.98 -2.24
CA CYS A 974 19.12 6.61 -2.44
C CYS A 974 17.60 6.53 -2.51
N ASP A 975 16.96 7.60 -2.98
CA ASP A 975 15.52 7.63 -3.03
C ASP A 975 14.99 6.79 -4.19
N VAL A 976 13.69 6.50 -4.14
CA VAL A 976 13.06 5.72 -5.19
C VAL A 976 12.92 6.53 -6.48
N ASP A 977 12.99 7.85 -6.39
CA ASP A 977 12.79 8.66 -7.58
C ASP A 977 14.09 8.81 -8.37
N GLN A 978 14.01 8.51 -9.67
CA GLN A 978 15.21 8.49 -10.50
C GLN A 978 15.87 9.86 -10.55
N VAL A 979 15.09 10.91 -10.77
CA VAL A 979 15.68 12.24 -10.92
C VAL A 979 16.30 12.71 -9.61
N THR A 980 15.62 12.47 -8.50
CA THR A 980 16.16 12.83 -7.19
C THR A 980 17.48 12.10 -6.94
N ARG A 981 17.49 10.81 -7.23
CA ARG A 981 18.70 10.01 -7.02
C ARG A 981 19.83 10.52 -7.89
N GLN A 982 19.54 10.86 -9.15
CA GLN A 982 20.58 11.36 -10.04
C GLN A 982 21.05 12.74 -9.62
N LEU A 983 20.20 13.52 -8.95
CA LEU A 983 20.65 14.78 -8.37
C LEU A 983 21.63 14.56 -7.23
N TYR A 984 21.28 13.70 -6.28
CA TYR A 984 22.01 13.72 -5.02
C TYR A 984 23.12 12.68 -4.92
N GLU A 985 23.04 11.57 -5.64
CA GLU A 985 24.14 10.60 -5.59
C GLU A 985 25.46 11.22 -6.02
N PRO A 986 25.56 11.89 -7.16
CA PRO A 986 26.80 12.64 -7.43
C PRO A 986 27.06 13.70 -6.40
N LEU A 987 26.01 14.29 -5.83
CA LEU A 987 26.23 15.31 -4.81
C LEU A 987 26.96 14.72 -3.62
N VAL A 988 26.42 13.63 -3.05
CA VAL A 988 27.04 13.07 -1.84
C VAL A 988 28.41 12.52 -2.15
N MET A 989 28.60 11.95 -3.34
CA MET A 989 29.93 11.49 -3.70
C MET A 989 30.90 12.67 -3.77
N GLN A 990 30.45 13.80 -4.27
CA GLN A 990 31.31 14.98 -4.29
C GLN A 990 31.61 15.48 -2.90
N LEU A 991 30.61 15.45 -2.02
CA LEU A 991 30.86 15.82 -0.63
C LEU A 991 31.94 14.93 -0.02
N ILE A 992 31.92 13.65 -0.33
CA ILE A 992 32.95 12.78 0.23
C ILE A 992 34.30 13.08 -0.40
N HIS A 993 34.33 13.29 -1.72
CA HIS A 993 35.56 13.71 -2.39
C HIS A 993 36.16 14.94 -1.74
N TRP A 994 35.32 15.92 -1.43
CA TRP A 994 35.81 17.22 -0.97
C TRP A 994 36.14 17.18 0.52
N PHE A 995 35.21 16.71 1.35
CA PHE A 995 35.43 16.69 2.78
C PHE A 995 36.60 15.78 3.13
N THR A 996 36.74 14.66 2.45
CA THR A 996 37.78 13.70 2.74
C THR A 996 39.16 14.22 2.32
N ASN A 997 39.21 15.44 1.81
CA ASN A 997 40.47 16.05 1.43
C ASN A 997 41.35 16.26 2.66
N ASN A 998 42.59 16.67 2.40
CA ASN A 998 43.49 17.03 3.48
C ASN A 998 43.09 18.35 4.12
N LYS A 999 42.34 19.18 3.40
CA LYS A 999 41.92 20.46 3.94
C LYS A 999 40.98 20.31 5.12
N LYS A 1000 40.31 19.17 5.26
CA LYS A 1000 39.26 19.00 6.25
C LYS A 1000 39.51 17.77 7.12
N PHE A 1001 40.15 17.98 8.27
CA PHE A 1001 40.20 17.00 9.36
C PHE A 1001 39.45 17.49 10.60
N GLU A 1002 38.70 18.58 10.50
CA GLU A 1002 38.13 19.20 11.69
C GLU A 1002 36.82 18.53 12.08
N SER A 1003 36.26 19.00 13.19
CA SER A 1003 35.01 18.44 13.71
C SER A 1003 33.88 18.58 12.71
N GLN A 1004 34.01 19.47 11.74
CA GLN A 1004 33.04 19.58 10.67
C GLN A 1004 33.22 18.49 9.62
N ASP A 1005 34.39 17.86 9.56
CA ASP A 1005 34.65 16.80 8.59
C ASP A 1005 33.84 15.55 8.88
N THR A 1006 33.23 15.44 10.05
CA THR A 1006 32.51 14.24 10.44
C THR A 1006 31.19 14.16 9.67
N VAL A 1007 31.32 13.79 8.39
CA VAL A 1007 30.29 13.07 7.67
C VAL A 1007 30.43 11.57 7.91
N ALA A 1008 31.53 11.14 8.51
CA ALA A 1008 31.70 9.74 8.87
C ALA A 1008 30.63 9.30 9.85
N LEU A 1009 30.44 10.05 10.92
CA LEU A 1009 29.36 9.67 11.83
C LEU A 1009 27.99 9.94 11.25
N LEU A 1010 27.88 10.50 10.06
CA LEU A 1010 26.56 10.63 9.48
C LEU A 1010 26.29 9.52 8.48
N GLU A 1011 27.34 8.87 8.00
CA GLU A 1011 27.23 7.64 7.23
C GLU A 1011 27.05 6.45 8.16
N ALA A 1012 27.97 6.28 9.10
CA ALA A 1012 27.99 5.12 9.98
C ALA A 1012 26.79 5.10 10.93
N ILE A 1013 26.07 6.21 11.09
CA ILE A 1013 24.83 6.16 11.84
C ILE A 1013 23.64 5.96 10.90
N LEU A 1014 23.83 6.09 9.60
CA LEU A 1014 22.85 5.59 8.65
C LEU A 1014 23.28 4.26 8.06
N ASP A 1015 24.43 3.75 8.48
CA ASP A 1015 24.80 2.37 8.20
C ASP A 1015 24.32 1.43 9.29
N GLY A 1016 24.09 1.94 10.49
CA GLY A 1016 23.66 1.13 11.60
C GLY A 1016 22.16 0.97 11.63
N ILE A 1017 21.55 1.35 12.75
CA ILE A 1017 20.25 0.82 13.17
C ILE A 1017 19.14 1.15 12.18
N VAL A 1018 19.46 1.83 11.09
CA VAL A 1018 18.38 2.42 10.34
C VAL A 1018 17.77 1.38 9.42
N ASP A 1019 17.00 0.50 10.02
CA ASP A 1019 16.02 -0.33 9.36
C ASP A 1019 14.67 0.36 9.06
N PRO A 1020 14.16 1.28 9.92
CA PRO A 1020 12.73 1.59 9.82
C PRO A 1020 12.36 2.44 8.61
N VAL A 1021 13.20 3.42 8.27
CA VAL A 1021 12.97 4.18 7.04
C VAL A 1021 13.04 3.26 5.84
N ASP A 1022 14.13 2.50 5.72
CA ASP A 1022 14.37 1.50 4.70
C ASP A 1022 15.75 0.89 4.92
N SER A 1023 15.99 -0.23 4.24
CA SER A 1023 17.32 -0.82 4.14
C SER A 1023 18.05 -0.41 2.88
N THR A 1024 17.35 0.22 1.93
CA THR A 1024 18.02 0.82 0.79
C THR A 1024 19.08 1.80 1.27
N LEU A 1025 18.78 2.54 2.33
CA LEU A 1025 19.74 3.48 2.86
C LEU A 1025 20.96 2.78 3.42
N ARG A 1026 20.77 1.66 4.12
CA ARG A 1026 21.92 0.94 4.64
C ARG A 1026 22.79 0.45 3.50
N ASP A 1027 22.17 -0.12 2.47
CA ASP A 1027 22.93 -0.62 1.34
C ASP A 1027 23.73 0.50 0.68
N PHE A 1028 23.11 1.66 0.50
CA PHE A 1028 23.79 2.79 -0.11
C PHE A 1028 24.92 3.31 0.78
N CYS A 1029 24.69 3.38 2.09
CA CYS A 1029 25.74 3.83 2.98
C CYS A 1029 26.93 2.89 2.96
N GLY A 1030 26.71 1.62 2.61
CA GLY A 1030 27.85 0.76 2.33
C GLY A 1030 28.73 1.32 1.22
N ARG A 1031 28.11 1.72 0.11
CA ARG A 1031 28.88 2.29 -0.98
C ARG A 1031 29.55 3.58 -0.57
N CYS A 1032 28.86 4.38 0.23
CA CYS A 1032 29.41 5.65 0.68
C CYS A 1032 30.65 5.44 1.54
N ILE A 1033 30.62 4.48 2.45
CA ILE A 1033 31.80 4.25 3.27
C ILE A 1033 32.92 3.64 2.43
N ARG A 1034 32.58 2.86 1.41
CA ARG A 1034 33.59 2.42 0.46
C ARG A 1034 34.30 3.60 -0.19
N GLU A 1035 33.52 4.55 -0.73
CA GLU A 1035 34.09 5.74 -1.36
C GLU A 1035 34.89 6.56 -0.38
N PHE A 1036 34.40 6.66 0.85
CA PHE A 1036 35.09 7.44 1.86
C PHE A 1036 36.47 6.86 2.11
N LEU A 1037 36.56 5.55 2.29
CA LEU A 1037 37.86 4.93 2.49
C LEU A 1037 38.74 5.09 1.27
N LYS A 1038 38.17 4.90 0.08
CA LYS A 1038 38.93 5.03 -1.14
C LYS A 1038 39.62 6.39 -1.21
N TRP A 1039 38.85 7.45 -1.02
CA TRP A 1039 39.43 8.78 -1.18
C TRP A 1039 40.28 9.18 0.01
N SER A 1040 40.01 8.64 1.21
CA SER A 1040 40.91 8.88 2.32
C SER A 1040 42.29 8.32 2.03
N ILE A 1041 42.37 7.06 1.62
CA ILE A 1041 43.69 6.48 1.39
C ILE A 1041 44.30 7.02 0.11
N LYS A 1042 43.48 7.56 -0.80
CA LYS A 1042 44.07 8.17 -1.99
C LYS A 1042 44.70 9.53 -1.67
N GLN A 1043 44.02 10.35 -0.86
CA GLN A 1043 44.47 11.73 -0.66
C GLN A 1043 45.38 11.87 0.56
N ILE A 1044 44.88 11.48 1.74
CA ILE A 1044 45.58 11.80 2.98
C ILE A 1044 46.95 11.13 2.99
N THR A 1045 47.99 11.94 3.19
CA THR A 1045 49.36 11.43 3.22
C THR A 1045 49.68 10.80 4.57
N PRO A 1046 50.59 9.82 4.60
CA PRO A 1046 50.95 9.20 5.88
C PRO A 1046 51.50 10.16 6.92
N GLN A 1047 52.09 11.29 6.50
CA GLN A 1047 52.63 12.24 7.46
C GLN A 1047 51.53 12.78 8.38
N GLN A 1048 50.37 13.07 7.81
CA GLN A 1048 49.21 13.53 8.56
C GLN A 1048 48.23 12.40 8.87
N GLN A 1049 48.55 11.18 8.46
CA GLN A 1049 47.69 10.03 8.76
C GLN A 1049 47.64 9.75 10.26
N GLU A 1050 48.73 10.00 10.98
CA GLU A 1050 48.87 9.52 12.34
C GLU A 1050 47.94 10.22 13.32
N LYS A 1051 47.62 11.49 13.10
CA LYS A 1051 46.99 12.32 14.12
C LYS A 1051 45.53 12.64 13.84
N SER A 1052 45.07 12.50 12.62
CA SER A 1052 43.74 12.99 12.27
C SER A 1052 42.66 12.09 12.88
N PRO A 1053 41.50 12.65 13.22
CA PRO A 1053 40.36 11.83 13.65
C PRO A 1053 39.55 11.24 12.51
N VAL A 1054 40.06 11.22 11.29
CA VAL A 1054 39.30 10.67 10.18
C VAL A 1054 40.20 9.73 9.40
N ASN A 1055 41.34 9.35 9.98
CA ASN A 1055 42.26 8.50 9.28
C ASN A 1055 41.76 7.06 9.24
N THR A 1056 42.47 6.23 8.48
CA THR A 1056 42.02 4.87 8.23
C THR A 1056 41.92 4.08 9.53
N LYS A 1057 42.88 4.26 10.42
CA LYS A 1057 42.85 3.54 11.68
C LYS A 1057 41.59 3.88 12.46
N SER A 1058 41.25 5.16 12.53
CA SER A 1058 40.08 5.56 13.30
C SER A 1058 38.79 5.07 12.65
N LEU A 1059 38.73 5.09 11.33
CA LEU A 1059 37.55 4.53 10.66
C LEU A 1059 37.38 3.06 10.99
N PHE A 1060 38.49 2.31 10.95
CA PHE A 1060 38.41 0.89 11.27
C PHE A 1060 38.04 0.67 12.72
N LYS A 1061 38.54 1.51 13.63
CA LYS A 1061 38.14 1.38 15.02
C LYS A 1061 36.65 1.63 15.19
N ARG A 1062 36.11 2.58 14.44
CA ARG A 1062 34.66 2.78 14.46
C ARG A 1062 33.96 1.51 14.01
N LEU A 1063 34.44 0.91 12.93
CA LEU A 1063 33.78 -0.29 12.43
C LEU A 1063 33.83 -1.42 13.45
N TYR A 1064 34.96 -1.58 14.12
CA TYR A 1064 35.07 -2.65 15.11
C TYR A 1064 34.13 -2.42 16.27
N SER A 1065 34.13 -1.20 16.80
CA SER A 1065 33.25 -0.91 17.93
C SER A 1065 31.80 -1.12 17.57
N LEU A 1066 31.43 -0.90 16.30
CA LEU A 1066 30.10 -1.29 15.88
C LEU A 1066 29.94 -2.80 15.88
N ALA A 1067 30.88 -3.51 15.26
CA ALA A 1067 30.74 -4.95 15.07
C ALA A 1067 30.64 -5.71 16.37
N LEU A 1068 31.15 -5.15 17.46
CA LEU A 1068 31.01 -5.81 18.75
C LEU A 1068 29.83 -5.30 19.56
N HIS A 1069 29.00 -4.45 19.00
CA HIS A 1069 27.85 -3.96 19.72
C HIS A 1069 26.84 -5.07 19.91
N PRO A 1070 26.36 -5.30 21.13
CA PRO A 1070 25.30 -6.31 21.33
C PRO A 1070 24.01 -6.02 20.59
N ASN A 1071 23.90 -4.92 19.85
CA ASN A 1071 22.72 -4.72 19.05
C ASN A 1071 22.79 -5.57 17.79
N ALA A 1072 21.62 -5.83 17.21
CA ALA A 1072 21.53 -6.69 16.05
C ALA A 1072 21.66 -5.94 14.74
N PHE A 1073 21.66 -4.61 14.77
CA PHE A 1073 21.83 -3.80 13.57
C PHE A 1073 23.06 -2.96 13.58
N LYS A 1074 23.79 -2.91 14.68
CA LYS A 1074 25.13 -2.35 14.68
C LYS A 1074 26.16 -3.41 14.39
N ARG A 1075 25.73 -4.66 14.22
CA ARG A 1075 26.58 -5.73 13.75
C ARG A 1075 26.39 -6.00 12.27
N LEU A 1076 25.13 -6.07 11.84
CA LEU A 1076 24.84 -6.09 10.41
C LEU A 1076 25.47 -4.90 9.72
N GLY A 1077 25.38 -3.73 10.34
CA GLY A 1077 25.97 -2.55 9.75
C GLY A 1077 27.48 -2.59 9.67
N ALA A 1078 28.14 -3.06 10.71
CA ALA A 1078 29.58 -3.07 10.69
C ALA A 1078 30.16 -4.22 9.88
N SER A 1079 29.35 -5.23 9.55
CA SER A 1079 29.80 -6.23 8.60
C SER A 1079 29.52 -5.81 7.18
N LEU A 1080 28.43 -5.07 6.96
CA LEU A 1080 28.09 -4.54 5.67
C LEU A 1080 29.12 -3.55 5.18
N ALA A 1081 29.96 -3.03 6.06
CA ALA A 1081 31.00 -2.10 5.65
C ALA A 1081 32.28 -2.80 5.24
N PHE A 1082 32.62 -3.93 5.87
CA PHE A 1082 33.76 -4.66 5.38
C PHE A 1082 33.43 -5.48 4.15
N ASN A 1083 32.19 -5.94 4.00
CA ASN A 1083 31.78 -6.49 2.72
C ASN A 1083 31.94 -5.50 1.58
N ASN A 1084 32.22 -4.24 1.88
CA ASN A 1084 32.36 -3.18 0.90
C ASN A 1084 33.78 -2.66 0.75
N ILE A 1085 34.50 -2.49 1.85
CA ILE A 1085 35.80 -1.86 1.80
C ILE A 1085 36.93 -2.88 1.66
N TYR A 1086 36.60 -4.12 1.31
CA TYR A 1086 37.63 -4.91 0.68
C TYR A 1086 37.73 -4.46 -0.77
N ARG A 1087 38.85 -4.80 -1.42
CA ARG A 1087 39.39 -4.18 -2.63
C ARG A 1087 40.06 -2.88 -2.30
N GLU A 1088 39.92 -2.38 -1.09
CA GLU A 1088 40.65 -1.22 -0.62
C GLU A 1088 41.42 -1.54 0.64
N PHE A 1089 40.88 -2.42 1.47
CA PHE A 1089 41.68 -3.05 2.50
C PHE A 1089 42.56 -4.14 1.91
N ARG A 1090 42.29 -4.55 0.67
CA ARG A 1090 43.10 -5.57 0.02
C ARG A 1090 44.38 -4.98 -0.56
N GLU A 1091 44.25 -3.92 -1.35
CA GLU A 1091 45.38 -3.43 -2.15
C GLU A 1091 46.49 -2.87 -1.27
N GLU A 1092 46.15 -2.18 -0.20
CA GLU A 1092 47.16 -1.54 0.62
C GLU A 1092 47.82 -2.58 1.52
N GLU A 1093 49.10 -2.87 1.24
CA GLU A 1093 49.80 -3.86 2.04
C GLU A 1093 49.99 -3.38 3.47
N SER A 1094 50.27 -2.09 3.65
CA SER A 1094 50.40 -1.55 5.00
C SER A 1094 49.11 -1.73 5.78
N LEU A 1095 47.96 -1.70 5.10
CA LEU A 1095 46.71 -2.02 5.77
C LEU A 1095 46.62 -3.50 6.10
N VAL A 1096 46.70 -4.36 5.09
CA VAL A 1096 46.34 -5.75 5.29
C VAL A 1096 47.34 -6.43 6.23
N GLU A 1097 48.63 -6.24 6.00
CA GLU A 1097 49.64 -6.91 6.82
C GLU A 1097 49.51 -6.55 8.29
N GLN A 1098 49.10 -5.32 8.57
CA GLN A 1098 49.01 -4.85 9.94
C GLN A 1098 47.65 -5.13 10.59
N PHE A 1099 46.60 -5.28 9.79
CA PHE A 1099 45.24 -5.25 10.31
C PHE A 1099 44.44 -6.52 10.07
N VAL A 1100 44.91 -7.45 9.23
CA VAL A 1100 44.01 -8.51 8.81
C VAL A 1100 43.74 -9.49 9.93
N PHE A 1101 44.73 -9.73 10.79
CA PHE A 1101 44.52 -10.62 11.93
C PHE A 1101 43.44 -10.07 12.84
N GLU A 1102 43.55 -8.78 13.17
CA GLU A 1102 42.56 -8.15 14.04
C GLU A 1102 41.19 -8.11 13.37
N ALA A 1103 41.14 -7.86 12.07
CA ALA A 1103 39.85 -7.83 11.38
C ALA A 1103 39.18 -9.19 11.40
N LEU A 1104 39.96 -10.24 11.14
CA LEU A 1104 39.45 -11.60 11.20
C LEU A 1104 38.89 -11.90 12.58
N VAL A 1105 39.66 -11.61 13.61
CA VAL A 1105 39.22 -11.93 14.96
C VAL A 1105 37.96 -11.16 15.31
N ILE A 1106 37.93 -9.87 14.94
CA ILE A 1106 36.77 -9.04 15.28
C ILE A 1106 35.52 -9.57 14.60
N TYR A 1107 35.61 -9.92 13.32
CA TYR A 1107 34.41 -10.41 12.67
C TYR A 1107 34.04 -11.81 13.13
N MET A 1108 35.02 -12.59 13.57
CA MET A 1108 34.70 -13.87 14.19
C MET A 1108 33.88 -13.66 15.44
N GLU A 1109 34.32 -12.76 16.31
CA GLU A 1109 33.55 -12.48 17.52
C GLU A 1109 32.21 -11.85 17.19
N SER A 1110 32.12 -11.10 16.10
CA SER A 1110 30.81 -10.59 15.71
C SER A 1110 29.89 -11.74 15.31
N LEU A 1111 30.42 -12.73 14.61
CA LEU A 1111 29.62 -13.91 14.30
C LEU A 1111 29.19 -14.61 15.58
N ALA A 1112 30.10 -14.71 16.55
CA ALA A 1112 29.76 -15.31 17.83
C ALA A 1112 28.60 -14.58 18.48
N LEU A 1113 28.68 -13.25 18.56
CA LEU A 1113 27.55 -12.46 19.05
C LEU A 1113 26.29 -12.78 18.29
N ALA A 1114 26.41 -13.04 16.99
CA ALA A 1114 25.23 -13.21 16.16
C ALA A 1114 24.41 -14.45 16.49
N HIS A 1115 24.80 -15.22 17.51
CA HIS A 1115 24.11 -16.47 17.81
C HIS A 1115 22.66 -16.23 18.18
N ALA A 1116 22.40 -15.33 19.11
CA ALA A 1116 21.04 -15.10 19.56
C ALA A 1116 20.16 -14.46 18.48
N ASP A 1117 20.75 -13.90 17.44
CA ASP A 1117 19.99 -13.10 16.48
C ASP A 1117 18.99 -13.96 15.74
N GLU A 1118 17.83 -13.38 15.43
CA GLU A 1118 16.85 -14.08 14.63
C GLU A 1118 17.45 -14.41 13.27
N LYS A 1119 17.18 -15.62 12.78
CA LYS A 1119 17.71 -16.04 11.49
C LYS A 1119 17.16 -15.21 10.34
N SER A 1120 16.05 -14.49 10.56
CA SER A 1120 15.50 -13.66 9.51
C SER A 1120 16.49 -12.57 9.10
N LEU A 1121 17.13 -11.92 10.06
CA LEU A 1121 18.05 -10.85 9.75
C LEU A 1121 19.23 -11.37 8.96
N GLY A 1122 19.82 -10.48 8.16
CA GLY A 1122 20.95 -10.88 7.36
C GLY A 1122 22.24 -10.83 8.14
N THR A 1123 22.14 -10.81 9.46
CA THR A 1123 23.34 -10.65 10.28
C THR A 1123 24.30 -11.81 10.09
N ILE A 1124 23.80 -13.04 10.23
CA ILE A 1124 24.68 -14.20 10.15
C ILE A 1124 25.28 -14.30 8.76
N GLN A 1125 24.45 -14.10 7.74
CA GLN A 1125 24.95 -14.22 6.38
C GLN A 1125 26.00 -13.17 6.06
N GLN A 1126 25.75 -11.92 6.46
CA GLN A 1126 26.71 -10.87 6.18
C GLN A 1126 28.02 -11.08 6.92
N CYS A 1127 27.95 -11.47 8.19
CA CYS A 1127 29.18 -11.75 8.92
C CYS A 1127 29.94 -12.89 8.28
N CYS A 1128 29.24 -13.93 7.84
CA CYS A 1128 29.89 -15.04 7.17
C CYS A 1128 30.58 -14.58 5.90
N ASP A 1129 29.91 -13.71 5.12
CA ASP A 1129 30.52 -13.23 3.89
C ASP A 1129 31.79 -12.43 4.18
N ALA A 1130 31.75 -11.59 5.21
CA ALA A 1130 32.95 -10.82 5.52
C ALA A 1130 34.06 -11.74 6.00
N ILE A 1131 33.71 -12.80 6.73
CA ILE A 1131 34.73 -13.77 7.14
C ILE A 1131 35.33 -14.45 5.92
N ASP A 1132 34.49 -14.79 4.95
CA ASP A 1132 35.00 -15.44 3.75
C ASP A 1132 35.92 -14.52 2.98
N HIS A 1133 35.55 -13.25 2.83
CA HIS A 1133 36.42 -12.31 2.13
C HIS A 1133 37.75 -12.18 2.85
N LEU A 1134 37.70 -12.09 4.17
CA LEU A 1134 38.94 -12.02 4.94
C LEU A 1134 39.79 -13.26 4.69
N CYS A 1135 39.19 -14.45 4.83
CA CYS A 1135 39.99 -15.66 4.69
C CYS A 1135 40.53 -15.80 3.29
N ARG A 1136 39.83 -15.29 2.28
CA ARG A 1136 40.42 -15.31 0.94
C ARG A 1136 41.61 -14.37 0.85
N ILE A 1137 41.54 -13.22 1.51
CA ILE A 1137 42.71 -12.34 1.58
C ILE A 1137 43.89 -13.09 2.19
N ILE A 1138 43.66 -13.79 3.30
CA ILE A 1138 44.76 -14.51 3.93
C ILE A 1138 45.25 -15.66 3.05
N GLU A 1139 44.33 -16.42 2.45
CA GLU A 1139 44.78 -17.55 1.66
C GLU A 1139 45.52 -17.09 0.41
N LYS A 1140 45.35 -15.84 0.00
CA LYS A 1140 46.16 -15.32 -1.09
C LYS A 1140 47.46 -14.69 -0.63
N LYS A 1141 47.51 -14.14 0.58
CA LYS A 1141 48.70 -13.46 1.07
C LYS A 1141 49.41 -14.24 2.18
N HIS A 1142 49.19 -15.55 2.26
CA HIS A 1142 49.87 -16.31 3.30
C HIS A 1142 51.37 -16.22 3.18
N VAL A 1143 51.91 -16.09 1.97
CA VAL A 1143 53.35 -15.90 1.82
C VAL A 1143 53.81 -14.65 2.56
N SER A 1144 53.01 -13.59 2.52
CA SER A 1144 53.30 -12.42 3.33
C SER A 1144 53.15 -12.72 4.81
N LEU A 1145 52.13 -13.49 5.18
CA LEU A 1145 51.74 -13.63 6.57
C LEU A 1145 52.40 -14.81 7.30
N ASN A 1146 53.34 -15.53 6.67
CA ASN A 1146 53.91 -16.69 7.34
C ASN A 1146 54.85 -16.36 8.48
N LYS A 1147 55.22 -15.08 8.66
CA LYS A 1147 56.22 -14.70 9.65
C LYS A 1147 55.56 -14.09 10.87
N ALA A 1148 56.30 -14.07 11.98
CA ALA A 1148 55.86 -13.38 13.18
C ALA A 1148 56.56 -12.03 13.28
N LYS A 1149 55.78 -10.97 13.32
CA LYS A 1149 56.33 -9.62 13.43
C LYS A 1149 55.41 -8.81 14.33
N LYS A 1150 55.60 -7.49 14.34
CA LYS A 1150 54.72 -6.61 15.09
C LYS A 1150 53.47 -6.34 14.27
N ARG A 1151 52.32 -6.75 14.82
CA ARG A 1151 51.03 -6.52 14.19
C ARG A 1151 50.03 -6.14 15.26
N ARG A 1152 48.86 -5.68 14.84
CA ARG A 1152 47.88 -5.20 15.80
C ARG A 1152 47.25 -6.36 16.54
N LEU A 1153 47.28 -6.31 17.86
CA LEU A 1153 46.89 -7.44 18.68
C LEU A 1153 45.38 -7.51 18.79
N PRO A 1154 44.75 -8.60 18.35
CA PRO A 1154 43.31 -8.74 18.54
C PRO A 1154 42.96 -8.95 20.00
N ARG A 1155 41.70 -8.69 20.33
CA ARG A 1155 41.29 -8.78 21.72
C ARG A 1155 41.42 -10.22 22.22
N GLY A 1156 41.42 -10.38 23.53
CA GLY A 1156 41.56 -11.69 24.12
C GLY A 1156 42.88 -12.38 23.85
N PHE A 1157 43.96 -11.61 23.70
CA PHE A 1157 45.31 -12.15 23.53
C PHE A 1157 46.19 -11.66 24.67
N PRO A 1158 46.38 -12.48 25.70
CA PRO A 1158 47.39 -12.17 26.72
C PRO A 1158 48.78 -11.99 26.12
N PRO A 1159 49.17 -12.77 25.10
CA PRO A 1159 50.45 -12.49 24.44
C PRO A 1159 50.48 -11.06 23.91
N SER A 1160 51.65 -10.43 24.04
CA SER A 1160 51.78 -9.04 23.67
C SER A 1160 53.10 -8.75 22.96
N ALA A 1161 53.62 -9.73 22.22
CA ALA A 1161 54.92 -9.60 21.57
C ALA A 1161 54.82 -9.57 20.06
N SER A 1162 54.25 -10.61 19.45
CA SER A 1162 54.21 -10.69 18.00
C SER A 1162 53.06 -11.58 17.58
N LEU A 1163 52.71 -11.50 16.29
CA LEU A 1163 51.62 -12.25 15.72
C LEU A 1163 52.08 -12.99 14.47
N CYS A 1164 51.57 -14.21 14.30
CA CYS A 1164 51.90 -15.02 13.14
C CYS A 1164 50.69 -15.89 12.80
N LEU A 1165 50.67 -16.36 11.55
CA LEU A 1165 49.57 -17.20 11.09
C LEU A 1165 49.44 -18.45 11.95
N LEU A 1166 50.55 -19.00 12.45
CA LEU A 1166 50.46 -20.13 13.36
C LEU A 1166 49.77 -19.71 14.66
N ASP A 1167 50.04 -18.51 15.13
CA ASP A 1167 49.32 -18.02 16.31
C ASP A 1167 47.83 -17.91 16.04
N LEU A 1168 47.47 -17.44 14.85
CA LEU A 1168 46.07 -17.34 14.47
C LEU A 1168 45.41 -18.71 14.44
N VAL A 1169 46.09 -19.70 13.84
CA VAL A 1169 45.55 -21.05 13.78
C VAL A 1169 45.41 -21.63 15.17
N LYS A 1170 46.40 -21.41 16.02
CA LYS A 1170 46.33 -21.85 17.41
C LYS A 1170 45.10 -21.26 18.08
N TRP A 1171 44.85 -19.96 17.86
CA TRP A 1171 43.68 -19.34 18.45
C TRP A 1171 42.39 -19.98 17.94
N LEU A 1172 42.32 -20.21 16.62
CA LEU A 1172 41.14 -20.83 16.04
C LEU A 1172 40.87 -22.19 16.68
N LEU A 1173 41.89 -23.04 16.71
CA LEU A 1173 41.70 -24.36 17.30
C LEU A 1173 41.33 -24.24 18.77
N ALA A 1174 41.94 -23.29 19.48
CA ALA A 1174 41.61 -23.09 20.88
C ALA A 1174 40.14 -22.74 21.05
N HIS A 1175 39.55 -22.09 20.06
CA HIS A 1175 38.13 -21.75 20.10
C HIS A 1175 37.26 -22.61 19.20
N CYS A 1176 37.69 -23.84 18.90
CA CYS A 1176 36.82 -24.78 18.20
C CYS A 1176 35.80 -25.46 19.12
N GLY A 1177 35.54 -24.92 20.30
CA GLY A 1177 34.56 -25.54 21.17
C GLY A 1177 33.48 -24.57 21.59
N ARG A 1178 33.34 -23.47 20.87
CA ARG A 1178 32.47 -22.41 21.32
C ARG A 1178 31.02 -22.89 21.37
N PRO A 1179 30.27 -22.53 22.40
CA PRO A 1179 28.82 -22.77 22.39
C PRO A 1179 28.06 -22.00 21.32
N GLN A 1180 28.74 -21.28 20.43
CA GLN A 1180 28.08 -20.52 19.38
C GLN A 1180 28.24 -21.28 18.07
N THR A 1181 27.13 -21.75 17.51
CA THR A 1181 27.19 -22.79 16.48
C THR A 1181 27.85 -22.27 15.20
N GLU A 1182 27.37 -21.16 14.67
CA GLU A 1182 27.89 -20.68 13.40
C GLU A 1182 29.35 -20.29 13.51
N CYS A 1183 29.72 -19.66 14.61
CA CYS A 1183 31.12 -19.31 14.81
C CYS A 1183 31.98 -20.55 14.97
N ARG A 1184 31.45 -21.61 15.56
CA ARG A 1184 32.20 -22.86 15.68
C ARG A 1184 32.43 -23.47 14.30
N HIS A 1185 31.38 -23.52 13.49
CA HIS A 1185 31.53 -24.04 12.14
C HIS A 1185 32.60 -23.26 11.39
N LYS A 1186 32.53 -21.93 11.48
CA LYS A 1186 33.48 -21.11 10.75
C LYS A 1186 34.89 -21.31 11.27
N SER A 1187 35.04 -21.47 12.58
CA SER A 1187 36.37 -21.73 13.15
C SER A 1187 36.96 -23.00 12.56
N ILE A 1188 36.16 -24.07 12.52
CA ILE A 1188 36.65 -25.35 12.02
C ILE A 1188 37.01 -25.23 10.54
N GLU A 1189 36.12 -24.61 9.77
CA GLU A 1189 36.34 -24.48 8.33
C GLU A 1189 37.60 -23.69 8.03
N LEU A 1190 37.82 -22.58 8.73
CA LEU A 1190 39.03 -21.81 8.47
C LEU A 1190 40.27 -22.52 8.99
N PHE A 1191 40.16 -23.28 10.08
CA PHE A 1191 41.31 -24.07 10.51
C PHE A 1191 41.77 -25.00 9.41
N TYR A 1192 40.80 -25.71 8.80
CA TYR A 1192 41.13 -26.61 7.72
C TYR A 1192 41.61 -25.86 6.48
N LYS A 1193 41.15 -24.63 6.29
CA LYS A 1193 41.64 -23.87 5.14
C LYS A 1193 43.06 -23.37 5.35
N PHE A 1194 43.45 -23.12 6.61
CA PHE A 1194 44.72 -22.45 6.88
C PHE A 1194 45.86 -23.43 7.11
N VAL A 1195 45.64 -24.50 7.89
CA VAL A 1195 46.76 -25.36 8.28
C VAL A 1195 47.50 -25.94 7.09
N PRO A 1196 46.83 -26.45 6.04
CA PRO A 1196 47.58 -26.93 4.87
C PRO A 1196 48.38 -25.85 4.15
N LEU A 1197 48.41 -24.64 4.71
CA LEU A 1197 49.35 -23.63 4.26
C LEU A 1197 50.08 -22.98 5.44
N LEU A 1198 50.05 -23.62 6.61
CA LEU A 1198 50.91 -23.25 7.73
C LEU A 1198 52.37 -23.41 7.30
N PRO A 1199 53.34 -22.98 8.10
CA PRO A 1199 54.74 -23.17 7.68
C PRO A 1199 55.13 -24.61 7.46
N GLY A 1200 54.48 -25.56 8.13
CA GLY A 1200 54.79 -26.97 7.93
C GLY A 1200 54.29 -27.53 6.62
N ASN A 1201 53.26 -26.91 6.03
CA ASN A 1201 52.75 -27.28 4.72
C ASN A 1201 52.33 -28.74 4.66
N ARG A 1202 51.96 -29.29 5.81
CA ARG A 1202 51.63 -30.70 5.96
C ARG A 1202 50.15 -30.87 6.23
N SER A 1203 49.76 -32.09 6.55
CA SER A 1203 48.35 -32.35 6.78
C SER A 1203 47.92 -31.84 8.15
N PRO A 1204 46.64 -31.48 8.30
CA PRO A 1204 46.13 -31.18 9.64
C PRO A 1204 46.27 -32.34 10.60
N ASN A 1205 46.09 -33.56 10.09
CA ASN A 1205 46.27 -34.75 10.92
C ASN A 1205 47.68 -34.82 11.48
N LEU A 1206 48.68 -34.71 10.60
CA LEU A 1206 50.07 -34.74 11.03
C LEU A 1206 50.36 -33.59 12.00
N TRP A 1207 49.84 -32.41 11.71
CA TRP A 1207 50.11 -31.25 12.55
C TRP A 1207 49.59 -31.44 13.96
N LEU A 1208 48.32 -31.86 14.08
CA LEU A 1208 47.76 -32.03 15.41
C LEU A 1208 48.35 -33.25 16.10
N LYS A 1209 48.83 -34.25 15.37
CA LYS A 1209 49.58 -35.32 15.98
C LYS A 1209 50.86 -34.80 16.62
N ASP A 1210 51.56 -33.92 15.91
CA ASP A 1210 52.77 -33.30 16.46
C ASP A 1210 52.43 -32.48 17.71
N VAL A 1211 51.35 -31.71 17.65
CA VAL A 1211 50.97 -30.90 18.81
C VAL A 1211 50.60 -31.79 19.99
N LEU A 1212 49.95 -32.92 19.73
CA LEU A 1212 49.57 -33.82 20.82
C LEU A 1212 50.80 -34.48 21.43
N LYS A 1213 51.79 -34.81 20.60
CA LYS A 1213 53.05 -35.28 21.17
C LYS A 1213 53.79 -34.15 21.87
N GLU A 1214 53.46 -32.90 21.57
CA GLU A 1214 53.98 -31.75 22.30
C GLU A 1214 53.32 -31.59 23.67
N GLU A 1215 52.02 -31.86 23.75
CA GLU A 1215 51.24 -31.55 24.94
C GLU A 1215 50.08 -32.52 25.08
N GLY A 1216 49.60 -32.68 26.32
CA GLY A 1216 48.77 -33.82 26.64
C GLY A 1216 47.40 -33.78 25.98
N VAL A 1217 46.79 -34.96 25.89
CA VAL A 1217 45.43 -35.10 25.37
C VAL A 1217 44.42 -34.48 26.31
N SER A 1218 44.79 -34.27 27.57
CA SER A 1218 43.91 -33.56 28.49
C SER A 1218 43.59 -32.17 27.98
N PHE A 1219 44.58 -31.47 27.42
CA PHE A 1219 44.32 -30.17 26.83
C PHE A 1219 43.36 -30.27 25.65
N LEU A 1220 43.56 -31.27 24.80
CA LEU A 1220 42.67 -31.45 23.65
C LEU A 1220 41.23 -31.62 24.11
N ILE A 1221 41.01 -32.53 25.06
CA ILE A 1221 39.64 -32.76 25.50
C ILE A 1221 39.10 -31.54 26.24
N ASN A 1222 39.96 -30.81 26.96
CA ASN A 1222 39.51 -29.59 27.61
C ASN A 1222 39.01 -28.58 26.60
N THR A 1223 39.76 -28.40 25.52
CA THR A 1223 39.32 -27.50 24.46
C THR A 1223 38.00 -27.97 23.87
N PHE A 1224 37.89 -29.28 23.63
CA PHE A 1224 36.73 -29.73 22.87
C PHE A 1224 35.49 -29.86 23.73
N GLU A 1225 35.63 -29.88 25.05
CA GLU A 1225 34.49 -30.03 25.94
C GLU A 1225 34.36 -28.88 26.93
N GLY A 1226 35.05 -27.78 26.68
CA GLY A 1226 34.87 -26.56 27.44
C GLY A 1226 33.89 -25.61 26.78
N GLY A 1227 34.04 -24.33 27.08
CA GLY A 1227 33.21 -23.31 26.48
C GLY A 1227 34.01 -22.30 25.70
N GLY A 1228 35.04 -22.76 25.01
CA GLY A 1228 35.89 -21.82 24.30
C GLY A 1228 36.87 -21.19 25.25
N CYS A 1229 36.59 -19.96 25.66
CA CYS A 1229 37.31 -19.32 26.76
C CYS A 1229 36.54 -19.51 28.06
N GLY A 1230 37.27 -19.49 29.16
CA GLY A 1230 36.68 -19.73 30.46
C GLY A 1230 36.74 -21.21 30.79
N GLN A 1231 37.50 -21.57 31.82
CA GLN A 1231 37.74 -22.99 32.07
C GLN A 1231 36.53 -23.69 32.70
N PRO A 1232 35.89 -23.16 33.75
CA PRO A 1232 34.68 -23.82 34.24
C PRO A 1232 33.51 -23.68 33.28
N SER A 1233 33.69 -24.22 32.07
CA SER A 1233 32.66 -24.14 31.04
C SER A 1233 32.71 -25.42 30.23
N GLY A 1234 31.63 -25.66 29.48
CA GLY A 1234 31.50 -26.87 28.72
C GLY A 1234 30.87 -27.99 29.52
N ILE A 1235 31.05 -29.21 29.02
CA ILE A 1235 30.64 -30.39 29.76
C ILE A 1235 31.79 -31.00 30.54
N LEU A 1236 33.03 -30.60 30.28
CA LEU A 1236 34.10 -30.97 31.19
C LEU A 1236 33.83 -30.40 32.58
N ALA A 1237 33.38 -29.16 32.65
CA ALA A 1237 32.94 -28.62 33.92
C ALA A 1237 31.59 -29.17 34.32
N GLN A 1238 30.71 -29.41 33.35
CA GLN A 1238 29.34 -29.84 33.62
C GLN A 1238 29.02 -31.11 32.84
N PRO A 1239 29.52 -32.26 33.28
CA PRO A 1239 29.24 -33.51 32.56
C PRO A 1239 27.83 -34.01 32.81
N THR A 1240 27.03 -33.22 33.51
CA THR A 1240 25.66 -33.61 33.80
C THR A 1240 24.81 -32.36 33.94
N LEU A 1241 23.60 -32.42 33.41
CA LEU A 1241 22.64 -31.33 33.57
C LEU A 1241 22.23 -31.15 35.03
N LEU A 1242 22.36 -32.20 35.85
CA LEU A 1242 22.00 -32.12 37.25
C LEU A 1242 22.86 -31.07 37.94
N TYR A 1243 22.52 -30.80 39.20
CA TYR A 1243 23.20 -29.80 40.03
C TYR A 1243 23.38 -28.49 39.26
N LEU A 1244 22.30 -28.04 38.62
CA LEU A 1244 22.36 -26.89 37.73
C LEU A 1244 22.19 -25.56 38.45
N ARG A 1245 22.49 -25.51 39.76
CA ARG A 1245 22.60 -24.26 40.50
C ARG A 1245 21.28 -23.48 40.51
N GLY A 1246 20.18 -24.20 40.59
CA GLY A 1246 18.88 -23.56 40.62
C GLY A 1246 17.76 -24.50 40.24
N PRO A 1247 16.54 -23.96 40.15
CA PRO A 1247 15.40 -24.78 39.76
C PRO A 1247 15.53 -25.25 38.31
N PHE A 1248 14.81 -26.33 38.01
CA PHE A 1248 14.88 -26.94 36.69
C PHE A 1248 14.34 -26.00 35.61
N SER A 1249 13.36 -25.16 35.96
CA SER A 1249 12.67 -24.37 34.94
C SER A 1249 13.61 -23.43 34.20
N LEU A 1250 14.79 -23.16 34.74
CA LEU A 1250 15.75 -22.30 34.06
C LEU A 1250 16.21 -22.93 32.76
N GLN A 1251 16.20 -22.13 31.69
CA GLN A 1251 16.55 -22.62 30.37
C GLN A 1251 18.05 -22.73 30.16
N ALA A 1252 18.85 -22.62 31.22
CA ALA A 1252 20.29 -22.86 31.10
C ALA A 1252 20.59 -24.29 30.69
N THR A 1253 19.60 -25.18 30.81
CA THR A 1253 19.72 -26.50 30.22
C THR A 1253 20.07 -26.41 28.75
N LEU A 1254 19.45 -25.48 28.03
CA LEU A 1254 19.80 -25.23 26.63
C LEU A 1254 21.27 -24.88 26.51
N CYS A 1255 21.80 -24.11 27.46
CA CYS A 1255 23.22 -23.78 27.44
C CYS A 1255 24.07 -25.03 27.58
N TRP A 1256 23.69 -25.92 28.48
CA TRP A 1256 24.42 -27.17 28.60
C TRP A 1256 24.34 -27.98 27.32
N LEU A 1257 23.16 -28.05 26.70
CA LEU A 1257 23.01 -28.76 25.43
C LEU A 1257 23.92 -28.17 24.37
N ASP A 1258 24.05 -26.85 24.34
CA ASP A 1258 24.93 -26.22 23.36
C ASP A 1258 26.37 -26.60 23.60
N LEU A 1259 26.78 -26.66 24.88
CA LEU A 1259 28.13 -27.11 25.20
C LEU A 1259 28.36 -28.55 24.73
N LEU A 1260 27.40 -29.41 25.04
CA LEU A 1260 27.45 -30.81 24.61
C LEU A 1260 27.57 -30.92 23.10
N LEU A 1261 26.72 -30.18 22.39
CA LEU A 1261 26.69 -30.20 20.94
C LEU A 1261 28.03 -29.74 20.38
N ALA A 1262 28.63 -28.73 21.02
CA ALA A 1262 29.94 -28.28 20.59
C ALA A 1262 30.95 -29.42 20.67
N ALA A 1263 30.93 -30.16 21.78
CA ALA A 1263 31.87 -31.27 21.93
C ALA A 1263 31.63 -32.34 20.87
N LEU A 1264 30.36 -32.72 20.69
CA LEU A 1264 30.00 -33.72 19.70
C LEU A 1264 30.51 -33.31 18.33
N GLU A 1265 30.24 -32.06 17.94
CA GLU A 1265 30.51 -31.61 16.59
C GLU A 1265 32.00 -31.41 16.36
N CYS A 1266 32.76 -31.12 17.41
CA CYS A 1266 34.20 -31.07 17.24
C CYS A 1266 34.77 -32.46 17.01
N TYR A 1267 34.38 -33.42 17.87
CA TYR A 1267 34.91 -34.77 17.72
C TYR A 1267 34.51 -35.37 16.38
N ASN A 1268 33.26 -35.15 15.98
CA ASN A 1268 32.76 -35.65 14.72
C ASN A 1268 33.71 -35.32 13.58
N THR A 1269 33.96 -34.03 13.37
CA THR A 1269 34.76 -33.63 12.24
C THR A 1269 36.24 -33.99 12.42
N PHE A 1270 36.75 -33.98 13.65
CA PHE A 1270 38.16 -34.31 13.80
C PHE A 1270 38.45 -35.80 13.68
N ILE A 1271 37.44 -36.65 13.86
CA ILE A 1271 37.59 -38.07 13.60
C ILE A 1271 37.34 -38.38 12.12
N GLY A 1272 36.25 -37.84 11.58
CA GLY A 1272 35.85 -38.12 10.22
C GLY A 1272 36.79 -37.57 9.16
N GLU A 1273 37.76 -36.74 9.54
CA GLU A 1273 38.76 -36.25 8.61
C GLU A 1273 40.12 -36.91 8.81
N ARG A 1274 40.16 -38.00 9.58
CA ARG A 1274 41.39 -38.76 9.84
C ARG A 1274 42.45 -37.92 10.55
N THR A 1275 42.04 -36.82 11.18
CA THR A 1275 42.99 -36.01 11.93
C THR A 1275 43.37 -36.66 13.25
N VAL A 1276 42.40 -37.21 13.96
CA VAL A 1276 42.66 -37.92 15.22
C VAL A 1276 41.80 -39.19 15.23
N GLY A 1277 42.45 -40.34 15.37
CA GLY A 1277 41.72 -41.58 15.51
C GLY A 1277 40.90 -41.59 16.79
N ALA A 1278 39.73 -42.23 16.72
CA ALA A 1278 38.76 -42.16 17.80
C ALA A 1278 39.38 -42.56 19.13
N LEU A 1279 40.23 -43.58 19.11
CA LEU A 1279 40.89 -44.00 20.34
C LEU A 1279 41.85 -42.92 20.86
N GLN A 1280 42.58 -42.26 19.96
CA GLN A 1280 43.61 -41.32 20.38
C GLN A 1280 43.04 -40.20 21.25
N VAL A 1281 41.74 -39.94 21.16
CA VAL A 1281 41.06 -39.04 22.09
C VAL A 1281 40.21 -39.79 23.10
N LEU A 1282 39.80 -41.03 22.81
CA LEU A 1282 38.86 -41.75 23.65
C LEU A 1282 39.53 -42.99 24.22
N GLY A 1283 39.50 -43.12 25.54
CA GLY A 1283 40.00 -44.32 26.21
C GLY A 1283 41.43 -44.32 26.68
N THR A 1284 42.37 -43.94 25.82
CA THR A 1284 43.78 -44.00 26.17
C THR A 1284 44.16 -42.79 27.03
N GLU A 1285 43.40 -42.57 28.09
CA GLU A 1285 43.63 -41.48 29.02
C GLU A 1285 42.78 -41.76 30.25
N ALA A 1286 42.85 -40.87 31.23
CA ALA A 1286 42.12 -41.02 32.48
C ALA A 1286 40.89 -40.12 32.56
N GLN A 1287 40.48 -39.47 31.48
CA GLN A 1287 39.36 -38.54 31.55
C GLN A 1287 38.70 -38.41 30.19
N SER A 1288 37.38 -38.62 30.14
CA SER A 1288 36.58 -38.36 28.96
C SER A 1288 35.16 -38.08 29.40
N SER A 1289 34.80 -36.80 29.51
CA SER A 1289 33.49 -36.43 29.99
C SER A 1289 32.40 -36.55 28.92
N LEU A 1290 32.77 -36.60 27.64
CA LEU A 1290 31.76 -36.70 26.59
C LEU A 1290 31.06 -38.05 26.62
N LEU A 1291 31.77 -39.13 26.94
CA LEU A 1291 31.14 -40.43 26.94
C LEU A 1291 30.01 -40.49 27.97
N LYS A 1292 30.28 -40.05 29.20
CA LYS A 1292 29.21 -40.03 30.19
C LYS A 1292 28.19 -38.94 29.89
N ALA A 1293 28.60 -37.86 29.23
CA ALA A 1293 27.63 -36.86 28.83
C ALA A 1293 26.62 -37.43 27.85
N VAL A 1294 27.11 -38.19 26.87
CA VAL A 1294 26.23 -38.85 25.92
C VAL A 1294 25.34 -39.85 26.62
N ALA A 1295 25.92 -40.67 27.51
CA ALA A 1295 25.13 -41.65 28.24
C ALA A 1295 24.05 -40.97 29.06
N PHE A 1296 24.38 -39.87 29.72
CA PHE A 1296 23.41 -39.17 30.54
C PHE A 1296 22.32 -38.53 29.70
N PHE A 1297 22.66 -38.03 28.51
CA PHE A 1297 21.62 -37.44 27.67
C PHE A 1297 20.71 -38.50 27.09
N LEU A 1298 21.25 -39.66 26.75
CA LEU A 1298 20.44 -40.68 26.10
C LEU A 1298 19.41 -41.30 27.02
N GLU A 1299 19.22 -40.75 28.21
CA GLU A 1299 18.03 -41.00 29.01
C GLU A 1299 17.21 -39.75 29.23
N SER A 1300 17.77 -38.57 28.95
CA SER A 1300 17.11 -37.28 29.13
C SER A 1300 15.90 -37.10 28.21
N ILE A 1301 15.57 -38.09 27.40
CA ILE A 1301 14.59 -37.95 26.33
C ILE A 1301 13.47 -38.96 26.50
N ALA A 1302 13.68 -39.94 27.39
CA ALA A 1302 12.86 -41.15 27.41
C ALA A 1302 11.60 -41.03 28.23
N MET A 1303 11.71 -40.76 29.53
CA MET A 1303 10.52 -40.71 30.38
C MET A 1303 9.62 -39.54 30.01
N HIS A 1304 10.21 -38.43 29.58
CA HIS A 1304 9.42 -37.26 29.22
C HIS A 1304 10.18 -36.45 28.19
N ASP A 1305 9.65 -35.26 27.90
CA ASP A 1305 10.22 -34.38 26.89
C ASP A 1305 10.75 -33.09 27.49
N ILE A 1306 9.91 -32.32 28.19
CA ILE A 1306 10.38 -31.11 28.86
C ILE A 1306 10.67 -31.37 30.33
N ILE A 1307 9.85 -32.17 30.99
CA ILE A 1307 9.99 -32.42 32.41
C ILE A 1307 11.13 -33.39 32.67
N ALA A 1308 12.28 -32.87 33.07
CA ALA A 1308 13.38 -33.69 33.57
C ALA A 1308 13.65 -33.46 35.05
N ALA A 1309 13.71 -32.20 35.46
CA ALA A 1309 13.74 -31.78 36.87
C ALA A 1309 15.03 -32.16 37.58
N GLU A 1310 15.88 -32.94 36.91
CA GLU A 1310 17.19 -33.38 37.42
C GLU A 1310 17.12 -33.96 38.82
N LYS A 1311 15.92 -34.32 39.29
CA LYS A 1311 15.73 -34.76 40.68
C LYS A 1311 15.16 -36.17 40.76
N CYS A 1312 14.09 -36.46 40.02
CA CYS A 1312 13.52 -37.80 40.02
C CYS A 1312 12.84 -38.10 38.70
N THR A 1315 5.61 -35.10 41.58
CA THR A 1315 5.77 -33.69 41.92
C THR A 1315 4.63 -32.86 41.36
N GLY A 1316 3.92 -32.16 42.26
CA GLY A 1316 2.82 -31.31 41.87
C GLY A 1316 3.24 -30.10 41.05
N ALA A 1317 4.31 -29.43 41.47
CA ALA A 1317 4.75 -28.18 40.82
C ALA A 1317 6.28 -28.16 40.78
N ALA A 1318 6.83 -28.08 39.58
CA ALA A 1318 8.24 -27.81 39.36
C ALA A 1318 8.42 -26.86 38.19
N GLY A 1319 7.53 -25.87 38.11
CA GLY A 1319 7.46 -24.98 36.96
C GLY A 1319 6.27 -25.30 36.09
N ASN A 1320 5.13 -25.59 36.72
CA ASN A 1320 3.93 -25.98 36.00
C ASN A 1320 3.38 -24.86 35.12
N ARG A 1321 3.84 -23.63 35.30
CA ARG A 1321 3.48 -22.52 34.41
C ARG A 1321 4.27 -22.68 33.11
N THR A 1322 4.11 -23.85 32.48
CA THR A 1322 5.03 -24.33 31.45
C THR A 1322 5.29 -23.30 30.37
N SER A 1323 4.23 -22.59 29.93
CA SER A 1323 4.36 -21.71 28.79
C SER A 1323 4.94 -22.52 27.63
N PRO A 1324 4.15 -23.41 27.04
CA PRO A 1324 4.74 -24.47 26.20
C PRO A 1324 5.48 -23.95 24.98
N GLN A 1325 5.20 -22.70 24.59
CA GLN A 1325 5.79 -22.16 23.37
C GLN A 1325 7.32 -22.09 23.42
N GLU A 1326 7.91 -22.19 24.61
CA GLU A 1326 9.34 -22.45 24.68
C GLU A 1326 9.66 -23.91 24.88
N GLY A 1327 8.66 -24.75 25.13
CA GLY A 1327 8.91 -26.18 25.22
C GLY A 1327 9.36 -26.76 23.90
N GLU A 1328 8.68 -26.40 22.81
CA GLU A 1328 9.15 -26.83 21.50
C GLU A 1328 10.48 -26.18 21.16
N ARG A 1329 10.76 -25.01 21.72
CA ARG A 1329 12.08 -24.42 21.57
C ARG A 1329 13.14 -25.29 22.23
N TYR A 1330 12.81 -25.87 23.38
CA TYR A 1330 13.71 -26.86 23.98
C TYR A 1330 13.83 -28.10 23.09
N ASN A 1331 12.69 -28.58 22.59
CA ASN A 1331 12.68 -29.84 21.85
C ASN A 1331 13.44 -29.73 20.53
N TYR A 1332 13.47 -28.53 19.94
CA TYR A 1332 14.26 -28.34 18.72
C TYR A 1332 15.73 -28.62 18.99
N SER A 1333 16.29 -28.00 20.03
CA SER A 1333 17.67 -28.27 20.38
C SER A 1333 17.86 -29.71 20.78
N LYS A 1334 16.87 -30.27 21.48
CA LYS A 1334 16.91 -31.68 21.85
C LYS A 1334 17.11 -32.55 20.62
N CYS A 1335 16.30 -32.32 19.59
CA CYS A 1335 16.36 -33.11 18.36
C CYS A 1335 17.68 -32.90 17.65
N THR A 1336 18.19 -31.66 17.63
CA THR A 1336 19.47 -31.39 17.00
C THR A 1336 20.57 -32.19 17.68
N VAL A 1337 20.56 -32.21 19.01
CA VAL A 1337 21.60 -32.96 19.71
C VAL A 1337 21.43 -34.46 19.45
N VAL A 1338 20.18 -34.92 19.40
CA VAL A 1338 19.94 -36.33 19.09
C VAL A 1338 20.62 -36.70 17.78
N VAL A 1339 20.32 -35.95 16.72
CA VAL A 1339 20.82 -36.32 15.41
C VAL A 1339 22.33 -36.16 15.33
N ARG A 1340 22.88 -35.15 16.03
CA ARG A 1340 24.33 -35.01 16.01
C ARG A 1340 25.02 -36.19 16.69
N ILE A 1341 24.50 -36.64 17.83
CA ILE A 1341 25.00 -37.87 18.45
C ILE A 1341 24.91 -39.00 17.47
N MET A 1342 23.78 -39.07 16.79
CA MET A 1342 23.47 -40.18 15.90
C MET A 1342 24.51 -40.26 14.78
N GLU A 1343 24.86 -39.12 14.20
CA GLU A 1343 25.81 -39.12 13.10
C GLU A 1343 27.25 -39.21 13.58
N PHE A 1344 27.55 -38.75 14.80
CA PHE A 1344 28.85 -39.04 15.36
C PHE A 1344 29.07 -40.54 15.50
N THR A 1345 28.04 -41.24 15.99
CA THR A 1345 28.12 -42.69 16.08
C THR A 1345 28.31 -43.29 14.70
N THR A 1346 27.57 -42.79 13.71
CA THR A 1346 27.74 -43.26 12.34
C THR A 1346 29.20 -43.12 11.89
N THR A 1347 29.79 -41.95 12.13
CA THR A 1347 31.15 -41.69 11.68
C THR A 1347 32.13 -42.62 12.36
N LEU A 1348 32.06 -42.75 13.68
CA LEU A 1348 33.01 -43.60 14.39
C LEU A 1348 32.83 -45.05 14.01
N LEU A 1349 31.60 -45.48 13.73
CA LEU A 1349 31.37 -46.85 13.34
C LEU A 1349 31.97 -47.14 11.97
N ASN A 1350 31.77 -46.23 11.01
CA ASN A 1350 32.41 -46.40 9.71
C ASN A 1350 33.92 -46.24 9.81
N THR A 1351 34.42 -45.63 10.88
CA THR A 1351 35.85 -45.57 11.09
C THR A 1351 36.39 -47.00 11.28
N SER A 1352 37.66 -47.19 10.93
CA SER A 1352 38.22 -48.52 10.74
C SER A 1352 38.02 -49.48 11.92
N PRO A 1353 38.28 -49.09 13.19
CA PRO A 1353 38.14 -50.08 14.28
C PRO A 1353 36.68 -50.39 14.61
N GLU A 1354 36.27 -51.63 14.41
CA GLU A 1354 34.92 -52.06 14.75
C GLU A 1354 34.89 -53.17 15.78
N GLY A 1355 35.75 -54.17 15.64
CA GLY A 1355 35.75 -55.27 16.60
C GLY A 1355 36.18 -54.83 17.98
N TRP A 1356 37.23 -54.04 18.06
CA TRP A 1356 37.61 -53.44 19.34
C TRP A 1356 36.64 -52.34 19.72
N LYS A 1357 35.99 -51.71 18.74
CA LYS A 1357 34.96 -50.74 19.04
C LYS A 1357 33.80 -51.37 19.78
N LEU A 1358 33.55 -52.67 19.53
CA LEU A 1358 32.50 -53.39 20.24
C LEU A 1358 32.73 -53.34 21.75
N LEU A 1359 33.94 -53.69 22.18
CA LEU A 1359 34.23 -53.85 23.60
C LEU A 1359 34.09 -52.55 24.37
N LYS A 1360 34.54 -51.44 23.80
CA LYS A 1360 34.72 -50.19 24.52
C LYS A 1360 33.75 -49.08 24.10
N LYS A 1361 33.49 -48.92 22.81
CA LYS A 1361 32.54 -47.92 22.36
C LYS A 1361 31.12 -48.45 22.48
N ASP A 1362 30.76 -48.91 23.68
CA ASP A 1362 29.45 -49.52 23.90
C ASP A 1362 28.82 -49.08 25.20
N LEU A 1363 29.43 -48.13 25.92
CA LEU A 1363 28.85 -47.68 27.18
C LEU A 1363 27.48 -47.05 26.98
N CYS A 1364 27.16 -46.65 25.76
CA CYS A 1364 25.92 -45.94 25.48
C CYS A 1364 25.01 -46.67 24.51
N ASN A 1365 25.49 -47.70 23.81
CA ASN A 1365 24.70 -48.28 22.74
C ASN A 1365 23.39 -48.86 23.26
N THR A 1366 23.37 -49.30 24.52
CA THR A 1366 22.13 -49.79 25.10
C THR A 1366 21.02 -48.75 25.03
N HIS A 1367 21.39 -47.47 25.02
CA HIS A 1367 20.45 -46.38 24.86
C HIS A 1367 20.39 -45.90 23.42
N LEU A 1368 21.51 -46.00 22.70
CA LEU A 1368 21.56 -45.60 21.30
C LEU A 1368 20.56 -46.38 20.48
N MET A 1369 20.51 -47.69 20.67
CA MET A 1369 19.59 -48.50 19.88
C MET A 1369 18.14 -48.18 20.21
N ARG A 1370 17.84 -47.93 21.48
CA ARG A 1370 16.44 -47.68 21.81
C ARG A 1370 15.98 -46.34 21.23
N VAL A 1371 16.79 -45.29 21.39
CA VAL A 1371 16.40 -44.01 20.79
C VAL A 1371 16.40 -44.13 19.29
N LEU A 1372 17.31 -44.92 18.73
CA LEU A 1372 17.40 -45.11 17.30
C LEU A 1372 16.11 -45.68 16.74
N VAL A 1373 15.65 -46.78 17.31
CA VAL A 1373 14.44 -47.40 16.82
C VAL A 1373 13.25 -46.49 17.09
N GLN A 1374 13.23 -45.81 18.24
CA GLN A 1374 12.09 -44.99 18.58
C GLN A 1374 11.94 -43.82 17.61
N THR A 1375 13.04 -43.16 17.26
CA THR A 1375 12.98 -42.06 16.30
C THR A 1375 12.85 -42.56 14.87
N LEU A 1376 13.26 -43.80 14.58
CA LEU A 1376 13.06 -44.36 13.26
C LEU A 1376 11.61 -44.74 13.04
N CYS A 1377 10.88 -45.04 14.13
CA CYS A 1377 9.50 -45.48 14.00
C CYS A 1377 8.51 -44.36 14.21
N GLU A 1378 8.57 -43.67 15.35
CA GLU A 1378 7.69 -42.53 15.62
C GLU A 1378 8.54 -41.34 16.06
N PRO A 1379 9.23 -40.69 15.13
CA PRO A 1379 9.95 -39.47 15.48
C PRO A 1379 9.05 -38.38 16.01
N ALA A 1380 7.77 -38.36 15.62
CA ALA A 1380 6.84 -37.37 16.16
C ALA A 1380 6.60 -37.53 17.65
N SER A 1381 7.00 -38.66 18.23
CA SER A 1381 6.85 -38.85 19.67
C SER A 1381 7.74 -37.90 20.46
N ILE A 1382 9.03 -37.86 20.13
CA ILE A 1382 9.97 -37.01 20.87
C ILE A 1382 9.68 -35.53 20.65
N GLY A 1383 9.14 -35.17 19.49
CA GLY A 1383 8.94 -33.79 19.14
C GLY A 1383 9.65 -33.34 17.87
N PHE A 1384 10.11 -34.28 17.05
CA PHE A 1384 10.72 -33.92 15.79
C PHE A 1384 9.71 -33.29 14.84
N ASN A 1385 8.49 -33.82 14.80
CA ASN A 1385 7.53 -33.42 13.78
C ASN A 1385 6.87 -32.10 14.14
N ILE A 1386 7.68 -31.12 14.55
CA ILE A 1386 7.26 -29.75 14.68
C ILE A 1386 8.16 -28.90 13.79
N GLY A 1387 9.46 -29.25 13.75
CA GLY A 1387 10.37 -28.54 12.86
C GLY A 1387 9.92 -28.60 11.41
N ASP A 1388 9.52 -29.77 10.95
CA ASP A 1388 8.68 -29.91 9.76
C ASP A 1388 9.27 -29.31 8.49
N VAL A 1389 10.55 -28.94 8.50
CA VAL A 1389 11.09 -28.31 7.30
C VAL A 1389 12.35 -29.04 6.81
N GLN A 1390 13.39 -29.09 7.62
CA GLN A 1390 14.66 -29.68 7.22
C GLN A 1390 15.11 -30.78 8.17
N VAL A 1391 14.68 -30.73 9.43
CA VAL A 1391 15.01 -31.80 10.37
C VAL A 1391 14.54 -33.14 9.82
N MET A 1392 13.33 -33.19 9.27
CA MET A 1392 12.81 -34.43 8.74
C MET A 1392 13.08 -34.59 7.25
N ALA A 1393 13.73 -33.61 6.63
CA ALA A 1393 14.37 -33.84 5.35
C ALA A 1393 15.76 -34.45 5.51
N HIS A 1394 16.32 -34.38 6.72
CA HIS A 1394 17.66 -34.90 6.99
C HIS A 1394 17.67 -36.15 7.84
N LEU A 1395 16.69 -36.33 8.72
CA LEU A 1395 16.70 -37.42 9.68
C LEU A 1395 16.70 -38.79 9.04
N PRO A 1396 15.83 -39.11 8.06
CA PRO A 1396 15.86 -40.45 7.48
C PRO A 1396 17.21 -40.80 6.89
N ASP A 1397 17.93 -39.84 6.35
CA ASP A 1397 19.19 -40.13 5.70
C ASP A 1397 20.33 -40.38 6.68
N VAL A 1398 20.20 -39.97 7.94
CA VAL A 1398 21.17 -40.41 8.95
C VAL A 1398 20.72 -41.73 9.56
N CYS A 1399 19.42 -41.94 9.74
CA CYS A 1399 18.96 -43.22 10.25
C CYS A 1399 19.36 -44.35 9.32
N VAL A 1400 19.04 -44.21 8.04
CA VAL A 1400 19.36 -45.26 7.08
C VAL A 1400 20.87 -45.44 6.96
N ASN A 1401 21.62 -44.34 7.00
CA ASN A 1401 23.07 -44.44 6.92
C ASN A 1401 23.64 -45.21 8.09
N LEU A 1402 23.17 -44.92 9.30
CA LEU A 1402 23.74 -45.61 10.44
C LEU A 1402 23.33 -47.06 10.46
N MET A 1403 22.14 -47.37 9.94
CA MET A 1403 21.72 -48.76 9.90
C MET A 1403 22.55 -49.53 8.90
N LYS A 1404 22.90 -48.88 7.78
CA LYS A 1404 23.90 -49.43 6.87
C LYS A 1404 25.22 -49.67 7.58
N ALA A 1405 25.63 -48.74 8.44
CA ALA A 1405 26.86 -48.91 9.20
C ALA A 1405 26.76 -50.07 10.19
N LEU A 1406 25.62 -50.17 10.88
CA LEU A 1406 25.44 -51.16 11.94
C LEU A 1406 25.34 -52.56 11.36
N LYS A 1407 24.78 -52.70 10.17
CA LYS A 1407 24.75 -54.00 9.51
C LYS A 1407 26.16 -54.53 9.32
N MET A 1408 27.09 -53.67 8.88
CA MET A 1408 28.48 -54.07 8.78
C MET A 1408 29.09 -54.26 10.16
N SER A 1409 28.67 -53.48 11.14
CA SER A 1409 29.18 -53.61 12.50
C SER A 1409 28.61 -54.88 13.14
N PRO A 1410 29.28 -55.41 14.17
CA PRO A 1410 28.76 -56.60 14.85
C PRO A 1410 27.56 -56.33 15.75
N TYR A 1411 27.14 -55.08 15.94
CA TYR A 1411 25.92 -54.84 16.72
C TYR A 1411 24.66 -55.21 15.95
N LYS A 1412 24.85 -55.92 14.85
CA LYS A 1412 23.75 -56.21 13.93
C LYS A 1412 22.65 -56.99 14.61
N ASP A 1413 23.00 -57.95 15.46
CA ASP A 1413 22.00 -58.83 16.06
C ASP A 1413 21.12 -58.09 17.06
N ILE A 1414 21.74 -57.29 17.93
CA ILE A 1414 20.96 -56.52 18.89
C ILE A 1414 20.13 -55.47 18.16
N LEU A 1415 20.69 -54.90 17.08
CA LEU A 1415 19.92 -53.99 16.24
C LEU A 1415 18.69 -54.68 15.68
N GLU A 1416 18.86 -55.89 15.15
CA GLU A 1416 17.75 -56.64 14.59
C GLU A 1416 16.70 -56.95 15.65
N THR A 1417 17.13 -57.30 16.86
CA THR A 1417 16.20 -57.52 17.95
C THR A 1417 15.34 -56.29 18.18
N HIS A 1418 15.98 -55.13 18.34
CA HIS A 1418 15.22 -53.91 18.54
C HIS A 1418 14.30 -53.61 17.37
N LEU A 1419 14.75 -53.88 16.15
CA LEU A 1419 13.92 -53.56 15.01
C LEU A 1419 12.72 -54.48 14.92
N ARG A 1420 12.86 -55.72 15.35
CA ARG A 1420 11.75 -56.66 15.34
C ARG A 1420 10.85 -56.53 16.55
N GLU A 1421 11.28 -55.80 17.59
CA GLU A 1421 10.41 -55.63 18.74
C GLU A 1421 9.24 -54.70 18.47
N LYS A 1422 9.21 -54.03 17.31
CA LYS A 1422 8.11 -53.14 16.97
C LYS A 1422 7.42 -53.47 15.64
N ILE A 1423 8.13 -53.98 14.65
CA ILE A 1423 7.55 -54.23 13.34
C ILE A 1423 7.63 -55.73 13.04
N THR A 1424 6.48 -56.36 12.87
CA THR A 1424 6.41 -57.77 12.51
C THR A 1424 5.19 -58.00 11.65
N ALA A 1425 5.16 -59.19 11.03
CA ALA A 1425 4.07 -59.52 10.12
C ALA A 1425 2.72 -59.46 10.82
N GLN A 1426 2.64 -60.01 12.04
CA GLN A 1426 1.38 -59.95 12.79
C GLN A 1426 1.01 -58.51 13.12
N SER A 1427 1.98 -57.69 13.52
CA SER A 1427 1.69 -56.30 13.83
C SER A 1427 1.08 -55.60 12.62
N ILE A 1428 1.73 -55.72 11.47
CA ILE A 1428 1.21 -55.06 10.28
C ILE A 1428 -0.15 -55.61 9.91
N GLU A 1429 -0.31 -56.94 9.98
CA GLU A 1429 -1.56 -57.56 9.53
C GLU A 1429 -2.73 -57.13 10.40
N GLU A 1430 -2.55 -57.08 11.71
CA GLU A 1430 -3.65 -56.65 12.56
C GLU A 1430 -3.87 -55.14 12.46
N LEU A 1431 -2.80 -54.37 12.26
CA LEU A 1431 -2.94 -52.93 12.14
C LEU A 1431 -3.72 -52.55 10.88
N CYS A 1432 -3.41 -53.19 9.75
CA CYS A 1432 -3.97 -52.80 8.47
C CYS A 1432 -5.42 -53.23 8.27
N ALA A 1433 -5.81 -54.37 8.84
CA ALA A 1433 -7.09 -54.96 8.48
C ALA A 1433 -8.27 -54.08 8.88
N VAL A 1434 -8.18 -53.43 10.05
CA VAL A 1434 -9.33 -52.69 10.56
C VAL A 1434 -9.61 -51.45 9.72
N ASN A 1435 -8.58 -50.85 9.12
CA ASN A 1435 -8.79 -49.66 8.31
C ASN A 1435 -9.64 -49.99 7.10
N LEU A 1436 -10.84 -49.39 7.04
CA LEU A 1436 -11.76 -49.60 5.95
C LEU A 1436 -11.71 -48.46 4.93
N TYR A 1437 -10.73 -47.57 5.07
CA TYR A 1437 -10.57 -46.40 4.19
C TYR A 1437 -11.75 -45.45 4.31
N GLY A 1438 -12.49 -45.51 5.41
CA GLY A 1438 -13.68 -44.71 5.55
C GLY A 1438 -13.37 -43.32 6.06
N PRO A 1439 -14.44 -42.59 6.41
CA PRO A 1439 -14.27 -41.24 6.97
C PRO A 1439 -13.77 -41.29 8.40
N ASP A 1440 -13.51 -42.50 8.90
CA ASP A 1440 -13.02 -42.77 10.23
C ASP A 1440 -11.59 -43.31 10.14
N ALA A 1441 -11.06 -43.73 11.28
CA ALA A 1441 -9.75 -44.39 11.35
C ALA A 1441 -8.63 -43.50 10.83
N GLN A 1442 -8.74 -42.19 11.06
CA GLN A 1442 -7.64 -41.29 10.72
C GLN A 1442 -6.40 -41.61 11.53
N VAL A 1443 -6.58 -41.91 12.81
CA VAL A 1443 -5.46 -42.30 13.66
C VAL A 1443 -4.86 -43.61 13.16
N ASP A 1444 -5.71 -44.55 12.75
CA ASP A 1444 -5.21 -45.80 12.17
C ASP A 1444 -4.38 -45.54 10.93
N ARG A 1445 -4.86 -44.66 10.06
CA ARG A 1445 -4.12 -44.34 8.84
C ARG A 1445 -2.78 -43.70 9.18
N SER A 1446 -2.76 -42.82 10.20
CA SER A 1446 -1.50 -42.24 10.62
C SER A 1446 -0.53 -43.30 11.14
N ARG A 1447 -1.05 -44.25 11.91
CA ARG A 1447 -0.23 -45.34 12.41
C ARG A 1447 0.39 -46.12 11.26
N LEU A 1448 -0.43 -46.47 10.27
CA LEU A 1448 0.09 -47.25 9.15
C LEU A 1448 1.06 -46.44 8.31
N ALA A 1449 0.86 -45.13 8.22
CA ALA A 1449 1.81 -44.28 7.51
C ALA A 1449 3.16 -44.29 8.21
N ALA A 1450 3.15 -44.17 9.53
CA ALA A 1450 4.39 -44.26 10.28
C ALA A 1450 5.07 -45.60 10.03
N VAL A 1451 4.29 -46.68 10.07
CA VAL A 1451 4.87 -48.01 9.91
C VAL A 1451 5.48 -48.16 8.54
N VAL A 1452 4.77 -47.72 7.50
CA VAL A 1452 5.25 -47.93 6.14
C VAL A 1452 6.47 -47.06 5.86
N SER A 1453 6.49 -45.84 6.39
CA SER A 1453 7.69 -45.02 6.24
C SER A 1453 8.88 -45.71 6.88
N ALA A 1454 8.69 -46.24 8.09
CA ALA A 1454 9.77 -46.93 8.78
C ALA A 1454 10.25 -48.11 7.97
N CYS A 1455 9.33 -48.91 7.44
CA CYS A 1455 9.72 -50.11 6.71
C CYS A 1455 10.40 -49.75 5.40
N LYS A 1456 9.98 -48.68 4.75
CA LYS A 1456 10.67 -48.22 3.56
C LYS A 1456 12.09 -47.81 3.87
N GLN A 1457 12.30 -47.13 5.00
CA GLN A 1457 13.66 -46.79 5.39
C GLN A 1457 14.48 -48.04 5.70
N LEU A 1458 13.84 -49.03 6.31
CA LEU A 1458 14.49 -50.33 6.47
C LEU A 1458 14.96 -50.90 5.14
N HIS A 1459 14.09 -50.86 4.13
CA HIS A 1459 14.48 -51.36 2.81
C HIS A 1459 15.67 -50.57 2.27
N ARG A 1460 15.61 -49.25 2.40
CA ARG A 1460 16.71 -48.42 1.93
C ARG A 1460 18.01 -48.80 2.63
N ALA A 1461 17.93 -49.15 3.92
CA ALA A 1461 19.11 -49.57 4.66
C ALA A 1461 19.55 -50.98 4.27
N GLY A 1462 18.64 -51.77 3.73
CA GLY A 1462 18.98 -53.11 3.28
C GLY A 1462 18.74 -54.20 4.29
N LEU A 1463 18.18 -53.89 5.45
CA LEU A 1463 17.90 -54.89 6.47
C LEU A 1463 16.48 -55.44 6.37
N LEU A 1464 15.75 -55.11 5.31
CA LEU A 1464 14.37 -55.55 5.21
C LEU A 1464 14.27 -57.06 5.09
N HIS A 1465 15.11 -57.67 4.25
CA HIS A 1465 15.11 -59.13 4.15
C HIS A 1465 15.64 -59.79 5.41
N ASN A 1466 16.54 -59.11 6.13
CA ASN A 1466 17.06 -59.68 7.35
C ASN A 1466 15.99 -59.73 8.44
N ILE A 1467 15.26 -58.63 8.64
CA ILE A 1467 14.37 -58.54 9.79
C ILE A 1467 12.91 -58.85 9.46
N LEU A 1468 12.57 -59.00 8.17
CA LEU A 1468 11.25 -59.47 7.76
C LEU A 1468 11.46 -60.64 6.83
N PRO A 1469 11.67 -61.83 7.38
CA PRO A 1469 11.96 -63.00 6.55
C PRO A 1469 10.74 -63.43 5.75
N SER A 1470 11.01 -64.13 4.66
CA SER A 1470 9.95 -64.72 3.87
C SER A 1470 9.33 -65.90 4.61
N GLN A 1471 8.01 -66.02 4.54
CA GLN A 1471 7.31 -67.17 5.06
C GLN A 1471 6.74 -68.08 3.98
N SER A 1472 6.79 -67.64 2.72
CA SER A 1472 6.34 -68.44 1.59
C SER A 1472 7.52 -69.29 1.10
N THR A 1473 7.36 -69.89 -0.08
CA THR A 1473 8.42 -70.70 -0.69
C THR A 1473 8.97 -70.06 -1.94
N ASP A 1474 8.12 -69.72 -2.92
CA ASP A 1474 8.57 -69.16 -4.19
C ASP A 1474 8.44 -67.64 -4.23
N LEU A 1475 7.23 -67.12 -4.03
CA LEU A 1475 7.02 -65.69 -3.93
C LEU A 1475 7.45 -65.22 -2.54
N HIS A 1476 7.15 -63.97 -2.22
CA HIS A 1476 7.37 -63.44 -0.88
C HIS A 1476 6.03 -63.35 -0.16
N HIS A 1477 5.96 -63.95 1.02
CA HIS A 1477 4.67 -64.04 1.72
C HIS A 1477 4.21 -62.69 2.23
N SER A 1478 5.13 -61.90 2.80
CA SER A 1478 4.74 -60.64 3.41
C SER A 1478 4.10 -59.68 2.42
N VAL A 1479 4.43 -59.79 1.14
CA VAL A 1479 3.81 -58.95 0.12
C VAL A 1479 2.73 -59.68 -0.64
N GLY A 1480 2.81 -61.00 -0.79
CA GLY A 1480 1.68 -61.72 -1.32
C GLY A 1480 0.43 -61.49 -0.49
N THR A 1481 0.57 -61.43 0.83
CA THR A 1481 -0.58 -61.09 1.66
C THR A 1481 -0.92 -59.62 1.57
N GLU A 1482 0.09 -58.75 1.58
CA GLU A 1482 -0.10 -57.32 1.62
C GLU A 1482 -0.81 -56.81 0.37
N LEU A 1483 -0.14 -56.98 -0.77
CA LEU A 1483 -0.63 -56.49 -2.04
C LEU A 1483 -2.05 -56.93 -2.29
N LEU A 1484 -2.38 -58.17 -1.98
CA LEU A 1484 -3.73 -58.66 -2.21
C LEU A 1484 -4.70 -58.06 -1.20
N SER A 1485 -4.49 -58.36 0.09
CA SER A 1485 -5.47 -58.03 1.11
C SER A 1485 -5.67 -56.53 1.28
N LEU A 1486 -4.73 -55.69 0.84
CA LEU A 1486 -4.78 -54.28 1.19
C LEU A 1486 -5.08 -53.37 0.01
N VAL A 1487 -4.27 -53.38 -1.03
CA VAL A 1487 -4.40 -52.37 -2.07
C VAL A 1487 -5.27 -52.84 -3.22
N TYR A 1488 -5.10 -54.08 -3.69
CA TYR A 1488 -5.88 -54.54 -4.82
C TYR A 1488 -7.36 -54.64 -4.47
N LYS A 1489 -7.69 -55.32 -3.38
CA LYS A 1489 -9.07 -55.51 -3.01
C LYS A 1489 -9.53 -54.50 -1.96
N GLY A 1490 -8.70 -53.52 -1.64
CA GLY A 1490 -9.12 -52.49 -0.71
C GLY A 1490 -10.05 -51.47 -1.31
N ILE A 1491 -10.28 -51.53 -2.61
CA ILE A 1491 -11.12 -50.55 -3.30
C ILE A 1491 -12.41 -51.14 -3.85
N ALA A 1492 -12.53 -52.46 -3.93
CA ALA A 1492 -13.71 -53.12 -4.49
C ALA A 1492 -14.22 -54.19 -3.55
N PRO A 1493 -14.74 -53.81 -2.38
CA PRO A 1493 -15.33 -54.81 -1.49
C PRO A 1493 -16.83 -54.97 -1.67
N GLY A 1494 -17.27 -56.20 -1.89
CA GLY A 1494 -18.68 -56.54 -1.81
C GLY A 1494 -19.53 -56.05 -2.97
N ASP A 1495 -20.80 -56.44 -2.93
CA ASP A 1495 -21.79 -55.99 -3.91
C ASP A 1495 -22.40 -54.65 -3.56
N GLU A 1496 -22.03 -54.08 -2.42
CA GLU A 1496 -22.57 -52.81 -1.95
C GLU A 1496 -21.44 -51.81 -1.80
N ARG A 1497 -21.71 -50.57 -2.21
CA ARG A 1497 -20.70 -49.51 -2.22
C ARG A 1497 -21.09 -48.49 -1.16
N GLN A 1498 -20.32 -48.43 -0.08
CA GLN A 1498 -20.49 -47.38 0.92
C GLN A 1498 -19.17 -46.64 1.09
N CYS A 1499 -18.07 -47.34 0.84
CA CYS A 1499 -16.74 -46.77 0.89
C CYS A 1499 -16.07 -46.84 -0.48
N LEU A 1500 -16.88 -46.67 -1.54
CA LEU A 1500 -16.33 -46.47 -2.87
C LEU A 1500 -15.42 -45.25 -2.94
N PRO A 1501 -15.79 -44.08 -2.40
CA PRO A 1501 -14.87 -42.94 -2.45
C PRO A 1501 -13.60 -43.23 -1.65
N SER A 1502 -12.50 -43.42 -2.37
CA SER A 1502 -11.25 -43.85 -1.78
C SER A 1502 -10.24 -42.72 -1.66
N LEU A 1503 -9.91 -42.06 -2.76
CA LEU A 1503 -8.86 -41.06 -2.73
C LEU A 1503 -9.31 -39.85 -1.92
N ASP A 1504 -8.49 -39.47 -0.94
CA ASP A 1504 -8.72 -38.29 -0.13
C ASP A 1504 -7.50 -37.37 -0.13
N LEU A 1505 -6.65 -37.51 -1.14
CA LEU A 1505 -5.41 -36.75 -1.34
C LEU A 1505 -4.34 -37.19 -0.34
N SER A 1506 -4.73 -37.95 0.65
CA SER A 1506 -3.81 -38.53 1.62
C SER A 1506 -4.05 -40.01 1.82
N CYS A 1507 -5.31 -40.45 1.80
CA CYS A 1507 -5.60 -41.88 1.82
C CYS A 1507 -5.06 -42.55 0.57
N LYS A 1508 -5.24 -41.91 -0.58
CA LYS A 1508 -4.63 -42.40 -1.81
C LYS A 1508 -3.12 -42.38 -1.70
N GLN A 1509 -2.57 -41.37 -1.02
CA GLN A 1509 -1.13 -41.30 -0.84
C GLN A 1509 -0.63 -42.49 -0.03
N LEU A 1510 -1.33 -42.84 1.05
CA LEU A 1510 -0.89 -43.98 1.84
C LEU A 1510 -1.08 -45.28 1.09
N ALA A 1511 -2.14 -45.38 0.29
CA ALA A 1511 -2.30 -46.58 -0.53
C ALA A 1511 -1.12 -46.74 -1.47
N SER A 1512 -0.68 -45.64 -2.08
CA SER A 1512 0.49 -45.69 -2.94
C SER A 1512 1.74 -46.04 -2.15
N GLY A 1513 1.85 -45.53 -0.92
CA GLY A 1513 2.98 -45.89 -0.08
C GLY A 1513 3.02 -47.38 0.24
N LEU A 1514 1.86 -47.94 0.58
CA LEU A 1514 1.77 -49.38 0.82
C LEU A 1514 2.15 -50.16 -0.43
N LEU A 1515 1.69 -49.70 -1.59
CA LEU A 1515 2.01 -50.39 -2.83
C LEU A 1515 3.52 -50.38 -3.09
N GLU A 1516 4.16 -49.22 -2.88
CA GLU A 1516 5.60 -49.13 -3.07
C GLU A 1516 6.34 -50.02 -2.07
N LEU A 1517 5.88 -50.03 -0.81
CA LEU A 1517 6.49 -50.93 0.17
C LEU A 1517 6.35 -52.37 -0.26
N ALA A 1518 5.18 -52.75 -0.76
CA ALA A 1518 4.99 -54.10 -1.27
C ALA A 1518 5.98 -54.41 -2.38
N PHE A 1519 6.32 -53.43 -3.19
CA PHE A 1519 7.32 -53.66 -4.21
C PHE A 1519 8.75 -53.54 -3.69
N ALA A 1520 8.94 -53.08 -2.45
CA ALA A 1520 10.29 -52.91 -1.89
C ALA A 1520 10.96 -54.22 -1.52
N PHE A 1521 10.39 -55.33 -1.97
CA PHE A 1521 10.87 -56.68 -1.83
C PHE A 1521 11.23 -57.19 -3.22
N GLY A 1522 11.41 -58.50 -3.36
CA GLY A 1522 11.80 -59.09 -4.63
C GLY A 1522 10.81 -58.92 -5.77
N GLY A 1523 10.94 -59.78 -6.78
CA GLY A 1523 10.32 -59.55 -8.08
C GLY A 1523 8.84 -59.88 -8.17
N LEU A 1524 8.00 -58.97 -7.69
CA LEU A 1524 6.55 -59.14 -7.75
C LEU A 1524 5.96 -58.79 -9.11
N CYS A 1525 6.75 -58.28 -10.06
CA CYS A 1525 6.18 -57.76 -11.30
C CYS A 1525 5.46 -58.84 -12.08
N GLU A 1526 6.04 -60.04 -12.13
CA GLU A 1526 5.39 -61.11 -12.89
C GLU A 1526 3.99 -61.39 -12.38
N ARG A 1527 3.72 -61.09 -11.11
CA ARG A 1527 2.38 -61.26 -10.59
C ARG A 1527 1.55 -59.98 -10.65
N LEU A 1528 2.17 -58.82 -10.49
CA LEU A 1528 1.45 -57.57 -10.59
C LEU A 1528 0.87 -57.38 -11.98
N VAL A 1529 1.64 -57.71 -13.01
CA VAL A 1529 1.14 -57.63 -14.37
C VAL A 1529 -0.05 -58.58 -14.55
N SER A 1530 0.07 -59.80 -14.02
CA SER A 1530 -1.04 -60.73 -14.09
C SER A 1530 -2.28 -60.16 -13.40
N LEU A 1531 -2.07 -59.44 -12.30
CA LEU A 1531 -3.17 -58.79 -11.63
C LEU A 1531 -3.80 -57.70 -12.50
N LEU A 1532 -2.96 -56.91 -13.16
CA LEU A 1532 -3.45 -55.81 -13.99
C LEU A 1532 -4.29 -56.34 -15.14
N LEU A 1533 -3.82 -57.39 -15.81
CA LEU A 1533 -4.52 -57.92 -16.99
C LEU A 1533 -5.61 -58.90 -16.62
N ASN A 1534 -6.02 -58.95 -15.36
CA ASN A 1534 -7.03 -59.90 -14.93
C ASN A 1534 -8.41 -59.35 -15.21
N PRO A 1535 -9.23 -59.99 -16.02
CA PRO A 1535 -10.58 -59.49 -16.24
C PRO A 1535 -11.45 -59.68 -15.02
N ALA A 1536 -11.68 -58.59 -14.28
CA ALA A 1536 -12.43 -58.68 -13.03
C ALA A 1536 -13.31 -57.44 -12.93
N VAL A 1537 -14.57 -57.59 -13.32
CA VAL A 1537 -15.48 -56.46 -13.19
C VAL A 1537 -15.80 -56.23 -11.72
N LEU A 1538 -16.09 -54.98 -11.38
CA LEU A 1538 -16.38 -54.59 -10.01
C LEU A 1538 -17.86 -54.33 -9.76
N SER A 1539 -18.61 -53.95 -10.79
CA SER A 1539 -20.06 -53.90 -10.76
C SER A 1539 -20.58 -52.98 -9.65
N THR A 1540 -20.29 -51.70 -9.82
CA THR A 1540 -20.95 -50.66 -9.04
C THR A 1540 -22.30 -50.36 -9.69
N ALA A 1541 -23.33 -50.25 -8.84
CA ALA A 1541 -24.67 -49.96 -9.33
C ALA A 1541 -24.81 -48.49 -9.66
N SER A 1549 -28.86 -49.38 -14.74
CA SER A 1549 -28.38 -48.46 -13.72
C SER A 1549 -27.17 -49.02 -12.99
N VAL A 1550 -26.65 -50.14 -13.50
CA VAL A 1550 -25.49 -50.80 -12.94
C VAL A 1550 -24.35 -50.69 -13.95
N ILE A 1551 -23.17 -50.33 -13.47
CA ILE A 1551 -22.01 -50.17 -14.34
C ILE A 1551 -20.97 -51.21 -13.94
N HIS A 1552 -20.07 -51.51 -14.87
CA HIS A 1552 -19.07 -52.56 -14.70
C HIS A 1552 -17.75 -52.05 -15.28
N PHE A 1553 -16.84 -51.63 -14.42
CA PHE A 1553 -15.53 -51.17 -14.87
C PHE A 1553 -14.47 -52.15 -14.39
N SER A 1554 -13.54 -52.48 -15.27
CA SER A 1554 -12.59 -53.54 -14.97
C SER A 1554 -11.65 -53.15 -13.85
N HIS A 1555 -11.35 -54.14 -13.00
CA HIS A 1555 -10.50 -53.90 -11.84
C HIS A 1555 -9.09 -53.50 -12.24
N GLY A 1556 -8.56 -54.09 -13.31
CA GLY A 1556 -7.25 -53.70 -13.76
C GLY A 1556 -7.19 -52.25 -14.18
N GLU A 1557 -8.15 -51.81 -15.00
CA GLU A 1557 -8.18 -50.42 -15.40
C GLU A 1557 -8.32 -49.49 -14.21
N TYR A 1558 -9.23 -49.81 -13.29
CA TYR A 1558 -9.39 -48.93 -12.13
C TYR A 1558 -8.11 -48.87 -11.31
N PHE A 1559 -7.50 -50.02 -11.07
CA PHE A 1559 -6.30 -50.10 -10.25
C PHE A 1559 -5.16 -49.29 -10.87
N TYR A 1560 -4.93 -49.46 -12.17
CA TYR A 1560 -3.89 -48.70 -12.84
C TYR A 1560 -4.22 -47.22 -12.87
N SER A 1561 -5.45 -46.88 -13.26
CA SER A 1561 -5.84 -45.48 -13.32
C SER A 1561 -5.58 -44.79 -11.99
N LEU A 1562 -5.79 -45.49 -10.89
CA LEU A 1562 -5.52 -44.89 -9.59
C LEU A 1562 -4.03 -44.79 -9.34
N PHE A 1563 -3.34 -45.92 -9.21
CA PHE A 1563 -1.92 -45.89 -8.86
C PHE A 1563 -1.02 -46.02 -10.07
N SER A 1564 -1.23 -45.20 -11.10
CA SER A 1564 -0.38 -45.27 -12.28
C SER A 1564 1.07 -44.95 -11.96
N GLU A 1565 1.31 -43.81 -11.32
CA GLU A 1565 2.68 -43.38 -11.06
C GLU A 1565 3.44 -44.37 -10.20
N THR A 1566 2.75 -45.23 -9.46
CA THR A 1566 3.39 -46.26 -8.65
C THR A 1566 3.54 -47.56 -9.40
N ILE A 1567 2.49 -48.01 -10.11
CA ILE A 1567 2.56 -49.28 -10.82
C ILE A 1567 3.64 -49.22 -11.89
N ASN A 1568 3.60 -48.19 -12.72
CA ASN A 1568 4.56 -48.15 -13.80
C ASN A 1568 5.98 -47.89 -13.32
N THR A 1569 6.17 -47.39 -12.10
CA THR A 1569 7.54 -47.24 -11.62
C THR A 1569 8.21 -48.60 -11.45
N GLU A 1570 7.49 -49.57 -10.86
CA GLU A 1570 8.02 -50.92 -10.79
C GLU A 1570 8.07 -51.57 -12.17
N LEU A 1571 7.08 -51.27 -13.00
CA LEU A 1571 7.13 -51.81 -14.35
C LEU A 1571 8.35 -51.31 -15.10
N LEU A 1572 8.74 -50.06 -14.86
CA LEU A 1572 9.98 -49.56 -15.42
C LEU A 1572 11.19 -50.18 -14.75
N LYS A 1573 11.07 -50.49 -13.46
CA LYS A 1573 12.17 -51.13 -12.75
C LYS A 1573 12.55 -52.45 -13.41
N ASN A 1574 11.55 -53.27 -13.77
CA ASN A 1574 11.82 -54.45 -14.60
C ASN A 1574 10.87 -54.49 -15.81
N LEU A 1575 11.15 -53.61 -16.76
CA LEU A 1575 10.48 -53.61 -18.05
C LEU A 1575 10.86 -54.81 -18.90
N ASP A 1576 12.10 -55.29 -18.77
CA ASP A 1576 12.55 -56.43 -19.58
C ASP A 1576 11.66 -57.64 -19.39
N LEU A 1577 10.97 -57.74 -18.25
CA LEU A 1577 9.95 -58.77 -18.04
C LEU A 1577 8.54 -58.23 -18.20
N ALA A 1578 8.28 -57.00 -17.75
CA ALA A 1578 6.92 -56.48 -17.81
C ALA A 1578 6.40 -56.42 -19.24
N VAL A 1579 7.23 -55.92 -20.16
CA VAL A 1579 6.81 -55.74 -21.54
C VAL A 1579 6.53 -57.09 -22.18
N LEU A 1580 7.41 -58.06 -21.96
CA LEU A 1580 7.22 -59.38 -22.51
C LEU A 1580 5.94 -60.01 -22.00
N GLU A 1581 5.71 -59.89 -20.68
CA GLU A 1581 4.49 -60.45 -20.11
C GLU A 1581 3.25 -59.77 -20.69
N LEU A 1582 3.31 -58.45 -20.86
CA LEU A 1582 2.18 -57.73 -21.41
C LEU A 1582 1.86 -58.21 -22.82
N MET A 1583 2.86 -58.21 -23.71
CA MET A 1583 2.60 -58.65 -25.07
C MET A 1583 2.35 -60.14 -25.19
N GLN A 1584 2.59 -60.91 -24.13
CA GLN A 1584 2.13 -62.29 -24.15
C GLN A 1584 0.61 -62.34 -24.27
N SER A 1585 -0.08 -61.41 -23.62
CA SER A 1585 -1.54 -61.28 -23.68
C SER A 1585 -1.96 -60.16 -24.60
N SER A 1586 -1.27 -59.99 -25.73
CA SER A 1586 -1.53 -58.88 -26.62
C SER A 1586 -2.80 -59.02 -27.43
N VAL A 1587 -3.28 -60.24 -27.67
CA VAL A 1587 -4.42 -60.45 -28.55
C VAL A 1587 -5.71 -60.68 -27.78
N ASP A 1588 -5.64 -61.19 -26.55
CA ASP A 1588 -6.85 -61.50 -25.80
C ASP A 1588 -7.40 -60.31 -25.03
N ASN A 1589 -6.62 -59.24 -24.85
CA ASN A 1589 -7.13 -58.02 -24.24
C ASN A 1589 -7.06 -56.83 -25.19
N THR A 1590 -5.89 -56.52 -25.73
CA THR A 1590 -5.68 -55.51 -26.76
C THR A 1590 -5.96 -54.08 -26.30
N LYS A 1591 -6.49 -53.90 -25.09
CA LYS A 1591 -6.80 -52.56 -24.61
C LYS A 1591 -6.09 -52.23 -23.30
N MET A 1592 -6.15 -53.12 -22.31
CA MET A 1592 -5.43 -52.88 -21.07
C MET A 1592 -3.93 -52.93 -21.32
N VAL A 1593 -3.50 -53.83 -22.21
CA VAL A 1593 -2.09 -53.89 -22.59
C VAL A 1593 -1.66 -52.58 -23.21
N SER A 1594 -2.45 -52.06 -24.15
CA SER A 1594 -2.09 -50.81 -24.81
C SER A 1594 -2.08 -49.66 -23.82
N ALA A 1595 -3.02 -49.64 -22.89
CA ALA A 1595 -3.03 -48.61 -21.87
C ALA A 1595 -1.77 -48.66 -21.03
N VAL A 1596 -1.32 -49.87 -20.66
CA VAL A 1596 -0.11 -50.00 -19.87
C VAL A 1596 1.09 -49.50 -20.65
N LEU A 1597 1.22 -49.91 -21.91
CA LEU A 1597 2.35 -49.48 -22.72
C LEU A 1597 2.36 -47.97 -22.86
N ASN A 1598 1.19 -47.37 -23.12
CA ASN A 1598 1.08 -45.93 -23.23
C ASN A 1598 1.45 -45.27 -21.92
N GLY A 1599 1.05 -45.86 -20.80
CA GLY A 1599 1.38 -45.27 -19.51
C GLY A 1599 2.87 -45.25 -19.25
N MET A 1600 3.54 -46.38 -19.49
CA MET A 1600 4.98 -46.42 -19.26
C MET A 1600 5.70 -45.49 -20.20
N LEU A 1601 5.29 -45.44 -21.47
CA LEU A 1601 5.91 -44.51 -22.41
C LEU A 1601 5.66 -43.08 -21.96
N ASP A 1602 4.44 -42.79 -21.53
CA ASP A 1602 4.08 -41.45 -21.08
C ASP A 1602 4.98 -41.01 -19.93
N GLN A 1603 5.16 -41.87 -18.94
CA GLN A 1603 5.90 -41.40 -17.79
C GLN A 1603 7.40 -41.45 -18.01
N SER A 1604 7.87 -42.35 -18.87
CA SER A 1604 9.27 -42.27 -19.27
C SER A 1604 9.54 -40.98 -20.03
N PHE A 1605 8.57 -40.54 -20.84
CA PHE A 1605 8.71 -39.30 -21.60
C PHE A 1605 8.62 -38.09 -20.70
N ARG A 1606 7.66 -38.06 -19.78
CA ARG A 1606 7.59 -36.98 -18.82
C ARG A 1606 8.84 -36.95 -17.96
N GLU A 1607 9.47 -38.09 -17.74
CA GLU A 1607 10.74 -38.19 -17.04
C GLU A 1607 11.88 -38.49 -18.02
N ARG A 1608 11.83 -37.86 -19.20
CA ARG A 1608 12.97 -38.01 -20.11
C ARG A 1608 14.19 -37.28 -19.59
N ALA A 1609 14.05 -36.49 -18.54
CA ALA A 1609 15.19 -35.97 -17.79
C ALA A 1609 15.46 -36.90 -16.61
N ASN A 1610 16.73 -37.27 -16.44
CA ASN A 1610 17.26 -38.13 -15.39
C ASN A 1610 16.96 -39.61 -15.63
N GLN A 1611 16.21 -39.97 -16.67
CA GLN A 1611 16.03 -41.34 -17.10
C GLN A 1611 16.32 -41.46 -18.60
N LYS A 1612 17.37 -40.78 -19.04
CA LYS A 1612 17.63 -40.66 -20.47
C LYS A 1612 17.86 -42.01 -21.11
N HIS A 1613 18.79 -42.79 -20.55
CA HIS A 1613 19.00 -44.14 -21.07
C HIS A 1613 17.80 -45.03 -20.82
N GLN A 1614 17.02 -44.73 -19.78
CA GLN A 1614 15.85 -45.56 -19.47
C GLN A 1614 14.81 -45.45 -20.58
N GLY A 1615 14.53 -44.24 -21.05
CA GLY A 1615 13.55 -44.08 -22.11
C GLY A 1615 13.96 -44.80 -23.38
N LEU A 1616 15.23 -44.65 -23.76
CA LEU A 1616 15.73 -45.32 -24.95
C LEU A 1616 15.67 -46.83 -24.81
N LYS A 1617 16.02 -47.34 -23.64
CA LYS A 1617 15.91 -48.78 -23.39
C LYS A 1617 14.47 -49.24 -23.50
N LEU A 1618 13.53 -48.42 -23.01
CA LEU A 1618 12.12 -48.79 -23.09
C LEU A 1618 11.65 -48.85 -24.53
N ALA A 1619 11.97 -47.83 -25.31
CA ALA A 1619 11.58 -47.85 -26.72
C ALA A 1619 12.20 -49.04 -27.44
N THR A 1620 13.48 -49.29 -27.19
CA THR A 1620 14.15 -50.39 -27.86
C THR A 1620 13.53 -51.73 -27.51
N THR A 1621 13.25 -51.95 -26.21
CA THR A 1621 12.73 -53.25 -25.80
C THR A 1621 11.31 -53.46 -26.29
N ILE A 1622 10.54 -52.38 -26.46
CA ILE A 1622 9.27 -52.54 -27.15
C ILE A 1622 9.51 -52.88 -28.61
N LEU A 1623 10.56 -52.31 -29.20
CA LEU A 1623 10.82 -52.55 -30.61
C LEU A 1623 11.15 -54.01 -30.87
N GLN A 1624 11.97 -54.64 -30.01
CA GLN A 1624 12.28 -56.04 -30.24
C GLN A 1624 11.06 -56.92 -30.16
N HIS A 1625 10.16 -56.65 -29.23
CA HIS A 1625 8.96 -57.46 -29.11
C HIS A 1625 7.83 -57.01 -30.00
N TRP A 1626 8.04 -55.98 -30.82
CA TRP A 1626 7.00 -55.55 -31.76
C TRP A 1626 6.54 -56.67 -32.68
N LYS A 1627 7.36 -57.70 -32.91
CA LYS A 1627 6.91 -58.80 -33.75
C LYS A 1627 5.61 -59.40 -33.25
N LYS A 1628 5.37 -59.34 -31.93
CA LYS A 1628 4.15 -59.86 -31.33
C LYS A 1628 2.99 -58.88 -31.44
N CYS A 1629 3.23 -57.70 -31.96
CA CYS A 1629 2.24 -56.64 -32.07
C CYS A 1629 1.48 -56.66 -33.39
N ASP A 1630 1.72 -57.68 -34.22
CA ASP A 1630 1.19 -57.69 -35.58
C ASP A 1630 -0.32 -57.81 -35.59
N SER A 1631 -0.87 -58.62 -34.68
CA SER A 1631 -2.29 -58.96 -34.72
C SER A 1631 -3.18 -57.74 -34.58
N TRP A 1632 -2.66 -56.63 -34.07
CA TRP A 1632 -3.50 -55.46 -33.82
C TRP A 1632 -4.03 -54.87 -35.11
N TRP A 1633 -3.15 -54.63 -36.09
CA TRP A 1633 -3.54 -54.06 -37.38
C TRP A 1633 -3.49 -55.14 -38.45
N ALA A 1634 -4.53 -55.19 -39.26
CA ALA A 1634 -4.67 -56.16 -40.33
C ALA A 1634 -5.83 -55.73 -41.21
N LYS A 1635 -6.09 -56.51 -42.25
CA LYS A 1635 -7.19 -56.18 -43.14
C LYS A 1635 -8.54 -56.29 -42.48
N ASP A 1636 -8.65 -57.02 -41.36
CA ASP A 1636 -9.88 -57.10 -40.60
C ASP A 1636 -9.73 -56.46 -39.22
N SER A 1637 -8.69 -55.67 -39.01
CA SER A 1637 -8.51 -55.02 -37.72
C SER A 1637 -9.62 -54.00 -37.47
N PRO A 1638 -10.11 -53.91 -36.24
CA PRO A 1638 -10.98 -52.79 -35.89
C PRO A 1638 -10.22 -51.48 -36.05
N LEU A 1639 -10.94 -50.46 -36.52
CA LEU A 1639 -10.33 -49.16 -36.70
C LEU A 1639 -9.79 -48.63 -35.39
N GLU A 1640 -10.52 -48.88 -34.29
CA GLU A 1640 -10.03 -48.48 -32.98
C GLU A 1640 -8.65 -49.08 -32.73
N THR A 1641 -8.47 -50.35 -33.08
CA THR A 1641 -7.18 -50.98 -32.89
C THR A 1641 -6.13 -50.36 -33.80
N LYS A 1642 -6.51 -49.99 -35.02
CA LYS A 1642 -5.52 -49.35 -35.89
C LYS A 1642 -5.07 -48.01 -35.32
N MET A 1643 -5.99 -47.19 -34.83
CA MET A 1643 -5.56 -45.97 -34.16
C MET A 1643 -4.72 -46.27 -32.92
N ALA A 1644 -5.02 -47.37 -32.24
CA ALA A 1644 -4.19 -47.75 -31.09
C ALA A 1644 -2.76 -48.02 -31.52
N VAL A 1645 -2.59 -48.77 -32.61
CA VAL A 1645 -1.26 -49.05 -33.13
C VAL A 1645 -0.56 -47.76 -33.52
N LEU A 1646 -1.30 -46.88 -34.20
CA LEU A 1646 -0.71 -45.64 -34.66
C LEU A 1646 -0.24 -44.79 -33.50
N ALA A 1647 -1.05 -44.70 -32.45
CA ALA A 1647 -0.66 -43.95 -31.26
C ALA A 1647 0.56 -44.56 -30.60
N LEU A 1648 0.58 -45.88 -30.47
CA LEU A 1648 1.76 -46.52 -29.89
C LEU A 1648 3.01 -46.23 -30.70
N LEU A 1649 2.93 -46.37 -32.00
CA LEU A 1649 4.12 -46.17 -32.82
C LEU A 1649 4.57 -44.72 -32.79
N ALA A 1650 3.61 -43.80 -32.81
CA ALA A 1650 3.97 -42.38 -32.75
C ALA A 1650 4.66 -42.06 -31.43
N LYS A 1651 4.12 -42.58 -30.32
CA LYS A 1651 4.72 -42.30 -29.03
C LYS A 1651 6.08 -42.94 -28.90
N ILE A 1652 6.23 -44.17 -29.39
CA ILE A 1652 7.52 -44.83 -29.40
C ILE A 1652 8.52 -43.98 -30.18
N LEU A 1653 8.15 -43.57 -31.38
CA LEU A 1653 9.09 -42.91 -32.26
C LEU A 1653 9.43 -41.51 -31.79
N GLN A 1654 8.54 -40.86 -31.03
CA GLN A 1654 8.83 -39.51 -30.59
C GLN A 1654 9.49 -39.48 -29.22
N ILE A 1655 9.28 -40.52 -28.40
CA ILE A 1655 9.95 -40.60 -27.10
C ILE A 1655 11.45 -40.62 -27.30
N ASP A 1656 11.90 -41.07 -28.46
CA ASP A 1656 13.31 -41.05 -28.82
C ASP A 1656 13.47 -40.26 -30.11
N SER A 1657 14.72 -39.89 -30.39
CA SER A 1657 15.09 -39.42 -31.73
C SER A 1657 15.39 -40.64 -32.59
N SER A 1658 16.02 -40.43 -33.75
CA SER A 1658 16.66 -41.52 -34.45
C SER A 1658 18.04 -41.79 -33.83
N VAL A 1659 18.04 -41.88 -32.51
CA VAL A 1659 19.24 -42.16 -31.75
C VAL A 1659 19.62 -43.62 -31.95
N SER A 1660 18.59 -44.46 -32.08
CA SER A 1660 18.79 -45.88 -32.35
C SER A 1660 17.81 -46.43 -33.37
N PHE A 1661 16.99 -45.58 -33.98
CA PHE A 1661 16.04 -46.01 -35.01
C PHE A 1661 16.41 -45.30 -36.31
N ASN A 1662 17.36 -45.88 -37.03
CA ASN A 1662 17.65 -45.49 -38.41
C ASN A 1662 17.48 -46.66 -39.36
N THR A 1663 18.16 -47.77 -39.12
CA THR A 1663 18.03 -48.98 -39.92
C THR A 1663 18.77 -50.11 -39.21
N SER A 1664 18.14 -51.28 -39.17
CA SER A 1664 18.73 -52.51 -38.63
C SER A 1664 19.21 -52.32 -37.19
N HIS A 1665 18.50 -51.52 -36.40
CA HIS A 1665 18.92 -51.27 -35.04
C HIS A 1665 17.76 -51.45 -34.06
N GLY A 1666 16.55 -51.24 -34.54
CA GLY A 1666 15.37 -51.39 -33.71
C GLY A 1666 14.31 -52.26 -34.36
N SER A 1667 14.74 -53.32 -35.04
CA SER A 1667 13.86 -54.15 -35.85
C SER A 1667 13.17 -53.30 -36.91
N PHE A 1668 13.97 -52.74 -37.81
CA PHE A 1668 13.45 -51.82 -38.80
C PHE A 1668 12.36 -52.41 -39.69
N PRO A 1669 12.44 -53.65 -40.19
CA PRO A 1669 11.52 -54.04 -41.27
C PRO A 1669 10.08 -54.15 -40.82
N GLU A 1670 9.83 -54.70 -39.63
CA GLU A 1670 8.45 -54.81 -39.19
C GLU A 1670 7.85 -53.44 -38.88
N VAL A 1671 8.63 -52.55 -38.28
CA VAL A 1671 8.16 -51.18 -38.06
C VAL A 1671 7.80 -50.53 -39.39
N PHE A 1672 8.67 -50.69 -40.38
CA PHE A 1672 8.44 -49.99 -41.65
C PHE A 1672 7.28 -50.59 -42.40
N THR A 1673 7.14 -51.91 -42.39
CA THR A 1673 5.98 -52.54 -43.02
C THR A 1673 4.69 -52.16 -42.29
N THR A 1674 4.76 -52.00 -40.96
CA THR A 1674 3.61 -51.51 -40.23
C THR A 1674 3.21 -50.12 -40.71
N TYR A 1675 4.18 -49.20 -40.77
CA TYR A 1675 3.88 -47.84 -41.19
C TYR A 1675 3.35 -47.80 -42.61
N ILE A 1676 3.94 -48.60 -43.50
CA ILE A 1676 3.49 -48.63 -44.88
C ILE A 1676 2.09 -49.21 -44.99
N SER A 1677 1.80 -50.27 -44.24
CA SER A 1677 0.48 -50.89 -44.31
C SER A 1677 -0.59 -49.94 -43.78
N LEU A 1678 -0.30 -49.25 -42.68
CA LEU A 1678 -1.26 -48.28 -42.16
C LEU A 1678 -1.45 -47.13 -43.14
N LEU A 1679 -0.35 -46.51 -43.58
CA LEU A 1679 -0.42 -45.32 -44.41
C LEU A 1679 -1.00 -45.60 -45.79
N ALA A 1680 -0.86 -46.82 -46.28
CA ALA A 1680 -1.32 -47.16 -47.62
C ALA A 1680 -2.66 -47.89 -47.60
N ASP A 1681 -3.34 -47.93 -46.45
CA ASP A 1681 -4.61 -48.63 -46.35
C ASP A 1681 -5.74 -47.73 -46.83
N THR A 1682 -6.77 -48.36 -47.39
CA THR A 1682 -7.94 -47.61 -47.85
C THR A 1682 -8.85 -47.19 -46.71
N LYS A 1683 -8.78 -47.85 -45.56
CA LYS A 1683 -9.84 -47.73 -44.56
C LYS A 1683 -9.54 -46.71 -43.46
N LEU A 1684 -8.35 -46.13 -43.42
CA LEU A 1684 -8.09 -45.03 -42.49
C LEU A 1684 -8.53 -43.70 -43.09
N ASP A 1685 -8.99 -42.81 -42.21
CA ASP A 1685 -9.41 -41.50 -42.63
C ASP A 1685 -8.21 -40.61 -42.94
N LEU A 1686 -8.48 -39.56 -43.70
CA LEU A 1686 -7.43 -38.63 -44.08
C LEU A 1686 -6.78 -37.99 -42.86
N HIS A 1687 -7.55 -37.81 -41.78
CA HIS A 1687 -6.99 -37.19 -40.58
C HIS A 1687 -5.91 -38.06 -39.96
N LEU A 1688 -6.18 -39.36 -39.80
CA LEU A 1688 -5.16 -40.24 -39.25
C LEU A 1688 -4.01 -40.46 -40.23
N LYS A 1689 -4.29 -40.47 -41.53
CA LYS A 1689 -3.18 -40.52 -42.47
C LYS A 1689 -2.25 -39.32 -42.29
N GLY A 1690 -2.83 -38.14 -42.13
CA GLY A 1690 -2.04 -36.95 -41.91
C GLY A 1690 -1.40 -36.92 -40.53
N GLN A 1691 -1.95 -37.67 -39.59
CA GLN A 1691 -1.24 -37.80 -38.31
C GLN A 1691 -0.06 -38.76 -38.43
N ALA A 1692 -0.19 -39.77 -39.29
CA ALA A 1692 0.91 -40.71 -39.49
C ALA A 1692 2.03 -40.09 -40.30
N VAL A 1693 1.72 -39.14 -41.19
CA VAL A 1693 2.78 -38.53 -42.01
C VAL A 1693 3.73 -37.69 -41.19
N THR A 1694 3.36 -37.31 -39.97
CA THR A 1694 4.26 -36.57 -39.11
C THR A 1694 5.45 -37.43 -38.69
N LEU A 1695 5.39 -38.72 -38.92
CA LEU A 1695 6.46 -39.65 -38.55
C LEU A 1695 7.47 -39.87 -39.67
N LEU A 1696 7.35 -39.11 -40.77
CA LEU A 1696 8.36 -39.21 -41.82
C LEU A 1696 9.77 -38.91 -41.35
N PRO A 1697 10.06 -37.87 -40.54
CA PRO A 1697 11.45 -37.54 -40.22
C PRO A 1697 12.27 -38.70 -39.66
N PHE A 1698 11.59 -39.75 -39.20
CA PHE A 1698 12.23 -40.98 -38.80
C PHE A 1698 12.27 -42.00 -39.93
N PHE A 1699 11.76 -41.66 -41.11
CA PHE A 1699 11.78 -42.56 -42.25
C PHE A 1699 12.42 -41.95 -43.49
N THR A 1700 12.84 -40.69 -43.45
CA THR A 1700 13.35 -40.04 -44.66
C THR A 1700 14.76 -40.49 -45.01
N SER A 1701 15.51 -41.04 -44.06
CA SER A 1701 16.87 -41.52 -44.33
C SER A 1701 16.84 -43.01 -44.68
N LEU A 1702 16.01 -43.32 -45.67
CA LEU A 1702 15.70 -44.68 -46.08
C LEU A 1702 16.21 -44.94 -47.49
N THR A 1703 17.43 -44.50 -47.77
CA THR A 1703 18.00 -44.67 -49.09
C THR A 1703 18.01 -46.14 -49.49
N GLY A 1704 17.52 -46.41 -50.70
CA GLY A 1704 17.66 -47.74 -51.25
C GLY A 1704 16.44 -48.64 -51.21
N GLY A 1705 15.78 -48.80 -52.36
CA GLY A 1705 14.89 -49.91 -52.61
C GLY A 1705 13.56 -49.89 -51.88
N SER A 1706 13.43 -49.14 -50.79
CA SER A 1706 12.16 -49.05 -50.08
C SER A 1706 11.72 -47.62 -49.87
N LEU A 1707 12.67 -46.67 -49.91
CA LEU A 1707 12.29 -45.28 -50.08
C LEU A 1707 11.40 -45.13 -51.30
N GLU A 1708 11.62 -45.94 -52.33
CA GLU A 1708 10.73 -45.93 -53.49
C GLU A 1708 9.32 -46.38 -53.12
N GLU A 1709 9.21 -47.37 -52.24
CA GLU A 1709 7.89 -47.77 -51.74
C GLU A 1709 7.23 -46.61 -51.00
N LEU A 1710 8.00 -45.93 -50.15
CA LEU A 1710 7.47 -44.76 -49.46
C LEU A 1710 7.00 -43.71 -50.45
N ARG A 1711 7.77 -43.51 -51.53
CA ARG A 1711 7.45 -42.51 -52.53
C ARG A 1711 6.16 -42.86 -53.24
N ARG A 1712 6.02 -44.10 -53.69
CA ARG A 1712 4.83 -44.46 -54.46
C ARG A 1712 3.59 -44.44 -53.58
N VAL A 1713 3.72 -44.78 -52.30
CA VAL A 1713 2.58 -44.67 -51.40
C VAL A 1713 2.20 -43.21 -51.19
N LEU A 1714 3.18 -42.33 -50.97
CA LEU A 1714 2.89 -40.91 -50.82
C LEU A 1714 2.23 -40.35 -52.08
N GLU A 1715 2.74 -40.73 -53.25
CA GLU A 1715 2.21 -40.23 -54.50
C GLU A 1715 0.78 -40.70 -54.73
N GLN A 1716 0.50 -41.98 -54.47
CA GLN A 1716 -0.87 -42.43 -54.66
C GLN A 1716 -1.78 -41.76 -53.65
N LEU A 1717 -1.26 -41.46 -52.45
CA LEU A 1717 -2.02 -40.69 -51.47
C LEU A 1717 -2.44 -39.34 -52.03
N ILE A 1718 -1.48 -38.55 -52.53
CA ILE A 1718 -1.84 -37.22 -53.00
C ILE A 1718 -2.76 -37.31 -54.20
N VAL A 1719 -2.47 -38.20 -55.14
CA VAL A 1719 -3.28 -38.27 -56.36
C VAL A 1719 -4.64 -38.91 -56.13
N ALA A 1720 -4.87 -39.56 -54.99
CA ALA A 1720 -6.17 -40.13 -54.70
C ALA A 1720 -6.99 -39.31 -53.73
N HIS A 1721 -6.36 -38.42 -52.95
CA HIS A 1721 -7.10 -37.63 -51.98
C HIS A 1721 -7.00 -36.13 -52.19
N PHE A 1722 -6.27 -35.67 -53.21
CA PHE A 1722 -6.08 -34.25 -53.46
C PHE A 1722 -6.62 -33.90 -54.84
N PRO A 1723 -7.03 -32.65 -55.05
CA PRO A 1723 -7.59 -32.27 -56.35
C PRO A 1723 -6.53 -32.17 -57.43
N MET A 1724 -6.97 -31.88 -58.66
CA MET A 1724 -6.04 -31.69 -59.77
C MET A 1724 -5.25 -30.41 -59.62
N GLN A 1725 -5.91 -29.30 -59.32
CA GLN A 1725 -5.29 -27.98 -59.32
C GLN A 1725 -5.39 -27.26 -58.00
N SER A 1726 -5.88 -27.91 -56.94
CA SER A 1726 -5.92 -27.35 -55.59
C SER A 1726 -6.87 -26.17 -55.48
N ARG A 1727 -7.99 -26.19 -56.22
CA ARG A 1727 -8.92 -25.07 -56.15
C ARG A 1727 -10.37 -25.49 -55.99
N GLU A 1728 -10.74 -26.66 -56.50
CA GLU A 1728 -12.15 -27.01 -56.47
C GLU A 1728 -12.59 -27.58 -55.12
N PHE A 1729 -11.82 -27.38 -54.07
CA PHE A 1729 -12.34 -27.42 -52.71
C PHE A 1729 -12.87 -26.05 -52.35
N PRO A 1730 -14.19 -25.88 -52.22
CA PRO A 1730 -14.73 -24.56 -51.88
C PRO A 1730 -14.22 -24.09 -50.54
N PRO A 1731 -13.55 -22.94 -50.49
CA PRO A 1731 -12.95 -22.49 -49.23
C PRO A 1731 -13.99 -22.35 -48.13
N GLY A 1732 -13.63 -22.82 -46.93
CA GLY A 1732 -14.52 -22.92 -45.81
C GLY A 1732 -15.01 -24.32 -45.54
N THR A 1733 -15.27 -25.11 -46.57
CA THR A 1733 -15.83 -26.44 -46.39
C THR A 1733 -14.88 -27.29 -45.55
N PRO A 1734 -15.40 -28.17 -44.68
CA PRO A 1734 -14.50 -29.06 -43.93
C PRO A 1734 -13.62 -29.91 -44.81
N ARG A 1735 -14.08 -30.24 -46.02
CA ARG A 1735 -13.20 -30.90 -46.99
C ARG A 1735 -11.98 -30.04 -47.30
N PHE A 1736 -12.21 -28.74 -47.54
CA PHE A 1736 -11.11 -27.82 -47.76
C PHE A 1736 -10.22 -27.72 -46.54
N ASN A 1737 -10.82 -27.73 -45.35
CA ASN A 1737 -10.02 -27.69 -44.13
C ASN A 1737 -9.14 -28.92 -44.02
N ASN A 1738 -9.67 -30.07 -44.42
CA ASN A 1738 -8.88 -31.30 -44.47
C ASN A 1738 -7.69 -31.14 -45.39
N TYR A 1739 -7.94 -30.58 -46.58
CA TYR A 1739 -6.83 -30.39 -47.52
C TYR A 1739 -5.77 -29.48 -46.93
N VAL A 1740 -6.20 -28.39 -46.30
CA VAL A 1740 -5.24 -27.44 -45.74
C VAL A 1740 -4.41 -28.09 -44.65
N ASP A 1741 -5.04 -28.84 -43.76
CA ASP A 1741 -4.25 -29.41 -42.68
C ASP A 1741 -3.32 -30.51 -43.18
N CYS A 1742 -3.76 -31.30 -44.17
CA CYS A 1742 -2.89 -32.35 -44.70
C CYS A 1742 -1.67 -31.75 -45.39
N MET A 1743 -1.87 -30.70 -46.20
CA MET A 1743 -0.72 -30.05 -46.81
C MET A 1743 0.16 -29.39 -45.76
N LYS A 1744 -0.44 -28.87 -44.70
CA LYS A 1744 0.37 -28.32 -43.62
C LYS A 1744 1.25 -29.39 -43.00
N LYS A 1745 0.71 -30.59 -42.84
CA LYS A 1745 1.48 -31.70 -42.28
C LYS A 1745 2.64 -32.09 -43.19
N PHE A 1746 2.35 -32.28 -44.48
CA PHE A 1746 3.42 -32.62 -45.42
C PHE A 1746 4.53 -31.58 -45.39
N LEU A 1747 4.13 -30.31 -45.35
CA LEU A 1747 5.11 -29.23 -45.40
C LEU A 1747 5.89 -29.16 -44.09
N ASP A 1748 5.24 -29.50 -42.98
CA ASP A 1748 5.97 -29.61 -41.71
C ASP A 1748 7.02 -30.71 -41.78
N ALA A 1749 6.65 -31.86 -42.33
CA ALA A 1749 7.60 -32.96 -42.44
C ALA A 1749 8.81 -32.54 -43.27
N LEU A 1750 8.56 -31.90 -44.41
CA LEU A 1750 9.66 -31.43 -45.25
C LEU A 1750 10.53 -30.43 -44.50
N GLU A 1751 9.91 -29.47 -43.81
CA GLU A 1751 10.71 -28.43 -43.18
C GLU A 1751 11.52 -28.96 -42.02
N LEU A 1752 11.05 -30.02 -41.36
CA LEU A 1752 11.90 -30.65 -40.34
C LEU A 1752 12.98 -31.53 -40.95
N SER A 1753 12.73 -32.13 -42.12
CA SER A 1753 13.57 -33.23 -42.57
C SER A 1753 14.61 -32.87 -43.63
N GLN A 1754 14.40 -31.81 -44.43
CA GLN A 1754 15.22 -31.58 -45.62
C GLN A 1754 15.22 -32.82 -46.51
N SER A 1755 14.07 -33.46 -46.65
CA SER A 1755 14.00 -34.69 -47.41
C SER A 1755 13.78 -34.38 -48.88
N PRO A 1756 14.75 -34.68 -49.75
CA PRO A 1756 14.54 -34.41 -51.18
C PRO A 1756 13.34 -35.12 -51.76
N MET A 1757 12.98 -36.29 -51.26
CA MET A 1757 11.79 -36.97 -51.76
C MET A 1757 10.54 -36.13 -51.52
N LEU A 1758 10.33 -35.71 -50.27
CA LEU A 1758 9.14 -34.91 -49.99
C LEU A 1758 9.22 -33.55 -50.64
N LEU A 1759 10.42 -33.01 -50.84
CA LEU A 1759 10.51 -31.72 -51.51
C LEU A 1759 10.12 -31.85 -52.97
N GLU A 1760 10.54 -32.94 -53.62
CA GLU A 1760 10.04 -33.28 -54.94
C GLU A 1760 8.53 -33.28 -54.95
N LEU A 1761 7.92 -33.97 -53.99
CA LEU A 1761 6.47 -34.05 -53.96
C LEU A 1761 5.82 -32.69 -53.74
N MET A 1762 6.39 -31.89 -52.84
CA MET A 1762 5.83 -30.59 -52.52
C MET A 1762 5.89 -29.64 -53.69
N THR A 1763 7.02 -29.59 -54.40
CA THR A 1763 7.08 -28.77 -55.59
C THR A 1763 6.20 -29.33 -56.69
N GLU A 1764 6.03 -30.65 -56.77
CA GLU A 1764 5.14 -31.21 -57.77
C GLU A 1764 3.71 -30.76 -57.54
N VAL A 1765 3.29 -30.63 -56.27
CA VAL A 1765 1.92 -30.18 -56.05
C VAL A 1765 1.81 -28.66 -56.12
N LEU A 1766 2.85 -27.93 -55.70
CA LEU A 1766 2.82 -26.48 -55.78
C LEU A 1766 2.76 -26.01 -57.22
N CYS A 1767 3.70 -26.50 -58.04
CA CYS A 1767 3.80 -26.13 -59.43
C CYS A 1767 3.00 -27.06 -60.33
N ARG A 1768 1.95 -27.69 -59.81
CA ARG A 1768 0.99 -28.36 -60.68
C ARG A 1768 0.05 -27.36 -61.33
N GLU A 1769 -0.05 -26.17 -60.75
CA GLU A 1769 -0.77 -25.07 -61.35
C GLU A 1769 -0.26 -23.78 -60.72
N GLN A 1770 -0.30 -22.70 -61.48
CA GLN A 1770 0.19 -21.43 -60.97
C GLN A 1770 -0.71 -20.93 -59.85
N GLN A 1771 -0.11 -20.19 -58.93
CA GLN A 1771 -0.83 -19.53 -57.84
C GLN A 1771 -1.60 -20.55 -57.00
N HIS A 1772 -0.83 -21.38 -56.31
CA HIS A 1772 -1.42 -22.30 -55.34
C HIS A 1772 -2.04 -21.51 -54.20
N VAL A 1773 -3.09 -22.10 -53.60
CA VAL A 1773 -3.78 -21.43 -52.50
C VAL A 1773 -2.83 -21.23 -51.33
N MET A 1774 -2.06 -22.25 -50.99
CA MET A 1774 -1.14 -22.21 -49.87
C MET A 1774 0.24 -21.74 -50.27
N GLU A 1775 0.33 -21.00 -51.38
CA GLU A 1775 1.64 -20.72 -51.97
C GLU A 1775 2.55 -19.98 -51.01
N GLU A 1776 1.99 -19.07 -50.21
CA GLU A 1776 2.84 -18.37 -49.25
C GLU A 1776 3.40 -19.31 -48.21
N LEU A 1777 2.61 -20.29 -47.76
CA LEU A 1777 3.13 -21.29 -46.83
C LEU A 1777 4.22 -22.12 -47.47
N PHE A 1778 4.02 -22.53 -48.72
CA PHE A 1778 5.06 -23.29 -49.41
C PHE A 1778 6.36 -22.49 -49.45
N GLN A 1779 6.26 -21.21 -49.81
CA GLN A 1779 7.46 -20.39 -49.93
C GLN A 1779 8.12 -20.18 -48.58
N SER A 1780 7.32 -20.01 -47.51
CA SER A 1780 7.89 -19.88 -46.19
C SER A 1780 8.66 -21.13 -45.81
N SER A 1781 8.11 -22.30 -46.11
CA SER A 1781 8.79 -23.54 -45.77
C SER A 1781 10.08 -23.70 -46.57
N PHE A 1782 10.04 -23.42 -47.87
CA PHE A 1782 11.24 -23.57 -48.69
C PHE A 1782 12.32 -22.59 -48.25
N ARG A 1783 11.92 -21.36 -47.93
CA ARG A 1783 12.84 -20.37 -47.41
C ARG A 1783 13.47 -20.83 -46.10
N ARG A 1784 12.67 -21.47 -45.24
CA ARG A 1784 13.23 -21.96 -43.98
C ARG A 1784 14.22 -23.10 -44.19
N ILE A 1785 13.88 -24.05 -45.07
CA ILE A 1785 14.76 -25.21 -45.23
C ILE A 1785 16.05 -24.83 -45.89
N ALA A 1786 16.02 -23.89 -46.85
CA ALA A 1786 17.21 -23.54 -47.58
C ALA A 1786 18.12 -22.60 -46.81
N ARG A 1787 17.97 -22.55 -45.50
CA ARG A 1787 18.78 -21.66 -44.67
C ARG A 1787 19.23 -22.36 -43.38
N ARG A 1788 18.92 -23.64 -43.21
CA ARG A 1788 19.04 -24.31 -41.93
C ARG A 1788 20.08 -25.43 -41.95
N GLY A 1789 19.96 -26.38 -42.86
CA GLY A 1789 20.81 -27.55 -42.86
C GLY A 1789 22.25 -27.24 -43.24
N SER A 1790 22.94 -28.29 -43.66
CA SER A 1790 24.32 -28.16 -44.10
C SER A 1790 24.41 -28.23 -45.63
N CYS A 1791 25.63 -28.00 -46.12
CA CYS A 1791 25.85 -27.78 -47.54
C CYS A 1791 25.38 -28.96 -48.38
N VAL A 1792 25.66 -30.19 -47.92
CA VAL A 1792 25.30 -31.36 -48.72
C VAL A 1792 23.79 -31.45 -48.88
N THR A 1793 23.05 -31.22 -47.80
CA THR A 1793 21.60 -31.26 -47.87
C THR A 1793 21.06 -30.14 -48.76
N GLN A 1794 21.60 -28.94 -48.61
CA GLN A 1794 21.17 -27.82 -49.44
C GLN A 1794 21.34 -28.15 -50.91
N VAL A 1795 22.54 -28.58 -51.30
CA VAL A 1795 22.77 -28.88 -52.71
C VAL A 1795 21.94 -30.08 -53.13
N GLY A 1796 21.67 -31.01 -52.20
CA GLY A 1796 20.81 -32.13 -52.55
C GLY A 1796 19.44 -31.66 -53.00
N LEU A 1797 18.83 -30.76 -52.23
CA LEU A 1797 17.54 -30.20 -52.64
C LEU A 1797 17.69 -29.43 -53.96
N LEU A 1798 18.77 -28.67 -54.08
CA LEU A 1798 19.01 -27.86 -55.27
C LEU A 1798 18.98 -28.74 -56.51
N GLU A 1799 19.92 -29.67 -56.64
CA GLU A 1799 19.91 -30.50 -57.83
C GLU A 1799 18.72 -31.45 -57.89
N SER A 1800 18.04 -31.70 -56.78
CA SER A 1800 16.85 -32.53 -56.86
C SER A 1800 15.78 -31.84 -57.69
N VAL A 1801 15.45 -30.59 -57.36
CA VAL A 1801 14.50 -29.87 -58.20
C VAL A 1801 15.12 -29.57 -59.56
N TYR A 1802 16.44 -29.39 -59.63
CA TYR A 1802 17.08 -29.15 -60.91
C TYR A 1802 16.82 -30.29 -61.88
N GLU A 1803 17.01 -31.54 -61.40
CA GLU A 1803 16.78 -32.71 -62.22
C GLU A 1803 15.29 -32.93 -62.46
N MET A 1804 14.44 -32.60 -61.49
CA MET A 1804 13.01 -32.64 -61.75
C MET A 1804 12.64 -31.71 -62.89
N PHE A 1805 13.35 -30.58 -62.99
CA PHE A 1805 13.08 -29.60 -64.03
C PHE A 1805 13.58 -30.08 -65.38
N ARG A 1806 14.80 -30.62 -65.43
CA ARG A 1806 15.40 -31.07 -66.69
C ARG A 1806 14.86 -32.41 -67.16
N LYS A 1807 13.76 -32.89 -66.60
CA LYS A 1807 13.26 -34.21 -66.93
C LYS A 1807 12.55 -34.20 -68.29
N ASP A 1808 12.44 -35.39 -68.87
CA ASP A 1808 11.72 -35.62 -70.11
C ASP A 1808 10.23 -35.80 -69.79
N ASP A 1809 9.48 -36.41 -70.71
CA ASP A 1809 8.05 -36.65 -70.54
C ASP A 1809 7.32 -35.33 -70.44
N PRO A 1810 7.17 -34.60 -71.54
CA PRO A 1810 6.58 -33.25 -71.49
C PRO A 1810 5.22 -33.25 -70.83
N ARG A 1811 5.06 -32.37 -69.85
CA ARG A 1811 3.85 -32.23 -69.05
C ARG A 1811 3.48 -30.75 -68.88
N LEU A 1812 3.26 -30.07 -70.01
CA LEU A 1812 2.93 -28.65 -70.02
C LEU A 1812 4.09 -27.78 -69.55
N SER A 1813 5.09 -27.60 -70.43
CA SER A 1813 6.34 -26.89 -70.17
C SER A 1813 6.16 -25.61 -69.36
N PHE A 1814 5.00 -24.98 -69.43
CA PHE A 1814 4.67 -23.96 -68.44
C PHE A 1814 4.99 -24.44 -67.03
N THR A 1815 4.62 -25.68 -66.72
CA THR A 1815 4.93 -26.26 -65.42
C THR A 1815 6.43 -26.40 -65.22
N ARG A 1816 7.14 -26.82 -66.26
CA ARG A 1816 8.60 -26.93 -66.20
C ARG A 1816 9.23 -25.57 -65.93
N GLN A 1817 8.56 -24.49 -66.34
CA GLN A 1817 9.00 -23.16 -65.97
C GLN A 1817 8.68 -22.88 -64.51
N SER A 1818 7.47 -23.26 -64.07
CA SER A 1818 7.06 -22.96 -62.71
C SER A 1818 7.98 -23.59 -61.68
N PHE A 1819 8.53 -24.77 -61.98
CA PHE A 1819 9.48 -25.40 -61.06
C PHE A 1819 10.61 -24.45 -60.72
N VAL A 1820 11.39 -24.07 -61.72
CA VAL A 1820 12.51 -23.14 -61.51
C VAL A 1820 12.03 -21.79 -61.04
N ASP A 1821 10.80 -21.40 -61.37
CA ASP A 1821 10.32 -20.10 -60.94
C ASP A 1821 10.20 -20.05 -59.42
N ARG A 1822 9.50 -21.01 -58.84
CA ARG A 1822 9.04 -20.86 -57.47
C ARG A 1822 9.75 -21.75 -56.46
N SER A 1823 10.44 -22.81 -56.88
CA SER A 1823 11.15 -23.66 -55.94
C SER A 1823 12.65 -23.48 -55.99
N LEU A 1824 13.26 -23.63 -57.17
CA LEU A 1824 14.72 -23.63 -57.28
C LEU A 1824 15.30 -22.30 -56.83
N LEU A 1825 14.79 -21.20 -57.37
CA LEU A 1825 15.32 -19.90 -57.00
C LEU A 1825 15.05 -19.59 -55.53
N THR A 1826 13.88 -19.98 -55.02
CA THR A 1826 13.60 -19.73 -53.62
C THR A 1826 14.62 -20.43 -52.74
N LEU A 1827 14.96 -21.68 -53.09
CA LEU A 1827 15.98 -22.40 -52.33
C LEU A 1827 17.35 -21.74 -52.48
N LEU A 1828 17.69 -21.35 -53.71
CA LEU A 1828 19.03 -20.83 -53.96
C LEU A 1828 19.22 -19.43 -53.37
N TRP A 1829 18.12 -18.72 -53.11
CA TRP A 1829 18.21 -17.35 -52.63
C TRP A 1829 18.63 -17.25 -51.18
N HIS A 1830 18.70 -18.37 -50.45
CA HIS A 1830 19.00 -18.31 -49.02
C HIS A 1830 20.04 -19.31 -48.57
N CYS A 1831 20.67 -20.06 -49.47
CA CYS A 1831 21.74 -20.98 -49.11
C CYS A 1831 23.11 -20.31 -49.18
N SER A 1832 23.21 -19.16 -48.51
CA SER A 1832 24.30 -18.21 -48.75
C SER A 1832 25.65 -18.69 -48.22
N LEU A 1833 25.70 -19.77 -47.45
CA LEU A 1833 26.96 -20.13 -46.83
C LEU A 1833 27.97 -20.64 -47.86
N ASP A 1834 27.68 -21.79 -48.48
CA ASP A 1834 28.62 -22.37 -49.44
C ASP A 1834 27.95 -22.97 -50.65
N ALA A 1835 26.64 -23.20 -50.65
CA ALA A 1835 25.99 -24.00 -51.69
C ALA A 1835 26.03 -23.34 -53.06
N LEU A 1836 26.23 -22.03 -53.12
CA LEU A 1836 26.19 -21.34 -54.41
C LEU A 1836 27.26 -21.89 -55.34
N ARG A 1837 28.52 -21.89 -54.87
CA ARG A 1837 29.62 -22.32 -55.72
C ARG A 1837 29.57 -23.83 -55.97
N GLU A 1838 29.06 -24.61 -55.03
CA GLU A 1838 28.91 -26.04 -55.28
C GLU A 1838 27.91 -26.30 -56.38
N PHE A 1839 26.74 -25.65 -56.33
CA PHE A 1839 25.76 -25.86 -57.39
C PHE A 1839 26.27 -25.30 -58.71
N PHE A 1840 27.03 -24.21 -58.67
CA PHE A 1840 27.67 -23.68 -59.85
C PHE A 1840 28.60 -24.70 -60.49
N SER A 1841 29.55 -25.22 -59.70
CA SER A 1841 30.48 -26.21 -60.23
C SER A 1841 29.76 -27.50 -60.60
N THR A 1842 28.56 -27.72 -60.06
CA THR A 1842 27.77 -28.88 -60.44
C THR A 1842 27.21 -28.73 -61.85
N ILE A 1843 26.63 -27.57 -62.15
CA ILE A 1843 25.75 -27.49 -63.31
C ILE A 1843 26.28 -26.59 -64.43
N VAL A 1844 27.25 -25.72 -64.19
CA VAL A 1844 27.61 -24.70 -65.16
C VAL A 1844 28.15 -25.31 -66.46
N VAL A 1845 28.76 -26.49 -66.38
CA VAL A 1845 29.37 -27.08 -67.56
C VAL A 1845 28.30 -27.46 -68.58
N ASP A 1846 27.13 -27.90 -68.13
CA ASP A 1846 26.04 -28.22 -69.02
C ASP A 1846 24.97 -27.14 -69.09
N ALA A 1847 25.08 -26.09 -68.29
CA ALA A 1847 24.15 -24.98 -68.42
C ALA A 1847 24.34 -24.25 -69.75
N ILE A 1848 25.59 -24.02 -70.14
CA ILE A 1848 25.85 -23.28 -71.36
C ILE A 1848 25.43 -24.07 -72.59
N ASP A 1849 25.32 -25.40 -72.47
CA ASP A 1849 24.97 -26.22 -73.63
C ASP A 1849 23.60 -25.87 -74.17
N VAL A 1850 22.61 -25.79 -73.29
CA VAL A 1850 21.26 -25.44 -73.73
C VAL A 1850 21.19 -24.00 -74.20
N LEU A 1851 21.92 -23.11 -73.53
CA LEU A 1851 21.94 -21.71 -73.92
C LEU A 1851 22.56 -21.50 -75.29
N LYS A 1852 23.46 -22.38 -75.71
CA LYS A 1852 24.24 -22.08 -76.89
C LYS A 1852 23.44 -22.13 -78.19
N SER A 1853 23.01 -23.29 -78.63
CA SER A 1853 22.47 -23.34 -79.98
C SER A 1853 21.30 -24.29 -80.23
N ARG A 1854 20.76 -24.98 -79.23
CA ARG A 1854 19.67 -25.89 -79.54
C ARG A 1854 18.38 -25.09 -79.74
N PHE A 1855 18.31 -24.45 -80.91
CA PHE A 1855 17.04 -24.00 -81.47
C PHE A 1855 16.41 -25.06 -82.35
N THR A 1856 16.84 -26.31 -82.19
CA THR A 1856 16.38 -27.40 -83.05
C THR A 1856 14.86 -27.50 -83.01
N LYS A 1857 14.28 -27.69 -84.19
CA LYS A 1857 12.82 -27.78 -84.34
C LYS A 1857 12.15 -26.49 -83.87
N LEU A 1858 12.61 -25.35 -84.40
CA LEU A 1858 11.85 -24.12 -84.22
C LEU A 1858 10.51 -24.19 -84.94
N ASN A 1859 10.32 -25.19 -85.78
CA ASN A 1859 9.10 -25.38 -86.55
C ASN A 1859 8.16 -26.40 -85.92
N GLU A 1860 8.52 -26.98 -84.78
CA GLU A 1860 7.79 -28.12 -84.24
C GLU A 1860 6.93 -27.78 -83.02
N SER A 1861 6.92 -26.52 -82.58
CA SER A 1861 6.19 -26.03 -81.43
C SER A 1861 6.68 -26.61 -80.11
N THR A 1862 7.67 -27.50 -80.15
CA THR A 1862 8.34 -27.97 -78.95
C THR A 1862 9.54 -27.12 -78.56
N PHE A 1863 9.93 -26.17 -79.42
CA PHE A 1863 11.02 -25.27 -79.08
C PHE A 1863 10.64 -24.36 -77.92
N ASP A 1864 9.34 -24.27 -77.59
CA ASP A 1864 8.93 -23.60 -76.37
C ASP A 1864 9.68 -24.17 -75.18
N THR A 1865 9.85 -25.49 -75.16
CA THR A 1865 10.62 -26.12 -74.08
C THR A 1865 12.08 -25.67 -74.12
N GLN A 1866 12.65 -25.56 -75.32
CA GLN A 1866 14.03 -25.13 -75.45
C GLN A 1866 14.22 -23.75 -74.83
N ILE A 1867 13.38 -22.79 -75.23
CA ILE A 1867 13.52 -21.43 -74.72
C ILE A 1867 13.14 -21.38 -73.25
N THR A 1868 12.20 -22.21 -72.81
CA THR A 1868 11.82 -22.25 -71.40
C THR A 1868 13.01 -22.67 -70.54
N LYS A 1869 13.68 -23.73 -70.95
CA LYS A 1869 14.88 -24.17 -70.24
C LYS A 1869 15.96 -23.09 -70.30
N LYS A 1870 16.11 -22.45 -71.47
CA LYS A 1870 17.14 -21.43 -71.61
C LYS A 1870 16.91 -20.28 -70.64
N MET A 1871 15.67 -19.80 -70.54
CA MET A 1871 15.41 -18.70 -69.63
C MET A 1871 15.45 -19.14 -68.18
N GLY A 1872 15.14 -20.41 -67.91
CA GLY A 1872 15.38 -20.93 -66.57
C GLY A 1872 16.84 -20.80 -66.19
N TYR A 1873 17.74 -21.23 -67.08
CA TYR A 1873 19.17 -21.05 -66.83
C TYR A 1873 19.55 -19.59 -66.72
N TYR A 1874 18.91 -18.72 -67.50
CA TYR A 1874 19.18 -17.29 -67.38
C TYR A 1874 18.93 -16.83 -65.95
N LYS A 1875 17.77 -17.18 -65.39
CA LYS A 1875 17.45 -16.81 -64.02
C LYS A 1875 18.42 -17.46 -63.03
N ILE A 1876 18.78 -18.71 -63.28
CA ILE A 1876 19.65 -19.44 -62.36
C ILE A 1876 21.00 -18.75 -62.28
N LEU A 1877 21.59 -18.43 -63.43
CA LEU A 1877 22.87 -17.76 -63.45
C LEU A 1877 22.77 -16.36 -62.90
N ASP A 1878 21.67 -15.66 -63.19
CA ASP A 1878 21.35 -14.39 -62.53
C ASP A 1878 21.63 -14.49 -61.04
N VAL A 1879 20.91 -15.39 -60.38
CA VAL A 1879 21.02 -15.42 -58.92
C VAL A 1879 22.31 -16.06 -58.44
N MET A 1880 22.97 -16.87 -59.27
CA MET A 1880 24.31 -17.30 -58.89
C MET A 1880 25.28 -16.13 -58.82
N TYR A 1881 25.37 -15.34 -59.89
CA TYR A 1881 26.23 -14.16 -59.85
C TYR A 1881 25.84 -13.22 -58.72
N SER A 1882 24.55 -13.00 -58.52
CA SER A 1882 24.13 -12.20 -57.39
C SER A 1882 24.50 -12.90 -56.09
N ARG A 1883 24.87 -12.11 -55.08
CA ARG A 1883 25.31 -12.57 -53.77
C ARG A 1883 26.66 -13.29 -53.82
N LEU A 1884 27.22 -13.47 -55.00
CA LEU A 1884 28.51 -14.14 -55.01
C LEU A 1884 29.63 -13.11 -55.04
N PRO A 1885 30.74 -13.34 -54.34
CA PRO A 1885 31.88 -12.42 -54.46
C PRO A 1885 32.43 -12.38 -55.87
N LYS A 1886 32.96 -11.22 -56.24
CA LYS A 1886 33.49 -11.04 -57.59
C LYS A 1886 34.65 -11.98 -57.86
N ASP A 1887 35.45 -12.30 -56.84
CA ASP A 1887 36.65 -13.10 -57.06
C ASP A 1887 36.30 -14.56 -57.35
N ASP A 1888 35.24 -15.09 -56.73
CA ASP A 1888 34.88 -16.49 -56.96
C ASP A 1888 34.29 -16.72 -58.35
N VAL A 1889 33.93 -15.66 -59.07
CA VAL A 1889 33.35 -15.82 -60.39
C VAL A 1889 34.25 -15.30 -61.50
N HIS A 1890 35.02 -14.24 -61.26
CA HIS A 1890 35.90 -13.64 -62.25
C HIS A 1890 37.31 -13.56 -61.67
N ALA A 1891 38.13 -14.57 -61.98
CA ALA A 1891 39.54 -14.59 -61.60
C ALA A 1891 40.21 -15.74 -62.34
N LYS A 1892 41.51 -15.61 -62.53
CA LYS A 1892 42.27 -16.74 -63.06
C LYS A 1892 42.21 -17.91 -62.09
N GLU A 1893 42.31 -17.62 -60.79
CA GLU A 1893 42.17 -18.64 -59.75
C GLU A 1893 40.70 -18.69 -59.37
N SER A 1894 39.93 -19.49 -60.10
CA SER A 1894 38.51 -19.64 -59.84
C SER A 1894 38.08 -21.02 -60.32
N LYS A 1895 37.16 -21.62 -59.58
CA LYS A 1895 36.68 -22.96 -59.93
C LYS A 1895 35.77 -22.85 -61.14
N ILE A 1896 36.31 -22.47 -62.29
CA ILE A 1896 35.57 -22.38 -63.54
C ILE A 1896 36.07 -23.41 -64.52
N ASN A 1897 35.17 -24.29 -64.95
CA ASN A 1897 35.45 -25.32 -65.93
C ASN A 1897 34.75 -24.96 -67.24
N GLN A 1898 35.31 -25.43 -68.35
CA GLN A 1898 34.73 -25.15 -69.65
C GLN A 1898 35.21 -26.19 -70.64
N VAL A 1899 34.58 -26.18 -71.82
CA VAL A 1899 34.81 -27.22 -72.82
C VAL A 1899 36.25 -27.21 -73.32
N PHE A 1900 36.83 -26.02 -73.52
CA PHE A 1900 38.05 -25.92 -74.32
C PHE A 1900 39.20 -26.73 -73.72
N HIS A 1901 39.51 -26.53 -72.44
CA HIS A 1901 40.43 -27.43 -71.78
C HIS A 1901 40.07 -27.68 -70.31
N GLY A 1902 38.82 -27.46 -69.93
CA GLY A 1902 38.47 -27.66 -68.54
C GLY A 1902 38.91 -26.50 -67.67
N SER A 1903 38.98 -26.76 -66.37
CA SER A 1903 39.28 -25.75 -65.37
C SER A 1903 40.77 -25.54 -65.15
N CYS A 1904 41.62 -26.28 -65.88
CA CYS A 1904 43.05 -26.18 -65.67
C CYS A 1904 43.57 -24.79 -65.99
N ILE A 1905 43.24 -24.28 -67.18
CA ILE A 1905 43.68 -22.97 -67.62
C ILE A 1905 42.46 -22.19 -68.12
N THR A 1906 42.33 -20.94 -67.68
CA THR A 1906 41.14 -20.16 -67.97
C THR A 1906 41.42 -18.74 -68.47
N GLU A 1907 42.69 -18.39 -68.67
CA GLU A 1907 43.11 -17.09 -69.20
C GLU A 1907 42.29 -15.93 -68.61
N GLY A 1908 42.30 -15.87 -67.28
CA GLY A 1908 41.57 -14.84 -66.56
C GLY A 1908 40.11 -15.15 -66.38
N ASN A 1909 39.33 -15.01 -67.46
CA ASN A 1909 37.92 -15.34 -67.43
C ASN A 1909 37.43 -15.43 -68.87
N GLU A 1910 36.80 -16.55 -69.20
CA GLU A 1910 36.44 -16.84 -70.59
C GLU A 1910 34.97 -17.19 -70.73
N LEU A 1911 34.36 -17.69 -69.65
CA LEU A 1911 32.94 -18.01 -69.71
C LEU A 1911 32.08 -16.76 -69.68
N THR A 1912 32.53 -15.73 -68.97
CA THR A 1912 31.72 -14.51 -68.87
C THR A 1912 31.57 -13.83 -70.23
N LYS A 1913 32.57 -13.96 -71.10
CA LYS A 1913 32.48 -13.30 -72.40
C LYS A 1913 31.47 -14.00 -73.31
N THR A 1914 31.51 -15.33 -73.35
CA THR A 1914 30.51 -16.04 -74.14
C THR A 1914 29.12 -15.89 -73.54
N LEU A 1915 29.04 -15.76 -72.22
CA LEU A 1915 27.75 -15.46 -71.61
C LEU A 1915 27.26 -14.08 -72.02
N ILE A 1916 28.15 -13.09 -72.03
CA ILE A 1916 27.76 -11.75 -72.43
C ILE A 1916 27.29 -11.75 -73.87
N LYS A 1917 27.98 -12.48 -74.74
CA LYS A 1917 27.54 -12.58 -76.13
C LYS A 1917 26.18 -13.27 -76.24
N LEU A 1918 26.01 -14.39 -75.54
CA LEU A 1918 24.76 -15.14 -75.61
C LEU A 1918 23.61 -14.41 -74.94
N CYS A 1919 23.92 -13.43 -74.10
CA CYS A 1919 22.90 -12.51 -73.58
C CYS A 1919 22.57 -11.45 -74.63
N TYR A 1920 23.62 -10.76 -75.08
CA TYR A 1920 23.47 -9.58 -75.92
C TYR A 1920 22.71 -9.92 -77.19
N ASP A 1921 23.05 -11.06 -77.82
CA ASP A 1921 22.31 -11.50 -79.00
C ASP A 1921 20.92 -12.02 -78.64
N ALA A 1922 20.73 -12.55 -77.43
CA ALA A 1922 19.45 -13.14 -77.08
C ALA A 1922 18.33 -12.11 -77.14
N PHE A 1923 18.51 -10.98 -76.45
CA PHE A 1923 17.58 -9.87 -76.55
C PHE A 1923 18.00 -8.86 -77.61
N THR A 1924 18.95 -9.22 -78.47
CA THR A 1924 19.32 -8.39 -79.61
C THR A 1924 18.99 -9.05 -80.95
N GLU A 1925 17.79 -9.63 -81.07
CA GLU A 1925 17.29 -10.09 -82.36
C GLU A 1925 15.80 -10.36 -82.26
N ASN A 1926 15.06 -10.00 -83.30
CA ASN A 1926 13.63 -10.25 -83.38
C ASN A 1926 13.20 -10.93 -84.67
N MET A 1927 13.77 -10.54 -85.81
CA MET A 1927 13.36 -11.03 -87.13
C MET A 1927 11.85 -10.91 -87.34
N ALA A 1928 11.23 -9.98 -86.64
CA ALA A 1928 9.79 -9.74 -86.64
C ALA A 1928 8.99 -10.95 -86.19
N GLY A 1929 9.65 -11.99 -85.69
CA GLY A 1929 8.96 -13.22 -85.33
C GLY A 1929 8.30 -13.88 -86.54
N GLU A 1930 7.66 -15.01 -86.27
CA GLU A 1930 6.96 -15.73 -87.32
C GLU A 1930 5.63 -16.29 -86.79
N ASN A 1931 5.02 -15.59 -85.83
CA ASN A 1931 3.70 -15.95 -85.30
C ASN A 1931 3.69 -17.35 -84.69
N GLN A 1932 4.82 -17.81 -84.16
CA GLN A 1932 4.84 -19.09 -83.46
C GLN A 1932 4.30 -18.93 -82.03
N LEU A 1933 5.03 -18.18 -81.21
CA LEU A 1933 4.73 -17.98 -79.80
C LEU A 1933 5.61 -16.84 -79.31
N LEU A 1934 5.01 -15.81 -78.72
CA LEU A 1934 5.74 -14.55 -78.63
C LEU A 1934 5.92 -14.01 -77.23
N GLU A 1935 4.92 -14.13 -76.36
CA GLU A 1935 5.13 -13.67 -74.99
C GLU A 1935 6.13 -14.56 -74.27
N ARG A 1936 6.18 -15.84 -74.64
CA ARG A 1936 7.27 -16.69 -74.18
C ARG A 1936 8.61 -16.11 -74.58
N ARG A 1937 8.72 -15.66 -75.82
CA ARG A 1937 9.93 -15.00 -76.28
C ARG A 1937 10.21 -13.74 -75.47
N ARG A 1938 9.17 -13.00 -75.12
CA ARG A 1938 9.34 -11.78 -74.35
C ARG A 1938 9.94 -12.09 -72.98
N LEU A 1939 9.39 -13.12 -72.33
CA LEU A 1939 9.93 -13.54 -71.04
C LEU A 1939 11.38 -13.97 -71.19
N TYR A 1940 11.66 -14.70 -72.28
CA TYR A 1940 13.02 -15.10 -72.62
C TYR A 1940 13.96 -13.90 -72.68
N HIS A 1941 13.55 -12.87 -73.42
CA HIS A 1941 14.40 -11.69 -73.59
C HIS A 1941 14.57 -10.93 -72.27
N CYS A 1942 13.50 -10.81 -71.50
CA CYS A 1942 13.57 -10.11 -70.23
C CYS A 1942 14.55 -10.79 -69.29
N ALA A 1943 14.47 -12.12 -69.20
CA ALA A 1943 15.42 -12.86 -68.38
C ALA A 1943 16.83 -12.69 -68.90
N ALA A 1944 17.00 -12.70 -70.22
CA ALA A 1944 18.33 -12.52 -70.79
C ALA A 1944 18.93 -11.19 -70.33
N TYR A 1945 18.15 -10.11 -70.41
CA TYR A 1945 18.68 -8.82 -70.01
C TYR A 1945 18.94 -8.77 -68.52
N ASN A 1946 18.08 -9.40 -67.71
CA ASN A 1946 18.32 -9.41 -66.28
C ASN A 1946 19.63 -10.09 -65.96
N CYS A 1947 19.88 -11.23 -66.60
CA CYS A 1947 21.14 -11.93 -66.41
C CYS A 1947 22.31 -11.05 -66.84
N ALA A 1948 22.14 -10.33 -67.95
CA ALA A 1948 23.21 -9.46 -68.43
C ALA A 1948 23.53 -8.38 -67.42
N ILE A 1949 22.50 -7.73 -66.86
CA ILE A 1949 22.72 -6.65 -65.91
C ILE A 1949 23.39 -7.18 -64.65
N SER A 1950 22.91 -8.33 -64.17
CA SER A 1950 23.50 -8.94 -62.99
C SER A 1950 24.97 -9.23 -63.21
N VAL A 1951 25.31 -9.90 -64.31
CA VAL A 1951 26.70 -10.27 -64.52
C VAL A 1951 27.55 -9.03 -64.77
N ILE A 1952 26.98 -7.99 -65.38
CA ILE A 1952 27.73 -6.76 -65.58
C ILE A 1952 28.07 -6.13 -64.23
N CYS A 1953 27.07 -5.97 -63.37
CA CYS A 1953 27.32 -5.42 -62.05
C CYS A 1953 28.22 -6.31 -61.21
N CYS A 1954 28.32 -7.59 -61.53
CA CYS A 1954 29.21 -8.48 -60.81
C CYS A 1954 30.66 -8.35 -61.25
N VAL A 1955 30.90 -8.45 -62.56
CA VAL A 1955 32.28 -8.46 -63.06
C VAL A 1955 32.79 -7.04 -63.25
N PHE A 1956 32.10 -6.22 -64.02
CA PHE A 1956 32.58 -4.89 -64.35
C PHE A 1956 32.35 -3.93 -63.19
N ASN A 1957 33.31 -3.02 -63.00
CA ASN A 1957 33.31 -2.05 -61.92
C ASN A 1957 33.18 -0.62 -62.40
N GLU A 1958 33.78 -0.28 -63.54
CA GLU A 1958 33.70 1.06 -64.10
C GLU A 1958 32.61 1.11 -65.17
N LEU A 1959 31.85 2.20 -65.18
CA LEU A 1959 30.65 2.33 -66.01
C LEU A 1959 31.06 2.56 -67.46
N LYS A 1960 31.25 1.45 -68.18
CA LYS A 1960 31.63 1.53 -69.58
C LYS A 1960 30.77 0.66 -70.49
N PHE A 1961 30.28 -0.49 -70.01
CA PHE A 1961 29.53 -1.40 -70.87
C PHE A 1961 28.15 -0.80 -71.12
N TYR A 1962 28.05 0.00 -72.17
CA TYR A 1962 26.76 0.53 -72.63
C TYR A 1962 26.94 0.82 -74.11
N GLN A 1963 26.48 -0.11 -74.96
CA GLN A 1963 26.79 -0.05 -76.38
C GLN A 1963 25.86 0.90 -77.13
N GLY A 1964 24.56 0.62 -77.12
CA GLY A 1964 23.63 1.40 -77.91
C GLY A 1964 23.93 1.31 -79.39
N PHE A 1965 24.22 0.10 -79.86
CA PHE A 1965 24.50 -0.11 -81.27
C PHE A 1965 23.26 0.15 -82.12
N LEU A 1966 23.47 0.47 -83.39
CA LEU A 1966 22.40 0.82 -84.32
C LEU A 1966 22.20 -0.26 -85.37
N PHE A 1967 22.30 -1.53 -84.95
CA PHE A 1967 22.12 -2.64 -85.87
C PHE A 1967 20.63 -2.87 -86.10
N SER A 1968 20.31 -3.99 -86.74
CA SER A 1968 18.91 -4.32 -87.02
C SER A 1968 18.14 -4.61 -85.74
N GLU A 1969 18.84 -4.76 -84.61
CA GLU A 1969 18.20 -5.06 -83.34
C GLU A 1969 18.75 -4.16 -82.25
N LYS A 1970 17.85 -3.65 -81.42
CA LYS A 1970 18.15 -2.83 -80.24
C LYS A 1970 17.66 -3.53 -78.98
N PRO A 1971 18.21 -3.20 -77.81
CA PRO A 1971 17.88 -3.98 -76.61
C PRO A 1971 16.41 -4.02 -76.26
N GLU A 1972 15.68 -2.93 -76.46
CA GLU A 1972 14.42 -2.72 -75.75
C GLU A 1972 13.21 -2.73 -76.67
N LYS A 1973 13.27 -3.41 -77.81
CA LYS A 1973 12.13 -3.44 -78.71
C LYS A 1973 11.38 -4.77 -78.72
N ASN A 1974 11.92 -5.81 -78.11
CA ASN A 1974 11.22 -7.10 -78.09
C ASN A 1974 10.72 -7.48 -76.70
N LEU A 1975 11.24 -6.86 -75.65
CA LEU A 1975 10.92 -7.24 -74.28
C LEU A 1975 9.76 -6.44 -73.70
N LEU A 1976 9.20 -5.50 -74.46
CA LEU A 1976 8.11 -4.66 -74.01
C LEU A 1976 6.94 -4.79 -74.98
N ILE A 1977 5.76 -5.10 -74.45
CA ILE A 1977 4.62 -5.34 -75.33
C ILE A 1977 4.23 -4.04 -76.03
N PHE A 1978 3.74 -4.18 -77.26
CA PHE A 1978 3.21 -3.05 -78.01
C PHE A 1978 1.70 -3.00 -77.99
N GLU A 1979 1.05 -3.98 -77.39
CA GLU A 1979 -0.41 -4.03 -77.25
C GLU A 1979 -0.69 -4.25 -75.77
N ASN A 1980 -0.71 -3.17 -75.01
CA ASN A 1980 -0.80 -3.24 -73.56
C ASN A 1980 -2.19 -2.99 -73.02
N LEU A 1981 -2.83 -1.88 -73.42
CA LEU A 1981 -4.13 -1.48 -72.89
C LEU A 1981 -4.07 -1.33 -71.38
N ILE A 1982 -3.20 -0.43 -70.94
CA ILE A 1982 -2.90 -0.27 -69.52
C ILE A 1982 -3.13 1.17 -69.10
N ASP A 1983 -2.84 1.47 -67.83
CA ASP A 1983 -2.99 2.81 -67.27
C ASP A 1983 -4.45 3.29 -67.36
N LEU A 1984 -5.34 2.46 -66.83
CA LEU A 1984 -6.76 2.78 -66.74
C LEU A 1984 -7.12 2.95 -65.27
N LYS A 1985 -6.93 4.17 -64.75
CA LYS A 1985 -7.23 4.45 -63.36
C LYS A 1985 -8.70 4.20 -63.03
N MET A 2085 -0.62 -0.19 -61.03
CA MET A 2085 0.69 -0.10 -61.65
C MET A 2085 1.04 -1.40 -62.38
N ASP A 2086 1.37 -1.26 -63.67
CA ASP A 2086 1.77 -2.40 -64.48
C ASP A 2086 3.12 -2.19 -65.16
N GLU A 2087 3.73 -1.02 -65.01
CA GLU A 2087 5.12 -0.83 -65.41
C GLU A 2087 6.06 -1.14 -64.27
N LEU A 2088 5.73 -0.73 -63.05
CA LEU A 2088 6.52 -1.14 -61.90
C LEU A 2088 6.17 -2.56 -61.50
N ASN A 2089 4.90 -2.82 -61.25
CA ASN A 2089 4.44 -4.17 -60.97
C ASN A 2089 4.21 -4.93 -62.27
N ARG A 2090 4.26 -6.26 -62.16
CA ARG A 2090 4.03 -7.15 -63.31
C ARG A 2090 4.95 -6.81 -64.49
N HIS A 2091 6.17 -6.36 -64.19
CA HIS A 2091 7.21 -6.38 -65.20
C HIS A 2091 8.56 -6.63 -64.55
N GLU A 2092 9.35 -7.48 -65.20
CA GLU A 2092 10.42 -8.22 -64.54
C GLU A 2092 11.81 -7.68 -64.84
N CYS A 2093 11.96 -6.66 -65.67
CA CYS A 2093 13.23 -5.96 -65.78
C CYS A 2093 13.17 -4.60 -65.10
N MET A 2094 12.01 -4.22 -64.57
CA MET A 2094 11.87 -2.96 -63.87
C MET A 2094 12.87 -2.83 -62.72
N ALA A 2095 12.75 -3.71 -61.73
CA ALA A 2095 13.67 -3.69 -60.61
C ALA A 2095 15.11 -3.92 -61.03
N PRO A 2096 15.44 -4.83 -61.96
CA PRO A 2096 16.83 -4.89 -62.42
C PRO A 2096 17.38 -3.56 -62.92
N LEU A 2097 16.65 -2.86 -63.80
CA LEU A 2097 17.14 -1.58 -64.28
C LEU A 2097 17.20 -0.55 -63.16
N THR A 2098 16.25 -0.61 -62.22
CA THR A 2098 16.26 0.30 -61.09
C THR A 2098 17.52 0.13 -60.27
N ALA A 2099 17.85 -1.11 -59.92
CA ALA A 2099 19.07 -1.38 -59.18
C ALA A 2099 20.29 -0.99 -60.00
N LEU A 2100 20.25 -1.22 -61.31
CA LEU A 2100 21.36 -0.85 -62.17
C LEU A 2100 21.68 0.63 -62.08
N VAL A 2101 20.67 1.47 -62.29
CA VAL A 2101 20.94 2.91 -62.27
C VAL A 2101 21.24 3.37 -60.86
N LYS A 2102 20.66 2.72 -59.85
CA LYS A 2102 21.01 3.08 -58.48
C LYS A 2102 22.47 2.80 -58.19
N HIS A 2103 23.03 1.73 -58.76
CA HIS A 2103 24.45 1.45 -58.57
C HIS A 2103 25.31 2.36 -59.44
N MET A 2104 24.86 2.63 -60.68
CA MET A 2104 25.57 3.56 -61.55
C MET A 2104 25.59 4.97 -60.98
N HIS A 2105 24.66 5.26 -60.07
CA HIS A 2105 24.73 6.49 -59.28
C HIS A 2105 26.01 6.51 -58.46
N ARG A 2106 26.41 5.37 -57.92
CA ARG A 2106 27.60 5.24 -57.10
C ARG A 2106 28.81 4.69 -57.88
N SER A 2107 28.65 4.42 -59.17
CA SER A 2107 29.69 3.75 -59.94
C SER A 2107 30.74 4.70 -60.52
N LEU A 2108 30.92 5.89 -59.94
CA LEU A 2108 31.96 6.82 -60.40
C LEU A 2108 33.34 6.19 -60.32
N PRO A 2119 24.59 21.96 -66.33
CA PRO A 2119 25.89 22.15 -66.97
C PRO A 2119 26.74 20.91 -66.84
N ARG A 2120 26.10 19.75 -66.96
CA ARG A 2120 26.67 18.50 -66.52
C ARG A 2120 27.04 17.59 -67.69
N ASP A 2121 27.97 16.68 -67.43
CA ASP A 2121 28.20 15.58 -68.35
C ASP A 2121 26.90 14.83 -68.57
N LEU A 2122 26.65 14.46 -69.81
CA LEU A 2122 25.33 13.99 -70.23
C LEU A 2122 25.54 12.63 -70.89
N PRO A 2123 25.80 11.60 -70.08
CA PRO A 2123 26.31 10.34 -70.65
C PRO A 2123 25.35 9.66 -71.61
N SER A 2124 25.95 9.06 -72.64
CA SER A 2124 25.17 8.42 -73.70
C SER A 2124 24.46 7.17 -73.23
N TRP A 2125 24.85 6.58 -72.09
CA TRP A 2125 24.13 5.42 -71.60
C TRP A 2125 22.66 5.78 -71.33
N MET A 2126 22.43 6.95 -70.75
CA MET A 2126 21.06 7.41 -70.58
C MET A 2126 20.59 8.28 -71.74
N LYS A 2127 21.50 8.77 -72.59
CA LYS A 2127 21.03 9.42 -73.80
C LYS A 2127 20.40 8.44 -74.78
N PHE A 2128 20.81 7.17 -74.74
CA PHE A 2128 20.14 6.16 -75.55
C PHE A 2128 18.66 6.08 -75.18
N LEU A 2129 18.37 6.11 -73.89
CA LEU A 2129 16.98 6.12 -73.44
C LEU A 2129 16.32 7.46 -73.70
N HIS A 2130 17.07 8.55 -73.50
CA HIS A 2130 16.52 9.89 -73.63
C HIS A 2130 16.05 10.17 -75.05
N GLY A 2131 16.82 9.73 -76.04
CA GLY A 2131 16.42 9.97 -77.43
C GLY A 2131 15.09 9.32 -77.76
N LYS A 2132 14.91 8.06 -77.35
CA LYS A 2132 13.65 7.40 -77.62
C LYS A 2132 12.52 7.97 -76.78
N LEU A 2133 12.82 8.45 -75.57
CA LEU A 2133 11.78 9.05 -74.75
C LEU A 2133 11.27 10.35 -75.36
N GLY A 2134 12.21 11.22 -75.76
CA GLY A 2134 11.85 12.48 -76.37
C GLY A 2134 11.39 12.38 -77.80
N ASN A 2135 11.66 11.26 -78.45
CA ASN A 2135 11.22 11.04 -79.81
C ASN A 2135 9.88 10.31 -79.79
N PRO A 2136 8.78 10.97 -80.16
CA PRO A 2136 7.48 10.28 -80.12
C PRO A 2136 7.23 9.45 -81.36
N ILE A 2137 8.25 8.70 -81.78
CA ILE A 2137 8.08 7.68 -82.81
C ILE A 2137 7.88 6.30 -82.21
N VAL A 2138 8.47 6.02 -81.06
CA VAL A 2138 8.17 4.78 -80.33
C VAL A 2138 6.77 4.88 -79.75
N PRO A 2139 5.92 3.86 -79.91
CA PRO A 2139 4.61 3.91 -79.25
C PRO A 2139 4.75 4.10 -77.74
N LEU A 2140 3.63 4.42 -77.11
CA LEU A 2140 3.65 4.95 -75.75
C LEU A 2140 4.26 3.99 -74.74
N ASN A 2141 4.37 2.70 -75.08
CA ASN A 2141 4.76 1.69 -74.10
C ASN A 2141 6.14 1.98 -73.51
N ILE A 2142 7.16 2.01 -74.36
CA ILE A 2142 8.54 2.14 -73.89
C ILE A 2142 8.73 3.49 -73.22
N ARG A 2143 8.06 4.53 -73.72
CA ARG A 2143 8.13 5.83 -73.10
C ARG A 2143 7.60 5.79 -71.67
N LEU A 2144 6.44 5.17 -71.47
CA LEU A 2144 5.89 5.04 -70.13
C LEU A 2144 6.85 4.29 -69.23
N PHE A 2145 7.39 3.19 -69.73
CA PHE A 2145 8.33 2.40 -68.93
C PHE A 2145 9.54 3.23 -68.55
N LEU A 2146 10.07 4.01 -69.47
CA LEU A 2146 11.29 4.75 -69.20
C LEU A 2146 11.04 5.89 -68.21
N ALA A 2147 9.92 6.58 -68.36
CA ALA A 2147 9.61 7.63 -67.38
C ALA A 2147 9.37 7.03 -66.01
N LYS A 2148 8.78 5.83 -65.95
CA LYS A 2148 8.66 5.14 -64.67
C LYS A 2148 10.02 4.85 -64.08
N LEU A 2149 10.96 4.39 -64.90
CA LEU A 2149 12.33 4.22 -64.46
C LEU A 2149 12.87 5.52 -63.88
N VAL A 2150 12.63 6.63 -64.58
CA VAL A 2150 13.19 7.92 -64.16
C VAL A 2150 12.61 8.35 -62.83
N ILE A 2151 11.29 8.23 -62.66
CA ILE A 2151 10.71 8.65 -61.40
C ILE A 2151 11.13 7.72 -60.26
N ASN A 2152 11.10 6.41 -60.48
CA ASN A 2152 11.51 5.51 -59.42
C ASN A 2152 12.99 5.61 -59.11
N THR A 2153 13.77 6.29 -59.95
CA THR A 2153 15.19 6.47 -59.72
C THR A 2153 15.61 7.94 -59.67
N GLU A 2154 14.64 8.81 -59.44
CA GLU A 2154 14.81 10.27 -59.39
C GLU A 2154 16.06 10.73 -58.65
N GLU A 2155 16.52 9.98 -57.65
CA GLU A 2155 17.68 10.38 -56.89
C GLU A 2155 18.91 10.59 -57.77
N VAL A 2156 18.99 9.89 -58.89
CA VAL A 2156 20.17 9.97 -59.75
C VAL A 2156 20.15 11.23 -60.60
N PHE A 2157 18.98 11.58 -61.12
CA PHE A 2157 18.86 12.64 -62.12
C PHE A 2157 18.83 14.03 -61.50
N ARG A 2158 19.35 14.20 -60.29
CA ARG A 2158 19.27 15.49 -59.62
C ARG A 2158 19.75 16.66 -60.47
N PRO A 2159 20.91 16.62 -61.13
CA PRO A 2159 21.34 17.76 -61.94
C PRO A 2159 20.89 17.70 -63.39
N TYR A 2160 20.36 16.57 -63.85
CA TYR A 2160 20.04 16.35 -65.25
C TYR A 2160 18.60 16.73 -65.59
N ALA A 2161 17.99 17.60 -64.78
CA ALA A 2161 16.70 18.15 -65.14
C ALA A 2161 16.80 19.03 -66.38
N LYS A 2162 17.88 19.79 -66.50
CA LYS A 2162 18.04 20.72 -67.63
C LYS A 2162 17.92 20.02 -68.96
N HIS A 2163 18.28 18.73 -69.02
CA HIS A 2163 18.12 17.98 -70.26
C HIS A 2163 16.96 16.99 -70.22
N TRP A 2164 16.52 16.56 -69.04
CA TRP A 2164 15.45 15.60 -68.91
C TRP A 2164 14.07 16.25 -68.82
N LEU A 2165 13.99 17.58 -68.80
CA LEU A 2165 12.70 18.25 -68.70
C LEU A 2165 11.92 18.13 -70.00
N SER A 2166 12.52 18.55 -71.11
CA SER A 2166 11.79 18.57 -72.37
C SER A 2166 11.24 17.20 -72.76
N PRO A 2167 12.00 16.11 -72.69
CA PRO A 2167 11.40 14.83 -73.10
C PRO A 2167 10.34 14.34 -72.14
N LEU A 2168 10.56 14.53 -70.83
CA LEU A 2168 9.60 14.02 -69.86
C LEU A 2168 8.26 14.76 -69.97
N LEU A 2169 8.32 16.08 -70.08
CA LEU A 2169 7.09 16.83 -70.27
C LEU A 2169 6.50 16.58 -71.66
N GLN A 2170 7.34 16.29 -72.65
CA GLN A 2170 6.83 15.86 -73.95
C GLN A 2170 6.01 14.59 -73.81
N LEU A 2171 6.50 13.64 -73.01
CA LEU A 2171 5.68 12.48 -72.68
C LEU A 2171 4.42 12.91 -71.95
N ALA A 2172 4.52 13.93 -71.13
CA ALA A 2172 3.30 14.43 -70.48
C ALA A 2172 2.33 15.06 -71.46
N ALA A 2173 2.58 15.01 -72.77
CA ALA A 2173 1.61 15.51 -73.74
C ALA A 2173 0.32 14.72 -73.64
N SER A 2174 -0.79 15.44 -73.61
CA SER A 2174 -2.11 14.83 -73.42
C SER A 2174 -2.59 14.05 -74.64
N GLU A 2175 -1.90 14.15 -75.77
CA GLU A 2175 -2.29 13.45 -76.97
C GLU A 2175 -1.78 12.01 -76.91
N ASN A 2176 -2.70 11.06 -76.82
CA ASN A 2176 -2.38 9.62 -76.86
C ASN A 2176 -1.32 9.26 -75.83
N ASN A 2177 -1.48 9.78 -74.62
CA ASN A 2177 -0.60 9.43 -73.51
C ASN A 2177 -1.09 8.21 -72.76
N GLY A 2178 -2.18 7.61 -73.19
CA GLY A 2178 -2.72 6.45 -72.50
C GLY A 2178 -3.78 6.84 -71.49
N GLY A 2179 -4.74 5.95 -71.30
CA GLY A 2179 -5.79 6.19 -70.36
C GLY A 2179 -6.69 7.34 -70.79
N GLU A 2180 -7.55 7.73 -69.86
CA GLU A 2180 -8.48 8.84 -70.07
C GLU A 2180 -8.45 9.75 -68.86
N GLY A 2181 -8.80 11.01 -69.09
CA GLY A 2181 -8.73 11.99 -68.04
C GLY A 2181 -7.30 12.18 -67.59
N ILE A 2182 -7.14 12.63 -66.36
CA ILE A 2182 -5.84 12.72 -65.71
C ILE A 2182 -5.53 11.38 -65.07
N HIS A 2183 -4.40 10.79 -65.43
CA HIS A 2183 -4.04 9.49 -64.88
C HIS A 2183 -2.83 9.62 -63.96
N TYR A 2184 -2.67 8.58 -63.13
CA TYR A 2184 -1.67 8.61 -62.08
C TYR A 2184 -0.27 8.81 -62.65
N MET A 2185 -0.04 8.40 -63.90
CA MET A 2185 1.26 8.64 -64.52
C MET A 2185 1.49 10.13 -64.70
N VAL A 2186 0.51 10.84 -65.29
CA VAL A 2186 0.64 12.29 -65.39
C VAL A 2186 0.79 12.90 -64.01
N VAL A 2187 0.06 12.38 -63.04
CA VAL A 2187 0.12 12.94 -61.69
C VAL A 2187 1.54 12.83 -61.13
N GLU A 2188 2.14 11.65 -61.23
CA GLU A 2188 3.47 11.45 -60.68
C GLU A 2188 4.51 12.28 -61.43
N ILE A 2189 4.39 12.35 -62.76
CA ILE A 2189 5.33 13.16 -63.53
C ILE A 2189 5.23 14.63 -63.16
N VAL A 2190 4.02 15.16 -63.07
CA VAL A 2190 3.88 16.59 -62.79
C VAL A 2190 4.30 16.90 -61.36
N ALA A 2191 3.93 16.05 -60.40
CA ALA A 2191 4.42 16.23 -59.05
C ALA A 2191 5.93 16.15 -59.00
N THR A 2192 6.51 15.30 -59.84
CA THR A 2192 7.97 15.18 -59.91
C THR A 2192 8.59 16.49 -60.34
N ILE A 2193 8.10 17.04 -61.46
CA ILE A 2193 8.70 18.25 -61.99
C ILE A 2193 8.48 19.42 -61.05
N LEU A 2194 7.33 19.45 -60.37
CA LEU A 2194 7.12 20.47 -59.35
C LEU A 2194 8.09 20.31 -58.19
N SER A 2195 8.36 19.09 -57.77
CA SER A 2195 9.38 18.88 -56.74
C SER A 2195 10.76 19.29 -57.21
N TRP A 2196 10.98 19.26 -58.52
CA TRP A 2196 12.24 19.70 -59.11
C TRP A 2196 12.29 21.19 -59.39
N THR A 2197 11.40 21.97 -58.80
CA THR A 2197 11.37 23.40 -59.04
C THR A 2197 12.58 24.08 -58.40
N GLY A 2198 12.81 25.33 -58.80
CA GLY A 2198 13.92 26.11 -58.31
C GLY A 2198 15.26 25.74 -58.90
N LEU A 2199 15.36 24.59 -59.56
CA LEU A 2199 16.59 24.15 -60.20
C LEU A 2199 16.44 24.06 -61.71
N ALA A 2200 15.24 23.75 -62.19
CA ALA A 2200 14.93 23.82 -63.61
C ALA A 2200 13.51 24.31 -63.77
N THR A 2201 13.31 25.29 -64.64
CA THR A 2201 12.02 25.92 -64.87
C THR A 2201 11.76 25.96 -66.36
N PRO A 2202 10.49 26.02 -66.77
CA PRO A 2202 10.18 25.98 -68.21
C PRO A 2202 10.66 27.17 -69.00
N THR A 2203 11.23 28.17 -68.32
CA THR A 2203 11.71 29.36 -69.02
C THR A 2203 12.89 29.03 -69.92
N GLY A 2204 12.98 29.74 -71.04
CA GLY A 2204 14.12 29.62 -71.93
C GLY A 2204 13.87 28.99 -73.29
N VAL A 2205 13.03 27.96 -73.36
CA VAL A 2205 12.84 27.18 -74.57
C VAL A 2205 11.41 27.39 -75.06
N PRO A 2206 11.21 27.90 -76.28
CA PRO A 2206 9.85 28.28 -76.71
C PRO A 2206 8.87 27.12 -76.76
N LYS A 2207 9.24 26.04 -77.45
CA LYS A 2207 8.40 24.85 -77.43
C LYS A 2207 8.14 24.38 -76.01
N ASP A 2208 9.09 24.64 -75.11
CA ASP A 2208 8.92 24.19 -73.74
C ASP A 2208 7.85 25.00 -73.02
N GLU A 2209 7.84 26.32 -73.22
CA GLU A 2209 6.75 27.09 -72.62
C GLU A 2209 5.42 26.74 -73.28
N VAL A 2210 5.44 26.43 -74.57
CA VAL A 2210 4.21 26.03 -75.25
C VAL A 2210 3.66 24.74 -74.66
N LEU A 2211 4.54 23.76 -74.44
CA LEU A 2211 4.08 22.49 -73.86
C LEU A 2211 3.62 22.70 -72.43
N ALA A 2212 4.28 23.59 -71.69
CA ALA A 2212 3.79 23.91 -70.35
C ALA A 2212 2.39 24.49 -70.42
N ASN A 2213 2.13 25.36 -71.39
CA ASN A 2213 0.81 25.97 -71.50
C ASN A 2213 -0.25 24.92 -71.85
N ARG A 2214 0.05 24.00 -72.76
CA ARG A 2214 -0.95 22.98 -73.08
C ARG A 2214 -1.12 21.98 -71.94
N LEU A 2215 -0.05 21.74 -71.18
CA LEU A 2215 -0.14 20.97 -69.95
C LEU A 2215 -1.14 21.61 -69.00
N LEU A 2216 -0.99 22.92 -68.78
CA LEU A 2216 -1.91 23.66 -67.93
C LEU A 2216 -3.33 23.58 -68.47
N ASN A 2217 -3.48 23.68 -69.79
CA ASN A 2217 -4.79 23.56 -70.41
C ASN A 2217 -5.44 22.23 -70.07
N PHE A 2218 -4.72 21.14 -70.31
CA PHE A 2218 -5.28 19.81 -70.04
C PHE A 2218 -5.60 19.61 -68.57
N LEU A 2219 -4.71 20.08 -67.70
CA LEU A 2219 -4.94 19.96 -66.26
C LEU A 2219 -6.17 20.74 -65.84
N MET A 2220 -6.40 21.91 -66.45
CA MET A 2220 -7.66 22.62 -66.24
C MET A 2220 -8.84 21.80 -66.75
N LYS A 2221 -8.66 21.16 -67.90
CA LYS A 2221 -9.76 20.45 -68.55
C LYS A 2221 -10.28 19.33 -67.67
N HIS A 2222 -9.38 18.57 -67.06
CA HIS A 2222 -9.77 17.25 -66.56
C HIS A 2222 -9.62 17.08 -65.05
N VAL A 2223 -10.16 18.01 -64.27
CA VAL A 2223 -10.12 17.86 -62.81
C VAL A 2223 -11.38 17.22 -62.26
N PHE A 2224 -12.55 17.50 -62.85
CA PHE A 2224 -13.80 17.11 -62.21
C PHE A 2224 -13.90 15.60 -62.05
N HIS A 2225 -14.34 15.17 -60.88
CA HIS A 2225 -14.43 13.76 -60.53
C HIS A 2225 -15.29 13.64 -59.27
N PRO A 2226 -16.32 12.80 -59.26
CA PRO A 2226 -17.21 12.68 -58.09
C PRO A 2226 -16.50 12.45 -56.76
N LYS A 2227 -15.28 11.92 -56.80
CA LYS A 2227 -14.54 11.65 -55.58
C LYS A 2227 -13.85 12.93 -55.10
N ARG A 2228 -14.28 13.42 -53.94
CA ARG A 2228 -13.76 14.68 -53.43
C ARG A 2228 -12.27 14.60 -53.13
N ALA A 2229 -11.81 13.43 -52.67
CA ALA A 2229 -10.40 13.30 -52.33
C ALA A 2229 -9.51 13.50 -53.55
N VAL A 2230 -9.81 12.79 -54.63
CA VAL A 2230 -9.01 12.96 -55.84
C VAL A 2230 -9.21 14.33 -56.43
N PHE A 2231 -10.42 14.90 -56.29
CA PHE A 2231 -10.62 16.25 -56.78
C PHE A 2231 -9.73 17.25 -56.05
N ARG A 2232 -9.67 17.15 -54.72
CA ARG A 2232 -8.81 18.02 -53.94
C ARG A 2232 -7.35 17.80 -54.30
N HIS A 2233 -6.97 16.55 -54.56
CA HIS A 2233 -5.60 16.29 -54.97
C HIS A 2233 -5.32 16.96 -56.31
N ASN A 2234 -6.25 16.89 -57.25
CA ASN A 2234 -6.06 17.57 -58.52
C ASN A 2234 -5.93 19.07 -58.32
N LEU A 2235 -6.76 19.63 -57.45
CA LEU A 2235 -6.71 21.08 -57.20
C LEU A 2235 -5.38 21.49 -56.58
N GLU A 2236 -4.87 20.70 -55.63
CA GLU A 2236 -3.59 21.06 -55.03
C GLU A 2236 -2.44 20.88 -56.00
N ILE A 2237 -2.51 19.88 -56.88
CA ILE A 2237 -1.52 19.78 -57.94
C ILE A 2237 -1.57 21.03 -58.81
N ILE A 2238 -2.77 21.48 -59.15
CA ILE A 2238 -2.92 22.71 -59.92
C ILE A 2238 -2.26 23.87 -59.20
N LYS A 2239 -2.53 24.00 -57.91
CA LYS A 2239 -2.05 25.17 -57.18
C LYS A 2239 -0.53 25.16 -57.08
N THR A 2240 0.07 23.99 -56.82
CA THR A 2240 1.53 23.92 -56.81
C THR A 2240 2.10 24.22 -58.17
N LEU A 2241 1.48 23.68 -59.22
CA LEU A 2241 1.89 23.94 -60.59
C LEU A 2241 1.94 25.45 -60.86
N VAL A 2242 0.84 26.13 -60.57
CA VAL A 2242 0.75 27.55 -60.90
C VAL A 2242 1.61 28.39 -59.97
N GLU A 2243 1.76 27.99 -58.71
CA GLU A 2243 2.53 28.78 -57.77
C GLU A 2243 4.02 28.67 -58.03
N CYS A 2244 4.47 27.56 -58.64
CA CYS A 2244 5.88 27.47 -58.96
C CYS A 2244 6.17 27.99 -60.36
N TRP A 2245 5.21 27.84 -61.28
CA TRP A 2245 5.42 28.20 -62.69
C TRP A 2245 4.74 29.50 -63.07
N LYS A 2246 4.78 30.51 -62.21
CA LYS A 2246 4.20 31.81 -62.54
C LYS A 2246 4.93 32.53 -63.67
N ASP A 2247 6.12 32.05 -64.06
CA ASP A 2247 6.94 32.79 -65.00
C ASP A 2247 6.37 32.80 -66.42
N CYS A 2248 5.86 31.65 -66.88
CA CYS A 2248 5.66 31.48 -68.31
C CYS A 2248 4.33 30.84 -68.69
N LEU A 2249 3.29 31.02 -67.90
CA LEU A 2249 2.00 30.39 -68.17
C LEU A 2249 0.90 31.42 -68.31
N SER A 2250 0.01 31.16 -69.28
CA SER A 2250 -1.14 32.01 -69.58
C SER A 2250 -2.40 31.22 -69.25
N ILE A 2251 -3.03 31.58 -68.14
CA ILE A 2251 -4.28 30.93 -67.72
C ILE A 2251 -5.29 31.05 -68.84
N PRO A 2252 -6.05 30.00 -69.16
CA PRO A 2252 -7.01 30.13 -70.27
C PRO A 2252 -7.99 31.27 -70.09
N TYR A 2253 -8.49 31.47 -68.87
CA TYR A 2253 -9.43 32.53 -68.54
C TYR A 2253 -10.75 32.31 -69.25
N ARG A 2254 -10.80 31.31 -70.12
CA ARG A 2254 -11.96 30.99 -70.93
C ARG A 2254 -12.49 29.60 -70.61
N LEU A 2255 -11.60 28.60 -70.60
CA LEU A 2255 -11.95 27.26 -70.17
C LEU A 2255 -12.61 27.32 -68.79
N ILE A 2256 -12.09 28.18 -67.92
CA ILE A 2256 -12.69 28.36 -66.61
C ILE A 2256 -14.12 28.86 -66.75
N PHE A 2257 -14.36 29.76 -67.71
CA PHE A 2257 -15.73 30.21 -67.96
C PHE A 2257 -16.61 29.03 -68.35
N GLU A 2258 -16.17 28.24 -69.32
CA GLU A 2258 -16.98 27.09 -69.71
C GLU A 2258 -17.14 26.08 -68.57
N LYS A 2259 -16.29 26.16 -67.55
CA LYS A 2259 -16.50 25.39 -66.34
C LYS A 2259 -17.63 25.97 -65.50
N PHE A 2260 -17.48 27.23 -65.06
CA PHE A 2260 -18.40 27.79 -64.06
C PHE A 2260 -19.62 28.48 -64.68
N SER A 2261 -19.87 28.27 -65.97
CA SER A 2261 -21.05 28.86 -66.59
C SER A 2261 -22.22 27.88 -66.56
N GLY A 2262 -23.34 28.32 -67.13
CA GLY A 2262 -24.48 27.46 -67.33
C GLY A 2262 -25.52 27.54 -66.24
N LYS A 2263 -26.64 28.19 -66.53
CA LYS A 2263 -27.75 28.23 -65.59
C LYS A 2263 -28.45 26.87 -65.57
N ASP A 2264 -28.65 26.34 -64.38
CA ASP A 2264 -29.26 25.03 -64.19
C ASP A 2264 -30.12 25.06 -62.94
N PRO A 2265 -31.14 24.19 -62.86
CA PRO A 2265 -31.86 24.08 -61.58
C PRO A 2265 -30.96 23.61 -60.45
N ASN A 2266 -29.96 22.79 -60.78
CA ASN A 2266 -28.98 22.33 -59.80
C ASN A 2266 -27.78 21.77 -60.55
N SER A 2267 -26.59 22.33 -60.30
CA SER A 2267 -25.40 21.88 -61.01
C SER A 2267 -24.15 22.26 -60.21
N LYS A 2268 -23.42 21.25 -59.74
CA LYS A 2268 -22.15 21.45 -59.07
C LYS A 2268 -21.06 21.94 -60.00
N ASP A 2269 -21.30 21.91 -61.31
CA ASP A 2269 -20.22 22.06 -62.29
C ASP A 2269 -19.62 23.46 -62.30
N ASN A 2270 -20.18 24.40 -61.57
CA ASN A 2270 -19.60 25.74 -61.55
C ASN A 2270 -18.60 25.92 -60.42
N SER A 2271 -18.72 25.13 -59.35
CA SER A 2271 -17.76 25.21 -58.26
C SER A 2271 -16.35 24.91 -58.72
N VAL A 2272 -16.20 24.13 -59.78
CA VAL A 2272 -14.87 23.83 -60.28
C VAL A 2272 -14.21 25.09 -60.81
N GLY A 2273 -14.92 25.86 -61.63
CA GLY A 2273 -14.38 27.13 -62.09
C GLY A 2273 -14.19 28.12 -60.96
N ILE A 2274 -15.09 28.09 -59.99
CA ILE A 2274 -14.96 28.94 -58.81
C ILE A 2274 -13.62 28.69 -58.12
N GLN A 2275 -13.34 27.42 -57.84
CA GLN A 2275 -12.09 27.06 -57.17
C GLN A 2275 -10.88 27.32 -58.05
N LEU A 2276 -11.01 27.12 -59.36
CA LEU A 2276 -9.90 27.45 -60.26
C LEU A 2276 -9.56 28.93 -60.19
N LEU A 2277 -10.58 29.77 -60.18
CA LEU A 2277 -10.34 31.20 -60.08
C LEU A 2277 -9.69 31.54 -58.75
N GLY A 2278 -10.14 30.89 -57.68
CA GLY A 2278 -9.48 31.08 -56.39
C GLY A 2278 -8.02 30.68 -56.43
N ILE A 2279 -7.74 29.56 -57.10
CA ILE A 2279 -6.36 29.07 -57.21
C ILE A 2279 -5.49 30.09 -57.92
N VAL A 2280 -5.97 30.58 -59.07
CA VAL A 2280 -5.15 31.51 -59.84
C VAL A 2280 -4.97 32.83 -59.11
N MET A 2281 -5.99 33.30 -58.40
CA MET A 2281 -5.84 34.57 -57.70
C MET A 2281 -4.95 34.45 -56.48
N ALA A 2282 -4.95 33.29 -55.81
CA ALA A 2282 -4.14 33.12 -54.62
C ALA A 2282 -2.66 33.27 -54.91
N ASN A 2283 -2.27 33.19 -56.17
CA ASN A 2283 -0.89 33.38 -56.58
C ASN A 2283 -0.58 34.83 -56.94
N ASP A 2284 -1.55 35.73 -56.73
CA ASP A 2284 -1.41 37.16 -57.02
C ASP A 2284 -1.30 37.40 -58.53
N LEU A 2285 -2.25 36.84 -59.28
CA LEU A 2285 -2.31 36.98 -60.71
C LEU A 2285 -3.61 37.66 -61.11
N PRO A 2286 -3.56 38.62 -62.04
CA PRO A 2286 -4.77 39.38 -62.39
C PRO A 2286 -5.82 38.50 -63.03
N PRO A 2287 -7.04 38.50 -62.50
CA PRO A 2287 -8.13 37.74 -63.13
C PRO A 2287 -8.59 38.43 -64.42
N TYR A 2288 -8.51 37.69 -65.53
CA TYR A 2288 -8.97 38.15 -66.84
C TYR A 2288 -8.10 39.33 -67.33
N ASP A 2289 -6.79 39.17 -67.16
CA ASP A 2289 -5.85 40.22 -67.55
C ASP A 2289 -5.87 40.53 -69.05
N PRO A 2290 -5.81 39.56 -69.96
CA PRO A 2290 -5.76 39.91 -71.39
C PRO A 2290 -7.12 40.27 -71.95
N GLN A 2291 -8.19 39.65 -71.43
CA GLN A 2291 -9.55 39.73 -71.96
C GLN A 2291 -9.53 39.69 -73.49
N CYS A 2292 -8.68 38.83 -74.06
CA CYS A 2292 -8.36 38.87 -75.47
C CYS A 2292 -9.34 38.00 -76.26
N GLY A 2293 -10.01 38.60 -77.24
CA GLY A 2293 -10.93 37.90 -78.10
C GLY A 2293 -12.39 38.05 -77.74
N ILE A 2294 -12.74 37.97 -76.45
CA ILE A 2294 -14.13 38.11 -76.02
C ILE A 2294 -14.15 38.63 -74.58
N GLN A 2295 -14.97 39.65 -74.34
CA GLN A 2295 -14.83 40.48 -73.16
C GLN A 2295 -15.14 39.73 -71.88
N SER A 2296 -14.50 40.15 -70.79
CA SER A 2296 -14.60 39.50 -69.50
C SER A 2296 -15.67 40.11 -68.62
N SER A 2297 -16.30 41.21 -69.03
CA SER A 2297 -17.43 41.73 -68.27
C SER A 2297 -18.54 40.69 -68.23
N GLU A 2298 -18.83 40.08 -69.39
CA GLU A 2298 -19.78 38.98 -69.44
C GLU A 2298 -19.37 37.86 -68.51
N TYR A 2299 -18.06 37.61 -68.42
CA TYR A 2299 -17.55 36.61 -67.49
C TYR A 2299 -17.94 36.98 -66.08
N PHE A 2300 -17.85 38.28 -65.77
CA PHE A 2300 -18.15 38.77 -64.43
C PHE A 2300 -19.61 38.52 -64.07
N GLN A 2301 -20.54 38.92 -64.92
CA GLN A 2301 -21.93 38.68 -64.51
C GLN A 2301 -22.27 37.20 -64.54
N ALA A 2302 -21.63 36.43 -65.42
CA ALA A 2302 -21.84 34.99 -65.39
C ALA A 2302 -21.30 34.38 -64.12
N LEU A 2303 -20.25 34.97 -63.55
CA LEU A 2303 -19.73 34.55 -62.26
C LEU A 2303 -20.70 34.91 -61.14
N VAL A 2304 -21.25 36.12 -61.19
CA VAL A 2304 -22.15 36.56 -60.13
C VAL A 2304 -23.46 35.77 -60.17
N ASN A 2305 -23.88 35.34 -61.35
CA ASN A 2305 -25.14 34.61 -61.48
C ASN A 2305 -25.14 33.30 -60.71
N ASN A 2306 -23.96 32.80 -60.32
CA ASN A 2306 -23.89 31.55 -59.58
C ASN A 2306 -24.64 31.62 -58.25
N MET A 2307 -24.86 32.84 -57.74
CA MET A 2307 -25.49 32.98 -56.42
C MET A 2307 -26.96 32.61 -56.44
N SER A 2308 -27.65 32.81 -57.57
CA SER A 2308 -29.06 32.45 -57.65
C SER A 2308 -29.26 30.95 -57.41
N PHE A 2309 -28.26 30.14 -57.75
CA PHE A 2309 -28.31 28.72 -57.44
C PHE A 2309 -28.46 28.54 -55.94
N VAL A 2310 -29.38 27.68 -55.53
CA VAL A 2310 -29.72 27.49 -54.13
C VAL A 2310 -29.46 26.07 -53.66
N ARG A 2311 -29.81 25.07 -54.47
CA ARG A 2311 -29.77 23.69 -54.02
C ARG A 2311 -28.36 23.26 -53.63
N TYR A 2312 -27.34 23.91 -54.17
CA TYR A 2312 -25.96 23.61 -53.85
C TYR A 2312 -25.32 24.81 -53.17
N LYS A 2313 -24.79 24.59 -51.97
CA LYS A 2313 -24.26 25.72 -51.19
C LYS A 2313 -22.87 26.10 -51.66
N GLU A 2314 -22.10 25.12 -52.16
CA GLU A 2314 -20.74 25.40 -52.60
C GLU A 2314 -20.75 26.41 -53.75
N VAL A 2315 -21.62 26.21 -54.73
CA VAL A 2315 -21.57 27.01 -55.95
C VAL A 2315 -21.65 28.50 -55.65
N TYR A 2316 -22.50 28.89 -54.70
CA TYR A 2316 -22.65 30.30 -54.39
C TYR A 2316 -21.75 30.77 -53.25
N ALA A 2317 -21.53 29.97 -52.21
CA ALA A 2317 -20.68 30.41 -51.12
C ALA A 2317 -19.23 30.56 -51.60
N ALA A 2318 -18.71 29.52 -52.25
CA ALA A 2318 -17.36 29.61 -52.78
C ALA A 2318 -17.24 30.79 -53.72
N ALA A 2319 -18.22 30.96 -54.60
CA ALA A 2319 -18.25 32.14 -55.45
C ALA A 2319 -18.17 33.41 -54.62
N ALA A 2320 -18.83 33.42 -53.47
CA ALA A 2320 -18.84 34.63 -52.66
C ALA A 2320 -17.43 35.01 -52.25
N GLU A 2321 -16.66 34.07 -51.71
CA GLU A 2321 -15.30 34.49 -51.33
C GLU A 2321 -14.44 34.74 -52.56
N VAL A 2322 -14.76 34.10 -53.69
CA VAL A 2322 -14.03 34.42 -54.93
C VAL A 2322 -14.22 35.88 -55.31
N LEU A 2323 -15.47 36.34 -55.31
CA LEU A 2323 -15.72 37.76 -55.59
C LEU A 2323 -15.05 38.64 -54.54
N GLY A 2324 -15.04 38.18 -53.29
CA GLY A 2324 -14.36 38.94 -52.25
C GLY A 2324 -12.90 39.16 -52.57
N LEU A 2325 -12.20 38.09 -52.97
CA LEU A 2325 -10.79 38.22 -53.29
C LEU A 2325 -10.58 39.00 -54.59
N ILE A 2326 -11.50 38.87 -55.55
CA ILE A 2326 -11.41 39.70 -56.75
C ILE A 2326 -11.45 41.17 -56.37
N LEU A 2327 -12.36 41.52 -55.48
CA LEU A 2327 -12.46 42.90 -55.03
C LEU A 2327 -11.22 43.32 -54.25
N ARG A 2328 -10.70 42.44 -53.40
CA ARG A 2328 -9.43 42.69 -52.72
C ARG A 2328 -8.35 43.06 -53.72
N TYR A 2329 -8.25 42.29 -54.80
CA TYR A 2329 -7.16 42.50 -55.74
C TYR A 2329 -7.39 43.72 -56.63
N VAL A 2330 -8.64 44.03 -56.95
CA VAL A 2330 -8.87 45.21 -57.78
C VAL A 2330 -8.70 46.48 -56.96
N MET A 2331 -8.97 46.41 -55.66
CA MET A 2331 -8.89 47.62 -54.84
C MET A 2331 -7.50 48.23 -54.86
N GLU A 2332 -6.46 47.40 -55.06
CA GLU A 2332 -5.12 47.97 -55.08
C GLU A 2332 -4.87 48.77 -56.36
N ARG A 2333 -5.25 48.24 -57.53
CA ARG A 2333 -5.17 48.98 -58.80
C ARG A 2333 -6.44 48.66 -59.58
N LYS A 2334 -7.49 49.46 -59.37
CA LYS A 2334 -8.80 49.17 -59.98
C LYS A 2334 -8.90 49.69 -61.42
N ASN A 2335 -8.95 51.01 -61.57
CA ASN A 2335 -8.84 51.74 -62.83
C ASN A 2335 -9.96 51.46 -63.82
N ILE A 2336 -10.69 50.36 -63.63
CA ILE A 2336 -11.78 49.96 -64.53
C ILE A 2336 -12.72 48.87 -64.02
N LEU A 2337 -12.55 48.39 -62.80
CA LEU A 2337 -13.42 47.30 -62.37
C LEU A 2337 -13.87 47.19 -60.92
N GLU A 2338 -13.98 48.29 -60.17
CA GLU A 2338 -14.47 48.13 -58.81
C GLU A 2338 -15.95 48.51 -58.71
N GLU A 2339 -16.31 49.66 -59.28
CA GLU A 2339 -17.67 50.15 -59.19
C GLU A 2339 -18.65 49.19 -59.86
N SER A 2340 -18.32 48.74 -61.08
CA SER A 2340 -19.22 47.86 -61.80
C SER A 2340 -19.43 46.56 -61.03
N LEU A 2341 -18.33 45.91 -60.64
CA LEU A 2341 -18.45 44.62 -59.98
C LEU A 2341 -19.16 44.74 -58.64
N CYS A 2342 -18.85 45.79 -57.87
CA CYS A 2342 -19.48 45.95 -56.57
C CYS A 2342 -20.97 46.19 -56.72
N GLU A 2343 -21.37 47.01 -57.71
CA GLU A 2343 -22.79 47.23 -57.91
C GLU A 2343 -23.48 45.94 -58.33
N LEU A 2344 -22.83 45.16 -59.19
CA LEU A 2344 -23.42 43.90 -59.63
C LEU A 2344 -23.65 42.95 -58.46
N VAL A 2345 -22.62 42.77 -57.63
CA VAL A 2345 -22.76 41.83 -56.52
C VAL A 2345 -23.76 42.35 -55.49
N ALA A 2346 -23.80 43.68 -55.28
CA ALA A 2346 -24.78 44.24 -54.38
C ALA A 2346 -26.20 43.99 -54.88
N LYS A 2347 -26.44 44.19 -56.18
CA LYS A 2347 -27.76 43.93 -56.73
C LYS A 2347 -28.12 42.46 -56.62
N GLN A 2348 -27.18 41.57 -56.91
CA GLN A 2348 -27.45 40.14 -56.80
C GLN A 2348 -27.81 39.78 -55.36
N LEU A 2349 -27.10 40.35 -54.40
CA LEU A 2349 -27.48 40.20 -53.01
C LEU A 2349 -28.90 40.69 -52.79
N LYS A 2350 -29.24 41.83 -53.39
CA LYS A 2350 -30.53 42.46 -53.13
C LYS A 2350 -31.69 41.59 -53.58
N GLN A 2351 -31.61 41.01 -54.78
CA GLN A 2351 -32.74 40.21 -55.26
C GLN A 2351 -33.09 39.07 -54.30
N HIS A 2352 -32.11 38.27 -53.92
CA HIS A 2352 -32.42 37.17 -53.01
C HIS A 2352 -32.39 37.59 -51.55
N GLN A 2353 -32.45 38.90 -51.29
CA GLN A 2353 -32.58 39.38 -49.92
C GLN A 2353 -33.99 39.19 -49.39
N ASN A 2354 -35.00 39.26 -50.26
CA ASN A 2354 -36.39 39.24 -49.84
C ASN A 2354 -37.10 37.95 -50.23
N THR A 2355 -36.36 36.85 -50.32
CA THR A 2355 -36.92 35.57 -50.73
C THR A 2355 -36.91 34.53 -49.63
N MET A 2356 -35.75 34.23 -49.06
CA MET A 2356 -35.65 33.28 -47.96
C MET A 2356 -34.77 33.86 -46.86
N GLU A 2357 -33.87 34.77 -47.25
CA GLU A 2357 -33.02 35.56 -46.36
C GLU A 2357 -31.90 34.73 -45.74
N ASP A 2358 -31.99 33.41 -45.88
CA ASP A 2358 -30.99 32.54 -45.26
C ASP A 2358 -29.75 32.43 -46.14
N LYS A 2359 -29.95 32.03 -47.40
CA LYS A 2359 -28.88 32.13 -48.38
C LYS A 2359 -28.39 33.57 -48.49
N PHE A 2360 -29.30 34.54 -48.35
CA PHE A 2360 -28.89 35.93 -48.38
C PHE A 2360 -27.88 36.25 -47.30
N ILE A 2361 -28.21 35.93 -46.05
CA ILE A 2361 -27.31 36.27 -44.96
C ILE A 2361 -26.02 35.48 -45.08
N VAL A 2362 -26.10 34.20 -45.46
CA VAL A 2362 -24.89 33.38 -45.55
C VAL A 2362 -23.95 33.91 -46.62
N CYS A 2363 -24.49 34.24 -47.80
CA CYS A 2363 -23.66 34.78 -48.86
C CYS A 2363 -23.08 36.12 -48.45
N LEU A 2364 -23.86 36.94 -47.74
CA LEU A 2364 -23.34 38.20 -47.23
C LEU A 2364 -22.16 37.95 -46.30
N ASN A 2365 -22.29 36.96 -45.43
CA ASN A 2365 -21.19 36.60 -44.54
C ASN A 2365 -19.95 36.24 -45.34
N LYS A 2366 -20.10 35.33 -46.30
CA LYS A 2366 -18.94 34.85 -47.03
C LYS A 2366 -18.27 35.96 -47.83
N VAL A 2367 -19.07 36.82 -48.46
CA VAL A 2367 -18.45 37.89 -49.26
C VAL A 2367 -17.78 38.92 -48.36
N THR A 2368 -18.43 39.28 -47.25
CA THR A 2368 -17.83 40.29 -46.38
C THR A 2368 -16.68 39.71 -45.57
N LYS A 2369 -16.54 38.39 -45.54
CA LYS A 2369 -15.39 37.77 -44.89
C LYS A 2369 -14.09 38.31 -45.48
N SER A 2370 -14.11 38.71 -46.74
CA SER A 2370 -12.97 39.40 -47.34
C SER A 2370 -13.29 40.79 -47.84
N PHE A 2371 -14.55 41.20 -47.90
CA PHE A 2371 -14.90 42.53 -48.37
C PHE A 2371 -15.71 43.27 -47.31
N PRO A 2372 -15.04 43.86 -46.31
CA PRO A 2372 -15.74 44.68 -45.33
C PRO A 2372 -16.46 45.86 -45.95
N PRO A 2373 -15.89 46.58 -46.94
CA PRO A 2373 -16.58 47.78 -47.44
C PRO A 2373 -17.99 47.54 -47.97
N LEU A 2374 -18.27 46.37 -48.53
CA LEU A 2374 -19.63 46.10 -48.99
C LEU A 2374 -20.62 46.12 -47.84
N ALA A 2375 -20.18 45.79 -46.62
CA ALA A 2375 -21.08 45.77 -45.49
C ALA A 2375 -21.56 47.17 -45.10
N ASP A 2376 -20.90 48.22 -45.60
CA ASP A 2376 -21.31 49.58 -45.25
C ASP A 2376 -22.74 49.87 -45.69
N ARG A 2377 -23.12 49.36 -46.86
CA ARG A 2377 -24.44 49.59 -47.44
C ARG A 2377 -25.46 48.52 -47.08
N PHE A 2378 -25.08 47.53 -46.27
CA PHE A 2378 -26.00 46.50 -45.81
C PHE A 2378 -26.08 46.37 -44.30
N MET A 2379 -25.38 47.21 -43.54
CA MET A 2379 -25.39 47.10 -42.09
C MET A 2379 -26.81 47.28 -41.54
N ASN A 2380 -27.59 48.14 -42.18
CA ASN A 2380 -28.98 48.33 -41.77
C ASN A 2380 -29.78 47.03 -41.92
N ALA A 2381 -29.71 46.42 -43.11
CA ALA A 2381 -30.44 45.19 -43.35
C ALA A 2381 -29.99 44.08 -42.39
N VAL A 2382 -28.68 43.99 -42.15
CA VAL A 2382 -28.21 42.95 -41.24
C VAL A 2382 -28.71 43.21 -39.82
N PHE A 2383 -28.79 44.49 -39.42
CA PHE A 2383 -29.36 44.81 -38.12
C PHE A 2383 -30.80 44.34 -38.00
N PHE A 2384 -31.61 44.58 -39.03
CA PHE A 2384 -32.98 44.04 -38.98
C PHE A 2384 -32.99 42.52 -38.96
N LEU A 2385 -32.12 41.88 -39.72
CA LEU A 2385 -32.17 40.43 -39.76
C LEU A 2385 -31.63 39.77 -38.50
N LEU A 2386 -30.87 40.50 -37.68
CA LEU A 2386 -30.22 39.88 -36.52
C LEU A 2386 -31.16 39.12 -35.59
N PRO A 2387 -32.23 39.72 -35.07
CA PRO A 2387 -32.97 39.08 -33.97
C PRO A 2387 -33.90 37.95 -34.39
N LYS A 2388 -33.83 37.49 -35.64
CA LYS A 2388 -34.84 36.54 -36.12
C LYS A 2388 -34.50 35.11 -35.71
N PHE A 2389 -33.37 34.60 -36.18
CA PHE A 2389 -33.06 33.18 -36.06
C PHE A 2389 -32.30 32.95 -34.76
N HIS A 2390 -32.03 31.68 -34.44
CA HIS A 2390 -31.38 31.37 -33.16
C HIS A 2390 -30.37 30.24 -33.25
N GLY A 2391 -29.61 30.15 -34.34
CA GLY A 2391 -28.60 29.11 -34.45
C GLY A 2391 -27.24 29.64 -34.86
N VAL A 2392 -26.53 28.88 -35.69
CA VAL A 2392 -25.24 29.32 -36.20
C VAL A 2392 -25.39 30.58 -37.06
N LEU A 2393 -26.55 30.74 -37.70
CA LEU A 2393 -26.78 31.94 -38.49
C LEU A 2393 -26.65 33.19 -37.64
N LYS A 2394 -26.95 33.09 -36.35
CA LYS A 2394 -26.73 34.22 -35.46
C LYS A 2394 -25.25 34.56 -35.34
N THR A 2395 -24.40 33.55 -35.24
CA THR A 2395 -22.96 33.80 -35.25
C THR A 2395 -22.52 34.42 -36.56
N LEU A 2396 -23.10 33.95 -37.67
CA LEU A 2396 -22.78 34.54 -38.97
C LEU A 2396 -23.16 36.01 -39.02
N CYS A 2397 -24.36 36.34 -38.54
CA CYS A 2397 -24.78 37.72 -38.46
C CYS A 2397 -23.84 38.53 -37.57
N LEU A 2398 -23.42 37.95 -36.46
CA LEU A 2398 -22.56 38.67 -35.54
C LEU A 2398 -21.19 38.94 -36.15
N GLU A 2399 -20.65 37.98 -36.90
CA GLU A 2399 -19.34 38.23 -37.48
C GLU A 2399 -19.43 39.22 -38.64
N VAL A 2400 -20.52 39.20 -39.40
CA VAL A 2400 -20.64 40.23 -40.43
C VAL A 2400 -20.82 41.59 -39.79
N VAL A 2401 -21.46 41.68 -38.63
CA VAL A 2401 -21.52 42.94 -37.90
C VAL A 2401 -20.13 43.37 -37.44
N LEU A 2402 -19.37 42.41 -36.90
CA LEU A 2402 -17.99 42.68 -36.50
C LEU A 2402 -17.17 43.25 -37.65
N CYS A 2403 -17.43 42.78 -38.87
CA CYS A 2403 -16.57 43.14 -39.99
C CYS A 2403 -16.42 44.65 -40.14
N ARG A 2404 -17.47 45.41 -39.85
CA ARG A 2404 -17.39 46.86 -39.89
C ARG A 2404 -17.99 47.40 -38.59
N VAL A 2405 -17.14 48.00 -37.76
CA VAL A 2405 -17.60 48.54 -36.48
C VAL A 2405 -17.20 50.01 -36.34
N GLU A 2406 -15.91 50.29 -36.42
CA GLU A 2406 -15.47 51.67 -36.20
C GLU A 2406 -15.96 52.62 -37.29
N GLY A 2407 -16.28 52.10 -38.47
CA GLY A 2407 -16.76 52.97 -39.53
C GLY A 2407 -18.03 53.69 -39.15
N MET A 2408 -18.90 53.03 -38.40
CA MET A 2408 -20.14 53.62 -37.94
C MET A 2408 -20.00 54.13 -36.52
N THR A 2409 -20.57 55.32 -36.28
CA THR A 2409 -20.46 55.98 -34.98
C THR A 2409 -21.73 55.96 -34.16
N GLU A 2410 -22.90 55.87 -34.79
CA GLU A 2410 -24.15 55.72 -34.07
C GLU A 2410 -24.19 54.31 -33.52
N LEU A 2411 -23.41 54.06 -32.48
CA LEU A 2411 -22.96 52.73 -32.12
C LEU A 2411 -23.49 52.36 -30.74
N TYR A 2412 -23.69 51.05 -30.55
CA TYR A 2412 -24.24 50.44 -29.36
C TYR A 2412 -25.75 50.69 -29.27
N PHE A 2413 -26.27 51.54 -30.16
CA PHE A 2413 -27.69 51.85 -30.14
C PHE A 2413 -28.51 50.78 -30.85
N GLN A 2414 -28.13 50.44 -32.08
CA GLN A 2414 -28.71 49.26 -32.70
C GLN A 2414 -28.41 48.04 -31.85
N LEU A 2415 -27.28 48.05 -31.14
CA LEU A 2415 -26.93 46.94 -30.27
C LEU A 2415 -27.97 46.76 -29.18
N LYS A 2416 -28.30 47.83 -28.46
CA LYS A 2416 -29.32 47.72 -27.42
C LYS A 2416 -30.69 47.45 -28.00
N SER A 2417 -30.98 47.96 -29.20
CA SER A 2417 -32.28 47.69 -29.80
C SER A 2417 -32.44 46.20 -30.09
N LYS A 2418 -31.39 45.57 -30.59
CA LYS A 2418 -31.41 44.14 -30.90
C LYS A 2418 -30.98 43.28 -29.72
N ASP A 2419 -30.72 43.89 -28.57
CA ASP A 2419 -30.46 43.19 -27.31
C ASP A 2419 -29.13 42.42 -27.38
N PHE A 2420 -28.10 43.16 -27.78
CA PHE A 2420 -26.76 42.59 -27.94
C PHE A 2420 -26.25 42.01 -26.62
N VAL A 2421 -26.40 42.76 -25.53
CA VAL A 2421 -25.88 42.31 -24.25
C VAL A 2421 -26.54 41.01 -23.84
N GLN A 2422 -27.86 40.92 -23.97
CA GLN A 2422 -28.55 39.67 -23.69
C GLN A 2422 -28.11 38.56 -24.63
N VAL A 2423 -27.76 38.91 -25.88
CA VAL A 2423 -27.29 37.90 -26.81
C VAL A 2423 -25.98 37.29 -26.33
N MET A 2424 -25.04 38.13 -25.88
CA MET A 2424 -23.74 37.59 -25.51
C MET A 2424 -23.80 36.67 -24.30
N ARG A 2425 -24.83 36.80 -23.46
CA ARG A 2425 -24.93 35.96 -22.28
C ARG A 2425 -25.40 34.55 -22.59
N HIS A 2426 -25.40 34.17 -23.87
CA HIS A 2426 -25.75 32.83 -24.30
C HIS A 2426 -24.49 32.01 -24.51
N ARG A 2427 -24.54 30.74 -24.11
CA ARG A 2427 -23.37 29.88 -24.19
C ARG A 2427 -23.07 29.55 -25.65
N ASP A 2428 -22.10 30.26 -26.22
CA ASP A 2428 -21.58 29.93 -27.54
C ASP A 2428 -20.20 30.56 -27.64
N ASP A 2429 -19.16 29.73 -27.65
CA ASP A 2429 -17.80 30.23 -27.50
C ASP A 2429 -17.44 31.22 -28.60
N GLU A 2430 -17.72 30.87 -29.84
CA GLU A 2430 -17.38 31.77 -30.95
C GLU A 2430 -18.29 32.99 -30.96
N ARG A 2431 -19.57 32.80 -30.64
CA ARG A 2431 -20.48 33.94 -30.54
C ARG A 2431 -20.03 34.92 -29.46
N GLN A 2432 -19.66 34.41 -28.28
CA GLN A 2432 -19.22 35.31 -27.23
C GLN A 2432 -17.87 35.94 -27.56
N LYS A 2433 -17.00 35.19 -28.21
CA LYS A 2433 -15.71 35.75 -28.61
C LYS A 2433 -15.90 36.90 -29.60
N VAL A 2434 -16.79 36.75 -30.58
CA VAL A 2434 -16.99 37.84 -31.52
C VAL A 2434 -17.75 38.98 -30.87
N CYS A 2435 -18.59 38.68 -29.87
CA CYS A 2435 -19.22 39.76 -29.13
C CYS A 2435 -18.16 40.62 -28.43
N LEU A 2436 -17.22 39.97 -27.77
CA LEU A 2436 -16.13 40.70 -27.13
C LEU A 2436 -15.27 41.43 -28.16
N ASP A 2437 -15.10 40.83 -29.34
CA ASP A 2437 -14.35 41.50 -30.40
C ASP A 2437 -15.05 42.78 -30.83
N ILE A 2438 -16.36 42.71 -30.97
CA ILE A 2438 -17.16 43.91 -31.25
C ILE A 2438 -16.90 44.96 -30.18
N ILE A 2439 -16.99 44.54 -28.91
CA ILE A 2439 -16.85 45.49 -27.83
C ILE A 2439 -15.46 46.14 -27.84
N TYR A 2440 -14.43 45.34 -28.06
CA TYR A 2440 -13.07 45.88 -28.08
C TYR A 2440 -12.88 46.88 -29.20
N LYS A 2441 -13.27 46.52 -30.43
CA LYS A 2441 -13.09 47.46 -31.52
C LYS A 2441 -13.99 48.67 -31.39
N MET A 2442 -15.08 48.54 -30.64
CA MET A 2442 -16.02 49.62 -30.37
C MET A 2442 -15.57 50.51 -29.22
N MET A 2443 -14.64 50.04 -28.42
CA MET A 2443 -14.28 50.68 -27.17
C MET A 2443 -13.97 52.17 -27.31
N PRO A 2444 -12.92 52.58 -28.05
CA PRO A 2444 -12.51 53.98 -27.94
C PRO A 2444 -13.45 54.91 -28.69
N LYS A 2445 -14.74 54.64 -28.55
CA LYS A 2445 -15.81 55.46 -29.10
C LYS A 2445 -17.01 55.44 -28.17
N LEU A 2446 -16.84 55.05 -26.92
CA LEU A 2446 -17.93 54.67 -26.05
C LEU A 2446 -18.00 55.58 -24.83
N LYS A 2447 -19.18 56.12 -24.56
CA LYS A 2447 -19.40 56.96 -23.40
C LYS A 2447 -19.26 56.14 -22.12
N PRO A 2448 -18.73 56.73 -21.05
CA PRO A 2448 -18.60 55.97 -19.80
C PRO A 2448 -19.91 55.40 -19.28
N VAL A 2449 -21.01 56.12 -19.45
CA VAL A 2449 -22.30 55.61 -18.98
C VAL A 2449 -22.69 54.36 -19.76
N GLU A 2450 -22.45 54.36 -21.08
CA GLU A 2450 -22.68 53.15 -21.85
C GLU A 2450 -21.70 52.06 -21.49
N LEU A 2451 -20.45 52.44 -21.20
CA LEU A 2451 -19.41 51.46 -20.89
C LEU A 2451 -19.74 50.71 -19.63
N ARG A 2452 -20.41 51.36 -18.68
CA ARG A 2452 -20.85 50.63 -17.49
C ARG A 2452 -21.83 49.51 -17.85
N GLU A 2453 -22.83 49.83 -18.66
CA GLU A 2453 -23.81 48.81 -19.03
C GLU A 2453 -23.16 47.71 -19.85
N LEU A 2454 -22.19 48.08 -20.70
CA LEU A 2454 -21.51 47.09 -21.51
C LEU A 2454 -20.44 46.33 -20.75
N LEU A 2455 -20.02 46.85 -19.60
CA LEU A 2455 -19.02 46.23 -18.75
C LEU A 2455 -19.62 45.30 -17.73
N ASN A 2456 -20.89 45.50 -17.40
CA ASN A 2456 -21.62 44.55 -16.57
C ASN A 2456 -21.54 43.14 -17.15
N PRO A 2457 -21.71 42.93 -18.47
CA PRO A 2457 -21.53 41.58 -19.02
C PRO A 2457 -20.10 41.21 -19.31
N VAL A 2458 -19.18 42.16 -19.40
CA VAL A 2458 -17.79 41.85 -19.70
C VAL A 2458 -17.22 40.94 -18.62
N VAL A 2459 -17.36 41.34 -17.36
CA VAL A 2459 -16.59 40.68 -16.31
C VAL A 2459 -17.15 39.33 -15.88
N GLU A 2460 -18.29 38.89 -16.41
CA GLU A 2460 -18.65 37.52 -16.08
C GLU A 2460 -17.88 36.49 -16.86
N PHE A 2461 -16.90 36.90 -17.66
CA PHE A 2461 -16.13 35.92 -18.42
C PHE A 2461 -14.98 35.34 -17.62
N VAL A 2462 -14.70 35.84 -16.42
CA VAL A 2462 -13.86 35.08 -15.51
C VAL A 2462 -14.55 33.76 -15.21
N SER A 2463 -13.76 32.69 -15.17
CA SER A 2463 -14.22 31.32 -15.05
C SER A 2463 -15.00 30.84 -16.27
N HIS A 2464 -15.04 31.62 -17.33
CA HIS A 2464 -15.59 31.12 -18.58
C HIS A 2464 -14.61 30.12 -19.18
N PRO A 2465 -15.03 28.91 -19.47
CA PRO A 2465 -14.10 27.91 -20.02
C PRO A 2465 -13.73 28.20 -21.46
N SER A 2466 -13.09 29.33 -21.71
CA SER A 2466 -12.81 29.73 -23.08
C SER A 2466 -11.33 29.86 -23.37
N THR A 2467 -10.59 30.65 -22.59
CA THR A 2467 -9.18 30.94 -22.80
C THR A 2467 -9.01 31.75 -24.09
N THR A 2468 -10.10 31.96 -24.80
CA THR A 2468 -10.13 32.90 -25.91
C THR A 2468 -11.22 33.94 -25.79
N CYS A 2469 -12.27 33.70 -25.02
CA CYS A 2469 -13.07 34.81 -24.53
C CYS A 2469 -12.35 35.52 -23.39
N ARG A 2470 -11.75 34.76 -22.48
CA ARG A 2470 -11.00 35.36 -21.39
C ARG A 2470 -9.80 36.14 -21.90
N GLU A 2471 -9.07 35.57 -22.85
CA GLU A 2471 -7.86 36.23 -23.36
C GLU A 2471 -8.20 37.57 -24.00
N GLN A 2472 -9.41 37.73 -24.51
CA GLN A 2472 -9.87 38.97 -25.11
C GLN A 2472 -10.45 39.91 -24.07
N MET A 2473 -11.17 39.36 -23.10
CA MET A 2473 -11.69 40.19 -22.02
C MET A 2473 -10.56 40.87 -21.29
N TYR A 2474 -9.47 40.16 -21.10
CA TYR A 2474 -8.36 40.79 -20.38
C TYR A 2474 -7.79 41.95 -21.18
N ASN A 2475 -7.90 41.93 -22.50
CA ASN A 2475 -7.46 43.08 -23.29
C ASN A 2475 -8.48 44.21 -23.23
N ILE A 2476 -9.76 43.88 -23.16
CA ILE A 2476 -10.78 44.89 -22.88
C ILE A 2476 -10.42 45.63 -21.61
N LEU A 2477 -10.07 44.87 -20.57
CA LEU A 2477 -9.79 45.44 -19.26
C LEU A 2477 -8.42 46.11 -19.22
N MET A 2478 -7.46 45.63 -20.00
CA MET A 2478 -6.20 46.36 -20.16
C MET A 2478 -6.46 47.74 -20.75
N TRP A 2479 -7.34 47.82 -21.74
CA TRP A 2479 -7.65 49.14 -22.29
C TRP A 2479 -8.35 50.00 -21.25
N ILE A 2480 -9.38 49.43 -20.59
CA ILE A 2480 -10.14 50.19 -19.61
C ILE A 2480 -9.21 50.75 -18.55
N HIS A 2481 -8.31 49.91 -18.05
CA HIS A 2481 -7.47 50.29 -16.93
C HIS A 2481 -6.32 51.20 -17.34
N ASP A 2482 -5.87 51.14 -18.59
CA ASP A 2482 -4.80 52.05 -18.99
C ASP A 2482 -5.35 53.35 -19.54
N ASN A 2483 -6.65 53.45 -19.76
CA ASN A 2483 -7.21 54.74 -20.17
C ASN A 2483 -7.99 55.44 -19.06
N TYR A 2484 -8.72 54.68 -18.25
CA TYR A 2484 -9.54 55.23 -17.17
C TYR A 2484 -8.80 55.28 -15.85
N ARG A 2485 -7.59 55.83 -15.85
CA ARG A 2485 -6.78 55.92 -14.65
C ARG A 2485 -6.72 57.37 -14.16
N ASP A 2486 -7.85 58.06 -14.25
CA ASP A 2486 -7.93 59.49 -13.99
C ASP A 2486 -8.79 59.70 -12.75
N PRO A 2487 -8.21 59.92 -11.57
CA PRO A 2487 -9.01 60.02 -10.35
C PRO A 2487 -9.81 61.31 -10.24
N GLU A 2488 -9.21 62.43 -10.62
CA GLU A 2488 -9.86 63.72 -10.57
C GLU A 2488 -10.20 64.28 -11.94
N SER A 2489 -9.66 63.70 -13.01
CA SER A 2489 -9.87 64.20 -14.36
C SER A 2489 -11.10 63.53 -14.94
N GLU A 2490 -12.05 64.35 -15.42
CA GLU A 2490 -13.25 63.89 -16.09
C GLU A 2490 -14.10 62.97 -15.20
N THR A 2491 -14.05 63.19 -13.89
CA THR A 2491 -14.78 62.35 -12.95
C THR A 2491 -16.28 62.51 -13.15
N ASP A 2492 -16.97 61.38 -13.31
CA ASP A 2492 -18.40 61.41 -13.60
C ASP A 2492 -19.19 60.40 -12.77
N ASN A 2493 -18.70 60.05 -11.59
CA ASN A 2493 -19.36 59.12 -10.68
C ASN A 2493 -19.43 57.71 -11.27
N ASP A 2494 -18.95 57.54 -12.50
CA ASP A 2494 -18.79 56.23 -13.11
C ASP A 2494 -17.40 56.11 -13.70
N SER A 2495 -16.80 57.25 -14.06
CA SER A 2495 -15.47 57.26 -14.65
C SER A 2495 -14.42 56.78 -13.65
N GLN A 2496 -14.83 56.47 -12.43
CA GLN A 2496 -13.93 55.91 -11.44
C GLN A 2496 -14.33 54.51 -11.01
N GLU A 2497 -15.61 54.22 -10.88
CA GLU A 2497 -15.99 52.85 -10.53
C GLU A 2497 -15.90 51.89 -11.70
N ILE A 2498 -15.96 52.38 -12.95
CA ILE A 2498 -15.51 51.56 -14.07
C ILE A 2498 -14.07 51.10 -13.85
N PHE A 2499 -13.20 52.05 -13.49
CA PHE A 2499 -11.81 51.70 -13.25
C PHE A 2499 -11.67 50.77 -12.06
N LYS A 2500 -12.50 50.95 -11.04
CA LYS A 2500 -12.45 50.06 -9.88
C LYS A 2500 -12.74 48.63 -10.28
N LEU A 2501 -13.79 48.44 -11.08
CA LEU A 2501 -14.09 47.10 -11.57
C LEU A 2501 -12.96 46.59 -12.46
N ALA A 2502 -12.34 47.48 -13.23
CA ALA A 2502 -11.22 47.10 -14.07
C ALA A 2502 -10.07 46.55 -13.25
N LYS A 2503 -9.68 47.26 -12.20
CA LYS A 2503 -8.57 46.79 -11.38
C LYS A 2503 -8.96 45.52 -10.64
N ASP A 2504 -10.22 45.41 -10.24
CA ASP A 2504 -10.68 44.18 -9.61
C ASP A 2504 -10.42 42.98 -10.51
N VAL A 2505 -10.79 43.09 -11.79
CA VAL A 2505 -10.64 41.90 -12.60
C VAL A 2505 -9.20 41.72 -13.08
N LEU A 2506 -8.44 42.81 -13.21
CA LEU A 2506 -7.04 42.67 -13.56
C LEU A 2506 -6.19 42.16 -12.41
N ILE A 2507 -6.75 42.16 -11.20
CA ILE A 2507 -6.12 41.43 -10.10
C ILE A 2507 -6.57 39.98 -10.11
N GLN A 2508 -7.89 39.76 -10.23
CA GLN A 2508 -8.42 38.41 -10.23
C GLN A 2508 -7.92 37.57 -11.40
N GLY A 2509 -7.37 38.20 -12.42
CA GLY A 2509 -6.78 37.44 -13.50
C GLY A 2509 -5.41 36.86 -13.20
N LEU A 2510 -4.84 37.16 -12.04
CA LEU A 2510 -3.53 36.62 -11.67
C LEU A 2510 -3.58 35.18 -11.22
N ILE A 2511 -4.76 34.69 -10.82
CA ILE A 2511 -4.93 33.31 -10.44
C ILE A 2511 -5.59 32.51 -11.55
N ASP A 2512 -5.52 32.99 -12.78
CA ASP A 2512 -6.24 32.38 -13.88
C ASP A 2512 -5.64 31.01 -14.20
N GLU A 2513 -6.50 30.09 -14.64
CA GLU A 2513 -6.08 28.70 -14.81
C GLU A 2513 -5.01 28.57 -15.90
N ASN A 2514 -5.20 29.22 -17.03
CA ASN A 2514 -4.24 29.09 -18.12
C ASN A 2514 -2.90 29.71 -17.75
N PRO A 2515 -1.81 28.95 -17.83
CA PRO A 2515 -0.48 29.56 -17.58
C PRO A 2515 -0.17 30.71 -18.52
N GLY A 2516 -0.62 30.64 -19.78
CA GLY A 2516 -0.40 31.74 -20.69
C GLY A 2516 -1.13 33.00 -20.26
N LEU A 2517 -2.40 32.86 -19.88
CA LEU A 2517 -3.15 34.03 -19.40
C LEU A 2517 -2.53 34.59 -18.14
N GLN A 2518 -2.11 33.72 -17.23
CA GLN A 2518 -1.49 34.20 -15.99
C GLN A 2518 -0.20 34.94 -16.30
N LEU A 2519 0.59 34.43 -17.24
CA LEU A 2519 1.82 35.12 -17.59
C LEU A 2519 1.51 36.48 -18.22
N ILE A 2520 0.49 36.54 -19.07
CA ILE A 2520 0.12 37.81 -19.69
C ILE A 2520 -0.19 38.83 -18.62
N ILE A 2521 -1.07 38.46 -17.67
CA ILE A 2521 -1.49 39.40 -16.64
C ILE A 2521 -0.31 39.76 -15.75
N ARG A 2522 0.53 38.79 -15.41
CA ARG A 2522 1.64 39.04 -14.51
C ARG A 2522 2.62 40.03 -15.13
N ASN A 2523 2.97 39.84 -16.40
CA ASN A 2523 3.90 40.76 -17.03
C ASN A 2523 3.23 42.07 -17.40
N PHE A 2524 1.90 42.11 -17.48
CA PHE A 2524 1.21 43.38 -17.51
C PHE A 2524 1.45 44.15 -16.22
N TRP A 2525 1.20 43.49 -15.09
CA TRP A 2525 1.28 44.16 -13.80
C TRP A 2525 2.72 44.51 -13.45
N SER A 2526 3.69 43.77 -13.99
CA SER A 2526 5.06 43.93 -13.53
C SER A 2526 5.78 45.12 -14.16
N HIS A 2527 5.19 45.76 -15.16
CA HIS A 2527 5.90 46.85 -15.83
C HIS A 2527 5.98 48.07 -14.92
N GLU A 2528 6.94 48.94 -15.22
CA GLU A 2528 7.17 50.14 -14.44
C GLU A 2528 6.00 51.12 -14.52
N THR A 2529 5.08 50.92 -15.47
CA THR A 2529 3.93 51.81 -15.58
C THR A 2529 3.04 51.72 -14.35
N ARG A 2530 2.93 50.53 -13.77
CA ARG A 2530 1.95 50.28 -12.72
C ARG A 2530 2.59 49.99 -11.37
N LEU A 2531 3.39 48.93 -11.25
CA LEU A 2531 4.08 48.62 -10.01
C LEU A 2531 5.43 49.30 -10.04
N PRO A 2532 5.72 50.22 -9.13
CA PRO A 2532 6.95 51.01 -9.22
C PRO A 2532 8.18 50.11 -9.31
N SER A 2533 9.27 50.69 -9.81
CA SER A 2533 10.49 49.91 -9.98
C SER A 2533 11.21 49.71 -8.66
N ASN A 2534 11.14 50.68 -7.75
CA ASN A 2534 11.94 50.63 -6.55
C ASN A 2534 11.53 49.46 -5.67
N THR A 2535 12.48 48.96 -4.87
CA THR A 2535 12.21 47.84 -3.97
C THR A 2535 11.11 48.21 -2.98
N LEU A 2536 11.40 49.20 -2.15
CA LEU A 2536 10.49 49.59 -1.07
C LEU A 2536 9.17 50.10 -1.61
N ASP A 2537 9.22 50.91 -2.65
CA ASP A 2537 7.98 51.43 -3.23
C ASP A 2537 7.16 50.33 -3.86
N ARG A 2538 7.81 49.35 -4.48
CA ARG A 2538 7.07 48.20 -5.00
C ARG A 2538 6.45 47.41 -3.86
N LEU A 2539 7.18 47.26 -2.76
CA LEU A 2539 6.65 46.55 -1.60
C LEU A 2539 5.37 47.21 -1.10
N LEU A 2540 5.40 48.52 -0.94
CA LEU A 2540 4.22 49.22 -0.46
C LEU A 2540 3.08 49.15 -1.48
N ALA A 2541 3.38 49.47 -2.74
CA ALA A 2541 2.34 49.51 -3.75
C ALA A 2541 1.81 48.14 -4.11
N LEU A 2542 2.47 47.08 -3.65
CA LEU A 2542 2.03 45.74 -3.97
C LEU A 2542 0.87 45.30 -3.09
N ASN A 2543 0.63 46.00 -1.98
CA ASN A 2543 -0.57 45.73 -1.20
C ASN A 2543 -1.82 46.08 -1.99
N SER A 2544 -1.76 47.11 -2.83
CA SER A 2544 -2.95 47.54 -3.54
C SER A 2544 -3.47 46.49 -4.51
N LEU A 2545 -2.68 45.47 -4.84
CA LEU A 2545 -3.20 44.34 -5.59
C LEU A 2545 -3.96 43.35 -4.72
N TYR A 2546 -4.01 43.55 -3.41
CA TYR A 2546 -4.68 42.58 -2.56
C TYR A 2546 -6.18 42.66 -2.82
N SER A 2547 -6.71 41.65 -3.47
CA SER A 2547 -8.15 41.49 -3.59
C SER A 2547 -8.53 40.21 -2.85
N PRO A 2548 -9.45 40.25 -1.91
CA PRO A 2548 -9.70 39.09 -1.06
C PRO A 2548 -10.00 37.81 -1.83
N LYS A 2549 -10.18 37.90 -3.15
CA LYS A 2549 -10.33 36.70 -3.94
C LYS A 2549 -9.01 35.98 -4.18
N ILE A 2550 -7.91 36.73 -4.29
CA ILE A 2550 -6.62 36.15 -4.63
C ILE A 2550 -5.81 35.88 -3.38
N GLU A 2551 -6.42 35.97 -2.22
CA GLU A 2551 -5.64 35.83 -1.00
C GLU A 2551 -5.10 34.43 -0.81
N VAL A 2552 -5.68 33.43 -1.48
CA VAL A 2552 -5.07 32.11 -1.44
C VAL A 2552 -3.69 32.16 -2.06
N HIS A 2553 -3.54 32.96 -3.12
CA HIS A 2553 -2.30 33.00 -3.88
C HIS A 2553 -1.45 34.21 -3.56
N PHE A 2554 -1.95 35.17 -2.81
CA PHE A 2554 -1.08 36.20 -2.27
C PHE A 2554 0.02 35.53 -1.47
N LEU A 2555 1.11 36.28 -1.26
CA LEU A 2555 2.34 35.81 -0.61
C LEU A 2555 3.10 34.88 -1.53
N SER A 2556 2.45 34.44 -2.60
CA SER A 2556 3.12 33.79 -3.71
C SER A 2556 3.30 34.73 -4.87
N LEU A 2557 2.42 35.73 -4.97
CA LEU A 2557 2.51 36.78 -5.94
C LEU A 2557 3.19 38.03 -5.39
N ALA A 2558 3.01 38.32 -4.11
CA ALA A 2558 3.76 39.41 -3.50
C ALA A 2558 5.25 39.14 -3.57
N THR A 2559 5.66 37.93 -3.21
CA THR A 2559 7.07 37.56 -3.34
C THR A 2559 7.48 37.53 -4.80
N ASN A 2560 6.61 37.06 -5.69
CA ASN A 2560 6.99 36.97 -7.09
C ASN A 2560 7.26 38.34 -7.70
N PHE A 2561 6.41 39.31 -7.41
CA PHE A 2561 6.65 40.67 -7.89
C PHE A 2561 7.83 41.32 -7.18
N LEU A 2562 8.06 41.01 -5.90
CA LEU A 2562 9.27 41.53 -5.26
C LEU A 2562 10.53 40.90 -5.80
N LEU A 2563 10.44 39.68 -6.29
CA LEU A 2563 11.60 38.84 -6.47
C LEU A 2563 12.05 38.72 -7.92
N GLU A 2564 11.14 38.83 -8.88
CA GLU A 2564 11.59 38.87 -10.26
C GLU A 2564 12.35 40.13 -10.58
N MET A 2565 12.29 41.14 -9.71
CA MET A 2565 12.99 42.38 -9.96
C MET A 2565 14.49 42.28 -9.72
N THR A 2566 14.94 41.26 -8.98
CA THR A 2566 16.37 41.10 -8.72
C THR A 2566 17.18 40.94 -9.99
N SER A 2567 16.55 40.44 -11.06
CA SER A 2567 17.22 40.16 -12.32
C SER A 2567 17.77 41.40 -13.00
N MET A 2568 17.34 42.59 -12.58
CA MET A 2568 17.89 43.84 -13.10
C MET A 2568 18.97 44.42 -12.22
N SER A 2569 19.79 43.58 -11.59
CA SER A 2569 20.96 43.98 -10.83
C SER A 2569 22.24 43.60 -11.58
N PRO A 2570 23.35 44.30 -11.32
CA PRO A 2570 24.65 43.81 -11.81
C PRO A 2570 25.29 42.80 -10.85
N ASP A 2571 24.47 41.89 -10.33
CA ASP A 2571 24.95 40.78 -9.52
C ASP A 2571 24.19 39.49 -9.80
N TYR A 2572 23.18 39.53 -10.66
CA TYR A 2572 22.44 38.32 -10.98
C TYR A 2572 23.28 37.24 -11.64
N PRO A 2573 24.13 37.53 -12.64
CA PRO A 2573 24.93 36.45 -13.24
C PRO A 2573 26.14 36.01 -12.44
N ASN A 2574 26.57 36.77 -11.44
CA ASN A 2574 27.75 36.40 -10.68
C ASN A 2574 27.47 35.20 -9.78
N PRO A 2575 28.43 34.27 -9.69
CA PRO A 2575 28.18 33.08 -8.88
C PRO A 2575 28.25 33.36 -7.39
N MET A 2576 28.79 34.52 -7.02
CA MET A 2576 28.98 34.96 -5.64
C MET A 2576 29.88 34.01 -4.83
N PHE A 2577 30.86 33.44 -5.51
CA PHE A 2577 31.81 32.50 -4.92
C PHE A 2577 33.13 32.63 -5.65
N GLU A 2578 34.21 32.37 -4.92
CA GLU A 2578 35.56 32.45 -5.43
C GLU A 2578 36.33 31.16 -5.20
N ILE A 2783 31.41 25.10 -5.96
CA ILE A 2783 30.68 25.73 -4.86
C ILE A 2783 29.89 26.93 -5.37
N GLN A 2784 30.31 27.45 -6.52
CA GLN A 2784 29.65 28.59 -7.14
C GLN A 2784 28.28 28.15 -7.67
N ILE A 2785 27.23 28.87 -7.29
CA ILE A 2785 25.89 28.36 -7.54
C ILE A 2785 24.99 29.40 -8.22
N LYS A 2786 25.57 30.43 -8.84
CA LYS A 2786 24.81 31.17 -9.86
C LYS A 2786 23.51 31.79 -9.34
N HIS A 2787 23.58 32.94 -8.67
CA HIS A 2787 22.51 33.54 -7.88
C HIS A 2787 21.12 33.17 -8.36
N SER A 2788 20.91 33.24 -9.68
CA SER A 2788 19.64 32.80 -10.25
C SER A 2788 19.32 31.36 -9.84
N SER A 2789 20.33 30.49 -9.77
CA SER A 2789 20.07 29.08 -9.49
C SER A 2789 19.56 28.87 -8.07
N LEU A 2790 19.63 29.90 -7.21
CA LEU A 2790 19.04 29.87 -5.88
C LEU A 2790 17.76 30.68 -5.79
N ILE A 2791 17.74 31.87 -6.38
CA ILE A 2791 16.52 32.68 -6.33
C ILE A 2791 15.39 32.00 -7.09
N THR A 2792 15.65 31.60 -8.33
CA THR A 2792 14.60 31.03 -9.16
C THR A 2792 13.94 29.80 -8.57
N PRO A 2793 14.66 28.79 -8.07
CA PRO A 2793 13.97 27.65 -7.45
C PRO A 2793 13.33 28.01 -6.13
N LEU A 2794 13.84 29.02 -5.45
CA LEU A 2794 13.18 29.46 -4.23
C LEU A 2794 11.77 29.91 -4.53
N GLN A 2795 11.59 30.75 -5.55
CA GLN A 2795 10.24 31.12 -5.92
C GLN A 2795 9.48 29.95 -6.54
N ALA A 2796 10.18 29.08 -7.28
CA ALA A 2796 9.51 27.96 -7.91
C ALA A 2796 8.89 27.02 -6.88
N VAL A 2797 9.47 26.94 -5.69
CA VAL A 2797 8.83 26.18 -4.64
C VAL A 2797 7.87 27.05 -3.83
N ALA A 2798 8.13 28.35 -3.75
CA ALA A 2798 7.23 29.23 -3.03
C ALA A 2798 5.86 29.27 -3.65
N GLN A 2799 5.76 29.07 -4.96
CA GLN A 2799 4.45 29.15 -5.58
C GLN A 2799 3.68 27.84 -5.53
N ARG A 2800 4.28 26.76 -5.01
CA ARG A 2800 3.55 25.52 -4.82
C ARG A 2800 3.46 25.12 -3.36
N ASP A 2801 3.99 25.94 -2.45
CA ASP A 2801 4.04 25.62 -1.03
C ASP A 2801 3.70 26.86 -0.22
N PRO A 2802 2.49 26.94 0.30
CA PRO A 2802 2.07 28.17 0.99
C PRO A 2802 2.94 28.51 2.18
N ILE A 2803 3.47 27.52 2.89
CA ILE A 2803 4.26 27.83 4.07
C ILE A 2803 5.61 28.42 3.68
N ILE A 2804 6.25 27.87 2.66
CA ILE A 2804 7.49 28.51 2.22
C ILE A 2804 7.18 29.89 1.67
N ALA A 2805 6.04 30.07 1.02
CA ALA A 2805 5.67 31.40 0.56
C ALA A 2805 5.56 32.36 1.73
N LYS A 2806 4.93 31.91 2.81
CA LYS A 2806 4.77 32.75 3.99
C LYS A 2806 6.11 33.12 4.60
N GLN A 2807 6.99 32.14 4.78
CA GLN A 2807 8.26 32.41 5.42
C GLN A 2807 9.13 33.29 4.54
N LEU A 2808 9.06 33.08 3.23
CA LEU A 2808 9.83 33.90 2.29
C LEU A 2808 9.33 35.33 2.29
N PHE A 2809 8.01 35.55 2.24
CA PHE A 2809 7.51 36.90 2.27
C PHE A 2809 7.84 37.58 3.58
N SER A 2810 7.70 36.88 4.70
CA SER A 2810 8.04 37.49 5.98
C SER A 2810 9.50 37.88 6.02
N SER A 2811 10.39 37.01 5.53
CA SER A 2811 11.82 37.28 5.57
C SER A 2811 12.17 38.47 4.69
N LEU A 2812 11.61 38.52 3.47
CA LEU A 2812 11.83 39.65 2.58
C LEU A 2812 11.32 40.95 3.20
N PHE A 2813 10.12 40.91 3.78
CA PHE A 2813 9.53 42.09 4.37
C PHE A 2813 10.41 42.63 5.49
N SER A 2814 10.77 41.77 6.43
CA SER A 2814 11.56 42.22 7.57
C SER A 2814 12.93 42.69 7.15
N GLY A 2815 13.57 42.01 6.19
CA GLY A 2815 14.86 42.49 5.72
C GLY A 2815 14.76 43.86 5.10
N ILE A 2816 13.75 44.07 4.27
CA ILE A 2816 13.56 45.38 3.63
C ILE A 2816 13.37 46.47 4.67
N LEU A 2817 12.45 46.22 5.61
CA LEU A 2817 12.13 47.22 6.62
C LEU A 2817 13.34 47.53 7.49
N LYS A 2818 14.14 46.52 7.83
CA LYS A 2818 15.37 46.81 8.55
C LYS A 2818 16.33 47.64 7.71
N GLU A 2819 16.37 47.38 6.40
CA GLU A 2819 17.34 48.07 5.57
C GLU A 2819 16.98 49.52 5.36
N MET A 2820 15.69 49.87 5.32
CA MET A 2820 15.34 51.27 5.09
C MET A 2820 15.89 52.18 6.18
N ASP A 2821 16.24 51.64 7.33
CA ASP A 2821 16.73 52.47 8.44
C ASP A 2821 17.97 53.25 8.04
N LYS A 2822 18.77 52.73 7.10
CA LYS A 2822 19.89 53.48 6.56
C LYS A 2822 19.54 54.22 5.28
N PHE A 2823 18.28 54.12 4.81
CA PHE A 2823 17.89 54.68 3.54
C PHE A 2823 16.81 55.75 3.64
N LYS A 2824 16.15 55.88 4.79
CA LYS A 2824 15.11 56.87 4.96
C LYS A 2824 15.17 57.44 6.37
N THR A 2825 14.71 58.69 6.52
CA THR A 2825 14.77 59.38 7.80
C THR A 2825 13.52 59.12 8.63
N LEU A 2826 13.47 59.73 9.81
CA LEU A 2826 12.47 59.36 10.81
C LEU A 2826 11.05 59.65 10.33
N SER A 2827 10.81 60.85 9.81
CA SER A 2827 9.46 61.23 9.43
C SER A 2827 8.95 60.36 8.28
N GLU A 2828 9.77 60.16 7.27
CA GLU A 2828 9.33 59.34 6.14
C GLU A 2828 9.22 57.86 6.52
N LYS A 2829 10.06 57.39 7.43
CA LYS A 2829 9.85 56.06 8.00
C LYS A 2829 8.48 55.97 8.65
N ASN A 2830 8.13 56.98 9.44
CA ASN A 2830 6.86 56.94 10.14
C ASN A 2830 5.71 56.93 9.16
N ASN A 2831 5.81 57.70 8.08
CA ASN A 2831 4.77 57.67 7.06
C ASN A 2831 4.66 56.30 6.42
N ILE A 2832 5.81 55.67 6.12
CA ILE A 2832 5.79 54.33 5.52
C ILE A 2832 5.11 53.34 6.45
N THR A 2833 5.49 53.35 7.72
CA THR A 2833 4.94 52.40 8.67
C THR A 2833 3.46 52.64 8.89
N GLN A 2834 3.02 53.90 8.94
CA GLN A 2834 1.60 54.17 9.08
C GLN A 2834 0.82 53.65 7.89
N LYS A 2835 1.35 53.85 6.68
CA LYS A 2835 0.66 53.33 5.50
C LYS A 2835 0.62 51.81 5.52
N LEU A 2836 1.71 51.18 5.95
CA LEU A 2836 1.75 49.72 6.03
C LEU A 2836 0.73 49.21 7.03
N LEU A 2837 0.65 49.86 8.18
CA LEU A 2837 -0.31 49.46 9.21
C LEU A 2837 -1.73 49.59 8.69
N GLN A 2838 -2.02 50.66 7.97
CA GLN A 2838 -3.34 50.79 7.36
C GLN A 2838 -3.60 49.66 6.38
N ASP A 2839 -2.58 49.30 5.60
CA ASP A 2839 -2.75 48.22 4.63
C ASP A 2839 -3.07 46.91 5.34
N PHE A 2840 -2.38 46.63 6.44
CA PHE A 2840 -2.62 45.39 7.19
C PHE A 2840 -4.00 45.39 7.83
N ASN A 2841 -4.41 46.53 8.37
CA ASN A 2841 -5.76 46.64 8.92
C ASN A 2841 -6.80 46.30 7.86
N ARG A 2842 -6.66 46.88 6.67
CA ARG A 2842 -7.62 46.59 5.61
C ARG A 2842 -7.58 45.12 5.21
N PHE A 2843 -6.37 44.54 5.15
CA PHE A 2843 -6.22 43.11 4.94
C PHE A 2843 -7.16 42.35 5.86
N LEU A 2844 -6.95 42.52 7.18
CA LEU A 2844 -7.70 41.74 8.16
C LEU A 2844 -9.18 42.08 8.16
N ASN A 2845 -9.52 43.32 7.84
CA ASN A 2845 -10.92 43.72 7.91
C ASN A 2845 -11.74 43.10 6.79
N THR A 2846 -11.27 43.16 5.55
CA THR A 2846 -12.08 42.72 4.42
C THR A 2846 -11.59 41.41 3.83
N THR A 2847 -11.09 40.52 4.66
CA THR A 2847 -10.62 39.21 4.23
C THR A 2847 -11.74 38.22 4.44
N PHE A 2848 -12.43 37.86 3.37
CA PHE A 2848 -13.66 37.10 3.50
C PHE A 2848 -13.43 35.59 3.54
N SER A 2849 -12.21 35.13 3.30
CA SER A 2849 -11.90 33.70 3.31
C SER A 2849 -10.59 33.54 4.07
N PHE A 2850 -10.68 33.36 5.38
CA PHE A 2850 -9.51 33.53 6.22
C PHE A 2850 -8.50 32.44 5.96
N PHE A 2851 -7.58 32.69 5.06
CA PHE A 2851 -6.55 31.72 4.73
C PHE A 2851 -5.51 31.70 5.84
N PRO A 2852 -5.22 30.54 6.41
CA PRO A 2852 -4.38 30.48 7.59
C PRO A 2852 -2.96 30.97 7.31
N PRO A 2853 -2.26 30.48 6.28
CA PRO A 2853 -0.91 31.00 6.06
C PRO A 2853 -0.89 32.50 5.85
N PHE A 2854 -1.88 33.03 5.15
CA PHE A 2854 -1.89 34.47 4.88
C PHE A 2854 -2.09 35.26 6.16
N VAL A 2855 -3.11 34.92 6.94
CA VAL A 2855 -3.38 35.69 8.16
C VAL A 2855 -2.22 35.55 9.14
N SER A 2856 -1.71 34.34 9.29
CA SER A 2856 -0.61 34.13 10.20
C SER A 2856 0.65 34.86 9.74
N CYS A 2857 0.87 34.96 8.43
CA CYS A 2857 1.98 35.77 7.93
C CYS A 2857 1.80 37.23 8.27
N ILE A 2858 0.58 37.75 8.09
CA ILE A 2858 0.32 39.16 8.37
C ILE A 2858 0.61 39.47 9.82
N GLN A 2859 0.13 38.61 10.72
CA GLN A 2859 0.35 38.90 12.12
C GLN A 2859 1.78 38.58 12.56
N ASP A 2860 2.44 37.61 11.93
CA ASP A 2860 3.84 37.36 12.22
C ASP A 2860 4.70 38.55 11.82
N ILE A 2861 4.42 39.14 10.66
CA ILE A 2861 5.12 40.34 10.26
C ILE A 2861 4.86 41.46 11.25
N SER A 2862 3.61 41.63 11.66
CA SER A 2862 3.28 42.75 12.52
C SER A 2862 3.92 42.60 13.89
N CYS A 2863 4.01 41.36 14.38
CA CYS A 2863 4.59 41.14 15.71
C CYS A 2863 6.00 41.67 15.82
N GLN A 2864 6.74 41.69 14.71
CA GLN A 2864 8.18 41.86 14.76
C GLN A 2864 8.62 43.27 14.39
N HIS A 2865 7.74 44.26 14.56
CA HIS A 2865 8.10 45.65 14.33
C HIS A 2865 7.31 46.54 15.26
N ALA A 2866 8.01 47.34 16.06
CA ALA A 2866 7.38 48.11 17.12
C ALA A 2866 6.38 49.11 16.58
N ALA A 2867 6.41 49.40 15.29
CA ALA A 2867 5.42 50.31 14.72
C ALA A 2867 4.14 49.60 14.30
N LEU A 2868 4.21 48.33 13.93
CA LEU A 2868 3.04 47.61 13.50
C LEU A 2868 2.33 46.89 14.63
N LEU A 2869 2.79 47.04 15.88
CA LEU A 2869 2.09 46.38 16.97
C LEU A 2869 0.74 46.99 17.26
N SER A 2870 0.44 48.17 16.73
CA SER A 2870 -0.84 48.81 16.95
C SER A 2870 -1.95 48.23 16.10
N LEU A 2871 -1.75 47.04 15.56
CA LEU A 2871 -2.74 46.45 14.67
C LEU A 2871 -4.04 46.20 15.44
N ASP A 2872 -5.15 46.26 14.73
CA ASP A 2872 -6.47 46.34 15.35
C ASP A 2872 -6.79 45.10 16.17
N PRO A 2873 -7.10 45.22 17.47
CA PRO A 2873 -7.36 44.01 18.27
C PRO A 2873 -8.61 43.27 17.87
N ALA A 2874 -9.69 43.98 17.58
CA ALA A 2874 -10.91 43.29 17.15
C ALA A 2874 -10.65 42.51 15.87
N ALA A 2875 -9.94 43.12 14.93
CA ALA A 2875 -9.61 42.44 13.68
C ALA A 2875 -8.73 41.24 13.92
N VAL A 2876 -7.75 41.37 14.82
CA VAL A 2876 -6.85 40.26 15.11
C VAL A 2876 -7.61 39.09 15.70
N SER A 2877 -8.44 39.34 16.70
CA SER A 2877 -9.18 38.25 17.32
C SER A 2877 -10.12 37.60 16.33
N ALA A 2878 -10.85 38.40 15.55
CA ALA A 2878 -11.74 37.80 14.56
C ALA A 2878 -10.96 36.95 13.57
N GLY A 2879 -9.83 37.44 13.09
CA GLY A 2879 -9.07 36.71 12.10
C GLY A 2879 -8.50 35.41 12.64
N CYS A 2880 -7.93 35.46 13.84
CA CYS A 2880 -7.34 34.27 14.41
C CYS A 2880 -8.39 33.24 14.81
N LEU A 2881 -9.52 33.69 15.36
CA LEU A 2881 -10.58 32.75 15.68
C LEU A 2881 -11.14 32.09 14.42
N ALA A 2882 -11.35 32.86 13.36
CA ALA A 2882 -11.94 32.26 12.16
C ALA A 2882 -10.93 31.39 11.43
N SER A 2883 -9.64 31.70 11.52
CA SER A 2883 -8.61 30.93 10.86
C SER A 2883 -7.97 29.91 11.79
N LEU A 2884 -8.51 29.73 12.99
CA LEU A 2884 -7.99 28.75 13.94
C LEU A 2884 -6.49 28.89 14.13
N GLN A 2885 -6.04 30.13 14.16
CA GLN A 2885 -4.62 30.43 14.36
C GLN A 2885 -4.45 31.24 15.64
N GLN A 2886 -5.09 30.81 16.73
CA GLN A 2886 -5.01 31.55 17.97
C GLN A 2886 -3.58 31.89 18.37
N PRO A 2887 -2.62 30.97 18.39
CA PRO A 2887 -1.33 31.28 19.02
C PRO A 2887 -0.64 32.47 18.40
N VAL A 2888 -0.86 32.72 17.12
CA VAL A 2888 -0.26 33.88 16.47
C VAL A 2888 -0.85 35.18 17.01
N GLY A 2889 -2.18 35.25 17.08
CA GLY A 2889 -2.80 36.43 17.64
C GLY A 2889 -2.44 36.61 19.10
N ILE A 2890 -2.27 35.51 19.83
CA ILE A 2890 -1.92 35.57 21.23
C ILE A 2890 -0.53 36.17 21.40
N ARG A 2891 0.42 35.74 20.60
CA ARG A 2891 1.74 36.35 20.66
C ARG A 2891 1.68 37.83 20.28
N LEU A 2892 0.90 38.14 19.24
CA LEU A 2892 0.83 39.53 18.81
C LEU A 2892 0.30 40.42 19.92
N LEU A 2893 -0.79 40.00 20.57
CA LEU A 2893 -1.37 40.83 21.62
C LEU A 2893 -0.49 40.85 22.86
N GLU A 2894 0.23 39.77 23.16
CA GLU A 2894 1.17 39.86 24.27
C GLU A 2894 2.25 40.89 23.99
N GLU A 2895 2.78 40.93 22.77
CA GLU A 2895 3.75 41.97 22.45
C GLU A 2895 3.13 43.36 22.50
N ALA A 2896 1.91 43.49 21.99
CA ALA A 2896 1.26 44.79 21.98
C ALA A 2896 0.84 45.23 23.36
N LEU A 2897 0.87 44.34 24.33
CA LEU A 2897 0.66 44.72 25.71
C LEU A 2897 1.96 44.96 26.45
N LEU A 2898 3.04 44.32 26.02
CA LEU A 2898 4.35 44.52 26.61
C LEU A 2898 4.98 45.84 26.21
N ARG A 2899 5.15 46.06 24.91
CA ARG A 2899 5.99 47.14 24.42
C ARG A 2899 5.25 48.25 23.69
N LEU A 2900 3.99 48.04 23.32
CA LEU A 2900 3.29 49.09 22.59
C LEU A 2900 3.06 50.31 23.46
N LEU A 2901 2.82 50.09 24.75
CA LEU A 2901 2.83 51.19 25.73
C LEU A 2901 3.84 50.85 26.81
N PRO A 2902 5.09 51.32 26.71
CA PRO A 2902 6.13 51.00 27.68
C PRO A 2902 5.96 51.78 28.98
N LEU A 2916 -13.70 52.45 27.08
CA LEU A 2916 -12.72 51.45 27.47
C LEU A 2916 -11.44 51.60 26.63
N PRO A 2917 -10.32 51.82 27.30
CA PRO A 2917 -9.07 52.14 26.60
C PRO A 2917 -8.61 51.01 25.70
N PRO A 2918 -7.66 51.28 24.80
CA PRO A 2918 -7.08 50.19 23.99
C PRO A 2918 -6.39 49.12 24.83
N ASP A 2919 -5.83 49.46 25.99
CA ASP A 2919 -5.20 48.42 26.79
C ASP A 2919 -6.22 47.41 27.30
N VAL A 2920 -7.34 47.89 27.85
CA VAL A 2920 -8.34 46.95 28.30
C VAL A 2920 -8.98 46.27 27.11
N LEU A 2921 -9.04 46.93 25.96
CA LEU A 2921 -9.54 46.26 24.77
C LEU A 2921 -8.63 45.09 24.38
N ARG A 2922 -7.33 45.28 24.44
CA ARG A 2922 -6.43 44.18 24.12
C ARG A 2922 -6.51 43.09 25.16
N TRP A 2923 -6.74 43.43 26.42
CA TRP A 2923 -6.93 42.40 27.42
C TRP A 2923 -8.17 41.59 27.13
N VAL A 2924 -9.26 42.24 26.74
CA VAL A 2924 -10.48 41.52 26.41
C VAL A 2924 -10.25 40.59 25.23
N GLU A 2925 -9.56 41.07 24.18
CA GLU A 2925 -9.32 40.21 23.03
C GLU A 2925 -8.40 39.05 23.38
N LEU A 2926 -7.36 39.32 24.17
CA LEU A 2926 -6.44 38.27 24.56
C LEU A 2926 -7.13 37.20 25.38
N ALA A 2927 -8.04 37.63 26.26
CA ALA A 2927 -8.87 36.67 26.99
C ALA A 2927 -9.76 35.89 26.04
N LYS A 2928 -10.29 36.55 25.01
CA LYS A 2928 -11.14 35.83 24.07
C LYS A 2928 -10.35 34.78 23.29
N LEU A 2929 -9.05 35.00 23.11
CA LEU A 2929 -8.23 34.01 22.43
C LEU A 2929 -7.87 32.85 23.36
N TYR A 2930 -7.36 33.16 24.56
CA TYR A 2930 -7.16 32.12 25.56
C TYR A 2930 -8.39 31.29 25.85
N ARG A 2931 -9.57 31.87 25.78
CA ARG A 2931 -10.76 31.08 26.04
C ARG A 2931 -10.91 29.96 25.02
N SER A 2932 -10.71 30.27 23.75
CA SER A 2932 -10.87 29.28 22.69
C SER A 2932 -9.70 28.30 22.63
N ILE A 2933 -8.49 28.73 22.99
CA ILE A 2933 -7.36 27.80 22.96
C ILE A 2933 -7.46 26.77 24.07
N GLY A 2934 -8.41 26.90 25.00
CA GLY A 2934 -8.44 26.12 26.22
C GLY A 2934 -8.12 26.99 27.41
N GLU A 2935 -7.02 26.70 28.10
CA GLU A 2935 -6.29 27.63 28.96
C GLU A 2935 -7.19 28.50 29.84
N TYR A 2936 -8.13 27.84 30.53
CA TYR A 2936 -9.01 28.58 31.41
C TYR A 2936 -8.30 29.11 32.64
N ASP A 2937 -7.21 28.49 33.06
CA ASP A 2937 -6.49 29.00 34.23
C ASP A 2937 -5.94 30.39 33.97
N VAL A 2938 -5.23 30.55 32.86
CA VAL A 2938 -4.70 31.87 32.52
C VAL A 2938 -5.78 32.82 32.08
N LEU A 2939 -6.90 32.31 31.53
CA LEU A 2939 -8.04 33.18 31.30
C LEU A 2939 -8.55 33.81 32.60
N ARG A 2940 -8.70 33.00 33.63
CA ARG A 2940 -9.11 33.55 34.93
C ARG A 2940 -8.04 34.46 35.48
N GLY A 2941 -6.77 34.20 35.17
CA GLY A 2941 -5.73 35.13 35.59
C GLY A 2941 -5.92 36.50 35.00
N ILE A 2942 -6.17 36.56 33.69
CA ILE A 2942 -6.45 37.83 33.01
C ILE A 2942 -7.61 38.53 33.69
N PHE A 2943 -8.71 37.79 33.88
CA PHE A 2943 -9.93 38.40 34.39
C PHE A 2943 -9.79 38.83 35.83
N THR A 2944 -8.92 38.20 36.59
CA THR A 2944 -8.79 38.53 38.00
C THR A 2944 -7.77 39.61 38.27
N SER A 2945 -6.79 39.82 37.40
CA SER A 2945 -5.82 40.89 37.65
C SER A 2945 -6.04 42.11 36.79
N GLU A 2946 -6.22 41.96 35.49
CA GLU A 2946 -6.17 43.11 34.61
C GLU A 2946 -7.50 43.54 34.02
N ILE A 2947 -8.61 42.98 34.48
CA ILE A 2947 -9.91 43.52 34.10
C ILE A 2947 -10.77 43.78 35.33
N GLY A 2948 -10.96 42.75 36.15
CA GLY A 2948 -11.79 42.89 37.33
C GLY A 2948 -11.16 43.74 38.42
N THR A 2949 -11.83 44.84 38.76
CA THR A 2949 -11.34 45.74 39.81
C THR A 2949 -12.20 45.72 41.05
N LYS A 2950 -13.47 45.35 40.96
CA LYS A 2950 -14.35 45.34 42.11
C LYS A 2950 -14.15 44.07 42.92
N GLN A 2951 -14.40 44.19 44.23
CA GLN A 2951 -14.15 43.07 45.13
C GLN A 2951 -15.07 41.89 44.87
N ILE A 2952 -16.23 42.11 44.25
CA ILE A 2952 -17.16 41.02 44.06
C ILE A 2952 -16.73 40.09 42.94
N THR A 2953 -15.82 40.52 42.07
CA THR A 2953 -15.34 39.65 41.01
C THR A 2953 -14.04 38.95 41.37
N GLN A 2954 -13.51 39.19 42.57
CA GLN A 2954 -12.47 38.32 43.09
C GLN A 2954 -13.08 37.09 43.73
N SER A 2955 -14.11 37.29 44.55
CA SER A 2955 -14.70 36.16 45.25
C SER A 2955 -15.46 35.25 44.31
N ALA A 2956 -16.14 35.80 43.30
CA ALA A 2956 -16.87 34.96 42.37
C ALA A 2956 -15.94 34.06 41.59
N LEU A 2957 -14.81 34.58 41.15
CA LEU A 2957 -13.84 33.75 40.44
C LEU A 2957 -13.18 32.76 41.38
N LEU A 2958 -12.92 33.16 42.62
CA LEU A 2958 -12.37 32.24 43.58
C LEU A 2958 -13.31 31.07 43.81
N ALA A 2959 -14.61 31.32 43.85
CA ALA A 2959 -15.57 30.24 44.02
C ALA A 2959 -15.70 29.39 42.76
N GLU A 2960 -15.74 30.01 41.59
CA GLU A 2960 -15.81 29.25 40.36
C GLU A 2960 -14.60 28.36 40.16
N ALA A 2961 -13.46 28.71 40.76
CA ALA A 2961 -12.30 27.85 40.63
C ALA A 2961 -12.49 26.52 41.35
N ARG A 2962 -13.22 26.52 42.46
CA ARG A 2962 -13.45 25.34 43.28
C ARG A 2962 -14.56 24.47 42.76
N SER A 2963 -15.06 24.72 41.56
CA SER A 2963 -16.26 24.07 41.05
C SER A 2963 -17.46 24.34 41.94
N ASP A 2964 -17.48 25.50 42.59
CA ASP A 2964 -18.65 25.97 43.33
C ASP A 2964 -19.42 26.94 42.46
N TYR A 2965 -19.80 26.42 41.30
CA TYR A 2965 -20.47 27.24 40.31
C TYR A 2965 -21.76 27.84 40.82
N SER A 2966 -22.37 27.25 41.84
CA SER A 2966 -23.62 27.82 42.34
C SER A 2966 -23.36 29.14 43.04
N GLU A 2967 -22.37 29.18 43.93
CA GLU A 2967 -21.99 30.45 44.54
C GLU A 2967 -21.46 31.43 43.51
N ALA A 2968 -20.73 30.96 42.50
CA ALA A 2968 -20.26 31.87 41.47
C ALA A 2968 -21.42 32.53 40.74
N ALA A 2969 -22.40 31.74 40.32
CA ALA A 2969 -23.54 32.31 39.60
C ALA A 2969 -24.35 33.23 40.50
N LYS A 2970 -24.52 32.86 41.76
CA LYS A 2970 -25.25 33.73 42.67
C LYS A 2970 -24.55 35.07 42.84
N GLN A 2971 -23.22 35.07 42.99
CA GLN A 2971 -22.51 36.31 43.18
C GLN A 2971 -22.52 37.16 41.92
N TYR A 2972 -22.43 36.53 40.74
CA TYR A 2972 -22.50 37.30 39.50
C TYR A 2972 -23.87 37.92 39.31
N ASP A 2973 -24.93 37.16 39.57
CA ASP A 2973 -26.27 37.74 39.42
C ASP A 2973 -26.56 38.73 40.54
N GLU A 2974 -25.83 38.64 41.64
CA GLU A 2974 -25.95 39.65 42.69
C GLU A 2974 -25.31 40.95 42.27
N ALA A 2975 -24.10 40.88 41.71
CA ALA A 2975 -23.37 42.09 41.33
C ALA A 2975 -23.90 42.72 40.05
N LEU A 2976 -24.42 41.94 39.11
CA LEU A 2976 -24.92 42.52 37.88
C LEU A 2976 -26.04 43.49 38.15
N ASN A 2977 -26.98 43.12 39.00
CA ASN A 2977 -28.15 43.95 39.29
C ASN A 2977 -27.99 44.71 40.59
N LYS A 2978 -26.77 45.10 40.94
CA LYS A 2978 -26.54 46.03 42.02
C LYS A 2978 -26.49 47.42 41.42
N GLN A 2979 -26.95 48.42 42.18
CA GLN A 2979 -26.88 49.80 41.73
C GLN A 2979 -26.05 50.68 42.65
N ASP A 2980 -26.12 50.47 43.95
CA ASP A 2980 -25.51 51.36 44.92
C ASP A 2980 -24.06 50.94 45.11
N TRP A 2981 -23.21 51.34 44.17
CA TRP A 2981 -21.78 51.08 44.25
C TRP A 2981 -21.12 52.11 45.16
N VAL A 2982 -20.28 51.64 46.08
CA VAL A 2982 -19.64 52.54 47.02
C VAL A 2982 -18.76 53.54 46.29
N ASP A 2983 -18.02 53.09 45.28
CA ASP A 2983 -17.27 53.99 44.43
C ASP A 2983 -17.23 53.43 43.01
N GLY A 2984 -17.43 54.31 42.04
CA GLY A 2984 -17.26 53.95 40.65
C GLY A 2984 -18.31 53.03 40.09
N GLU A 2985 -18.56 53.18 38.79
CA GLU A 2985 -19.45 52.29 38.05
C GLU A 2985 -18.56 51.31 37.31
N PRO A 2986 -18.70 50.00 37.53
CA PRO A 2986 -17.79 49.04 36.91
C PRO A 2986 -17.77 49.17 35.40
N THR A 2987 -16.59 49.02 34.83
CA THR A 2987 -16.40 49.24 33.41
C THR A 2987 -17.21 48.24 32.58
N GLU A 2988 -17.43 48.59 31.32
CA GLU A 2988 -18.25 47.76 30.45
C GLU A 2988 -17.61 46.41 30.18
N ALA A 2989 -16.28 46.35 30.12
CA ALA A 2989 -15.60 45.08 30.00
C ALA A 2989 -15.91 44.19 31.19
N GLU A 2990 -15.84 44.75 32.40
CA GLU A 2990 -16.18 43.97 33.59
C GLU A 2990 -17.62 43.53 33.56
N LYS A 2991 -18.53 44.40 33.14
CA LYS A 2991 -19.94 44.01 33.15
C LYS A 2991 -20.22 42.90 32.17
N ASP A 2992 -19.59 42.92 30.99
CA ASP A 2992 -19.82 41.81 30.07
C ASP A 2992 -19.12 40.54 30.53
N PHE A 2993 -17.97 40.67 31.20
CA PHE A 2993 -17.36 39.48 31.77
C PHE A 2993 -18.27 38.84 32.81
N TRP A 2994 -18.86 39.65 33.67
CA TRP A 2994 -19.84 39.13 34.61
C TRP A 2994 -20.97 38.42 33.89
N GLU A 2995 -21.56 39.11 32.92
CA GLU A 2995 -22.75 38.61 32.26
C GLU A 2995 -22.45 37.33 31.47
N LEU A 2996 -21.18 37.08 31.18
CA LEU A 2996 -20.82 35.85 30.48
C LEU A 2996 -20.39 34.74 31.43
N ALA A 2997 -19.66 35.06 32.48
CA ALA A 2997 -19.28 34.02 33.42
C ALA A 2997 -20.49 33.48 34.14
N SER A 2998 -21.52 34.29 34.34
CA SER A 2998 -22.74 33.72 34.92
C SER A 2998 -23.38 32.75 33.96
N LEU A 2999 -23.31 33.01 32.67
CA LEU A 2999 -23.79 32.05 31.68
C LEU A 2999 -23.04 30.74 31.79
N ASP A 3000 -21.72 30.81 31.89
CA ASP A 3000 -20.94 29.59 32.05
C ASP A 3000 -21.33 28.85 33.33
N CYS A 3001 -21.56 29.58 34.41
CA CYS A 3001 -21.93 28.91 35.66
C CYS A 3001 -23.27 28.20 35.51
N TYR A 3002 -24.24 28.84 34.88
CA TYR A 3002 -25.52 28.17 34.68
C TYR A 3002 -25.38 26.99 33.74
N ASN A 3003 -24.41 27.02 32.82
CA ASN A 3003 -24.19 25.88 31.96
C ASN A 3003 -23.49 24.73 32.69
N HIS A 3004 -22.65 25.05 33.67
CA HIS A 3004 -21.95 24.00 34.43
C HIS A 3004 -22.89 23.34 35.42
N LEU A 3005 -23.76 24.11 36.05
CA LEU A 3005 -24.94 23.51 36.63
C LEU A 3005 -25.84 23.10 35.47
N ALA A 3006 -26.92 22.39 35.73
CA ALA A 3006 -27.78 22.12 34.59
C ALA A 3006 -28.59 23.36 34.23
N GLU A 3007 -29.46 23.80 35.12
CA GLU A 3007 -30.05 25.13 35.12
C GLU A 3007 -30.42 25.61 33.73
N TRP A 3008 -31.01 24.72 32.93
CA TRP A 3008 -31.41 25.13 31.58
C TRP A 3008 -32.42 26.26 31.62
N LYS A 3009 -33.35 26.21 32.57
CA LYS A 3009 -34.33 27.28 32.70
C LYS A 3009 -33.64 28.60 32.96
N SER A 3010 -32.69 28.63 33.89
CA SER A 3010 -32.03 29.87 34.22
C SER A 3010 -31.05 30.30 33.15
N LEU A 3011 -30.70 29.41 32.23
CA LEU A 3011 -29.81 29.80 31.14
C LEU A 3011 -30.59 30.32 29.93
N GLU A 3012 -31.85 29.90 29.76
CA GLU A 3012 -32.66 30.42 28.66
C GLU A 3012 -33.49 31.62 29.09
N TYR A 3013 -34.34 31.45 30.11
CA TYR A 3013 -35.29 32.48 30.47
C TYR A 3013 -34.61 33.75 30.95
N CYS A 3014 -33.35 33.62 31.36
CA CYS A 3014 -32.53 34.77 31.65
C CYS A 3014 -31.12 34.49 31.19
N SER A 3015 -30.30 35.52 31.24
CA SER A 3015 -28.87 35.44 31.02
C SER A 3015 -28.53 35.20 29.55
N THR A 3016 -29.51 34.86 28.73
CA THR A 3016 -29.26 34.85 27.29
C THR A 3016 -30.36 35.57 26.53
N ALA A 3017 -31.60 35.44 27.02
CA ALA A 3017 -32.70 36.20 26.46
C ALA A 3017 -32.77 37.54 27.17
N SER A 3018 -31.65 38.26 27.21
CA SER A 3018 -31.61 39.65 27.66
C SER A 3018 -30.85 40.46 26.60
N ILE A 3019 -31.57 40.83 25.55
CA ILE A 3019 -30.99 41.63 24.46
C ILE A 3019 -32.00 42.69 24.05
N ASP A 3020 -33.22 42.56 24.53
CA ASP A 3020 -34.30 43.45 24.14
C ASP A 3020 -35.08 43.86 25.38
N SER A 3021 -35.85 44.94 25.25
CA SER A 3021 -36.66 45.42 26.36
C SER A 3021 -37.83 44.47 26.66
N GLU A 3022 -38.56 44.06 25.62
CA GLU A 3022 -39.82 43.35 25.85
C GLU A 3022 -39.55 41.93 26.34
N ASN A 3023 -40.30 41.52 27.35
CA ASN A 3023 -39.93 40.33 28.12
C ASN A 3023 -39.87 39.06 27.27
N PRO A 3024 -40.85 38.73 26.44
CA PRO A 3024 -40.59 37.76 25.38
C PRO A 3024 -39.87 38.41 24.23
N PRO A 3025 -38.57 38.17 24.08
CA PRO A 3025 -37.78 38.94 23.13
C PRO A 3025 -37.97 38.48 21.68
N ASP A 3026 -37.76 39.42 20.77
CA ASP A 3026 -37.90 39.17 19.34
C ASP A 3026 -36.56 38.74 18.74
N LEU A 3027 -36.01 37.68 19.32
CA LEU A 3027 -34.72 37.15 18.93
C LEU A 3027 -34.72 36.52 17.55
N ASN A 3028 -35.87 36.50 16.86
CA ASN A 3028 -35.95 35.79 15.57
C ASN A 3028 -34.96 36.34 14.57
N LYS A 3029 -34.78 37.67 14.55
CA LYS A 3029 -33.81 38.29 13.67
C LYS A 3029 -32.89 39.27 14.39
N ILE A 3030 -33.31 39.85 15.51
CA ILE A 3030 -32.52 40.82 16.26
C ILE A 3030 -31.26 40.14 16.77
N TRP A 3031 -31.14 38.85 16.50
CA TRP A 3031 -30.11 37.99 17.05
C TRP A 3031 -28.97 37.78 16.06
N SER A 3032 -29.30 37.37 14.84
CA SER A 3032 -28.29 37.12 13.83
C SER A 3032 -27.80 38.40 13.18
N GLU A 3033 -28.45 39.52 13.45
CA GLU A 3033 -28.10 40.79 12.81
C GLU A 3033 -26.85 41.47 13.37
N PRO A 3034 -26.51 41.36 14.66
CA PRO A 3034 -25.24 41.95 15.10
C PRO A 3034 -24.07 41.01 14.92
N PHE A 3035 -22.91 41.62 14.72
CA PHE A 3035 -21.65 40.89 14.75
C PHE A 3035 -21.42 40.22 16.09
N TYR A 3036 -21.88 40.83 17.17
CA TYR A 3036 -21.87 40.23 18.50
C TYR A 3036 -23.12 39.37 18.55
N GLN A 3037 -23.54 38.91 19.72
CA GLN A 3037 -24.59 37.90 19.83
C GLN A 3037 -24.20 36.62 19.10
N GLU A 3038 -22.90 36.32 19.06
CA GLU A 3038 -22.41 34.96 18.94
C GLU A 3038 -21.50 34.63 20.12
N THR A 3039 -21.69 35.34 21.23
CA THR A 3039 -21.36 34.87 22.56
C THR A 3039 -22.61 34.62 23.38
N TYR A 3040 -23.78 34.61 22.75
CA TYR A 3040 -25.05 34.30 23.37
C TYR A 3040 -25.80 33.20 22.64
N LEU A 3041 -25.74 33.20 21.31
CA LEU A 3041 -26.49 32.23 20.52
C LEU A 3041 -26.16 30.78 20.88
N PRO A 3042 -24.89 30.40 21.05
CA PRO A 3042 -24.65 29.00 21.44
C PRO A 3042 -25.31 28.61 22.73
N TYR A 3043 -25.33 29.50 23.72
CA TYR A 3043 -26.01 29.17 24.97
C TYR A 3043 -27.52 29.13 24.78
N MET A 3044 -28.06 30.02 23.96
CA MET A 3044 -29.49 29.98 23.71
C MET A 3044 -29.89 28.64 23.13
N ILE A 3045 -29.16 28.18 22.10
CA ILE A 3045 -29.46 26.89 21.49
C ILE A 3045 -29.26 25.77 22.50
N ARG A 3046 -28.14 25.78 23.22
CA ARG A 3046 -27.86 24.72 24.17
C ARG A 3046 -29.00 24.57 25.17
N SER A 3047 -29.43 25.67 25.77
CA SER A 3047 -30.46 25.57 26.80
C SER A 3047 -31.81 25.19 26.21
N LYS A 3048 -32.23 25.82 25.12
CA LYS A 3048 -33.53 25.48 24.58
C LYS A 3048 -33.59 24.03 24.14
N LEU A 3049 -32.54 23.56 23.44
CA LEU A 3049 -32.51 22.18 23.01
C LEU A 3049 -32.51 21.22 24.18
N LYS A 3050 -31.72 21.50 25.22
CA LYS A 3050 -31.65 20.56 26.33
C LYS A 3050 -32.93 20.54 27.12
N LEU A 3051 -33.64 21.66 27.19
CA LEU A 3051 -34.97 21.62 27.78
C LEU A 3051 -35.93 20.77 26.95
N LEU A 3052 -35.88 20.90 25.62
CA LEU A 3052 -36.77 20.09 24.78
C LEU A 3052 -36.46 18.61 24.93
N LEU A 3053 -35.19 18.23 24.83
CA LEU A 3053 -34.82 16.83 24.99
C LEU A 3053 -35.23 16.32 26.35
N GLN A 3054 -35.16 17.16 27.38
CA GLN A 3054 -35.60 16.68 28.68
C GLN A 3054 -37.10 16.42 28.75
N GLY A 3055 -37.82 16.59 27.64
CA GLY A 3055 -39.23 16.28 27.58
C GLY A 3055 -40.14 17.47 27.83
N GLU A 3056 -39.61 18.58 28.31
CA GLU A 3056 -40.43 19.76 28.54
C GLU A 3056 -40.96 20.28 27.21
N ALA A 3057 -42.21 20.71 27.22
CA ALA A 3057 -42.89 21.13 26.00
C ALA A 3057 -42.65 22.61 25.75
N ASP A 3058 -42.18 22.93 24.54
CA ASP A 3058 -41.99 24.30 24.12
C ASP A 3058 -41.87 24.31 22.60
N GLN A 3059 -41.88 25.50 22.04
CA GLN A 3059 -41.76 25.63 20.59
C GLN A 3059 -40.79 26.71 20.14
N SER A 3060 -40.34 27.59 21.03
CA SER A 3060 -39.63 28.78 20.58
C SER A 3060 -38.35 28.47 19.84
N LEU A 3061 -37.76 27.29 20.06
CA LEU A 3061 -36.50 26.99 19.41
C LEU A 3061 -36.68 26.62 17.94
N LEU A 3062 -37.42 25.54 17.67
CA LEU A 3062 -37.45 25.01 16.31
C LEU A 3062 -38.05 26.00 15.32
N THR A 3063 -39.02 26.80 15.76
CA THR A 3063 -39.54 27.86 14.90
C THR A 3063 -38.42 28.81 14.49
N PHE A 3064 -37.64 29.26 15.48
CA PHE A 3064 -36.54 30.16 15.19
C PHE A 3064 -35.51 29.48 14.29
N ILE A 3065 -35.32 28.18 14.48
CA ILE A 3065 -34.30 27.48 13.71
C ILE A 3065 -34.71 27.39 12.25
N ASP A 3066 -35.95 26.98 11.98
CA ASP A 3066 -36.36 26.92 10.57
C ASP A 3066 -36.38 28.30 9.95
N LYS A 3067 -36.81 29.32 10.73
CA LYS A 3067 -36.87 30.66 10.19
C LYS A 3067 -35.49 31.19 9.82
N ALA A 3068 -34.49 30.94 10.67
CA ALA A 3068 -33.13 31.39 10.40
C ALA A 3068 -32.37 30.42 9.50
N MET A 3069 -32.96 29.26 9.20
CA MET A 3069 -32.40 28.32 8.24
C MET A 3069 -32.88 28.61 6.83
N HIS A 3070 -34.04 29.25 6.70
CA HIS A 3070 -34.53 29.64 5.37
C HIS A 3070 -33.50 30.47 4.63
N GLY A 3071 -32.98 31.50 5.28
CA GLY A 3071 -32.12 32.47 4.61
C GLY A 3071 -30.65 32.12 4.72
N GLU A 3072 -29.89 32.51 3.70
CA GLU A 3072 -28.45 32.33 3.71
C GLU A 3072 -27.81 33.32 4.67
N LEU A 3073 -26.50 33.13 4.89
CA LEU A 3073 -25.68 33.96 5.74
C LEU A 3073 -26.08 33.84 7.21
N GLN A 3074 -27.19 33.14 7.47
CA GLN A 3074 -27.57 32.71 8.80
C GLN A 3074 -27.59 31.19 8.90
N LYS A 3075 -28.28 30.54 7.97
CA LYS A 3075 -28.17 29.10 7.84
C LYS A 3075 -26.73 28.65 7.66
N ALA A 3076 -25.88 29.51 7.12
CA ALA A 3076 -24.47 29.18 7.00
C ALA A 3076 -23.88 28.79 8.34
N ILE A 3077 -23.88 29.72 9.31
CA ILE A 3077 -23.31 29.41 10.62
C ILE A 3077 -24.16 28.39 11.36
N LEU A 3078 -25.49 28.54 11.28
CA LEU A 3078 -26.38 27.62 11.96
C LEU A 3078 -26.18 26.19 11.52
N GLU A 3079 -25.60 25.97 10.35
CA GLU A 3079 -25.33 24.63 9.87
C GLU A 3079 -23.88 24.23 9.99
N LEU A 3080 -22.95 25.18 9.97
CA LEU A 3080 -21.54 24.84 10.06
C LEU A 3080 -21.03 24.84 11.50
N HIS A 3081 -21.85 25.19 12.47
CA HIS A 3081 -21.43 25.08 13.86
C HIS A 3081 -22.29 24.16 14.69
N TYR A 3082 -23.59 24.12 14.46
CA TYR A 3082 -24.51 23.40 15.33
C TYR A 3082 -25.15 22.24 14.61
N SER A 3083 -24.35 21.48 13.86
CA SER A 3083 -24.91 20.33 13.15
C SER A 3083 -25.48 19.32 14.11
N GLN A 3084 -24.76 19.02 15.18
CA GLN A 3084 -25.27 18.05 16.15
C GLN A 3084 -26.56 18.54 16.79
N GLU A 3085 -26.61 19.82 17.16
CA GLU A 3085 -27.81 20.36 17.74
C GLU A 3085 -28.97 20.30 16.77
N LEU A 3086 -28.71 20.59 15.49
CA LEU A 3086 -29.77 20.48 14.48
C LEU A 3086 -30.27 19.05 14.36
N SER A 3087 -29.35 18.09 14.36
CA SER A 3087 -29.74 16.69 14.25
C SER A 3087 -30.64 16.29 15.41
N LEU A 3088 -30.21 16.58 16.63
CA LEU A 3088 -31.06 16.31 17.79
C LEU A 3088 -32.40 17.00 17.64
N LEU A 3089 -32.41 18.26 17.18
CA LEU A 3089 -33.65 18.98 17.02
C LEU A 3089 -34.60 18.24 16.11
N TYR A 3090 -34.09 17.74 14.99
CA TYR A 3090 -34.95 17.05 14.04
C TYR A 3090 -35.32 15.65 14.50
N LEU A 3091 -34.61 15.09 15.47
CA LEU A 3091 -35.10 13.84 16.04
C LEU A 3091 -36.41 14.03 16.79
N LEU A 3092 -36.67 15.22 17.32
CA LEU A 3092 -37.97 15.43 17.97
C LEU A 3092 -39.08 15.48 16.95
N GLN A 3093 -38.81 15.96 15.75
CA GLN A 3093 -39.82 16.02 14.69
C GLN A 3093 -39.83 14.78 13.81
N ASP A 3094 -38.88 13.87 14.00
CA ASP A 3094 -38.93 12.53 13.43
C ASP A 3094 -38.77 12.56 11.91
N ASP A 3095 -37.93 13.46 11.42
CA ASP A 3095 -37.52 13.43 10.01
C ASP A 3095 -36.08 12.92 10.02
N VAL A 3096 -35.96 11.60 10.07
CA VAL A 3096 -34.67 10.97 10.19
C VAL A 3096 -33.82 11.21 8.96
N ASP A 3097 -34.44 11.55 7.83
CA ASP A 3097 -33.65 11.93 6.66
C ASP A 3097 -32.82 13.19 6.93
N ARG A 3098 -33.49 14.25 7.39
CA ARG A 3098 -32.77 15.46 7.77
C ARG A 3098 -31.82 15.17 8.91
N ALA A 3099 -32.24 14.33 9.85
CA ALA A 3099 -31.37 13.97 10.97
C ALA A 3099 -30.07 13.37 10.49
N LYS A 3100 -30.14 12.38 9.60
CA LYS A 3100 -28.94 11.74 9.09
C LYS A 3100 -28.11 12.72 8.30
N TYR A 3101 -28.75 13.56 7.49
CA TYR A 3101 -27.99 14.54 6.72
C TYR A 3101 -27.18 15.44 7.64
N TYR A 3102 -27.82 15.93 8.71
CA TYR A 3102 -27.14 16.89 9.57
C TYR A 3102 -26.08 16.22 10.43
N ILE A 3103 -26.31 14.98 10.86
CA ILE A 3103 -25.29 14.32 11.68
C ILE A 3103 -24.08 13.95 10.82
N GLN A 3104 -24.32 13.56 9.56
CA GLN A 3104 -23.19 13.33 8.65
C GLN A 3104 -22.42 14.62 8.42
N ASN A 3105 -23.13 15.72 8.23
CA ASN A 3105 -22.44 17.02 8.11
C ASN A 3105 -21.66 17.33 9.38
N GLY A 3106 -22.20 16.97 10.54
CA GLY A 3106 -21.49 17.21 11.78
C GLY A 3106 -20.22 16.40 11.87
N ILE A 3107 -20.25 15.15 11.39
CA ILE A 3107 -19.03 14.37 11.34
C ILE A 3107 -18.00 15.04 10.44
N GLN A 3108 -18.44 15.50 9.28
CA GLN A 3108 -17.52 16.18 8.38
C GLN A 3108 -16.91 17.39 9.05
N SER A 3109 -17.73 18.17 9.75
CA SER A 3109 -17.25 19.36 10.42
C SER A 3109 -16.27 19.01 11.53
N PHE A 3110 -16.54 17.93 12.28
CA PHE A 3110 -15.59 17.54 13.32
C PHE A 3110 -14.25 17.19 12.70
N MET A 3111 -14.27 16.40 11.63
CA MET A 3111 -13.01 15.98 11.02
C MET A 3111 -12.23 17.20 10.54
N GLN A 3112 -12.90 18.09 9.81
CA GLN A 3112 -12.24 19.28 9.29
C GLN A 3112 -11.71 20.17 10.40
N ASN A 3113 -12.54 20.41 11.42
CA ASN A 3113 -12.20 21.33 12.48
C ASN A 3113 -11.13 20.78 13.39
N TYR A 3114 -11.07 19.46 13.57
CA TYR A 3114 -10.01 18.83 14.31
C TYR A 3114 -8.73 18.75 13.49
N SER A 3115 -8.85 18.68 12.18
CA SER A 3115 -7.67 18.75 11.32
C SER A 3115 -7.02 20.11 11.41
N SER A 3116 -7.81 21.18 11.37
CA SER A 3116 -7.27 22.52 11.36
C SER A 3116 -6.55 22.90 12.65
N ILE A 3117 -6.76 22.15 13.73
CA ILE A 3117 -6.17 22.47 15.02
C ILE A 3117 -4.73 22.01 15.05
N ASP A 3118 -3.83 22.85 15.55
CA ASP A 3118 -2.43 22.49 15.63
C ASP A 3118 -2.24 21.30 16.55
N VAL A 3119 -1.16 20.54 16.34
CA VAL A 3119 -0.95 19.31 17.08
C VAL A 3119 -0.23 19.58 18.38
N LEU A 3120 -0.09 20.85 18.74
CA LEU A 3120 0.45 21.21 20.03
C LEU A 3120 -0.59 21.75 20.99
N LEU A 3121 -1.70 22.26 20.48
CA LEU A 3121 -2.81 22.67 21.32
C LEU A 3121 -3.51 21.43 21.84
N HIS A 3122 -2.88 20.72 22.78
CA HIS A 3122 -3.46 19.48 23.25
C HIS A 3122 -4.78 19.72 23.96
N GLN A 3123 -4.85 20.77 24.76
CA GLN A 3123 -6.07 21.04 25.50
C GLN A 3123 -7.21 21.42 24.58
N SER A 3124 -6.92 21.87 23.38
CA SER A 3124 -7.98 22.15 22.43
C SER A 3124 -8.21 21.02 21.45
N ARG A 3125 -7.36 20.01 21.44
CA ARG A 3125 -7.68 18.79 20.69
C ARG A 3125 -8.52 17.84 21.51
N LEU A 3126 -8.25 17.76 22.82
CA LEU A 3126 -9.14 17.00 23.69
C LEU A 3126 -10.56 17.51 23.62
N THR A 3127 -10.73 18.83 23.63
CA THR A 3127 -12.07 19.38 23.66
C THR A 3127 -12.85 18.99 22.42
N LYS A 3128 -12.21 19.02 21.26
CA LYS A 3128 -12.88 18.59 20.04
C LYS A 3128 -13.13 17.09 20.06
N LEU A 3129 -12.17 16.32 20.56
CA LEU A 3129 -12.30 14.88 20.55
C LEU A 3129 -13.44 14.42 21.43
N GLN A 3130 -13.61 15.06 22.58
CA GLN A 3130 -14.59 14.58 23.55
C GLN A 3130 -15.99 14.60 23.01
N SER A 3131 -16.28 15.44 22.02
CA SER A 3131 -17.62 15.53 21.46
C SER A 3131 -17.83 14.59 20.30
N VAL A 3132 -17.11 13.47 20.27
CA VAL A 3132 -17.25 12.52 19.19
C VAL A 3132 -18.15 11.40 19.64
N GLN A 3133 -18.20 11.14 20.93
CA GLN A 3133 -18.98 10.01 21.38
C GLN A 3133 -20.46 10.28 21.22
N ALA A 3134 -20.94 11.45 21.63
CA ALA A 3134 -22.33 11.78 21.39
C ALA A 3134 -22.59 11.90 19.91
N LEU A 3135 -21.63 12.43 19.18
CA LEU A 3135 -21.76 12.61 17.74
C LEU A 3135 -22.03 11.29 17.05
N THR A 3136 -21.40 10.20 17.52
CA THR A 3136 -21.64 8.88 16.96
C THR A 3136 -22.81 8.15 17.62
N GLU A 3137 -23.14 8.48 18.87
CA GLU A 3137 -24.28 7.83 19.51
C GLU A 3137 -25.58 8.24 18.84
N ILE A 3138 -25.66 9.49 18.42
CA ILE A 3138 -26.81 9.88 17.62
C ILE A 3138 -26.92 8.99 16.40
N GLN A 3139 -25.79 8.71 15.76
CA GLN A 3139 -25.79 7.94 14.53
C GLN A 3139 -26.19 6.49 14.78
N GLU A 3140 -25.68 5.91 15.87
CA GLU A 3140 -26.05 4.56 16.25
C GLU A 3140 -27.54 4.47 16.52
N PHE A 3141 -28.12 5.46 17.18
CA PHE A 3141 -29.56 5.41 17.42
C PHE A 3141 -30.35 5.60 16.14
N ILE A 3142 -29.88 6.44 15.22
CA ILE A 3142 -30.54 6.54 13.92
C ILE A 3142 -30.56 5.18 13.24
N SER A 3143 -29.44 4.46 13.29
CA SER A 3143 -29.41 3.12 12.71
C SER A 3143 -30.38 2.19 13.42
N PHE A 3144 -30.42 2.25 14.75
CA PHE A 3144 -31.26 1.33 15.50
C PHE A 3144 -32.74 1.63 15.30
N ILE A 3145 -33.09 2.86 14.94
CA ILE A 3145 -34.49 3.17 14.70
C ILE A 3145 -34.87 3.08 13.22
N SER A 3146 -33.89 3.07 12.32
CA SER A 3146 -34.20 2.99 10.90
C SER A 3146 -34.69 1.61 10.48
N LYS A 3147 -34.60 0.61 11.36
CA LYS A 3147 -34.99 -0.75 11.04
C LYS A 3147 -36.12 -1.16 11.98
N GLN A 3148 -37.21 -1.64 11.41
CA GLN A 3148 -38.29 -2.20 12.22
C GLN A 3148 -37.99 -3.60 12.68
N GLY A 3149 -37.05 -4.29 12.02
CA GLY A 3149 -36.74 -5.65 12.42
C GLY A 3149 -36.11 -5.73 13.80
N ASN A 3150 -35.19 -4.82 14.10
CA ASN A 3150 -34.48 -4.82 15.38
C ASN A 3150 -35.21 -4.01 16.45
N LEU A 3151 -36.50 -3.78 16.29
CA LEU A 3151 -37.39 -3.43 17.40
C LEU A 3151 -38.60 -4.36 17.29
N SER A 3152 -38.42 -5.58 17.80
CA SER A 3152 -39.53 -6.50 17.94
C SER A 3152 -39.45 -7.34 19.21
N SER A 3153 -38.38 -7.21 19.99
CA SER A 3153 -38.14 -8.07 21.14
C SER A 3153 -36.93 -7.54 21.89
N GLN A 3154 -36.66 -8.14 23.04
CA GLN A 3154 -35.52 -7.74 23.84
C GLN A 3154 -34.19 -8.04 23.19
N VAL A 3155 -34.16 -8.93 22.18
CA VAL A 3155 -32.88 -9.43 21.69
C VAL A 3155 -31.95 -8.33 21.19
N PRO A 3156 -32.37 -7.43 20.29
CA PRO A 3156 -31.43 -6.40 19.83
C PRO A 3156 -31.33 -5.22 20.77
N LEU A 3157 -32.44 -4.89 21.42
CA LEU A 3157 -32.49 -3.71 22.26
C LEU A 3157 -31.67 -3.90 23.53
N LYS A 3158 -31.74 -5.08 24.14
CA LYS A 3158 -30.86 -5.37 25.26
C LYS A 3158 -29.41 -5.33 24.85
N ARG A 3159 -29.11 -5.73 23.61
CA ARG A 3159 -27.74 -5.62 23.14
C ARG A 3159 -27.30 -4.17 23.06
N LEU A 3160 -28.19 -3.30 22.57
CA LEU A 3160 -27.89 -1.86 22.55
C LEU A 3160 -27.63 -1.34 23.95
N LEU A 3161 -28.55 -1.62 24.87
CA LEU A 3161 -28.40 -1.14 26.24
C LEU A 3161 -27.13 -1.67 26.88
N ASN A 3162 -26.72 -2.89 26.52
CA ASN A 3162 -25.47 -3.39 27.06
C ASN A 3162 -24.28 -2.64 26.48
N THR A 3163 -24.30 -2.34 25.19
CA THR A 3163 -23.22 -1.54 24.63
C THR A 3163 -23.10 -0.21 25.35
N TRP A 3164 -24.23 0.46 25.55
CA TRP A 3164 -24.22 1.74 26.23
C TRP A 3164 -23.69 1.58 27.64
N THR A 3165 -24.42 0.87 28.49
CA THR A 3165 -23.98 0.69 29.87
C THR A 3165 -22.55 0.20 29.97
N ASN A 3166 -21.96 -0.31 28.89
CA ASN A 3166 -20.55 -0.61 28.93
C ASN A 3166 -19.70 0.62 28.64
N ARG A 3167 -20.07 1.46 27.66
CA ARG A 3167 -19.20 2.57 27.30
C ARG A 3167 -19.71 3.88 27.88
N TYR A 3168 -19.09 4.30 28.97
CA TYR A 3168 -19.29 5.57 29.65
C TYR A 3168 -18.09 6.46 29.45
N PRO A 3169 -18.25 7.78 29.55
CA PRO A 3169 -17.10 8.66 29.53
C PRO A 3169 -16.31 8.49 30.81
N ASP A 3170 -15.11 9.05 30.82
CA ASP A 3170 -14.25 8.86 31.97
C ASP A 3170 -14.89 9.43 33.21
N ALA A 3171 -14.87 8.67 34.30
CA ALA A 3171 -15.55 9.12 35.50
C ALA A 3171 -14.89 10.31 36.15
N LYS A 3172 -13.62 10.57 35.85
CA LYS A 3172 -12.93 11.67 36.50
C LYS A 3172 -12.04 12.44 35.54
N MET A 3173 -12.20 12.27 34.24
CA MET A 3173 -11.32 12.90 33.27
C MET A 3173 -12.04 13.77 32.25
N ASP A 3174 -13.29 13.47 31.90
CA ASP A 3174 -14.01 14.36 31.03
C ASP A 3174 -15.31 14.82 31.68
N PRO A 3175 -15.63 16.09 31.59
CA PRO A 3175 -16.48 16.74 32.58
C PRO A 3175 -17.96 16.70 32.22
N MET A 3176 -18.73 17.43 33.01
CA MET A 3176 -20.17 17.30 32.92
C MET A 3176 -20.77 17.94 31.69
N ASN A 3177 -20.05 18.79 30.98
CA ASN A 3177 -20.45 19.07 29.61
C ASN A 3177 -20.72 17.75 28.89
N ILE A 3178 -19.69 16.91 28.83
CA ILE A 3178 -19.77 15.66 28.09
C ILE A 3178 -20.78 14.72 28.71
N TRP A 3179 -20.74 14.58 30.03
CA TRP A 3179 -21.62 13.63 30.68
C TRP A 3179 -23.07 13.98 30.44
N ASP A 3180 -23.46 15.23 30.71
CA ASP A 3180 -24.84 15.61 30.51
C ASP A 3180 -25.21 15.67 29.05
N ASP A 3181 -24.23 15.81 28.18
CA ASP A 3181 -24.51 15.69 26.76
C ASP A 3181 -24.99 14.29 26.43
N ILE A 3182 -24.17 13.29 26.74
CA ILE A 3182 -24.50 11.95 26.26
C ILE A 3182 -25.54 11.27 27.12
N ILE A 3183 -25.61 11.56 28.43
CA ILE A 3183 -26.65 10.95 29.25
C ILE A 3183 -28.03 11.41 28.81
N THR A 3184 -28.20 12.71 28.58
CA THR A 3184 -29.51 13.15 28.14
C THR A 3184 -29.77 12.78 26.70
N ASN A 3185 -28.75 12.71 25.85
CA ASN A 3185 -28.95 12.12 24.54
C ASN A 3185 -29.52 10.71 24.66
N ARG A 3186 -28.94 9.89 25.53
CA ARG A 3186 -29.39 8.52 25.67
C ARG A 3186 -30.79 8.44 26.26
N CYS A 3187 -31.09 9.27 27.25
CA CYS A 3187 -32.41 9.24 27.84
C CYS A 3187 -33.48 9.66 26.83
N PHE A 3188 -33.17 10.65 26.01
CA PHE A 3188 -34.11 11.01 24.96
C PHE A 3188 -34.23 9.90 23.91
N PHE A 3189 -33.11 9.24 23.57
CA PHE A 3189 -33.18 8.13 22.62
C PHE A 3189 -34.10 7.05 23.14
N LEU A 3190 -33.94 6.67 24.40
CA LEU A 3190 -34.76 5.60 24.98
C LEU A 3190 -36.22 6.03 25.06
N SER A 3191 -36.48 7.27 25.47
CA SER A 3191 -37.87 7.69 25.56
C SER A 3191 -38.49 7.96 24.20
N LYS A 3192 -37.69 7.99 23.13
CA LYS A 3192 -38.25 8.03 21.79
C LYS A 3192 -38.43 6.63 21.22
N ILE A 3193 -37.58 5.69 21.61
CA ILE A 3193 -37.77 4.29 21.26
C ILE A 3193 -39.04 3.75 21.88
N GLU A 3194 -39.18 3.95 23.19
CA GLU A 3194 -40.21 3.28 23.97
C GLU A 3194 -41.62 3.62 23.52
N GLU A 3195 -41.81 4.71 22.79
CA GLU A 3195 -43.16 5.07 22.39
C GLU A 3195 -43.69 4.09 21.34
N LYS A 3196 -42.86 3.70 20.38
CA LYS A 3196 -43.27 2.77 19.33
C LYS A 3196 -42.96 1.33 19.70
N LEU A 3197 -43.42 0.92 20.87
CA LEU A 3197 -43.02 -0.35 21.44
C LEU A 3197 -44.15 -1.36 21.36
N ASP A 3226 -39.90 -7.48 29.01
CA ASP A 3226 -40.76 -6.43 29.55
C ASP A 3226 -40.16 -5.06 29.32
N ILE A 3227 -39.78 -4.78 28.07
CA ILE A 3227 -39.32 -3.44 27.72
C ILE A 3227 -40.44 -2.44 28.00
N SER A 3228 -40.04 -1.22 28.31
CA SER A 3228 -40.79 -0.13 28.95
C SER A 3228 -40.83 -0.36 30.45
N SER A 3229 -40.26 -1.46 30.93
CA SER A 3229 -39.96 -1.63 32.34
C SER A 3229 -38.52 -2.10 32.53
N LEU A 3230 -37.77 -2.23 31.45
CA LEU A 3230 -36.34 -2.51 31.49
C LEU A 3230 -35.50 -1.29 31.22
N ILE A 3231 -35.85 -0.51 30.18
CA ILE A 3231 -35.21 0.78 30.00
C ILE A 3231 -35.54 1.72 31.16
N ARG A 3232 -36.64 1.52 31.87
CA ARG A 3232 -36.86 2.29 33.08
C ARG A 3232 -35.83 1.95 34.14
N SER A 3233 -35.10 0.87 33.97
CA SER A 3233 -33.96 0.59 34.85
C SER A 3233 -32.65 1.00 34.23
N CYS A 3234 -32.54 0.94 32.90
CA CYS A 3234 -31.34 1.46 32.26
C CYS A 3234 -31.18 2.95 32.54
N LYS A 3235 -32.26 3.71 32.46
CA LYS A 3235 -32.18 5.13 32.74
C LYS A 3235 -31.72 5.37 34.16
N PHE A 3236 -32.30 4.66 35.12
CA PHE A 3236 -31.88 4.85 36.50
C PHE A 3236 -30.42 4.49 36.67
N SER A 3237 -29.95 3.45 35.99
CA SER A 3237 -28.54 3.08 36.12
C SER A 3237 -27.64 4.18 35.59
N MET A 3238 -27.93 4.69 34.38
CA MET A 3238 -27.05 5.73 33.83
C MET A 3238 -27.07 6.98 34.69
N LYS A 3239 -28.25 7.40 35.14
CA LYS A 3239 -28.30 8.61 35.95
C LYS A 3239 -27.60 8.43 37.28
N MET A 3240 -27.69 7.25 37.90
CA MET A 3240 -26.95 7.04 39.13
C MET A 3240 -25.44 7.03 38.89
N LYS A 3241 -25.00 6.48 37.76
CA LYS A 3241 -23.59 6.55 37.44
C LYS A 3241 -23.15 7.99 37.24
N MET A 3242 -23.99 8.80 36.59
CA MET A 3242 -23.67 10.20 36.38
C MET A 3242 -23.58 10.96 37.70
N ILE A 3243 -24.49 10.69 38.62
CA ILE A 3243 -24.41 11.34 39.92
C ILE A 3243 -23.11 10.96 40.62
N ASP A 3244 -22.72 9.70 40.53
CA ASP A 3244 -21.45 9.29 41.12
C ASP A 3244 -20.30 10.05 40.48
N SER A 3245 -20.35 10.23 39.17
CA SER A 3245 -19.28 10.96 38.49
C SER A 3245 -19.22 12.40 38.95
N ALA A 3246 -20.37 13.06 39.10
CA ALA A 3246 -20.36 14.44 39.59
C ALA A 3246 -19.78 14.52 40.99
N ARG A 3247 -20.19 13.62 41.87
CA ARG A 3247 -19.61 13.64 43.20
C ARG A 3247 -18.10 13.49 43.13
N LYS A 3248 -17.63 12.62 42.25
CA LYS A 3248 -16.18 12.43 42.12
C LYS A 3248 -15.51 13.68 41.61
N GLN A 3249 -16.20 14.48 40.81
CA GLN A 3249 -15.63 15.68 40.22
C GLN A 3249 -16.00 16.93 40.98
N ASN A 3250 -16.37 16.81 42.25
CA ASN A 3250 -16.66 17.96 43.10
C ASN A 3250 -17.71 18.89 42.52
N ASN A 3251 -18.53 18.43 41.59
CA ASN A 3251 -19.73 19.19 41.24
C ASN A 3251 -20.81 18.84 42.28
N PHE A 3252 -20.62 19.33 43.46
CA PHE A 3252 -21.56 18.96 44.49
C PHE A 3252 -22.81 19.68 44.40
N SER A 3253 -23.13 20.37 43.32
CA SER A 3253 -24.46 20.91 43.12
C SER A 3253 -25.18 20.28 41.95
N LEU A 3254 -24.48 19.95 40.88
CA LEU A 3254 -25.08 19.11 39.85
C LEU A 3254 -25.44 17.75 40.43
N ALA A 3255 -24.58 17.20 41.28
CA ALA A 3255 -24.90 15.93 41.91
C ALA A 3255 -26.18 16.04 42.71
N MET A 3256 -26.29 17.06 43.55
CA MET A 3256 -27.46 17.18 44.40
C MET A 3256 -28.72 17.41 43.58
N LYS A 3257 -28.62 18.22 42.53
CA LYS A 3257 -29.79 18.46 41.70
C LYS A 3257 -30.25 17.19 40.99
N LEU A 3258 -29.31 16.43 40.45
CA LEU A 3258 -29.68 15.15 39.84
C LEU A 3258 -30.32 14.23 40.86
N LEU A 3259 -29.74 14.16 42.06
CA LEU A 3259 -30.27 13.30 43.10
C LEU A 3259 -31.69 13.67 43.46
N LYS A 3260 -31.96 14.97 43.64
CA LYS A 3260 -33.31 15.37 44.01
C LYS A 3260 -34.28 15.21 42.85
N GLU A 3261 -33.79 15.19 41.62
CA GLU A 3261 -34.69 14.86 40.52
C GLU A 3261 -34.93 13.37 40.41
N LEU A 3262 -34.03 12.56 40.97
CA LEU A 3262 -34.09 11.11 40.86
C LEU A 3262 -34.70 10.47 42.09
N HIS A 3263 -35.67 11.11 42.71
CA HIS A 3263 -36.18 10.65 44.00
C HIS A 3263 -37.54 9.99 43.88
N LYS A 3264 -38.49 10.66 43.23
CA LYS A 3264 -39.81 10.07 43.04
C LYS A 3264 -39.75 8.84 42.15
N GLU A 3265 -38.93 8.89 41.11
CA GLU A 3265 -38.76 7.73 40.22
C GLU A 3265 -38.20 6.53 40.97
N SER A 3266 -37.42 6.75 42.02
CA SER A 3266 -37.04 5.66 42.90
C SER A 3266 -38.17 5.39 43.88
N LYS A 3267 -37.91 4.55 44.88
CA LYS A 3267 -38.92 4.09 45.83
C LYS A 3267 -39.95 3.22 45.13
N THR A 3268 -39.88 3.10 43.81
CA THR A 3268 -40.78 2.27 43.04
C THR A 3268 -40.13 0.96 42.66
N ARG A 3269 -38.93 0.70 43.15
CA ARG A 3269 -38.35 -0.62 43.01
C ARG A 3269 -37.68 -1.11 44.28
N ASP A 3270 -37.57 -0.27 45.32
CA ASP A 3270 -37.18 -0.69 46.66
C ASP A 3270 -35.75 -1.19 46.68
N ASP A 3271 -35.16 -1.35 45.51
CA ASP A 3271 -33.73 -1.54 45.33
C ASP A 3271 -33.09 -0.23 44.92
N TRP A 3272 -33.74 0.45 43.98
CA TRP A 3272 -33.43 1.84 43.70
C TRP A 3272 -33.41 2.67 44.96
N LEU A 3273 -34.35 2.40 45.89
CA LEU A 3273 -34.43 3.22 47.09
C LEU A 3273 -33.18 3.13 47.94
N VAL A 3274 -32.72 1.90 48.19
CA VAL A 3274 -31.52 1.78 49.02
C VAL A 3274 -30.31 2.29 48.27
N SER A 3275 -30.24 2.00 46.97
CA SER A 3275 -29.15 2.54 46.16
C SER A 3275 -29.10 4.06 46.28
N TRP A 3276 -30.26 4.69 46.21
CA TRP A 3276 -30.37 6.14 46.20
C TRP A 3276 -29.98 6.73 47.56
N VAL A 3277 -30.51 6.19 48.64
CA VAL A 3277 -30.20 6.76 49.95
C VAL A 3277 -28.72 6.60 50.25
N GLN A 3278 -28.14 5.47 49.87
CA GLN A 3278 -26.72 5.33 50.16
C GLN A 3278 -25.84 6.01 49.12
N SER A 3279 -26.42 6.53 48.05
CA SER A 3279 -25.69 7.48 47.21
C SER A 3279 -25.71 8.87 47.78
N TYR A 3280 -26.87 9.31 48.27
CA TYR A 3280 -26.95 10.57 48.98
C TYR A 3280 -25.99 10.59 50.16
N CYS A 3281 -25.86 9.47 50.87
CA CYS A 3281 -24.98 9.44 52.01
C CYS A 3281 -23.54 9.73 51.60
N ARG A 3282 -23.08 9.12 50.50
CA ARG A 3282 -21.73 9.40 50.02
C ARG A 3282 -21.60 10.83 49.57
N LEU A 3283 -22.62 11.35 48.89
CA LEU A 3283 -22.56 12.73 48.42
C LEU A 3283 -22.33 13.67 49.60
N SER A 3284 -23.16 13.53 50.63
CA SER A 3284 -23.04 14.41 51.79
C SER A 3284 -21.79 14.12 52.59
N HIS A 3285 -21.23 12.91 52.48
CA HIS A 3285 -19.93 12.67 53.08
C HIS A 3285 -18.86 13.49 52.37
N CYS A 3286 -18.93 13.56 51.05
CA CYS A 3286 -17.91 14.29 50.31
C CYS A 3286 -18.05 15.80 50.49
N ARG A 3287 -19.28 16.29 50.56
CA ARG A 3287 -19.53 17.72 50.73
C ARG A 3287 -19.06 18.24 52.01
N SER A 3288 -18.38 17.50 52.87
CA SER A 3288 -17.98 17.99 54.18
C SER A 3288 -16.55 18.52 54.08
N ARG A 3289 -16.44 19.80 53.78
CA ARG A 3289 -15.19 20.56 53.85
C ARG A 3289 -15.45 21.90 54.52
N SER A 3290 -16.14 21.86 55.66
CA SER A 3290 -16.55 23.06 56.37
C SER A 3290 -16.84 22.69 57.82
N GLN A 3291 -16.03 23.20 58.75
CA GLN A 3291 -15.94 22.63 60.10
C GLN A 3291 -17.24 22.65 60.90
N GLY A 3292 -17.72 23.82 61.25
CA GLY A 3292 -18.90 23.90 62.08
C GLY A 3292 -20.19 23.64 61.36
N CYS A 3293 -20.12 23.26 60.09
CA CYS A 3293 -21.28 22.92 59.29
C CYS A 3293 -21.36 21.45 58.95
N SER A 3294 -20.24 20.72 59.05
CA SER A 3294 -20.26 19.31 58.72
C SER A 3294 -21.19 18.53 59.64
N GLU A 3295 -21.25 18.91 60.91
CA GLU A 3295 -22.14 18.19 61.82
C GLU A 3295 -23.61 18.38 61.43
N GLN A 3296 -24.02 19.58 61.03
CA GLN A 3296 -25.42 19.71 60.66
C GLN A 3296 -25.69 19.30 59.23
N VAL A 3297 -24.66 18.96 58.46
CA VAL A 3297 -24.91 18.20 57.23
C VAL A 3297 -25.11 16.72 57.55
N LEU A 3298 -24.27 16.17 58.42
CA LEU A 3298 -24.33 14.75 58.64
C LEU A 3298 -25.47 14.35 59.57
N THR A 3299 -25.97 15.26 60.40
CA THR A 3299 -27.21 14.95 61.12
C THR A 3299 -28.35 14.76 60.14
N VAL A 3300 -28.38 15.58 59.08
CA VAL A 3300 -29.34 15.37 58.01
C VAL A 3300 -29.15 13.97 57.43
N LEU A 3301 -27.90 13.58 57.24
CA LEU A 3301 -27.63 12.24 56.71
C LEU A 3301 -28.18 11.16 57.63
N LYS A 3302 -27.94 11.31 58.93
CA LYS A 3302 -28.43 10.31 59.89
C LYS A 3302 -29.93 10.19 59.82
N THR A 3303 -30.64 11.33 59.76
CA THR A 3303 -32.10 11.27 59.71
C THR A 3303 -32.59 10.56 58.46
N VAL A 3304 -32.03 10.89 57.30
CA VAL A 3304 -32.53 10.27 56.07
C VAL A 3304 -32.18 8.78 56.05
N SER A 3305 -31.01 8.41 56.55
CA SER A 3305 -30.66 6.99 56.64
C SER A 3305 -31.48 6.28 57.71
N LEU A 3306 -32.07 7.05 58.64
CA LEU A 3306 -33.02 6.50 59.60
C LEU A 3306 -34.38 6.27 58.98
N LEU A 3307 -34.78 7.10 58.02
CA LEU A 3307 -36.12 7.00 57.47
C LEU A 3307 -36.24 5.73 56.63
N ASP A 3308 -36.67 4.65 57.27
CA ASP A 3308 -36.77 3.33 56.64
C ASP A 3308 -38.22 2.85 56.61
N GLU A 3309 -39.17 3.77 56.49
CA GLU A 3309 -40.58 3.43 56.65
C GLU A 3309 -41.04 2.37 55.66
N ASN A 3310 -40.33 2.19 54.55
CA ASN A 3310 -40.55 1.06 53.66
C ASN A 3310 -39.36 0.11 53.60
N ASN A 3311 -38.15 0.62 53.75
CA ASN A 3311 -36.94 -0.21 53.70
C ASN A 3311 -36.42 -0.51 55.10
N VAL A 3312 -37.23 -1.22 55.88
CA VAL A 3312 -36.81 -1.61 57.22
C VAL A 3312 -35.73 -2.68 57.13
N SER A 3313 -36.03 -3.81 56.49
CA SER A 3313 -35.04 -4.83 56.23
C SER A 3313 -35.25 -5.53 54.90
N SER A 3314 -36.30 -5.20 54.16
CA SER A 3314 -36.41 -5.67 52.79
C SER A 3314 -35.24 -5.14 51.98
N TYR A 3315 -34.59 -6.04 51.25
CA TYR A 3315 -33.31 -5.81 50.60
C TYR A 3315 -32.20 -5.52 51.58
N LEU A 3316 -32.50 -5.52 52.88
CA LEU A 3316 -31.48 -5.53 53.92
C LEU A 3316 -31.34 -6.88 54.56
N SER A 3317 -32.21 -7.83 54.23
CA SER A 3317 -31.86 -9.24 54.37
C SER A 3317 -30.89 -9.67 53.30
N LYS A 3318 -30.62 -8.82 52.31
CA LYS A 3318 -29.65 -9.09 51.26
C LYS A 3318 -28.29 -8.58 51.75
N ASN A 3319 -27.57 -9.45 52.46
CA ASN A 3319 -26.43 -9.00 53.28
C ASN A 3319 -25.42 -8.23 52.45
N ILE A 3320 -25.30 -8.54 51.18
CA ILE A 3320 -24.34 -7.90 50.31
C ILE A 3320 -25.08 -7.02 49.32
N LEU A 3321 -24.39 -5.95 48.89
CA LEU A 3321 -24.88 -4.90 47.99
C LEU A 3321 -25.87 -3.96 48.67
N ALA A 3322 -26.32 -4.28 49.86
CA ALA A 3322 -26.98 -3.21 50.60
C ALA A 3322 -26.55 -3.12 52.04
N PHE A 3323 -26.37 -4.24 52.73
CA PHE A 3323 -26.17 -4.18 54.16
C PHE A 3323 -24.80 -3.66 54.52
N ARG A 3324 -23.77 -4.18 53.85
CA ARG A 3324 -22.42 -3.69 54.11
C ARG A 3324 -22.31 -2.23 53.76
N ASP A 3325 -22.94 -1.82 52.66
CA ASP A 3325 -22.90 -0.41 52.27
C ASP A 3325 -23.55 0.45 53.35
N GLN A 3326 -24.74 0.09 53.78
CA GLN A 3326 -25.39 0.90 54.81
C GLN A 3326 -24.52 1.01 56.04
N ASN A 3327 -23.89 -0.09 56.44
CA ASN A 3327 -23.12 -0.04 57.68
C ASN A 3327 -21.87 0.79 57.52
N ILE A 3328 -21.15 0.66 56.41
CA ILE A 3328 -19.94 1.47 56.24
C ILE A 3328 -20.31 2.94 56.20
N LEU A 3329 -21.39 3.28 55.50
CA LEU A 3329 -21.80 4.67 55.40
C LEU A 3329 -22.19 5.22 56.77
N LEU A 3330 -22.97 4.48 57.53
CA LEU A 3330 -23.39 4.96 58.84
C LEU A 3330 -22.19 5.11 59.77
N GLY A 3331 -21.27 4.17 59.73
CA GLY A 3331 -20.09 4.28 60.56
C GLY A 3331 -19.26 5.49 60.19
N THR A 3332 -19.10 5.74 58.90
CA THR A 3332 -18.36 6.91 58.47
C THR A 3332 -19.06 8.19 58.91
N THR A 3333 -20.39 8.20 58.86
CA THR A 3333 -21.12 9.38 59.31
C THR A 3333 -20.87 9.65 60.77
N TYR A 3334 -20.92 8.61 61.60
CA TYR A 3334 -20.65 8.81 63.02
C TYR A 3334 -19.20 9.26 63.23
N ARG A 3335 -18.28 8.72 62.45
CA ARG A 3335 -16.88 9.17 62.55
C ARG A 3335 -16.74 10.62 62.14
N ILE A 3336 -17.45 11.04 61.10
CA ILE A 3336 -17.38 12.42 60.64
C ILE A 3336 -17.87 13.36 61.73
N ILE A 3337 -19.03 13.05 62.32
CA ILE A 3337 -19.55 13.92 63.36
C ILE A 3337 -18.63 13.91 64.57
N ALA A 3338 -18.10 12.74 64.92
CA ALA A 3338 -17.18 12.66 66.05
C ALA A 3338 -15.94 13.49 65.81
N ASN A 3339 -15.39 13.42 64.60
CA ASN A 3339 -14.22 14.23 64.27
C ASN A 3339 -14.55 15.72 64.34
N ALA A 3340 -15.71 16.11 63.81
CA ALA A 3340 -16.09 17.51 63.89
C ALA A 3340 -16.17 17.96 65.34
N LEU A 3341 -16.70 17.11 66.21
CA LEU A 3341 -16.83 17.49 67.61
C LEU A 3341 -15.52 17.40 68.37
N SER A 3342 -14.56 16.60 67.92
CA SER A 3342 -13.36 16.37 68.70
C SER A 3342 -12.15 17.15 68.22
N SER A 3343 -11.88 17.13 66.90
CA SER A 3343 -10.72 17.83 66.35
C SER A 3343 -10.68 19.27 66.83
N GLU A 3344 -11.83 19.92 66.83
CA GLU A 3344 -11.92 21.12 67.63
C GLU A 3344 -13.00 20.90 68.69
N PRO A 3345 -12.87 21.51 69.86
CA PRO A 3345 -13.79 21.19 70.97
C PRO A 3345 -15.26 21.39 70.65
N ALA A 3346 -16.11 20.97 71.57
CA ALA A 3346 -17.55 21.06 71.38
C ALA A 3346 -18.06 22.45 71.50
N CYS A 3347 -17.19 23.46 71.45
CA CYS A 3347 -17.65 24.85 71.54
C CYS A 3347 -18.68 25.21 70.48
N LEU A 3348 -18.83 24.39 69.43
CA LEU A 3348 -19.90 24.59 68.48
C LEU A 3348 -21.25 24.16 69.03
N ALA A 3349 -21.26 23.41 70.14
CA ALA A 3349 -22.50 22.88 70.68
C ALA A 3349 -23.47 23.99 70.99
N GLU A 3350 -22.97 25.06 71.60
CA GLU A 3350 -23.84 26.15 71.99
C GLU A 3350 -24.25 27.03 70.82
N ILE A 3351 -23.67 26.84 69.64
CA ILE A 3351 -23.97 27.72 68.52
C ILE A 3351 -24.60 26.92 67.39
N GLU A 3352 -24.88 25.65 67.63
CA GLU A 3352 -25.34 24.77 66.56
C GLU A 3352 -26.82 24.43 66.70
N GLU A 3353 -27.63 25.42 67.07
CA GLU A 3353 -29.09 25.31 66.97
C GLU A 3353 -29.64 24.11 67.76
N ASP A 3354 -29.55 24.23 69.08
CA ASP A 3354 -29.78 23.14 70.04
C ASP A 3354 -30.99 22.26 69.74
N LYS A 3355 -31.96 22.82 69.02
CA LYS A 3355 -33.00 21.99 68.44
C LYS A 3355 -32.41 20.93 67.52
N ALA A 3356 -31.26 21.18 66.91
CA ALA A 3356 -30.54 20.12 66.23
C ALA A 3356 -29.42 19.54 67.08
N ARG A 3357 -29.30 19.93 68.36
CA ARG A 3357 -28.31 19.30 69.23
C ARG A 3357 -28.91 18.17 70.05
N ARG A 3358 -30.19 18.25 70.40
CA ARG A 3358 -30.69 17.16 71.23
C ARG A 3358 -30.67 15.87 70.43
N ILE A 3359 -30.87 15.97 69.11
CA ILE A 3359 -30.78 14.80 68.24
C ILE A 3359 -29.37 14.22 68.25
N LEU A 3360 -28.35 15.08 68.22
CA LEU A 3360 -26.98 14.60 68.30
C LEU A 3360 -26.73 13.88 69.61
N GLU A 3361 -27.11 14.50 70.72
CA GLU A 3361 -26.91 13.82 72.00
C GLU A 3361 -27.78 12.57 72.11
N LEU A 3362 -28.88 12.49 71.39
CA LEU A 3362 -29.62 11.24 71.35
C LEU A 3362 -28.85 10.18 70.59
N SER A 3363 -28.26 10.56 69.45
CA SER A 3363 -27.44 9.62 68.69
C SER A 3363 -26.21 9.19 69.48
N GLY A 3364 -25.79 9.97 70.46
CA GLY A 3364 -24.81 9.48 71.42
C GLY A 3364 -25.41 8.36 72.26
N SER A 3365 -24.77 8.01 73.37
CA SER A 3365 -25.25 6.91 74.19
C SER A 3365 -25.74 7.35 75.56
N SER A 3366 -24.99 8.21 76.23
CA SER A 3366 -25.40 8.69 77.55
C SER A 3366 -25.62 10.19 77.61
N SER A 3367 -24.83 10.96 76.87
CA SER A 3367 -25.06 12.39 76.64
C SER A 3367 -25.07 13.18 77.94
N GLU A 3368 -23.90 13.21 78.58
CA GLU A 3368 -23.67 14.08 79.72
C GLU A 3368 -22.95 15.35 79.30
N ASP A 3369 -21.76 15.23 78.72
CA ASP A 3369 -20.97 16.38 78.34
C ASP A 3369 -20.23 16.05 77.04
N SER A 3370 -19.30 16.93 76.68
CA SER A 3370 -18.62 16.82 75.40
C SER A 3370 -17.86 15.51 75.28
N GLU A 3371 -17.01 15.21 76.26
CA GLU A 3371 -16.16 14.04 76.13
C GLU A 3371 -16.97 12.76 76.13
N LYS A 3372 -18.03 12.71 76.94
CA LYS A 3372 -18.87 11.51 76.96
C LYS A 3372 -19.60 11.33 75.63
N VAL A 3373 -20.18 12.40 75.09
CA VAL A 3373 -20.96 12.23 73.86
C VAL A 3373 -20.04 11.89 72.70
N ILE A 3374 -18.84 12.47 72.66
CA ILE A 3374 -17.93 12.14 71.57
C ILE A 3374 -17.45 10.69 71.70
N ALA A 3375 -17.23 10.23 72.93
CA ALA A 3375 -16.86 8.83 73.12
C ALA A 3375 -17.97 7.91 72.64
N GLY A 3376 -19.22 8.25 72.94
CA GLY A 3376 -20.33 7.43 72.48
C GLY A 3376 -20.45 7.41 70.97
N LEU A 3377 -20.24 8.56 70.33
CA LEU A 3377 -20.22 8.60 68.87
C LEU A 3377 -19.13 7.72 68.31
N TYR A 3378 -17.94 7.77 68.90
CA TYR A 3378 -16.85 6.91 68.45
C TYR A 3378 -17.22 5.44 68.58
N GLN A 3379 -17.84 5.08 69.71
CA GLN A 3379 -18.23 3.69 69.92
C GLN A 3379 -19.27 3.24 68.91
N ARG A 3380 -20.24 4.09 68.62
CA ARG A 3380 -21.23 3.77 67.60
C ARG A 3380 -20.57 3.57 66.25
N ALA A 3381 -19.61 4.42 65.91
CA ALA A 3381 -18.92 4.27 64.64
C ALA A 3381 -18.18 2.95 64.59
N PHE A 3382 -17.47 2.61 65.66
CA PHE A 3382 -16.73 1.36 65.68
C PHE A 3382 -17.67 0.18 65.55
N GLN A 3383 -18.81 0.23 66.23
CA GLN A 3383 -19.77 -0.87 66.16
C GLN A 3383 -20.33 -1.02 64.76
N HIS A 3384 -20.72 0.08 64.12
CA HIS A 3384 -21.27 -0.02 62.77
C HIS A 3384 -20.22 -0.52 61.78
N LEU A 3385 -19.00 -0.04 61.87
CA LEU A 3385 -17.98 -0.52 60.94
C LEU A 3385 -17.66 -1.99 61.19
N SER A 3386 -17.63 -2.40 62.46
CA SER A 3386 -17.40 -3.80 62.76
C SER A 3386 -18.51 -4.68 62.22
N GLU A 3387 -19.75 -4.21 62.31
CA GLU A 3387 -20.87 -4.94 61.74
C GLU A 3387 -20.73 -5.04 60.22
N ALA A 3388 -20.29 -3.96 59.58
CA ALA A 3388 -20.07 -4.00 58.13
C ALA A 3388 -19.02 -5.03 57.77
N VAL A 3389 -17.91 -5.05 58.50
CA VAL A 3389 -16.84 -5.99 58.15
C VAL A 3389 -17.26 -7.42 58.45
N GLN A 3390 -18.02 -7.63 59.53
CA GLN A 3390 -18.56 -8.95 59.80
C GLN A 3390 -19.46 -9.42 58.67
N ALA A 3391 -20.32 -8.52 58.16
CA ALA A 3391 -21.06 -8.84 56.97
C ALA A 3391 -20.19 -8.90 55.73
N ALA A 3392 -18.93 -8.46 55.83
CA ALA A 3392 -17.99 -8.56 54.74
C ALA A 3392 -17.16 -9.83 54.82
N GLU A 3393 -16.99 -10.38 56.03
CA GLU A 3393 -16.23 -11.61 56.19
C GLU A 3393 -16.81 -12.75 55.36
N GLU A 3394 -18.12 -12.72 55.10
CA GLU A 3394 -18.71 -13.71 54.20
C GLU A 3394 -18.09 -13.61 52.83
N GLU A 3395 -17.93 -14.77 52.18
CA GLU A 3395 -17.28 -14.87 50.89
C GLU A 3395 -17.72 -16.16 50.22
N ALA A 3396 -17.56 -16.19 48.91
CA ALA A 3396 -18.00 -17.35 48.13
C ALA A 3396 -16.87 -18.36 47.94
N PRO A 3405 -16.09 -8.53 42.64
CA PRO A 3405 -15.40 -7.33 42.16
C PRO A 3405 -14.39 -6.84 43.17
N ALA A 3406 -14.49 -7.36 44.38
CA ALA A 3406 -13.55 -7.08 45.46
C ALA A 3406 -13.42 -5.62 45.85
N ALA A 3407 -13.86 -4.69 44.99
CA ALA A 3407 -13.81 -3.29 45.41
C ALA A 3407 -14.56 -3.08 46.73
N GLY A 3408 -15.78 -3.61 46.83
CA GLY A 3408 -16.58 -3.36 48.00
C GLY A 3408 -15.99 -3.95 49.28
N VAL A 3409 -15.54 -5.20 49.21
CA VAL A 3409 -14.99 -5.83 50.41
C VAL A 3409 -13.69 -5.16 50.82
N ILE A 3410 -12.86 -4.77 49.85
CA ILE A 3410 -11.67 -4.02 50.19
C ILE A 3410 -12.06 -2.71 50.84
N ASP A 3411 -13.12 -2.07 50.34
CA ASP A 3411 -13.57 -0.82 50.93
C ASP A 3411 -13.92 -1.03 52.39
N ALA A 3412 -14.67 -2.08 52.69
CA ALA A 3412 -15.08 -2.31 54.08
C ALA A 3412 -13.87 -2.56 54.97
N TYR A 3413 -12.96 -3.42 54.51
CA TYR A 3413 -11.78 -3.76 55.29
C TYR A 3413 -10.94 -2.51 55.55
N MET A 3414 -10.62 -1.77 54.49
CA MET A 3414 -9.75 -0.63 54.64
C MET A 3414 -10.42 0.50 55.41
N THR A 3415 -11.74 0.64 55.27
CA THR A 3415 -12.42 1.69 56.03
C THR A 3415 -12.36 1.41 57.51
N LEU A 3416 -12.65 0.17 57.90
CA LEU A 3416 -12.52 -0.19 59.31
C LEU A 3416 -11.08 0.01 59.78
N ALA A 3417 -10.13 -0.42 58.97
CA ALA A 3417 -8.72 -0.31 59.34
C ALA A 3417 -8.32 1.15 59.50
N ASP A 3418 -8.79 2.01 58.61
CA ASP A 3418 -8.49 3.43 58.68
C ASP A 3418 -9.05 4.04 59.95
N PHE A 3419 -10.31 3.75 60.26
CA PHE A 3419 -10.90 4.35 61.44
C PHE A 3419 -10.15 3.92 62.70
N CYS A 3420 -9.88 2.62 62.83
CA CYS A 3420 -9.16 2.18 64.02
C CYS A 3420 -7.73 2.71 64.03
N ASP A 3421 -7.12 2.87 62.86
CA ASP A 3421 -5.77 3.41 62.77
C ASP A 3421 -5.75 4.85 63.26
N GLN A 3422 -6.73 5.64 62.82
CA GLN A 3422 -6.83 7.02 63.26
C GLN A 3422 -7.00 7.08 64.76
N GLN A 3423 -7.81 6.18 65.32
CA GLN A 3423 -7.99 6.18 66.77
C GLN A 3423 -6.69 5.86 67.48
N LEU A 3424 -5.97 4.86 67.00
CA LEU A 3424 -4.71 4.48 67.61
C LEU A 3424 -3.73 5.66 67.60
N ARG A 3425 -3.62 6.33 66.47
CA ARG A 3425 -2.73 7.48 66.40
C ARG A 3425 -3.19 8.56 67.37
N LYS A 3426 -4.46 8.97 67.25
CA LYS A 3426 -4.98 10.03 68.10
C LYS A 3426 -4.69 9.77 69.56
N GLU A 3427 -4.67 8.49 69.97
CA GLU A 3427 -4.20 8.19 71.31
C GLU A 3427 -2.69 8.33 71.43
N GLU A 3428 -1.95 7.84 70.44
CA GLU A 3428 -0.49 7.75 70.57
C GLU A 3428 0.17 9.11 70.68
N GLU A 3429 -0.31 10.10 69.92
CA GLU A 3429 0.23 11.45 70.14
C GLU A 3429 -0.12 12.00 71.52
N ASN A 3430 -1.07 11.40 72.23
CA ASN A 3430 -1.29 11.76 73.62
C ASN A 3430 -0.61 10.76 74.54
N LEU A 3439 -9.04 1.01 74.92
CA LEU A 3439 -8.88 0.54 73.54
C LEU A 3439 -7.78 -0.52 73.45
N GLN A 3440 -8.18 -1.76 73.18
CA GLN A 3440 -7.23 -2.86 73.13
C GLN A 3440 -7.36 -3.74 71.91
N ALA A 3441 -8.53 -3.86 71.30
CA ALA A 3441 -8.72 -4.76 70.17
C ALA A 3441 -8.58 -4.03 68.85
N TYR A 3442 -8.06 -2.82 68.85
CA TYR A 3442 -7.86 -2.06 67.64
C TYR A 3442 -6.61 -2.50 66.87
N PRO A 3443 -5.46 -2.73 67.52
CA PRO A 3443 -4.28 -3.16 66.76
C PRO A 3443 -4.48 -4.43 65.97
N ALA A 3444 -4.83 -5.52 66.64
CA ALA A 3444 -5.01 -6.79 65.95
C ALA A 3444 -6.04 -6.66 64.84
N LEU A 3445 -7.06 -5.85 65.07
CA LEU A 3445 -8.13 -5.68 64.10
C LEU A 3445 -7.62 -4.93 62.88
N VAL A 3446 -6.86 -3.85 63.08
CA VAL A 3446 -6.25 -3.15 61.96
C VAL A 3446 -5.39 -4.11 61.16
N VAL A 3447 -4.50 -4.82 61.85
CA VAL A 3447 -3.52 -5.64 61.15
C VAL A 3447 -4.22 -6.70 60.33
N GLU A 3448 -5.14 -7.45 60.95
CA GLU A 3448 -5.83 -8.50 60.22
C GLU A 3448 -6.64 -7.93 59.07
N LYS A 3449 -7.39 -6.85 59.31
CA LYS A 3449 -8.28 -6.33 58.29
C LYS A 3449 -7.49 -5.84 57.08
N MET A 3450 -6.50 -4.98 57.29
CA MET A 3450 -5.87 -4.44 56.11
C MET A 3450 -4.85 -5.38 55.52
N LEU A 3451 -4.42 -6.40 56.27
CA LEU A 3451 -3.57 -7.41 55.65
C LEU A 3451 -4.41 -8.37 54.82
N LYS A 3452 -5.64 -8.66 55.26
CA LYS A 3452 -6.58 -9.34 54.39
C LYS A 3452 -6.90 -8.49 53.17
N ALA A 3453 -6.81 -7.17 53.32
CA ALA A 3453 -6.92 -6.29 52.16
C ALA A 3453 -5.74 -6.46 51.21
N LEU A 3454 -4.51 -6.50 51.74
CA LEU A 3454 -3.36 -6.79 50.89
C LEU A 3454 -3.50 -8.12 50.18
N LYS A 3455 -4.17 -9.09 50.81
CA LYS A 3455 -4.41 -10.34 50.10
C LYS A 3455 -5.14 -10.10 48.79
N LEU A 3456 -5.82 -8.97 48.66
CA LEU A 3456 -6.28 -8.44 47.39
C LEU A 3456 -5.34 -7.33 46.94
N ASN A 3457 -5.32 -7.07 45.64
CA ASN A 3457 -4.41 -6.07 45.08
C ASN A 3457 -4.94 -4.67 45.41
N SER A 3458 -4.71 -4.25 46.66
CA SER A 3458 -5.23 -2.99 47.16
C SER A 3458 -4.07 -2.00 47.33
N ASN A 3459 -3.97 -1.05 46.39
CA ASN A 3459 -2.90 -0.06 46.43
C ASN A 3459 -2.97 0.77 47.70
N GLU A 3460 -4.17 1.12 48.14
CA GLU A 3460 -4.29 1.95 49.33
C GLU A 3460 -3.83 1.18 50.56
N ALA A 3461 -3.79 -0.15 50.47
CA ALA A 3461 -3.26 -0.95 51.56
C ALA A 3461 -1.76 -1.14 51.42
N ARG A 3462 -1.29 -1.32 50.19
CA ARG A 3462 0.15 -1.47 49.95
C ARG A 3462 0.90 -0.21 50.37
N LEU A 3463 0.43 0.94 49.92
CA LEU A 3463 1.06 2.22 50.25
C LEU A 3463 0.91 2.55 51.72
N LYS A 3464 0.34 1.68 52.52
CA LYS A 3464 0.24 1.87 53.95
C LYS A 3464 0.88 0.75 54.73
N PHE A 3465 1.17 -0.37 54.09
CA PHE A 3465 1.76 -1.54 54.73
C PHE A 3465 2.85 -1.23 55.74
N PRO A 3466 3.72 -0.24 55.52
CA PRO A 3466 4.67 0.13 56.57
C PRO A 3466 4.01 0.77 57.77
N ARG A 3467 2.69 0.99 57.75
CA ARG A 3467 2.02 1.28 59.00
C ARG A 3467 2.06 0.07 59.92
N LEU A 3468 1.88 -1.13 59.37
CA LEU A 3468 1.95 -2.32 60.18
C LEU A 3468 3.29 -2.47 60.85
N LEU A 3469 4.36 -2.04 60.19
CA LEU A 3469 5.69 -2.30 60.72
C LEU A 3469 5.91 -1.53 62.01
N GLN A 3470 5.20 -0.43 62.20
CA GLN A 3470 5.20 0.29 63.46
C GLN A 3470 3.96 0.01 64.30
N ILE A 3471 2.96 -0.68 63.75
CA ILE A 3471 1.88 -1.22 64.56
C ILE A 3471 2.38 -2.40 65.37
N ILE A 3472 3.39 -3.11 64.85
CA ILE A 3472 3.89 -4.33 65.48
C ILE A 3472 5.26 -4.14 66.11
N GLU A 3473 5.73 -2.91 66.27
CA GLU A 3473 6.90 -2.71 67.13
C GLU A 3473 6.45 -2.26 68.51
N ARG A 3474 5.55 -1.27 68.57
CA ARG A 3474 4.74 -1.05 69.75
C ARG A 3474 3.54 -1.99 69.66
N TYR A 3475 2.86 -2.17 70.79
CA TYR A 3475 1.84 -3.22 70.90
C TYR A 3475 2.47 -4.53 70.46
N PRO A 3476 3.60 -4.94 71.06
CA PRO A 3476 4.38 -6.05 70.49
C PRO A 3476 3.70 -7.40 70.64
N GLU A 3477 2.66 -7.51 71.45
CA GLU A 3477 1.93 -8.76 71.55
C GLU A 3477 1.16 -9.09 70.27
N GLU A 3478 1.09 -8.17 69.31
CA GLU A 3478 0.59 -8.49 67.98
C GLU A 3478 1.69 -8.88 67.02
N THR A 3479 2.94 -8.84 67.45
CA THR A 3479 4.03 -9.48 66.71
C THR A 3479 4.03 -10.93 66.89
N LEU A 3480 3.01 -11.41 67.59
CA LEU A 3480 2.84 -12.84 67.84
C LEU A 3480 2.32 -13.48 66.57
N SER A 3481 1.81 -14.71 66.70
CA SER A 3481 1.45 -15.53 65.55
C SER A 3481 0.49 -14.83 64.60
N LEU A 3482 -0.36 -13.95 65.12
CA LEU A 3482 -1.35 -13.29 64.27
C LEU A 3482 -0.68 -12.59 63.11
N MET A 3483 0.30 -11.75 63.41
CA MET A 3483 1.01 -11.03 62.34
C MET A 3483 1.69 -12.03 61.40
N THR A 3484 2.41 -12.98 61.96
CA THR A 3484 3.19 -13.92 61.16
C THR A 3484 2.28 -14.81 60.32
N LYS A 3485 1.29 -15.45 60.97
CA LYS A 3485 0.41 -16.36 60.26
C LYS A 3485 -0.44 -15.63 59.23
N GLU A 3486 -0.91 -14.44 59.57
CA GLU A 3486 -1.70 -13.67 58.63
C GLU A 3486 -0.86 -13.24 57.43
N ILE A 3487 0.43 -12.94 57.65
CA ILE A 3487 1.27 -12.53 56.53
C ILE A 3487 1.70 -13.71 55.68
N SER A 3488 1.75 -14.91 56.24
CA SER A 3488 2.23 -16.05 55.47
C SER A 3488 1.38 -16.33 54.23
N SER A 3489 0.14 -15.85 54.20
CA SER A 3489 -0.72 -16.07 53.05
C SER A 3489 -0.64 -14.96 52.02
N VAL A 3490 0.00 -13.85 52.34
CA VAL A 3490 0.00 -12.69 51.45
C VAL A 3490 0.88 -12.99 50.25
N PRO A 3491 0.44 -12.69 49.02
CA PRO A 3491 1.32 -12.89 47.87
C PRO A 3491 2.56 -12.03 48.02
N CYS A 3492 3.71 -12.67 48.18
CA CYS A 3492 4.90 -11.94 48.56
C CYS A 3492 5.42 -11.05 47.45
N TRP A 3493 4.85 -11.10 46.25
CA TRP A 3493 5.17 -10.08 45.27
C TRP A 3493 4.51 -8.76 45.57
N GLN A 3494 3.88 -8.63 46.74
CA GLN A 3494 3.70 -7.34 47.39
C GLN A 3494 5.03 -7.00 48.05
N PHE A 3495 5.05 -5.99 48.92
CA PHE A 3495 6.19 -5.76 49.78
C PHE A 3495 7.45 -5.36 49.02
N ILE A 3496 7.43 -5.45 47.69
CA ILE A 3496 8.65 -5.13 46.94
C ILE A 3496 9.05 -3.70 47.17
N SER A 3497 8.10 -2.78 47.10
CA SER A 3497 8.41 -1.39 47.37
C SER A 3497 8.88 -1.18 48.81
N TRP A 3498 8.51 -2.07 49.73
CA TRP A 3498 8.88 -1.92 51.12
C TRP A 3498 10.00 -2.86 51.52
N ILE A 3499 10.73 -3.37 50.53
CA ILE A 3499 11.90 -4.20 50.81
C ILE A 3499 12.90 -3.45 51.65
N SER A 3500 13.15 -2.19 51.32
CA SER A 3500 14.15 -1.44 52.06
C SER A 3500 13.72 -1.13 53.48
N HIS A 3501 12.46 -1.40 53.84
CA HIS A 3501 12.02 -1.28 55.22
C HIS A 3501 12.08 -2.60 55.94
N MET A 3502 11.64 -3.68 55.30
CA MET A 3502 11.64 -4.96 56.00
C MET A 3502 13.05 -5.50 56.17
N VAL A 3503 13.87 -5.41 55.11
CA VAL A 3503 15.20 -5.96 55.18
C VAL A 3503 16.03 -5.20 56.20
N ALA A 3504 15.61 -3.99 56.56
CA ALA A 3504 16.28 -3.22 57.59
C ALA A 3504 15.77 -3.58 58.99
N LEU A 3505 14.88 -4.55 59.11
CA LEU A 3505 14.48 -5.06 60.42
C LEU A 3505 14.58 -6.58 60.52
N LEU A 3506 15.06 -7.27 59.48
CA LEU A 3506 15.36 -8.69 59.68
C LEU A 3506 16.44 -8.93 60.74
N ASP A 3507 16.98 -7.88 61.35
CA ASP A 3507 18.05 -8.06 62.32
C ASP A 3507 17.58 -8.01 63.76
N LYS A 3508 16.84 -6.97 64.14
CA LYS A 3508 16.41 -6.80 65.52
C LYS A 3508 15.22 -7.70 65.78
N ASP A 3509 14.54 -7.48 66.90
CA ASP A 3509 13.39 -8.31 67.29
C ASP A 3509 12.29 -8.20 66.25
N GLN A 3510 11.20 -8.94 66.46
CA GLN A 3510 10.09 -9.05 65.52
C GLN A 3510 10.61 -9.33 64.12
N ALA A 3511 11.78 -9.97 64.04
CA ALA A 3511 12.33 -10.32 62.73
C ALA A 3511 11.41 -11.28 62.00
N VAL A 3512 10.70 -12.13 62.75
CA VAL A 3512 9.71 -13.01 62.18
C VAL A 3512 8.60 -12.12 61.63
N ALA A 3513 7.70 -12.68 60.84
CA ALA A 3513 6.59 -12.02 60.17
C ALA A 3513 7.08 -11.26 58.95
N VAL A 3514 8.38 -11.10 58.78
CA VAL A 3514 8.94 -10.80 57.46
C VAL A 3514 9.96 -11.84 57.03
N GLN A 3515 10.42 -12.71 57.91
CA GLN A 3515 11.41 -13.71 57.51
C GLN A 3515 10.85 -14.62 56.43
N HIS A 3516 9.60 -15.05 56.57
CA HIS A 3516 9.00 -15.88 55.54
C HIS A 3516 8.85 -15.12 54.23
N SER A 3517 8.36 -13.89 54.30
CA SER A 3517 8.16 -13.12 53.07
C SER A 3517 9.48 -12.86 52.38
N VAL A 3518 10.50 -12.51 53.14
CA VAL A 3518 11.83 -12.26 52.59
C VAL A 3518 12.38 -13.52 51.96
N GLU A 3519 12.21 -14.66 52.63
CA GLU A 3519 12.65 -15.92 52.04
C GLU A 3519 11.95 -16.20 50.73
N GLU A 3520 10.64 -15.97 50.66
CA GLU A 3520 9.95 -16.21 49.40
C GLU A 3520 10.46 -15.28 48.32
N ILE A 3521 10.69 -14.01 48.68
CA ILE A 3521 11.10 -13.04 47.68
C ILE A 3521 12.50 -13.37 47.18
N THR A 3522 13.37 -13.84 48.04
CA THR A 3522 14.67 -14.31 47.57
C THR A 3522 14.52 -15.49 46.64
N ASP A 3523 13.68 -16.46 47.01
CA ASP A 3523 13.56 -17.67 46.21
C ASP A 3523 13.00 -17.37 44.83
N ASN A 3524 11.96 -16.55 44.76
CA ASN A 3524 11.23 -16.35 43.51
C ASN A 3524 11.72 -15.13 42.75
N TYR A 3525 12.06 -14.06 43.45
CA TYR A 3525 12.46 -12.78 42.88
C TYR A 3525 13.76 -12.29 43.47
N PRO A 3526 14.90 -12.88 43.11
CA PRO A 3526 16.16 -12.20 43.35
C PRO A 3526 16.26 -11.05 42.37
N GLN A 3527 17.34 -10.28 42.49
CA GLN A 3527 17.53 -9.06 41.72
C GLN A 3527 16.58 -7.98 42.22
N ALA A 3528 15.70 -8.33 43.16
CA ALA A 3528 14.80 -7.38 43.78
C ALA A 3528 15.17 -7.07 45.22
N ILE A 3529 15.67 -8.06 45.94
CA ILE A 3529 16.11 -7.86 47.31
C ILE A 3529 17.63 -7.84 47.43
N VAL A 3530 18.35 -8.09 46.34
CA VAL A 3530 19.80 -8.25 46.44
C VAL A 3530 20.47 -6.93 46.81
N TYR A 3531 20.12 -5.85 46.13
CA TYR A 3531 20.72 -4.55 46.49
C TYR A 3531 20.29 -4.10 47.89
N PRO A 3532 19.01 -4.14 48.26
CA PRO A 3532 18.66 -3.77 49.63
C PRO A 3532 19.35 -4.62 50.67
N PHE A 3533 19.56 -5.90 50.38
CA PHE A 3533 20.30 -6.71 51.32
C PHE A 3533 21.74 -6.24 51.42
N ILE A 3534 22.37 -5.89 50.29
CA ILE A 3534 23.77 -5.46 50.36
C ILE A 3534 23.87 -4.18 51.18
N ILE A 3535 22.94 -3.25 50.98
CA ILE A 3535 22.99 -2.00 51.72
C ILE A 3535 22.82 -2.27 53.21
N SER A 3536 21.80 -3.06 53.56
CA SER A 3536 21.43 -3.20 54.95
C SER A 3536 22.40 -4.09 55.71
N SER A 3537 22.90 -5.15 55.06
CA SER A 3537 23.76 -6.11 55.74
C SER A 3537 24.98 -5.42 56.35
N GLU A 3538 25.55 -4.48 55.64
CA GLU A 3538 26.78 -3.89 56.14
C GLU A 3538 26.56 -2.97 57.29
N SER A 3539 25.38 -2.92 57.88
CA SER A 3539 25.18 -2.07 59.05
C SER A 3539 24.74 -2.85 60.28
N TYR A 3540 23.79 -3.77 60.12
CA TYR A 3540 23.12 -4.34 61.29
C TYR A 3540 23.96 -5.43 61.95
N SER A 3541 24.00 -5.39 63.28
CA SER A 3541 24.71 -6.33 64.10
C SER A 3541 23.76 -6.89 65.16
N PHE A 3542 23.99 -8.14 65.53
CA PHE A 3542 23.11 -8.83 66.45
C PHE A 3542 23.63 -8.67 67.88
N LYS A 3543 23.52 -7.44 68.39
CA LYS A 3543 23.84 -7.19 69.79
C LYS A 3543 22.67 -7.59 70.68
N ASP A 3544 22.21 -8.83 70.52
CA ASP A 3544 21.20 -9.42 71.39
C ASP A 3544 21.71 -10.67 72.08
N THR A 3545 22.33 -11.57 71.32
CA THR A 3545 23.01 -12.75 71.85
C THR A 3545 22.06 -13.69 72.59
N SER A 3546 20.78 -13.35 72.65
CA SER A 3546 19.78 -14.19 73.27
C SER A 3546 18.83 -14.78 72.24
N THR A 3547 18.16 -13.93 71.46
CA THR A 3547 17.40 -14.37 70.30
C THR A 3547 18.15 -14.14 69.00
N GLY A 3548 19.30 -13.47 69.05
CA GLY A 3548 20.01 -13.15 67.83
C GLY A 3548 20.37 -14.37 67.02
N HIS A 3549 20.91 -15.40 67.66
CA HIS A 3549 21.40 -16.57 66.95
C HIS A 3549 20.29 -17.26 66.18
N LYS A 3550 19.03 -17.01 66.53
CA LYS A 3550 17.89 -17.52 65.80
C LYS A 3550 17.58 -16.69 64.56
N ASN A 3551 18.16 -15.51 64.44
CA ASN A 3551 18.06 -14.71 63.22
C ASN A 3551 19.33 -14.79 62.38
N LYS A 3552 20.48 -14.95 63.03
CA LYS A 3552 21.75 -14.91 62.35
C LYS A 3552 21.85 -16.03 61.32
N GLU A 3553 21.38 -17.23 61.68
CA GLU A 3553 21.46 -18.33 60.74
C GLU A 3553 20.59 -18.05 59.52
N PHE A 3554 19.44 -17.42 59.72
CA PHE A 3554 18.62 -17.08 58.58
C PHE A 3554 19.29 -16.01 57.72
N VAL A 3555 19.91 -15.02 58.36
CA VAL A 3555 20.56 -13.95 57.61
C VAL A 3555 21.71 -14.51 56.78
N ALA A 3556 22.58 -15.30 57.38
CA ALA A 3556 23.65 -15.93 56.63
C ALA A 3556 23.10 -16.85 55.55
N ARG A 3557 22.01 -17.56 55.85
CA ARG A 3557 21.44 -18.47 54.89
C ARG A 3557 20.98 -17.73 53.64
N ILE A 3558 20.30 -16.62 53.84
CA ILE A 3558 19.80 -15.90 52.67
C ILE A 3558 20.93 -15.16 51.97
N LYS A 3559 21.96 -14.76 52.71
CA LYS A 3559 23.11 -14.14 52.05
C LYS A 3559 23.79 -15.14 51.13
N SER A 3560 23.99 -16.36 51.61
CA SER A 3560 24.53 -17.42 50.76
C SER A 3560 23.58 -17.73 49.61
N LYS A 3561 22.28 -17.59 49.83
CA LYS A 3561 21.32 -17.82 48.76
C LYS A 3561 21.36 -16.73 47.71
N LEU A 3562 21.78 -15.51 48.09
CA LEU A 3562 21.78 -14.38 47.18
C LEU A 3562 23.12 -14.16 46.50
N ASP A 3563 24.21 -14.66 47.05
CA ASP A 3563 25.51 -14.61 46.38
C ASP A 3563 25.59 -15.79 45.42
N GLN A 3564 25.08 -15.61 44.20
CA GLN A 3564 24.99 -16.74 43.28
C GLN A 3564 26.35 -17.11 42.71
N GLY A 3565 27.03 -16.17 42.08
CA GLY A 3565 28.34 -16.43 41.54
C GLY A 3565 29.26 -15.24 41.71
N GLY A 3566 28.77 -14.23 42.42
CA GLY A 3566 29.52 -12.99 42.57
C GLY A 3566 29.38 -12.03 41.43
N VAL A 3567 28.39 -12.20 40.55
CA VAL A 3567 28.21 -11.23 39.48
C VAL A 3567 27.73 -9.89 40.02
N ILE A 3568 26.88 -9.88 41.04
CA ILE A 3568 26.45 -8.61 41.62
C ILE A 3568 27.64 -7.90 42.26
N GLN A 3569 28.40 -8.63 43.07
CA GLN A 3569 29.55 -8.02 43.72
C GLN A 3569 30.58 -7.59 42.70
N ASP A 3570 30.67 -8.30 41.59
CA ASP A 3570 31.54 -7.85 40.51
C ASP A 3570 31.04 -6.56 39.91
N PHE A 3571 29.73 -6.44 39.72
CA PHE A 3571 29.15 -5.21 39.21
C PHE A 3571 29.49 -4.05 40.12
N ILE A 3572 29.36 -4.25 41.42
CA ILE A 3572 29.66 -3.18 42.37
C ILE A 3572 31.14 -2.85 42.38
N ASN A 3573 32.00 -3.87 42.40
CA ASN A 3573 33.42 -3.62 42.45
C ASN A 3573 33.95 -3.06 41.14
N ALA A 3574 33.19 -3.18 40.06
CA ALA A 3574 33.57 -2.55 38.81
C ALA A 3574 33.08 -1.12 38.77
N LEU A 3575 31.86 -0.86 39.24
CA LEU A 3575 31.34 0.49 39.24
C LEU A 3575 32.17 1.39 40.13
N ASP A 3576 32.58 0.91 41.30
CA ASP A 3576 33.33 1.82 42.15
C ASP A 3576 34.80 1.89 41.79
N GLN A 3577 35.17 1.45 40.59
CA GLN A 3577 36.44 1.86 40.03
C GLN A 3577 36.35 3.27 39.49
N LEU A 3578 35.20 3.62 38.92
CA LEU A 3578 34.99 4.93 38.35
C LEU A 3578 35.10 6.03 39.38
N SER A 3579 34.81 5.74 40.65
CA SER A 3579 34.84 6.77 41.68
C SER A 3579 36.24 7.34 41.80
N ASN A 3580 36.32 8.64 42.00
CA ASN A 3580 37.63 9.28 42.07
C ASN A 3580 38.37 8.86 43.33
N PRO A 3581 39.59 8.35 43.21
CA PRO A 3581 40.35 8.01 44.42
C PRO A 3581 40.57 9.21 45.32
N GLU A 3582 40.79 10.38 44.75
CA GLU A 3582 40.98 11.57 45.57
C GLU A 3582 39.72 11.90 46.35
N LEU A 3583 38.55 11.81 45.72
CA LEU A 3583 37.31 12.09 46.44
C LEU A 3583 37.06 11.06 47.53
N LEU A 3584 37.31 9.79 47.22
CA LEU A 3584 37.13 8.75 48.24
C LEU A 3584 38.07 8.96 49.41
N PHE A 3585 39.32 9.32 49.12
CA PHE A 3585 40.28 9.61 50.17
C PHE A 3585 39.82 10.82 50.98
N LYS A 3586 39.31 11.85 50.31
CA LYS A 3586 38.83 13.02 51.02
C LYS A 3586 37.69 12.66 51.97
N ASP A 3587 36.75 11.83 51.50
CA ASP A 3587 35.62 11.45 52.34
C ASP A 3587 36.07 10.62 53.53
N TRP A 3588 36.94 9.63 53.28
CA TRP A 3588 37.43 8.81 54.39
C TRP A 3588 38.21 9.64 55.39
N SER A 3589 39.02 10.57 54.89
CA SER A 3589 39.79 11.44 55.78
C SER A 3589 38.87 12.33 56.59
N ASN A 3590 37.83 12.90 55.97
CA ASN A 3590 36.89 13.72 56.72
C ASN A 3590 36.21 12.91 57.80
N ASP A 3591 35.83 11.66 57.48
CA ASP A 3591 35.18 10.82 58.47
C ASP A 3591 36.11 10.52 59.64
N VAL A 3592 37.38 10.23 59.36
CA VAL A 3592 38.29 9.94 60.46
C VAL A 3592 38.61 11.22 61.25
N ARG A 3593 38.61 12.38 60.58
CA ARG A 3593 38.78 13.65 61.30
C ARG A 3593 37.62 13.87 62.26
N ALA A 3594 36.41 13.55 61.82
CA ALA A 3594 35.23 13.65 62.67
C ALA A 3594 35.16 12.53 63.70
N GLU A 3595 36.15 11.63 63.73
CA GLU A 3595 36.17 10.55 64.72
C GLU A 3595 36.69 11.13 66.04
N LEU A 3596 35.77 11.72 66.79
CA LEU A 3596 36.03 12.26 68.13
C LEU A 3596 37.19 13.27 68.09
N ALA A 3597 36.92 14.39 67.43
CA ALA A 3597 37.92 15.44 67.30
C ALA A 3597 38.10 16.21 68.60
N LYS A 3598 37.05 16.88 69.07
CA LYS A 3598 37.16 17.79 70.21
C LYS A 3598 37.08 17.08 71.56
N THR A 3599 36.85 15.77 71.57
CA THR A 3599 37.02 14.94 72.76
C THR A 3599 37.87 13.73 72.39
N PRO A 3600 38.71 13.26 73.31
CA PRO A 3600 39.65 12.18 72.94
C PRO A 3600 38.92 10.96 72.41
N VAL A 3601 39.52 10.32 71.41
CA VAL A 3601 38.88 9.21 70.72
C VAL A 3601 38.91 7.99 71.62
N ASN A 3602 37.81 7.73 72.32
CA ASN A 3602 37.70 6.61 73.24
C ASN A 3602 37.37 5.31 72.53
N LYS A 3603 37.48 5.29 71.19
CA LYS A 3603 37.33 4.08 70.40
C LYS A 3603 38.66 3.78 69.72
N LYS A 3604 39.07 2.51 69.78
CA LYS A 3604 40.22 2.04 69.01
C LYS A 3604 39.91 0.82 68.15
N ASN A 3605 38.82 0.10 68.43
CA ASN A 3605 38.43 -1.02 67.58
C ASN A 3605 37.72 -0.55 66.32
N ILE A 3606 37.00 0.58 66.39
CA ILE A 3606 36.19 1.05 65.28
C ILE A 3606 37.03 1.54 64.11
N GLU A 3607 38.35 1.63 64.26
CA GLU A 3607 39.20 2.18 63.22
C GLU A 3607 39.49 1.19 62.11
N LYS A 3608 38.64 0.18 61.93
CA LYS A 3608 38.72 -0.67 60.75
C LYS A 3608 38.38 0.08 59.48
N MET A 3609 37.86 1.31 59.58
CA MET A 3609 37.65 2.11 58.37
C MET A 3609 38.95 2.33 57.62
N TYR A 3610 40.09 2.37 58.33
CA TYR A 3610 41.36 2.52 57.65
C TYR A 3610 41.61 1.38 56.69
N GLU A 3611 41.47 0.14 57.16
CA GLU A 3611 41.71 -1.00 56.28
C GLU A 3611 40.61 -1.15 55.24
N ARG A 3612 39.37 -0.75 55.58
CA ARG A 3612 38.31 -0.73 54.57
C ARG A 3612 38.67 0.19 53.43
N MET A 3613 39.26 1.34 53.74
CA MET A 3613 39.72 2.25 52.69
C MET A 3613 40.92 1.66 51.95
N TYR A 3614 41.88 1.12 52.69
CA TYR A 3614 43.10 0.60 52.08
C TYR A 3614 42.81 -0.53 51.12
N ALA A 3615 41.73 -1.29 51.36
CA ALA A 3615 41.38 -2.38 50.46
C ALA A 3615 41.11 -1.87 49.05
N ALA A 3616 40.75 -0.60 48.89
CA ALA A 3616 40.53 -0.02 47.58
C ALA A 3616 41.56 1.03 47.20
N LEU A 3617 42.33 1.54 48.16
CA LEU A 3617 43.39 2.52 47.89
C LEU A 3617 44.65 2.00 48.55
N GLY A 3618 45.37 1.13 47.85
CA GLY A 3618 46.53 0.44 48.39
C GLY A 3618 46.45 -1.03 48.05
N ASP A 3619 47.57 -1.75 48.17
CA ASP A 3619 47.62 -3.16 47.80
C ASP A 3619 47.22 -3.34 46.34
N PRO A 3620 48.11 -2.97 45.41
CA PRO A 3620 47.76 -2.99 43.98
C PRO A 3620 47.14 -4.28 43.47
N LYS A 3621 47.26 -5.35 44.25
CA LYS A 3621 46.63 -6.62 43.90
C LYS A 3621 45.23 -6.65 44.50
N ALA A 3622 44.23 -6.54 43.65
CA ALA A 3622 42.83 -6.44 44.08
C ALA A 3622 41.94 -6.63 42.85
N PRO A 3623 40.62 -6.88 43.05
CA PRO A 3623 39.83 -7.54 41.98
C PRO A 3623 39.81 -6.88 40.61
N GLY A 3624 39.32 -5.65 40.49
CA GLY A 3624 39.02 -5.13 39.18
C GLY A 3624 39.69 -3.82 38.80
N LEU A 3625 40.93 -3.62 39.24
CA LEU A 3625 41.61 -2.35 39.03
C LEU A 3625 41.95 -2.14 37.57
N GLY A 3626 42.30 -0.90 37.24
CA GLY A 3626 42.78 -0.55 35.93
C GLY A 3626 43.76 0.60 35.98
N ALA A 3627 43.93 1.30 34.87
CA ALA A 3627 44.92 2.37 34.83
C ALA A 3627 44.59 3.48 35.82
N PHE A 3628 43.32 3.89 35.88
CA PHE A 3628 42.99 5.14 36.57
C PHE A 3628 43.36 5.07 38.05
N ARG A 3629 43.02 3.98 38.72
CA ARG A 3629 43.38 3.85 40.11
C ARG A 3629 44.69 3.13 40.33
N ARG A 3630 45.17 2.39 39.32
CA ARG A 3630 46.49 1.80 39.42
C ARG A 3630 47.56 2.87 39.51
N LYS A 3631 47.41 3.94 38.72
CA LYS A 3631 48.35 5.05 38.81
C LYS A 3631 48.31 5.70 40.18
N PHE A 3632 47.11 5.86 40.75
CA PHE A 3632 47.01 6.43 42.07
C PHE A 3632 47.72 5.56 43.10
N ILE A 3633 47.55 4.24 43.01
CA ILE A 3633 48.27 3.37 43.93
C ILE A 3633 49.77 3.50 43.73
N GLN A 3634 50.21 3.54 42.46
CA GLN A 3634 51.62 3.76 42.16
C GLN A 3634 52.15 4.99 42.87
N THR A 3635 51.36 6.06 42.88
CA THR A 3635 51.86 7.32 43.44
C THR A 3635 51.78 7.33 44.96
N PHE A 3636 50.58 7.19 45.52
CA PHE A 3636 50.38 7.32 46.96
C PHE A 3636 50.21 5.99 47.68
N GLY A 3637 49.74 4.95 46.98
CA GLY A 3637 49.51 3.68 47.65
C GLY A 3637 50.76 2.98 48.10
N LYS A 3638 51.81 3.00 47.28
CA LYS A 3638 53.00 2.19 47.56
C LYS A 3638 53.69 2.64 48.84
N GLU A 3639 53.96 3.94 48.96
CA GLU A 3639 54.76 4.45 50.06
C GLU A 3639 53.96 5.37 50.97
N PHE A 3640 53.20 6.31 50.42
CA PHE A 3640 52.69 7.42 51.20
C PHE A 3640 51.74 6.95 52.30
N ASP A 3641 50.85 6.02 51.98
CA ASP A 3641 49.90 5.57 53.00
C ASP A 3641 50.61 4.88 54.16
N LYS A 3642 51.67 4.14 53.88
CA LYS A 3642 52.42 3.50 54.95
C LYS A 3642 53.26 4.49 55.73
N HIS A 3643 53.90 5.42 55.04
CA HIS A 3643 54.78 6.39 55.70
C HIS A 3643 53.97 7.33 56.59
N PHE A 3644 52.83 7.80 56.08
CA PHE A 3644 51.92 8.65 56.84
C PHE A 3644 50.65 7.86 57.11
N GLY A 3645 50.50 7.39 58.35
CA GLY A 3645 49.36 6.59 58.72
C GLY A 3645 49.61 5.12 58.51
N LYS A 3646 50.71 4.62 59.07
CA LYS A 3646 51.10 3.23 58.90
C LYS A 3646 50.03 2.31 59.47
N GLY A 3647 49.72 1.26 58.72
CA GLY A 3647 48.54 0.45 59.02
C GLY A 3647 48.64 -0.31 60.34
N GLY A 3648 49.82 -0.40 60.92
CA GLY A 3648 50.00 -1.10 62.18
C GLY A 3648 50.07 -0.21 63.41
N SER A 3649 50.93 0.81 63.37
CA SER A 3649 51.23 1.62 64.54
C SER A 3649 50.82 3.07 64.39
N LYS A 3650 51.20 3.71 63.28
CA LYS A 3650 50.98 5.14 63.10
C LYS A 3650 49.50 5.52 63.00
N LEU A 3651 48.60 4.55 63.10
CA LEU A 3651 47.17 4.87 63.13
C LEU A 3651 46.59 4.86 64.53
N LEU A 3652 47.39 4.63 65.56
CA LEU A 3652 46.96 4.74 66.95
C LEU A 3652 47.56 5.98 67.61
N ARG A 3653 47.62 7.08 66.88
CA ARG A 3653 48.11 8.35 67.39
C ARG A 3653 47.01 9.39 67.36
N MET A 3654 46.95 10.19 68.41
CA MET A 3654 45.84 11.12 68.65
C MET A 3654 46.32 12.55 68.50
N LYS A 3655 46.24 13.07 67.27
CA LYS A 3655 46.62 14.45 66.99
C LYS A 3655 45.44 15.28 66.50
N LEU A 3656 44.70 14.78 65.51
CA LEU A 3656 43.45 15.37 65.03
C LEU A 3656 43.70 16.70 64.31
N SER A 3657 44.94 17.15 64.31
CA SER A 3657 45.39 18.26 63.47
C SER A 3657 46.56 17.84 62.59
N ASP A 3658 47.40 16.92 63.06
CA ASP A 3658 48.38 16.30 62.17
C ASP A 3658 47.69 15.57 61.04
N PHE A 3659 46.50 14.99 61.30
CA PHE A 3659 45.65 14.52 60.21
C PHE A 3659 45.42 15.62 59.18
N ASN A 3660 44.98 16.80 59.64
CA ASN A 3660 44.60 17.86 58.72
C ASN A 3660 45.79 18.32 57.91
N ASP A 3661 46.94 18.53 58.57
CA ASP A 3661 48.10 19.07 57.87
C ASP A 3661 48.85 18.02 57.08
N ILE A 3662 48.60 16.73 57.32
CA ILE A 3662 49.18 15.72 56.44
C ILE A 3662 48.24 15.37 55.31
N THR A 3663 46.96 15.71 55.42
CA THR A 3663 46.02 15.33 54.38
C THR A 3663 45.69 16.47 53.43
N ASN A 3664 45.76 17.72 53.89
CA ASN A 3664 45.48 18.83 52.99
C ASN A 3664 46.50 18.90 51.86
N MET A 3665 47.76 18.62 52.17
CA MET A 3665 48.77 18.66 51.11
C MET A 3665 48.67 17.46 50.18
N LEU A 3666 48.27 16.28 50.67
CA LEU A 3666 47.91 15.22 49.72
C LEU A 3666 46.74 15.62 48.84
N LEU A 3667 45.73 16.28 49.39
CA LEU A 3667 44.58 16.65 48.55
C LEU A 3667 45.00 17.66 47.47
N LEU A 3668 45.78 18.66 47.85
CA LEU A 3668 46.32 19.59 46.85
C LEU A 3668 47.43 18.96 46.03
N LYS A 3669 47.82 17.73 46.34
CA LYS A 3669 48.70 16.96 45.47
C LYS A 3669 47.93 16.15 44.45
N MET A 3670 46.83 15.51 44.86
CA MET A 3670 45.98 14.82 43.89
C MET A 3670 45.36 15.79 42.91
N ASN A 3671 44.88 16.95 43.37
CA ASN A 3671 44.28 17.85 42.39
C ASN A 3671 45.32 18.37 41.41
N LYS A 3672 46.61 18.26 41.76
CA LYS A 3672 47.67 18.68 40.85
C LYS A 3672 47.71 17.80 39.60
N ASP A 3673 47.77 16.49 39.77
CA ASP A 3673 47.97 15.55 38.68
C ASP A 3673 47.03 14.35 38.81
N SER A 3674 45.75 14.63 39.01
CA SER A 3674 44.74 13.61 39.23
C SER A 3674 43.92 13.34 37.97
N LYS A 3675 44.59 13.29 36.83
CA LYS A 3675 43.97 13.03 35.53
C LYS A 3675 42.92 14.09 35.21
N PRO A 3676 43.33 15.32 34.91
CA PRO A 3676 42.38 16.33 34.45
C PRO A 3676 41.64 15.85 33.21
N PRO A 3677 42.27 15.09 32.31
CA PRO A 3677 41.47 14.26 31.41
C PRO A 3677 40.81 13.14 32.23
N GLY A 3678 39.49 13.09 32.19
CA GLY A 3678 38.78 12.27 33.15
C GLY A 3678 39.16 10.81 33.09
N ASN A 3679 38.69 10.09 32.07
CA ASN A 3679 39.03 8.69 31.84
C ASN A 3679 38.33 8.23 30.56
N LEU A 3680 38.59 6.98 30.20
CA LEU A 3680 37.81 6.26 29.20
C LEU A 3680 37.64 4.84 29.70
N LYS A 3681 36.61 4.16 29.18
CA LYS A 3681 36.18 2.92 29.81
C LYS A 3681 37.24 1.82 29.71
N GLU A 3682 38.04 1.78 28.66
CA GLU A 3682 38.98 0.68 28.48
C GLU A 3682 40.13 0.71 29.48
N CYS A 3683 40.30 1.79 30.25
CA CYS A 3683 41.40 1.80 31.19
C CYS A 3683 40.99 1.42 32.60
N SER A 3684 39.92 1.99 33.14
CA SER A 3684 39.62 1.76 34.56
C SER A 3684 39.11 0.35 34.86
N PRO A 3685 37.88 -0.04 34.46
CA PRO A 3685 37.33 -1.31 34.96
C PRO A 3685 37.55 -2.52 34.07
N TRP A 3686 36.96 -3.65 34.47
CA TRP A 3686 36.65 -4.76 33.57
C TRP A 3686 35.30 -4.58 32.91
N MET A 3687 34.60 -3.50 33.24
CA MET A 3687 33.29 -3.21 32.68
C MET A 3687 33.34 -3.20 31.16
N SER A 3688 34.50 -2.87 30.59
CA SER A 3688 34.68 -2.93 29.14
C SER A 3688 34.47 -4.33 28.61
N ASP A 3689 35.07 -5.32 29.26
CA ASP A 3689 35.05 -6.71 28.80
C ASP A 3689 33.75 -7.43 29.11
N PHE A 3690 32.72 -6.71 29.53
CA PHE A 3690 31.52 -7.41 29.96
C PHE A 3690 30.83 -8.00 28.75
N LYS A 3691 31.17 -9.25 28.45
CA LYS A 3691 30.49 -10.03 27.42
C LYS A 3691 29.51 -10.95 28.14
N VAL A 3692 28.28 -11.01 27.65
CA VAL A 3692 27.30 -11.84 28.33
C VAL A 3692 27.68 -13.29 28.07
N GLU A 3693 28.40 -13.88 29.02
CA GLU A 3693 28.89 -15.23 28.81
C GLU A 3693 27.78 -16.21 29.16
N PHE A 3694 28.11 -17.49 29.19
CA PHE A 3694 27.16 -18.53 28.86
C PHE A 3694 26.81 -19.35 30.11
N LEU A 3695 25.53 -19.72 30.20
CA LEU A 3695 24.98 -20.59 31.24
C LEU A 3695 24.88 -19.88 32.59
N ARG A 3696 25.46 -18.69 32.70
CA ARG A 3696 25.35 -17.85 33.89
C ARG A 3696 25.93 -16.49 33.53
N ASN A 3697 26.16 -15.66 34.56
CA ASN A 3697 26.51 -14.24 34.39
C ASN A 3697 25.31 -13.45 33.85
N GLU A 3698 24.14 -13.70 34.44
CA GLU A 3698 22.92 -13.03 34.07
C GLU A 3698 22.63 -11.92 35.07
N LEU A 3699 22.67 -10.69 34.59
CA LEU A 3699 22.62 -9.49 35.41
C LEU A 3699 21.75 -8.47 34.71
N GLU A 3700 20.88 -7.80 35.46
CA GLU A 3700 19.89 -6.92 34.86
C GLU A 3700 19.98 -5.51 35.41
N ILE A 3701 19.61 -4.55 34.56
CA ILE A 3701 19.83 -3.13 34.83
C ILE A 3701 19.12 -2.76 36.12
N PRO A 3702 19.82 -2.21 37.10
CA PRO A 3702 19.21 -2.07 38.42
C PRO A 3702 17.99 -1.18 38.41
N GLY A 3703 17.07 -1.45 39.33
CA GLY A 3703 15.96 -0.55 39.57
C GLY A 3703 14.79 -0.72 38.63
N GLN A 3704 14.31 -1.95 38.47
CA GLN A 3704 13.18 -2.22 37.62
C GLN A 3704 12.00 -2.88 38.34
N TYR A 3705 12.17 -3.27 39.59
CA TYR A 3705 11.07 -3.81 40.38
C TYR A 3705 10.43 -2.64 41.11
N ASP A 3706 9.44 -2.05 40.47
CA ASP A 3706 8.55 -1.11 41.13
C ASP A 3706 7.48 -1.92 41.87
N GLY A 3707 7.22 -1.57 43.12
CA GLY A 3707 6.41 -2.43 43.96
C GLY A 3707 5.05 -2.71 43.37
N ARG A 3708 4.54 -1.81 42.56
CA ARG A 3708 3.17 -1.88 42.08
C ARG A 3708 3.09 -2.97 41.02
N GLY A 3709 1.91 -3.15 40.45
CA GLY A 3709 1.76 -3.96 39.27
C GLY A 3709 1.68 -5.44 39.58
N LYS A 3710 1.59 -6.21 38.50
CA LYS A 3710 1.57 -7.66 38.52
C LYS A 3710 2.73 -8.18 39.36
N PRO A 3711 2.65 -9.41 39.88
CA PRO A 3711 3.90 -10.09 40.23
C PRO A 3711 4.87 -9.97 39.07
N LEU A 3712 6.10 -9.65 39.39
CA LEU A 3712 6.98 -8.96 38.46
C LEU A 3712 7.59 -9.89 37.41
N PRO A 3713 7.08 -9.88 36.19
CA PRO A 3713 7.61 -10.79 35.17
C PRO A 3713 9.01 -10.43 34.76
N GLU A 3714 9.76 -11.41 34.27
CA GLU A 3714 11.14 -11.20 33.85
C GLU A 3714 11.23 -11.04 32.33
N TYR A 3715 10.62 -9.95 31.85
CA TYR A 3715 11.05 -9.31 30.62
C TYR A 3715 11.93 -8.11 30.91
N HIS A 3716 12.63 -8.14 32.03
CA HIS A 3716 13.37 -7.00 32.51
C HIS A 3716 14.75 -6.94 31.89
N VAL A 3717 15.14 -5.74 31.47
CA VAL A 3717 16.33 -5.57 30.65
C VAL A 3717 17.56 -6.02 31.40
N ARG A 3718 18.35 -6.88 30.77
CA ARG A 3718 19.57 -7.40 31.34
C ARG A 3718 20.76 -6.70 30.72
N ILE A 3719 21.80 -6.47 31.52
CA ILE A 3719 22.97 -5.78 31.04
C ILE A 3719 23.69 -6.65 30.02
N ALA A 3720 23.92 -6.10 28.84
CA ALA A 3720 24.59 -6.81 27.76
C ALA A 3720 25.91 -6.16 27.39
N GLY A 3721 26.51 -5.42 28.32
CA GLY A 3721 27.76 -4.73 28.06
C GLY A 3721 27.63 -3.23 28.18
N PHE A 3722 28.74 -2.56 28.50
CA PHE A 3722 28.73 -1.13 28.75
C PHE A 3722 29.40 -0.38 27.61
N ASP A 3723 28.85 0.78 27.27
CA ASP A 3723 29.44 1.59 26.22
C ASP A 3723 30.75 2.20 26.69
N GLU A 3724 31.61 2.51 25.72
CA GLU A 3724 33.02 2.81 25.92
C GLU A 3724 33.29 4.31 26.04
N ARG A 3725 32.58 5.03 26.90
CA ARG A 3725 32.78 6.47 26.99
C ARG A 3725 32.20 6.96 28.30
N VAL A 3726 33.06 7.37 29.22
CA VAL A 3726 32.66 7.87 30.52
C VAL A 3726 32.73 9.38 30.49
N THR A 3727 31.58 10.04 30.54
CA THR A 3727 31.50 11.48 30.39
C THR A 3727 31.60 11.93 31.83
N VAL A 3728 32.56 12.76 32.13
CA VAL A 3728 32.58 13.32 33.46
C VAL A 3728 31.97 14.69 33.37
N MET A 3729 31.85 15.39 34.50
CA MET A 3729 31.28 16.72 34.54
C MET A 3729 32.14 17.60 35.42
N ALA A 3730 32.53 18.76 34.92
CA ALA A 3730 33.38 19.64 35.70
C ALA A 3730 32.86 20.13 37.06
N SER A 3731 32.14 19.28 37.79
CA SER A 3731 31.68 19.62 39.13
C SER A 3731 32.76 19.28 40.15
N LEU A 3732 32.46 19.48 41.42
CA LEU A 3732 33.39 19.13 42.48
C LEU A 3732 33.31 17.67 42.86
N ARG A 3733 32.10 17.12 42.97
CA ARG A 3733 31.97 15.70 43.26
C ARG A 3733 32.15 14.84 42.02
N ARG A 3734 32.10 15.43 40.83
CA ARG A 3734 32.33 14.73 39.57
C ARG A 3734 31.54 13.42 39.47
N PRO A 3735 30.24 13.49 39.26
CA PRO A 3735 29.50 12.28 38.91
C PRO A 3735 30.14 11.92 37.58
N LYS A 3736 30.20 10.62 37.33
CA LYS A 3736 30.74 10.08 36.09
C LYS A 3736 29.58 9.35 35.41
N ARG A 3737 29.34 9.65 34.14
CA ARG A 3737 28.22 9.04 33.43
C ARG A 3737 28.60 7.92 32.46
N ILE A 3738 28.06 6.72 32.72
CA ILE A 3738 28.27 5.57 31.86
C ILE A 3738 27.07 5.38 30.97
N ILE A 3739 27.19 4.52 29.97
CA ILE A 3739 26.06 4.09 29.18
C ILE A 3739 26.06 2.58 29.17
N ILE A 3740 24.92 2.00 29.52
CA ILE A 3740 24.80 0.56 29.61
C ILE A 3740 23.96 0.07 28.45
N ARG A 3741 24.49 -0.84 27.65
CA ARG A 3741 23.70 -1.47 26.61
C ARG A 3741 22.95 -2.64 27.23
N GLY A 3742 21.67 -2.66 27.04
CA GLY A 3742 20.90 -3.81 27.45
C GLY A 3742 20.48 -4.64 26.28
N HIS A 3743 20.15 -5.90 26.56
CA HIS A 3743 19.75 -6.81 25.50
C HIS A 3743 18.44 -6.41 24.83
N ASP A 3744 17.84 -5.30 25.21
CA ASP A 3744 16.64 -4.84 24.54
C ASP A 3744 16.95 -4.04 23.28
N GLU A 3745 18.18 -4.09 22.79
CA GLU A 3745 18.59 -3.30 21.62
C GLU A 3745 18.36 -1.81 21.85
N ARG A 3746 18.77 -1.32 23.02
CA ARG A 3746 18.73 0.10 23.33
C ARG A 3746 19.94 0.45 24.17
N GLU A 3747 20.08 1.74 24.47
CA GLU A 3747 21.15 2.22 25.34
C GLU A 3747 20.53 3.01 26.48
N HIS A 3748 20.94 2.68 27.70
CA HIS A 3748 20.33 3.24 28.91
C HIS A 3748 21.36 4.02 29.69
N PRO A 3749 21.50 5.32 29.46
CA PRO A 3749 22.51 6.08 30.19
C PRO A 3749 22.20 6.07 31.67
N PHE A 3750 23.24 5.97 32.49
CA PHE A 3750 23.08 5.98 33.92
C PHE A 3750 24.13 6.89 34.48
N LEU A 3751 24.17 7.05 35.78
CA LEU A 3751 24.96 8.17 36.31
C LEU A 3751 25.58 7.74 37.64
N VAL A 3752 26.77 7.19 37.58
CA VAL A 3752 27.38 6.64 38.78
C VAL A 3752 27.72 7.72 39.78
N LYS A 3753 26.97 7.77 40.88
CA LYS A 3753 27.26 8.70 41.95
C LYS A 3753 28.46 8.03 42.62
N GLY A 3754 29.49 8.81 42.96
CA GLY A 3754 30.67 8.19 43.51
C GLY A 3754 30.58 7.67 44.93
N GLY A 3755 30.50 8.57 45.91
CA GLY A 3755 30.59 8.15 47.29
C GLY A 3755 29.49 8.73 48.16
N GLU A 3756 28.31 8.90 47.57
CA GLU A 3756 27.18 9.46 48.30
C GLU A 3756 26.10 8.43 48.53
N ASP A 3757 25.45 8.51 49.67
CA ASP A 3757 24.38 7.59 50.03
C ASP A 3757 23.10 8.02 49.35
N LEU A 3758 22.62 7.22 48.41
CA LEU A 3758 21.47 7.56 47.60
C LEU A 3758 20.16 7.12 48.23
N ARG A 3759 20.18 6.58 49.44
CA ARG A 3759 18.95 6.07 50.03
C ARG A 3759 17.94 7.19 50.23
N GLN A 3760 18.40 8.36 50.67
CA GLN A 3760 17.46 9.46 50.86
C GLN A 3760 16.84 9.89 49.55
N ASP A 3761 17.64 9.96 48.49
CA ASP A 3761 17.04 10.37 47.22
C ASP A 3761 16.10 9.31 46.71
N GLN A 3762 16.36 8.04 47.02
CA GLN A 3762 15.43 7.00 46.63
C GLN A 3762 14.11 7.13 47.37
N ARG A 3763 14.15 7.38 48.67
CA ARG A 3763 12.91 7.56 49.41
C ARG A 3763 12.16 8.78 48.91
N VAL A 3764 12.89 9.85 48.59
CA VAL A 3764 12.23 11.04 48.07
C VAL A 3764 11.54 10.73 46.75
N GLU A 3765 12.15 9.87 45.93
CA GLU A 3765 11.47 9.47 44.71
C GLU A 3765 10.28 8.57 44.99
N GLN A 3766 10.35 7.75 46.04
CA GLN A 3766 9.15 7.00 46.44
C GLN A 3766 8.04 7.96 46.81
N LEU A 3767 8.38 9.01 47.56
CA LEU A 3767 7.40 10.03 47.93
C LEU A 3767 6.79 10.67 46.69
N PHE A 3768 7.62 11.00 45.72
CA PHE A 3768 7.09 11.61 44.51
C PHE A 3768 6.20 10.65 43.77
N GLN A 3769 6.45 9.35 43.89
CA GLN A 3769 5.56 8.40 43.22
C GLN A 3769 4.22 8.30 43.93
N VAL A 3770 4.22 8.35 45.26
CA VAL A 3770 2.95 8.39 46.00
C VAL A 3770 2.17 9.65 45.63
N MET A 3771 2.86 10.78 45.58
CA MET A 3771 2.21 12.04 45.22
C MET A 3771 1.70 12.01 43.80
N ASN A 3772 2.41 11.33 42.90
CA ASN A 3772 1.87 11.15 41.57
C ASN A 3772 0.63 10.29 41.59
N GLY A 3773 0.58 9.31 42.48
CA GLY A 3773 -0.65 8.55 42.63
C GLY A 3773 -1.81 9.42 43.05
N ILE A 3774 -1.58 10.29 44.03
CA ILE A 3774 -2.63 11.21 44.47
C ILE A 3774 -3.04 12.14 43.36
N LEU A 3775 -2.07 12.71 42.65
CA LEU A 3775 -2.36 13.61 41.55
C LEU A 3775 -3.06 12.89 40.41
N ALA A 3776 -2.96 11.58 40.35
CA ALA A 3776 -3.71 10.86 39.34
C ALA A 3776 -5.05 10.34 39.83
N GLN A 3777 -5.30 10.40 41.14
CA GLN A 3777 -6.62 10.05 41.65
C GLN A 3777 -7.57 11.22 41.71
N ASP A 3778 -7.08 12.44 41.50
CA ASP A 3778 -7.88 13.63 41.62
C ASP A 3778 -8.47 13.98 40.27
N SER A 3779 -9.51 14.80 40.28
CA SER A 3779 -10.19 15.13 39.04
C SER A 3779 -9.56 16.34 38.36
N ALA A 3780 -9.36 17.43 39.10
CA ALA A 3780 -8.75 18.61 38.50
C ALA A 3780 -7.29 18.38 38.22
N CYS A 3781 -6.56 17.85 39.19
CA CYS A 3781 -5.15 17.55 39.01
C CYS A 3781 -4.90 16.54 37.91
N SER A 3782 -5.91 15.76 37.52
CA SER A 3782 -5.75 14.88 36.38
C SER A 3782 -6.21 15.51 35.08
N GLN A 3783 -7.25 16.34 35.10
CA GLN A 3783 -7.65 17.03 33.89
C GLN A 3783 -6.56 17.97 33.41
N ARG A 3784 -5.82 18.58 34.32
CA ARG A 3784 -4.68 19.39 33.91
C ARG A 3784 -3.44 18.56 33.59
N ALA A 3785 -3.54 17.24 33.67
CA ALA A 3785 -2.44 16.32 33.44
C ALA A 3785 -1.24 16.68 34.32
N LEU A 3786 -1.51 16.85 35.61
CA LEU A 3786 -0.48 17.23 36.56
C LEU A 3786 0.23 15.98 37.06
N GLN A 3787 1.53 15.89 36.82
CA GLN A 3787 2.31 14.73 37.23
C GLN A 3787 3.76 15.16 37.35
N LEU A 3788 4.34 14.92 38.52
CA LEU A 3788 5.75 15.18 38.73
C LEU A 3788 6.58 14.36 37.75
N ARG A 3789 7.87 14.66 37.70
CA ARG A 3789 8.79 13.95 36.83
C ARG A 3789 9.89 13.34 37.68
N THR A 3790 10.02 12.02 37.64
CA THR A 3790 10.92 11.29 38.51
C THR A 3790 11.83 10.39 37.69
N TYR A 3791 12.96 10.06 38.30
CA TYR A 3791 13.96 9.20 37.70
C TYR A 3791 14.33 8.13 38.71
N SER A 3792 14.74 6.98 38.21
CA SER A 3792 15.16 5.91 39.10
C SER A 3792 16.38 6.31 39.89
N VAL A 3793 16.40 5.97 41.17
CA VAL A 3793 17.61 6.05 41.97
C VAL A 3793 17.81 4.70 42.61
N VAL A 3794 18.97 4.09 42.38
CA VAL A 3794 19.18 2.72 42.80
C VAL A 3794 20.37 2.63 43.73
N PRO A 3795 20.22 2.84 44.98
CA PRO A 3795 21.38 2.71 45.86
C PRO A 3795 21.86 1.28 45.85
N MET A 3796 23.06 1.04 45.33
CA MET A 3796 23.62 -0.29 45.22
C MET A 3796 24.53 -0.63 46.37
N THR A 3797 24.82 0.32 47.24
CA THR A 3797 25.54 0.07 48.48
C THR A 3797 25.40 1.35 49.29
N SER A 3798 25.99 1.38 50.49
CA SER A 3798 25.98 2.60 51.27
C SER A 3798 26.85 3.69 50.66
N ARG A 3799 27.64 3.40 49.64
CA ARG A 3799 28.44 4.44 48.99
C ARG A 3799 28.47 4.25 47.48
N LEU A 3800 27.34 3.96 46.86
CA LEU A 3800 27.28 3.82 45.42
C LEU A 3800 25.83 3.95 44.98
N GLY A 3801 25.63 4.22 43.70
CA GLY A 3801 24.29 4.34 43.18
C GLY A 3801 24.29 4.42 41.67
N LEU A 3802 23.10 4.59 41.12
CA LEU A 3802 22.93 4.76 39.67
C LEU A 3802 21.63 5.50 39.45
N ILE A 3803 21.70 6.81 39.28
CA ILE A 3803 20.50 7.62 39.06
C ILE A 3803 20.11 7.65 37.60
N GLU A 3804 18.84 7.36 37.33
CA GLU A 3804 18.32 7.37 35.96
C GLU A 3804 18.40 8.61 35.08
N TRP A 3805 19.47 8.72 34.30
CA TRP A 3805 19.68 9.88 33.44
C TRP A 3805 18.65 10.14 32.34
N LEU A 3806 17.77 11.12 32.57
CA LEU A 3806 16.79 11.53 31.58
C LEU A 3806 17.49 12.12 30.37
N GLU A 3807 17.02 11.78 29.18
CA GLU A 3807 17.66 12.30 28.00
C GLU A 3807 17.05 13.65 27.62
N ASN A 3808 17.79 14.39 26.81
CA ASN A 3808 17.38 15.68 26.24
C ASN A 3808 17.01 16.67 27.34
N THR A 3809 17.88 16.79 28.34
CA THR A 3809 17.66 17.71 29.44
C THR A 3809 18.95 18.46 29.78
N VAL A 3810 18.82 19.75 30.13
CA VAL A 3810 19.97 20.57 30.47
C VAL A 3810 19.60 21.43 31.67
N THR A 3811 20.53 21.55 32.61
CA THR A 3811 20.25 22.26 33.84
C THR A 3811 19.72 23.65 33.54
N LEU A 3812 18.98 24.22 34.47
CA LEU A 3812 18.38 25.53 34.20
C LEU A 3812 19.46 26.56 33.99
N LYS A 3813 20.49 26.54 34.81
CA LYS A 3813 21.53 27.54 34.70
C LYS A 3813 22.19 27.51 33.34
N ASP A 3814 22.39 26.32 32.79
CA ASP A 3814 23.00 26.24 31.47
C ASP A 3814 22.03 26.69 30.39
N LEU A 3815 20.75 26.42 30.54
CA LEU A 3815 19.78 26.91 29.56
C LEU A 3815 19.72 28.43 29.56
N LEU A 3816 19.99 29.05 30.71
CA LEU A 3816 20.11 30.51 30.73
C LEU A 3816 21.43 30.95 30.10
N LEU A 3817 22.55 30.50 30.66
CA LEU A 3817 23.86 30.98 30.21
C LEU A 3817 24.11 30.72 28.73
N ASN A 3818 23.44 29.75 28.12
CA ASN A 3818 23.59 29.57 26.69
C ASN A 3818 23.08 30.78 25.93
N THR A 3819 21.96 31.35 26.37
CA THR A 3819 21.26 32.36 25.59
C THR A 3819 21.61 33.79 25.97
N MET A 3820 22.53 34.00 26.91
CA MET A 3820 23.09 35.34 27.01
C MET A 3820 23.97 35.64 25.81
N SER A 3821 24.03 36.92 25.44
CA SER A 3821 25.01 37.35 24.46
C SER A 3821 26.41 37.15 25.00
N GLN A 3822 27.40 37.32 24.13
CA GLN A 3822 28.75 36.96 24.50
C GLN A 3822 29.32 37.92 25.55
N GLU A 3823 29.39 39.21 25.22
CA GLU A 3823 29.93 40.17 26.17
C GLU A 3823 29.03 40.29 27.39
N GLU A 3824 27.72 40.18 27.17
CA GLU A 3824 26.74 40.18 28.26
C GLU A 3824 27.03 39.09 29.26
N LYS A 3825 27.19 37.86 28.77
CA LYS A 3825 27.53 36.73 29.62
C LYS A 3825 28.87 36.94 30.30
N ALA A 3826 29.88 37.39 29.55
CA ALA A 3826 31.20 37.55 30.12
C ALA A 3826 31.19 38.58 31.24
N ALA A 3827 30.48 39.69 31.03
CA ALA A 3827 30.32 40.69 32.07
C ALA A 3827 29.61 40.10 33.28
N TYR A 3828 28.52 39.37 33.06
CA TYR A 3828 27.79 38.84 34.21
C TYR A 3828 28.67 37.92 35.04
N LEU A 3829 29.43 37.04 34.39
CA LEU A 3829 30.30 36.15 35.16
C LEU A 3829 31.45 36.90 35.80
N SER A 3830 31.96 37.95 35.14
CA SER A 3830 33.20 38.62 35.57
C SER A 3830 33.07 40.13 35.33
N ASP A 3831 32.65 40.85 36.37
CA ASP A 3831 32.50 42.31 36.37
C ASP A 3831 32.29 42.75 37.81
N PRO A 3832 33.02 43.74 38.32
CA PRO A 3832 32.65 44.28 39.63
C PRO A 3832 31.28 44.94 39.64
N ARG A 3833 30.73 45.28 38.47
CA ARG A 3833 29.34 45.67 38.38
C ARG A 3833 28.40 44.48 38.34
N ALA A 3834 28.91 43.29 38.04
CA ALA A 3834 28.06 42.13 37.89
C ALA A 3834 27.47 41.73 39.24
N PRO A 3835 26.24 41.22 39.24
CA PRO A 3835 25.55 40.90 40.49
C PRO A 3835 26.32 39.93 41.36
N PRO A 3836 26.97 38.89 40.82
CA PRO A 3836 27.62 37.92 41.72
C PRO A 3836 28.67 38.54 42.62
N CYS A 3837 29.39 39.54 42.14
CA CYS A 3837 30.35 40.26 42.97
C CYS A 3837 29.74 41.46 43.64
N GLU A 3838 28.69 42.04 43.05
CA GLU A 3838 28.03 43.19 43.64
C GLU A 3838 27.33 42.81 44.94
N TYR A 3839 26.77 41.61 45.00
CA TYR A 3839 26.15 41.15 46.24
C TYR A 3839 27.18 40.97 47.34
N LYS A 3840 28.32 40.36 47.01
CA LYS A 3840 29.40 40.25 47.98
C LYS A 3840 29.86 41.63 48.41
N ASP A 3841 29.95 42.56 47.47
CA ASP A 3841 30.36 43.92 47.79
C ASP A 3841 29.37 44.58 48.74
N TRP A 3842 28.08 44.40 48.52
CA TRP A 3842 27.09 45.01 49.41
C TRP A 3842 27.12 44.37 50.79
N LEU A 3843 27.28 43.05 50.85
CA LEU A 3843 27.41 42.40 52.15
C LEU A 3843 28.60 42.96 52.91
N THR A 3844 29.73 43.11 52.22
CA THR A 3844 30.90 43.72 52.86
C THR A 3844 30.62 45.16 53.27
N LYS A 3845 29.94 45.90 52.39
CA LYS A 3845 29.76 47.34 52.59
C LYS A 3845 28.94 47.63 53.82
N MET A 3846 27.80 46.96 53.96
CA MET A 3846 26.97 47.25 55.12
C MET A 3846 27.27 46.35 56.30
N SER A 3847 28.25 45.45 56.19
CA SER A 3847 28.63 44.59 57.29
C SER A 3847 30.05 44.12 57.07
N GLY A 3848 30.90 44.32 58.06
CA GLY A 3848 32.30 43.99 57.90
C GLY A 3848 32.54 42.49 57.79
N LYS A 3849 33.82 42.14 57.86
CA LYS A 3849 34.31 40.75 57.93
C LYS A 3849 33.64 39.86 56.88
N HIS A 3850 33.92 40.17 55.61
CA HIS A 3850 33.48 39.36 54.49
C HIS A 3850 33.77 37.88 54.72
N ASP A 3851 32.72 37.07 54.83
CA ASP A 3851 32.85 35.68 55.23
C ASP A 3851 31.48 35.00 55.17
N VAL A 3852 31.43 33.70 55.49
CA VAL A 3852 30.13 33.06 55.64
C VAL A 3852 29.39 33.62 56.84
N GLY A 3853 30.13 34.13 57.83
CA GLY A 3853 29.54 34.71 59.01
C GLY A 3853 29.04 36.13 58.85
N ALA A 3854 29.17 36.69 57.65
CA ALA A 3854 28.70 38.06 57.42
C ALA A 3854 27.19 38.15 57.43
N TYR A 3855 26.50 37.07 57.05
CA TYR A 3855 25.05 37.13 56.94
C TYR A 3855 24.39 37.36 58.29
N MET A 3856 24.93 36.76 59.34
CA MET A 3856 24.40 36.97 60.69
C MET A 3856 24.36 38.45 61.04
N LEU A 3857 25.47 39.15 60.83
CA LEU A 3857 25.48 40.57 61.12
C LEU A 3857 24.66 41.35 60.11
N MET A 3858 24.58 40.84 58.89
CA MET A 3858 23.84 41.55 57.84
C MET A 3858 22.37 41.65 58.19
N TYR A 3859 21.78 40.56 58.67
CA TYR A 3859 20.38 40.62 59.09
C TYR A 3859 20.15 41.69 60.13
N LYS A 3860 20.90 41.67 61.23
CA LYS A 3860 20.57 42.60 62.30
C LYS A 3860 21.15 43.98 62.08
N GLY A 3861 21.90 44.19 61.00
CA GLY A 3861 22.34 45.53 60.68
C GLY A 3861 21.58 46.14 59.52
N ALA A 3862 20.76 45.35 58.85
CA ALA A 3862 20.08 45.83 57.67
C ALA A 3862 18.70 46.40 58.01
N ASN A 3863 18.10 47.03 57.01
CA ASN A 3863 16.75 47.58 57.12
C ASN A 3863 15.97 47.13 55.90
N ARG A 3864 14.65 47.02 56.06
CA ARG A 3864 13.83 46.47 54.99
C ARG A 3864 13.88 47.34 53.75
N THR A 3865 13.88 48.67 53.91
CA THR A 3865 13.84 49.58 52.78
C THR A 3865 15.13 49.54 51.98
N GLU A 3866 16.28 49.64 52.65
CA GLU A 3866 17.54 49.63 51.94
C GLU A 3866 17.74 48.30 51.22
N THR A 3867 17.32 47.19 51.84
CA THR A 3867 17.53 45.89 51.22
C THR A 3867 16.66 45.71 49.98
N VAL A 3868 15.39 46.12 50.07
CA VAL A 3868 14.54 46.07 48.88
C VAL A 3868 15.10 46.92 47.77
N THR A 3869 15.55 48.14 48.08
CA THR A 3869 16.10 49.01 47.05
C THR A 3869 17.36 48.42 46.43
N SER A 3870 18.26 47.92 47.27
CA SER A 3870 19.49 47.31 46.77
C SER A 3870 19.19 46.13 45.87
N PHE A 3871 18.28 45.27 46.32
CA PHE A 3871 17.98 44.06 45.57
C PHE A 3871 17.32 44.40 44.24
N ARG A 3872 16.32 45.27 44.26
CA ARG A 3872 15.69 45.65 43.00
C ARG A 3872 16.67 46.36 42.08
N LYS A 3873 17.68 47.01 42.64
CA LYS A 3873 18.72 47.59 41.82
C LYS A 3873 19.53 46.50 41.12
N ARG A 3874 20.01 45.51 41.88
CA ARG A 3874 20.86 44.49 41.27
C ARG A 3874 20.06 43.53 40.40
N GLU A 3875 18.74 43.53 40.54
CA GLU A 3875 17.90 42.80 39.60
C GLU A 3875 18.07 43.34 38.19
N SER A 3876 18.14 44.67 38.06
CA SER A 3876 18.07 45.30 36.76
C SER A 3876 19.24 44.89 35.86
N LYS A 3877 20.41 44.63 36.45
CA LYS A 3877 21.58 44.33 35.64
C LYS A 3877 21.39 43.03 34.86
N VAL A 3878 20.86 42.00 35.48
CA VAL A 3878 20.57 40.75 34.77
C VAL A 3878 19.42 41.00 33.81
N PRO A 3879 19.43 40.43 32.60
CA PRO A 3879 18.36 40.73 31.65
C PRO A 3879 17.00 40.35 32.18
N ALA A 3880 16.00 41.14 31.80
CA ALA A 3880 14.64 40.89 32.25
C ALA A 3880 14.13 39.55 31.74
N ASP A 3881 14.47 39.19 30.52
CA ASP A 3881 13.97 37.96 29.91
C ASP A 3881 15.12 37.19 29.28
N LEU A 3882 15.76 36.34 30.08
CA LEU A 3882 16.61 35.32 29.50
C LEU A 3882 15.82 34.07 29.19
N LEU A 3883 14.93 33.70 30.10
CA LEU A 3883 14.16 32.50 29.92
C LEU A 3883 13.21 32.61 28.73
N LYS A 3884 12.61 33.79 28.53
CA LYS A 3884 11.75 33.95 27.35
C LYS A 3884 12.58 33.92 26.07
N ARG A 3885 13.77 34.53 26.08
CA ARG A 3885 14.63 34.45 24.91
C ARG A 3885 14.99 33.01 24.61
N ALA A 3886 15.32 32.23 25.63
CA ALA A 3886 15.63 30.83 25.41
C ALA A 3886 14.45 30.08 24.81
N PHE A 3887 13.27 30.27 25.38
CA PHE A 3887 12.10 29.54 24.90
C PHE A 3887 11.66 29.97 23.52
N VAL A 3888 11.98 31.20 23.11
CA VAL A 3888 11.67 31.60 21.75
C VAL A 3888 12.75 31.14 20.78
N ARG A 3889 13.98 30.95 21.25
CA ARG A 3889 15.04 30.47 20.37
C ARG A 3889 14.95 28.97 20.13
N MET A 3890 14.50 28.19 21.10
CA MET A 3890 14.31 26.76 20.87
C MET A 3890 12.94 26.44 20.30
N SER A 3891 12.18 27.43 19.87
CA SER A 3891 10.85 27.23 19.35
C SER A 3891 10.79 27.76 17.92
N THR A 3892 10.36 26.91 16.98
CA THR A 3892 10.26 27.36 15.60
C THR A 3892 9.12 28.35 15.42
N SER A 3893 7.95 28.02 15.96
CA SER A 3893 6.73 28.76 15.70
C SER A 3893 6.10 29.21 17.00
N PRO A 3894 5.28 30.25 16.97
CA PRO A 3894 4.61 30.69 18.21
C PRO A 3894 3.67 29.66 18.78
N GLU A 3895 3.05 28.83 17.93
CA GLU A 3895 2.25 27.73 18.44
C GLU A 3895 3.05 26.84 19.37
N ALA A 3896 4.37 26.76 19.16
CA ALA A 3896 5.26 25.99 19.99
C ALA A 3896 5.85 26.80 21.12
N PHE A 3897 6.16 28.07 20.93
CA PHE A 3897 6.64 28.87 22.04
C PHE A 3897 5.59 28.94 23.13
N LEU A 3898 4.34 29.13 22.74
CA LEU A 3898 3.26 29.21 23.71
C LEU A 3898 3.17 27.91 24.51
N ALA A 3899 3.25 26.77 23.85
CA ALA A 3899 3.12 25.50 24.56
C ALA A 3899 4.34 25.23 25.44
N LEU A 3900 5.52 25.59 24.98
CA LEU A 3900 6.70 25.48 25.83
C LEU A 3900 6.52 26.29 27.11
N ARG A 3901 6.04 27.53 26.98
CA ARG A 3901 5.92 28.36 28.17
C ARG A 3901 4.83 27.85 29.09
N SER A 3902 3.70 27.40 28.54
CA SER A 3902 2.64 26.90 29.39
C SER A 3902 3.09 25.66 30.14
N HIS A 3903 3.79 24.75 29.47
CA HIS A 3903 4.23 23.55 30.16
C HIS A 3903 5.32 23.85 31.17
N PHE A 3904 6.18 24.82 30.88
CA PHE A 3904 7.18 25.21 31.87
C PHE A 3904 6.51 25.75 33.11
N ALA A 3905 5.51 26.61 32.95
CA ALA A 3905 4.85 27.16 34.13
C ALA A 3905 4.10 26.09 34.89
N SER A 3906 3.34 25.25 34.20
CA SER A 3906 2.59 24.22 34.87
C SER A 3906 3.51 23.30 35.67
N SER A 3907 4.55 22.77 35.02
CA SER A 3907 5.46 21.86 35.70
C SER A 3907 6.21 22.54 36.83
N HIS A 3908 6.65 23.78 36.63
CA HIS A 3908 7.38 24.43 37.70
C HIS A 3908 6.50 24.73 38.89
N ALA A 3909 5.25 25.16 38.65
CA ALA A 3909 4.36 25.38 39.77
C ALA A 3909 4.13 24.11 40.54
N LEU A 3910 3.95 23.00 39.82
CA LEU A 3910 3.79 21.74 40.49
C LEU A 3910 4.99 21.41 41.37
N ILE A 3911 6.20 21.58 40.85
CA ILE A 3911 7.31 21.14 41.68
C ILE A 3911 7.52 22.10 42.83
N CYS A 3912 7.13 23.36 42.68
CA CYS A 3912 7.23 24.27 43.82
C CYS A 3912 6.29 23.87 44.94
N ILE A 3913 5.02 23.64 44.62
CA ILE A 3913 4.08 23.31 45.69
C ILE A 3913 4.24 21.89 46.19
N SER A 3914 5.01 21.05 45.50
CA SER A 3914 5.31 19.75 46.08
C SER A 3914 6.54 19.82 46.98
N HIS A 3915 7.61 20.44 46.51
CA HIS A 3915 8.80 20.59 47.33
C HIS A 3915 8.50 21.36 48.60
N TRP A 3916 7.53 22.28 48.56
CA TRP A 3916 7.20 22.96 49.81
C TRP A 3916 6.64 21.99 50.82
N ILE A 3917 5.72 21.13 50.40
CA ILE A 3917 5.10 20.19 51.33
C ILE A 3917 6.15 19.25 51.89
N LEU A 3918 7.01 18.71 51.05
CA LEU A 3918 8.08 17.89 51.58
C LEU A 3918 9.12 18.69 52.34
N GLY A 3919 9.09 20.01 52.25
CA GLY A 3919 10.11 20.79 52.91
C GLY A 3919 11.44 20.79 52.23
N ILE A 3920 11.51 20.32 50.98
CA ILE A 3920 12.77 20.26 50.25
C ILE A 3920 13.26 21.67 49.99
N GLY A 3921 14.29 22.09 50.70
CA GLY A 3921 14.62 23.49 50.75
C GLY A 3921 15.59 23.99 49.71
N ASP A 3922 16.74 23.36 49.61
CA ASP A 3922 17.83 23.86 48.76
C ASP A 3922 17.46 23.67 47.30
N ARG A 3923 17.08 24.75 46.63
CA ARG A 3923 16.79 24.74 45.20
C ARG A 3923 17.55 25.88 44.55
N HIS A 3924 18.81 25.67 44.19
CA HIS A 3924 19.50 26.66 43.38
C HIS A 3924 19.38 26.27 41.90
N LEU A 3925 19.95 27.10 41.05
CA LEU A 3925 19.54 27.09 39.65
C LEU A 3925 19.88 25.79 38.95
N ASN A 3926 20.97 25.14 39.33
CA ASN A 3926 21.34 23.90 38.68
C ASN A 3926 20.83 22.68 39.42
N ASN A 3927 19.83 22.85 40.28
CA ASN A 3927 19.05 21.75 40.84
C ASN A 3927 17.70 21.62 40.18
N PHE A 3928 17.52 22.25 39.03
CA PHE A 3928 16.27 22.19 38.29
C PHE A 3928 16.53 21.82 36.84
N MET A 3929 15.99 20.70 36.40
CA MET A 3929 16.17 20.21 35.04
C MET A 3929 15.07 20.73 34.11
N VAL A 3930 15.42 20.98 32.86
CA VAL A 3930 14.46 21.47 31.88
C VAL A 3930 14.49 20.64 30.59
N ALA A 3931 13.44 19.87 30.37
CA ALA A 3931 13.34 19.04 29.17
C ALA A 3931 13.37 19.91 27.91
N MET A 3932 14.52 19.93 27.23
CA MET A 3932 14.67 20.72 26.02
C MET A 3932 13.62 20.39 24.97
N GLU A 3933 13.10 19.18 25.00
CA GLU A 3933 12.14 18.69 24.02
C GLU A 3933 10.71 19.16 24.27
N THR A 3934 10.29 19.29 25.53
CA THR A 3934 8.91 19.68 25.83
C THR A 3934 8.78 20.86 26.78
N GLY A 3935 9.88 21.37 27.30
CA GLY A 3935 9.84 22.53 28.15
C GLY A 3935 9.75 22.25 29.63
N GLY A 3936 9.35 21.06 30.04
CA GLY A 3936 9.03 20.80 31.42
C GLY A 3936 10.24 20.90 32.32
N VAL A 3937 9.99 20.94 33.62
CA VAL A 3937 11.04 21.08 34.62
C VAL A 3937 11.08 19.81 35.46
N ILE A 3938 12.27 19.49 35.97
CA ILE A 3938 12.57 18.27 36.70
C ILE A 3938 13.48 18.62 37.85
N GLY A 3939 13.04 18.41 39.07
CA GLY A 3939 13.93 18.60 40.20
C GLY A 3939 14.98 17.51 40.24
N ILE A 3940 16.10 17.79 40.90
CA ILE A 3940 17.20 16.84 41.04
C ILE A 3940 17.80 16.98 42.44
N ASP A 3941 18.84 16.20 42.72
CA ASP A 3941 19.75 16.41 43.84
C ASP A 3941 19.13 16.77 45.19
N PHE A 3942 18.41 15.82 45.77
CA PHE A 3942 17.68 16.07 47.01
C PHE A 3942 18.56 15.77 48.22
N GLY A 3943 19.30 16.77 48.66
CA GLY A 3943 20.11 16.62 49.85
C GLY A 3943 19.36 17.01 51.12
N HIS A 3944 18.55 18.07 51.03
CA HIS A 3944 17.81 18.59 52.17
C HIS A 3944 16.35 18.23 52.04
N ALA A 3945 15.79 17.64 53.09
CA ALA A 3945 14.36 17.35 53.10
C ALA A 3945 13.81 17.59 54.49
N PHE A 3946 12.56 18.03 54.54
CA PHE A 3946 11.82 18.24 55.78
C PHE A 3946 12.45 19.34 56.64
N GLY A 3947 12.70 20.49 56.03
CA GLY A 3947 13.18 21.64 56.77
C GLY A 3947 14.64 21.60 57.12
N SER A 3948 15.41 20.69 56.54
CA SER A 3948 16.85 20.65 56.82
C SER A 3948 17.51 21.95 56.39
N ALA A 3949 17.16 22.45 55.22
CA ALA A 3949 17.75 23.70 54.74
C ALA A 3949 17.37 24.86 55.65
N THR A 3950 16.11 24.94 56.05
CA THR A 3950 15.67 26.05 56.87
C THR A 3950 16.15 25.94 58.30
N GLN A 3951 16.66 24.78 58.72
CA GLN A 3951 16.93 24.54 60.12
C GLN A 3951 18.42 24.37 60.44
N PHE A 3952 19.09 23.42 59.80
CA PHE A 3952 20.50 23.15 60.12
C PHE A 3952 21.46 23.87 59.19
N LEU A 3953 21.28 25.18 59.01
CA LEU A 3953 22.09 25.90 58.06
C LEU A 3953 22.36 27.30 58.58
N PRO A 3954 23.60 27.78 58.49
CA PRO A 3954 23.80 29.23 58.44
C PRO A 3954 23.21 29.76 57.14
N VAL A 3955 22.71 30.99 57.20
CA VAL A 3955 21.94 31.58 56.09
C VAL A 3955 20.74 30.69 55.82
N PRO A 3956 19.76 30.64 56.71
CA PRO A 3956 18.60 29.78 56.47
C PRO A 3956 17.86 30.21 55.23
N GLU A 3957 17.25 29.26 54.55
CA GLU A 3957 16.41 29.55 53.40
C GLU A 3957 15.01 29.83 53.89
N LEU A 3958 14.60 31.09 53.82
CA LEU A 3958 13.27 31.48 54.23
C LEU A 3958 12.25 31.36 53.12
N MET A 3959 12.66 31.44 51.86
CA MET A 3959 11.72 31.18 50.79
C MET A 3959 11.34 29.71 50.80
N PRO A 3960 10.12 29.38 50.43
CA PRO A 3960 9.71 27.99 50.44
C PRO A 3960 10.05 27.27 49.15
N PHE A 3961 10.22 28.02 48.06
CA PHE A 3961 10.56 27.41 46.78
C PHE A 3961 11.18 28.49 45.87
N ARG A 3962 11.22 28.22 44.59
CA ARG A 3962 11.95 29.00 43.61
C ARG A 3962 10.98 29.75 42.69
N LEU A 3963 10.74 31.03 43.00
CA LEU A 3963 10.29 32.01 42.01
C LEU A 3963 11.26 33.18 42.05
N THR A 3964 11.81 33.52 40.91
CA THR A 3964 12.64 34.70 40.79
C THR A 3964 12.21 35.48 39.56
N ARG A 3965 12.98 36.49 39.22
CA ARG A 3965 12.51 37.42 38.20
C ARG A 3965 12.46 36.79 36.83
N GLN A 3966 13.36 35.88 36.51
CA GLN A 3966 13.24 35.18 35.24
C GLN A 3966 11.97 34.36 35.19
N PHE A 3967 11.62 33.70 36.30
CA PHE A 3967 10.41 32.90 36.32
C PHE A 3967 9.17 33.75 36.14
N ILE A 3968 9.11 34.90 36.82
CA ILE A 3968 7.90 35.71 36.74
C ILE A 3968 7.84 36.54 35.46
N ASN A 3969 9.00 36.85 34.86
CA ASN A 3969 9.06 37.56 33.57
C ASN A 3969 8.85 36.64 32.40
N LEU A 3970 8.91 35.33 32.59
CA LEU A 3970 8.61 34.42 31.50
C LEU A 3970 7.18 34.61 31.03
N MET A 3971 6.28 34.92 31.94
CA MET A 3971 4.93 35.38 31.62
C MET A 3971 4.81 36.81 32.09
N LEU A 3972 5.18 37.75 31.23
CA LEU A 3972 5.15 39.10 31.74
C LEU A 3972 3.78 39.74 31.58
N PRO A 3973 3.11 39.66 30.42
CA PRO A 3973 1.81 40.35 30.30
C PRO A 3973 0.82 39.89 31.35
N MET A 3974 0.75 38.60 31.63
CA MET A 3974 0.03 38.10 32.78
C MET A 3974 0.93 38.15 34.01
N LYS A 3975 0.33 38.09 35.18
CA LYS A 3975 1.12 38.09 36.40
C LYS A 3975 1.41 36.65 36.79
N GLU A 3976 1.92 36.44 38.00
CA GLU A 3976 2.14 35.10 38.51
C GLU A 3976 0.88 34.49 39.12
N THR A 3977 -0.23 35.23 39.14
CA THR A 3977 -1.50 34.74 39.65
C THR A 3977 -2.37 34.13 38.57
N GLY A 3978 -1.77 33.55 37.54
CA GLY A 3978 -2.54 32.89 36.53
C GLY A 3978 -2.30 31.39 36.56
N LEU A 3979 -1.45 30.92 35.66
CA LEU A 3979 -1.16 29.49 35.60
C LEU A 3979 -0.45 29.02 36.85
N MET A 3980 0.59 29.74 37.27
CA MET A 3980 1.39 29.27 38.39
C MET A 3980 0.60 29.24 39.68
N TYR A 3981 -0.44 30.05 39.80
CA TYR A 3981 -1.20 30.05 41.04
C TYR A 3981 -2.38 29.10 40.98
N SER A 3982 -3.07 29.03 39.85
CA SER A 3982 -4.14 28.07 39.74
C SER A 3982 -3.63 26.65 39.90
N ILE A 3983 -2.50 26.33 39.29
CA ILE A 3983 -1.98 24.98 39.39
C ILE A 3983 -1.55 24.67 40.82
N MET A 3984 -0.96 25.65 41.49
CA MET A 3984 -0.53 25.42 42.86
C MET A 3984 -1.71 25.14 43.77
N VAL A 3985 -2.79 25.90 43.63
CA VAL A 3985 -3.94 25.63 44.48
C VAL A 3985 -4.56 24.27 44.15
N HIS A 3986 -4.59 23.89 42.87
CA HIS A 3986 -5.16 22.59 42.52
C HIS A 3986 -4.37 21.47 43.17
N ALA A 3987 -3.05 21.51 43.06
CA ALA A 3987 -2.23 20.45 43.63
C ALA A 3987 -2.28 20.46 45.16
N LEU A 3988 -2.28 21.63 45.77
CA LEU A 3988 -2.34 21.66 47.23
C LEU A 3988 -3.67 21.09 47.72
N ARG A 3989 -4.75 21.40 47.02
CA ARG A 3989 -6.04 20.83 47.38
C ARG A 3989 -6.00 19.32 47.28
N ALA A 3990 -5.45 18.80 46.20
CA ALA A 3990 -5.43 17.35 46.03
C ALA A 3990 -4.57 16.68 47.08
N PHE A 3991 -3.51 17.33 47.56
CA PHE A 3991 -2.72 16.69 48.62
C PHE A 3991 -3.41 16.80 49.96
N ARG A 3992 -4.09 17.91 50.22
CA ARG A 3992 -4.76 18.09 51.50
C ARG A 3992 -6.04 17.28 51.61
N SER A 3993 -6.59 16.80 50.50
CA SER A 3993 -7.88 16.11 50.57
C SER A 3993 -7.80 14.89 51.49
N ASP A 3994 -6.82 14.01 51.25
CA ASP A 3994 -6.54 12.89 52.14
C ASP A 3994 -5.04 12.88 52.43
N PRO A 3995 -4.61 13.62 53.46
CA PRO A 3995 -3.19 13.55 53.84
C PRO A 3995 -2.82 12.27 54.54
N GLY A 3996 -3.78 11.39 54.84
CA GLY A 3996 -3.45 10.20 55.61
C GLY A 3996 -2.44 9.32 54.93
N LEU A 3997 -2.65 9.03 53.65
CA LEU A 3997 -1.76 8.15 52.91
C LEU A 3997 -0.38 8.79 52.74
N LEU A 3998 -0.36 10.03 52.28
CA LEU A 3998 0.88 10.74 52.06
C LEU A 3998 1.66 10.89 53.35
N THR A 3999 0.98 11.17 54.45
CA THR A 3999 1.65 11.35 55.72
C THR A 3999 2.09 10.04 56.33
N ASN A 4000 1.39 8.94 56.07
CA ASN A 4000 1.91 7.63 56.48
C ASN A 4000 3.22 7.34 55.78
N THR A 4001 3.29 7.61 54.48
CA THR A 4001 4.56 7.42 53.77
C THR A 4001 5.63 8.34 54.34
N MET A 4002 5.31 9.62 54.55
CA MET A 4002 6.28 10.52 55.15
C MET A 4002 6.71 10.03 56.52
N ASP A 4003 5.80 9.39 57.25
CA ASP A 4003 6.09 8.98 58.61
C ASP A 4003 7.04 7.81 58.65
N VAL A 4004 6.85 6.83 57.76
CA VAL A 4004 7.81 5.75 57.73
C VAL A 4004 9.12 6.22 57.13
N PHE A 4005 9.08 7.23 56.26
CA PHE A 4005 10.30 7.88 55.80
C PHE A 4005 11.08 8.41 56.99
N VAL A 4006 10.49 9.38 57.69
CA VAL A 4006 11.22 10.09 58.74
C VAL A 4006 11.58 9.14 59.88
N LYS A 4007 10.72 8.17 60.18
CA LYS A 4007 10.97 7.25 61.28
C LYS A 4007 11.95 6.15 60.92
N GLU A 4008 12.55 6.19 59.74
CA GLU A 4008 13.55 5.19 59.35
C GLU A 4008 14.89 5.53 59.99
N PRO A 4009 15.48 4.64 60.79
CA PRO A 4009 16.79 4.93 61.40
C PRO A 4009 17.91 5.18 60.41
N SER A 4010 17.62 5.13 59.11
CA SER A 4010 18.64 5.46 58.12
C SER A 4010 18.99 6.93 58.16
N PHE A 4011 18.01 7.81 58.39
CA PHE A 4011 18.22 9.25 58.27
C PHE A 4011 18.47 9.86 59.65
N ASP A 4012 19.57 9.43 60.24
CA ASP A 4012 20.01 9.96 61.53
C ASP A 4012 20.73 11.28 61.32
N TRP A 4013 20.91 12.01 62.42
CA TRP A 4013 21.69 13.25 62.35
C TRP A 4013 23.10 12.97 61.87
N LYS A 4014 23.69 11.86 62.29
CA LYS A 4014 25.03 11.53 61.85
C LYS A 4014 25.06 11.30 60.34
N ASN A 4015 24.06 10.61 59.80
CA ASN A 4015 23.99 10.44 58.36
C ASN A 4015 23.82 11.77 57.65
N PHE A 4016 22.99 12.66 58.21
CA PHE A 4016 22.80 13.96 57.59
C PHE A 4016 24.09 14.76 57.55
N GLU A 4017 24.88 14.69 58.61
CA GLU A 4017 26.12 15.47 58.60
C GLU A 4017 27.19 14.82 57.73
N GLN A 4018 27.23 13.50 57.61
CA GLN A 4018 28.01 12.89 56.53
C GLN A 4018 27.59 13.43 55.18
N LYS A 4019 26.28 13.51 54.92
CA LYS A 4019 25.84 13.93 53.60
C LYS A 4019 26.18 15.40 53.33
N MET A 4020 26.15 16.23 54.37
CA MET A 4020 26.56 17.63 54.20
C MET A 4020 28.06 17.77 54.00
N LEU A 4021 28.86 16.95 54.69
CA LEU A 4021 30.30 17.12 54.66
C LEU A 4021 30.84 17.03 53.23
N LYS A 4022 30.45 16.00 52.49
CA LYS A 4022 30.97 15.82 51.14
C LYS A 4022 30.09 16.52 50.10
N LYS A 4023 29.95 17.81 50.30
CA LYS A 4023 29.20 18.68 49.41
C LYS A 4023 29.61 20.10 49.73
N GLY A 4024 29.66 20.96 48.70
CA GLY A 4024 30.01 22.35 48.90
C GLY A 4024 28.97 22.91 49.85
N GLY A 4025 27.71 22.73 49.48
CA GLY A 4025 26.59 23.12 50.30
C GLY A 4025 26.38 24.55 50.75
N SER A 4026 26.48 24.74 52.06
CA SER A 4026 26.18 26.02 52.69
C SER A 4026 26.68 26.10 54.12
N TRP A 4027 27.29 25.03 54.64
CA TRP A 4027 28.04 25.11 55.89
C TRP A 4027 29.18 24.10 55.81
N ILE A 4028 30.40 24.58 56.01
CA ILE A 4028 31.60 23.78 55.83
C ILE A 4028 32.45 23.84 57.10
N GLN A 4029 32.84 25.06 57.49
CA GLN A 4029 33.76 25.31 58.58
C GLN A 4029 33.12 25.09 59.96
N GLU A 4030 31.86 24.65 60.00
CA GLU A 4030 31.18 24.35 61.26
C GLU A 4030 31.57 22.94 61.69
N ILE A 4031 32.53 22.84 62.62
CA ILE A 4031 32.93 21.57 63.19
C ILE A 4031 32.70 21.67 64.71
N ASN A 4032 31.65 22.39 65.08
CA ASN A 4032 31.34 22.62 66.49
C ASN A 4032 30.70 21.37 67.10
N VAL A 4033 30.17 21.51 68.31
CA VAL A 4033 29.56 20.38 69.01
C VAL A 4033 28.36 19.86 68.24
N ALA A 4034 28.12 18.55 68.35
CA ALA A 4034 27.06 17.86 67.60
C ALA A 4034 25.79 17.65 68.43
N GLU A 4035 25.44 18.61 69.28
CA GLU A 4035 24.21 18.55 70.06
C GLU A 4035 23.03 19.22 69.35
N LYS A 4036 23.05 19.25 68.03
CA LYS A 4036 21.98 19.87 67.25
C LYS A 4036 20.65 19.17 67.48
N ASN A 4037 19.57 19.91 67.26
CA ASN A 4037 18.21 19.47 67.59
C ASN A 4037 17.57 18.84 66.36
N TRP A 4038 17.72 17.53 66.23
CA TRP A 4038 17.10 16.75 65.16
C TRP A 4038 16.05 15.87 65.81
N TYR A 4039 14.81 16.37 65.89
CA TYR A 4039 13.72 15.63 66.51
C TYR A 4039 12.83 15.08 65.42
N PRO A 4040 12.73 13.75 65.27
CA PRO A 4040 11.97 13.20 64.14
C PRO A 4040 10.47 13.42 64.23
N ARG A 4041 9.92 13.61 65.43
CA ARG A 4041 8.51 13.97 65.54
C ARG A 4041 8.27 15.40 65.08
N GLN A 4042 9.13 16.32 65.53
CA GLN A 4042 9.03 17.73 65.14
C GLN A 4042 9.33 17.95 63.68
N LYS A 4043 9.63 16.90 62.93
CA LYS A 4043 9.97 16.98 61.53
C LYS A 4043 8.83 16.55 60.62
N ILE A 4044 8.02 15.59 61.08
CA ILE A 4044 6.77 15.25 60.42
C ILE A 4044 5.62 16.12 60.93
N CYS A 4045 5.71 16.64 62.15
CA CYS A 4045 4.65 17.48 62.67
C CYS A 4045 4.44 18.70 61.78
N TYR A 4046 5.53 19.32 61.33
CA TYR A 4046 5.40 20.50 60.48
C TYR A 4046 4.88 20.14 59.09
N ALA A 4047 5.30 19.00 58.55
CA ALA A 4047 4.81 18.59 57.26
C ALA A 4047 3.36 18.16 57.32
N LYS A 4048 2.87 17.81 58.50
CA LYS A 4048 1.46 17.51 58.69
C LYS A 4048 0.66 18.75 59.02
N ARG A 4049 1.30 19.78 59.56
CA ARG A 4049 0.64 21.05 59.79
C ARG A 4049 0.50 21.85 58.51
N LYS A 4050 1.48 21.76 57.61
CA LYS A 4050 1.34 22.39 56.31
C LYS A 4050 0.10 21.92 55.59
N LEU A 4051 -0.26 20.66 55.76
CA LEU A 4051 -1.42 20.08 55.12
C LEU A 4051 -2.70 20.28 55.92
N ALA A 4052 -2.63 20.96 57.05
CA ALA A 4052 -3.80 21.26 57.86
C ALA A 4052 -4.15 22.74 57.86
N GLY A 4053 -3.43 23.55 57.12
CA GLY A 4053 -3.72 24.96 57.01
C GLY A 4053 -2.77 25.90 57.71
N ALA A 4054 -1.58 25.45 58.09
CA ALA A 4054 -0.66 26.32 58.80
C ALA A 4054 -0.17 27.42 57.88
N ASN A 4055 0.14 28.56 58.48
CA ASN A 4055 0.69 29.69 57.74
C ASN A 4055 2.12 29.38 57.33
N PRO A 4056 2.48 29.54 56.06
CA PRO A 4056 3.87 29.27 55.67
C PRO A 4056 4.86 30.09 56.46
N ALA A 4057 4.53 31.33 56.77
CA ALA A 4057 5.40 32.15 57.60
C ALA A 4057 5.55 31.56 58.99
N VAL A 4058 4.46 31.02 59.54
CA VAL A 4058 4.52 30.39 60.85
C VAL A 4058 5.42 29.17 60.83
N ILE A 4059 5.33 28.36 59.78
CA ILE A 4059 6.19 27.19 59.68
C ILE A 4059 7.65 27.60 59.55
N THR A 4060 7.93 28.57 58.68
CA THR A 4060 9.31 28.98 58.45
C THR A 4060 9.84 29.86 59.57
N CYS A 4061 9.02 30.25 60.53
CA CYS A 4061 9.48 30.83 61.77
C CYS A 4061 9.73 29.78 62.84
N ASP A 4062 8.85 28.78 62.91
CA ASP A 4062 9.01 27.72 63.89
C ASP A 4062 10.24 26.89 63.61
N GLU A 4063 10.53 26.62 62.34
CA GLU A 4063 11.75 25.86 62.02
C GLU A 4063 12.98 26.63 62.45
N LEU A 4064 12.99 27.96 62.24
CA LEU A 4064 14.08 28.78 62.73
C LEU A 4064 14.18 28.70 64.24
N LEU A 4065 13.03 28.73 64.93
CA LEU A 4065 13.04 28.60 66.38
C LEU A 4065 13.68 27.30 66.81
N LEU A 4066 13.45 26.24 66.05
CA LEU A 4066 13.98 24.94 66.42
C LEU A 4066 15.45 24.81 66.09
N GLY A 4067 15.92 25.46 65.02
CA GLY A 4067 17.28 25.26 64.57
C GLY A 4067 18.31 26.27 65.06
N HIS A 4068 17.92 27.54 65.13
CA HIS A 4068 18.86 28.59 65.52
C HIS A 4068 18.37 29.33 66.75
N GLU A 4069 17.95 28.61 67.79
CA GLU A 4069 17.42 29.29 68.97
C GLU A 4069 18.46 30.21 69.60
N LYS A 4070 19.70 29.73 69.72
CA LYS A 4070 20.77 30.50 70.33
C LYS A 4070 21.41 31.48 69.38
N ALA A 4071 20.98 31.54 68.14
CA ALA A 4071 21.56 32.46 67.19
C ALA A 4071 21.28 33.90 67.64
N PRO A 4072 22.31 34.72 67.86
CA PRO A 4072 22.05 36.09 68.32
C PRO A 4072 21.29 36.94 67.30
N ALA A 4073 21.15 36.47 66.06
CA ALA A 4073 20.32 37.13 65.07
C ALA A 4073 18.96 36.45 64.91
N PHE A 4074 18.64 35.47 65.75
CA PHE A 4074 17.41 34.70 65.60
C PHE A 4074 16.19 35.59 65.59
N ARG A 4075 16.22 36.68 66.37
CA ARG A 4075 15.14 37.64 66.33
C ARG A 4075 14.95 38.19 64.93
N ASP A 4076 16.04 38.52 64.25
CA ASP A 4076 15.91 39.09 62.91
C ASP A 4076 15.56 38.02 61.88
N TYR A 4077 16.07 36.80 62.04
CA TYR A 4077 15.55 35.65 61.29
C TYR A 4077 14.04 35.68 61.27
N VAL A 4078 13.46 35.61 62.47
CA VAL A 4078 12.01 35.55 62.59
C VAL A 4078 11.36 36.81 62.03
N ALA A 4079 11.94 37.97 62.31
CA ALA A 4079 11.34 39.22 61.89
C ALA A 4079 11.20 39.30 60.38
N VAL A 4080 12.28 38.97 59.66
CA VAL A 4080 12.19 39.04 58.20
C VAL A 4080 11.29 37.94 57.67
N ALA A 4081 11.34 36.74 58.27
CA ALA A 4081 10.56 35.64 57.73
C ALA A 4081 9.07 35.89 57.88
N ARG A 4082 8.64 36.39 59.04
CA ARG A 4082 7.22 36.55 59.30
C ARG A 4082 6.59 37.57 58.36
N GLY A 4083 7.25 38.70 58.16
CA GLY A 4083 6.83 39.66 57.17
C GLY A 4083 6.50 41.02 57.76
N SER A 4084 6.25 41.96 56.87
CA SER A 4084 5.85 43.31 57.23
C SER A 4084 4.37 43.49 57.02
N LYS A 4085 3.70 44.11 57.99
CA LYS A 4085 2.24 44.09 58.04
C LYS A 4085 1.63 44.84 56.86
N ASP A 4086 2.24 45.96 56.46
CA ASP A 4086 1.66 46.79 55.41
C ASP A 4086 2.05 46.39 54.00
N HIS A 4087 2.97 45.43 53.85
CA HIS A 4087 3.42 45.00 52.53
C HIS A 4087 3.05 43.55 52.23
N ASN A 4088 3.46 42.62 53.08
CA ASN A 4088 3.25 41.20 52.82
C ASN A 4088 1.86 40.79 53.23
N ILE A 4089 1.19 40.00 52.39
CA ILE A 4089 0.03 39.31 52.91
C ILE A 4089 0.50 37.94 53.40
N ARG A 4090 1.27 37.95 54.48
CA ARG A 4090 1.46 36.77 55.31
C ARG A 4090 1.58 37.11 56.77
N ALA A 4091 1.65 38.39 57.13
CA ALA A 4091 1.48 38.81 58.50
C ALA A 4091 0.03 39.15 58.81
N GLN A 4092 -0.76 39.52 57.80
CA GLN A 4092 -2.16 39.84 57.98
C GLN A 4092 -3.04 38.61 58.11
N GLU A 4093 -2.57 37.47 57.68
CA GLU A 4093 -3.39 36.28 57.66
C GLU A 4093 -3.36 35.58 59.01
N PRO A 4094 -4.35 34.74 59.30
CA PRO A 4094 -4.36 34.02 60.58
C PRO A 4094 -3.10 33.19 60.77
N GLU A 4095 -2.93 32.69 61.99
CA GLU A 4095 -1.77 31.90 62.32
C GLU A 4095 -1.89 30.46 61.83
N SER A 4096 -3.09 30.00 61.52
CA SER A 4096 -3.31 28.64 61.07
C SER A 4096 -4.74 28.52 60.56
N GLY A 4097 -5.09 27.32 60.11
CA GLY A 4097 -6.43 27.10 59.58
C GLY A 4097 -6.72 27.91 58.34
N LEU A 4098 -5.77 28.01 57.43
CA LEU A 4098 -5.97 28.73 56.18
C LEU A 4098 -6.59 27.82 55.14
N SER A 4099 -7.18 28.43 54.12
CA SER A 4099 -7.77 27.67 53.04
C SER A 4099 -6.70 27.40 51.99
N GLU A 4100 -7.07 26.66 50.95
CA GLU A 4100 -6.09 26.26 49.95
C GLU A 4100 -5.60 27.47 49.15
N GLU A 4101 -6.48 28.42 48.85
CA GLU A 4101 -6.05 29.62 48.14
C GLU A 4101 -5.14 30.46 49.00
N THR A 4102 -5.54 30.73 50.23
CA THR A 4102 -4.78 31.63 51.09
C THR A 4102 -3.41 31.07 51.41
N GLN A 4103 -3.31 29.76 51.60
CA GLN A 4103 -2.02 29.17 51.86
C GLN A 4103 -1.10 29.25 50.65
N VAL A 4104 -1.64 29.46 49.46
CA VAL A 4104 -0.82 29.68 48.27
C VAL A 4104 -0.46 31.15 48.12
N LYS A 4105 -1.40 32.05 48.44
CA LYS A 4105 -1.08 33.47 48.43
C LYS A 4105 0.06 33.77 49.38
N CYS A 4106 -0.01 33.23 50.59
CA CYS A 4106 1.06 33.46 51.55
C CYS A 4106 2.37 32.87 51.05
N LEU A 4107 2.29 31.73 50.36
CA LEU A 4107 3.49 31.09 49.83
C LEU A 4107 4.15 31.94 48.77
N MET A 4108 3.36 32.44 47.81
CA MET A 4108 3.94 33.26 46.76
C MET A 4108 4.51 34.55 47.33
N ASP A 4109 3.83 35.13 48.32
CA ASP A 4109 4.39 36.32 48.96
C ASP A 4109 5.73 36.00 49.61
N GLN A 4110 5.82 34.88 50.32
CA GLN A 4110 7.08 34.54 50.95
C GLN A 4110 8.15 34.21 49.93
N ALA A 4111 7.77 33.62 48.80
CA ALA A 4111 8.74 33.25 47.78
C ALA A 4111 9.32 34.47 47.09
N THR A 4112 8.48 35.45 46.76
CA THR A 4112 8.94 36.61 46.00
C THR A 4112 9.19 37.84 46.85
N ASP A 4113 9.17 37.72 48.17
CA ASP A 4113 9.49 38.86 49.02
C ASP A 4113 10.91 39.34 48.75
N PRO A 4114 11.10 40.54 48.21
CA PRO A 4114 12.46 41.04 48.00
C PRO A 4114 13.23 41.17 49.28
N ASN A 4115 12.57 41.46 50.38
CA ASN A 4115 13.29 41.56 51.64
C ASN A 4115 13.88 40.22 52.07
N ILE A 4116 13.41 39.11 51.51
CA ILE A 4116 14.02 37.81 51.78
C ILE A 4116 15.01 37.44 50.71
N LEU A 4117 14.64 37.65 49.45
CA LEU A 4117 15.56 37.36 48.35
C LEU A 4117 16.85 38.16 48.49
N GLY A 4118 16.77 39.39 48.94
CA GLY A 4118 17.92 40.24 49.02
C GLY A 4118 18.85 39.94 50.14
N ARG A 4119 18.58 38.88 50.89
CA ARG A 4119 19.50 38.45 51.93
C ARG A 4119 19.61 36.94 51.94
N THR A 4120 19.65 36.33 50.76
CA THR A 4120 19.79 34.90 50.59
C THR A 4120 21.24 34.56 50.28
N TRP A 4121 21.60 33.29 50.48
CA TRP A 4121 22.93 32.83 50.15
C TRP A 4121 23.23 33.12 48.68
N GLU A 4122 24.46 33.57 48.41
CA GLU A 4122 24.79 34.02 47.07
C GLU A 4122 24.64 32.90 46.05
N GLY A 4123 25.06 31.69 46.41
CA GLY A 4123 24.95 30.57 45.49
C GLY A 4123 23.54 30.31 45.02
N TRP A 4124 22.55 30.66 45.84
CA TRP A 4124 21.16 30.45 45.45
C TRP A 4124 20.77 31.31 44.25
N GLU A 4125 21.48 32.40 44.03
CA GLU A 4125 21.27 33.30 42.89
C GLU A 4125 19.85 33.84 42.81
N PRO A 4126 19.41 34.63 43.79
CA PRO A 4126 18.06 35.20 43.73
C PRO A 4126 17.85 36.19 42.61
N TRP A 4127 18.90 36.83 42.08
CA TRP A 4127 18.69 37.86 41.06
C TRP A 4127 18.13 37.25 39.77
N MET A 4128 18.19 35.93 39.63
CA MET A 4128 17.66 35.30 38.45
C MET A 4128 17.29 33.85 38.72
N UNK A 4129 10.82 -23.79 -21.33
CA UNK A 4129 10.74 -22.34 -21.11
C UNK A 4129 9.70 -22.02 -20.05
N UNK A 4130 8.79 -22.95 -19.83
CA UNK A 4130 7.70 -22.75 -18.90
C UNK A 4130 7.25 -24.06 -18.29
N UNK A 4131 7.07 -24.07 -16.97
CA UNK A 4131 6.59 -25.27 -16.30
C UNK A 4131 5.12 -25.47 -16.64
N UNK A 4132 4.49 -24.41 -17.14
CA UNK A 4132 3.10 -24.49 -17.58
C UNK A 4132 3.03 -24.99 -19.03
N UNK A 4133 4.10 -24.75 -19.78
CA UNK A 4133 4.17 -25.17 -21.17
C UNK A 4133 4.57 -26.64 -21.27
N UNK A 4134 5.51 -27.05 -20.41
CA UNK A 4134 5.89 -28.45 -20.35
C UNK A 4134 4.70 -29.28 -19.94
N UNK A 4135 3.87 -28.72 -19.06
CA UNK A 4135 2.71 -29.40 -18.53
C UNK A 4135 1.63 -29.61 -19.58
N UNK A 4136 1.75 -28.89 -20.70
CA UNK A 4136 0.82 -29.06 -21.80
C UNK A 4136 1.46 -29.94 -22.87
N UNK A 4137 2.78 -29.82 -23.00
CA UNK A 4137 3.52 -30.64 -23.94
C UNK A 4137 3.39 -32.10 -23.56
N UNK A 4138 3.36 -32.37 -22.26
CA UNK A 4138 3.20 -33.72 -21.75
C UNK A 4138 1.72 -34.06 -21.62
N UNK A 4139 0.88 -33.06 -21.84
CA UNK A 4139 -0.56 -33.26 -21.79
C UNK A 4139 -1.02 -33.81 -23.12
N UNK A 4140 -0.60 -33.14 -24.19
CA UNK A 4140 -0.97 -33.53 -25.53
C UNK A 4140 -0.38 -34.89 -25.88
N UNK A 4141 0.89 -35.09 -25.54
CA UNK A 4141 1.59 -36.32 -25.88
C UNK A 4141 0.84 -37.56 -25.43
N UNK A 4142 0.31 -37.52 -24.21
CA UNK A 4142 -0.44 -38.63 -23.68
C UNK A 4142 -1.73 -38.79 -24.46
N UNK A 4143 -2.15 -37.71 -25.09
CA UNK A 4143 -3.43 -37.67 -25.80
C UNK A 4143 -3.23 -37.88 -27.29
N UNK A 4144 -2.13 -37.33 -27.79
CA UNK A 4144 -1.76 -37.40 -29.21
C UNK A 4144 -2.78 -36.68 -30.09
N UNK A 4145 -2.86 -35.37 -29.94
CA UNK A 4145 -3.73 -34.52 -30.75
C UNK A 4145 -3.54 -33.07 -30.37
N UNK A 4146 -2.38 -32.50 -30.69
CA UNK A 4146 -2.10 -31.12 -30.34
C UNK A 4146 -3.00 -30.14 -31.07
N UNK A 4147 -4.05 -29.67 -30.39
CA UNK A 4147 -4.93 -28.65 -30.94
C UNK A 4147 -4.53 -27.29 -30.38
N UNK A 4148 -4.90 -26.23 -31.07
CA UNK A 4148 -4.48 -24.89 -30.67
C UNK A 4148 -5.66 -23.93 -30.73
O01 2R4 B . 21.39 14.39 41.69
C02 2R4 B . 21.50 14.63 40.46
C03 2R4 B . 22.71 15.10 39.89
C04 2R4 B . 22.78 15.34 38.49
C05 2R4 B . 23.97 15.77 37.83
C06 2R4 B . 23.96 15.98 36.42
C07 2R4 B . 22.88 16.61 35.78
C08 2R4 B . 22.86 16.85 34.39
C09 2R4 B . 23.95 16.45 33.60
C10 2R4 B . 25.06 15.82 34.22
C11 2R4 B . 25.03 15.60 35.60
S12 2R4 B . 26.49 14.77 36.12
C13 2R4 B . 27.17 14.80 34.50
C14 2R4 B . 26.25 15.38 33.61
C15 2R4 B . 26.62 15.48 32.25
C16 2R4 B . 27.85 14.97 31.82
C17 2R4 B . 28.75 14.40 32.74
C18 2R4 B . 28.42 14.31 34.09
C19 2R4 B . 25.09 16.03 38.65
C20 2R4 B . 25.05 15.78 40.03
C21 2R4 B . 23.88 15.31 40.64
O22 2R4 B . 21.67 15.11 37.75
C23 2R4 B . 20.52 14.58 38.24
N24 2R4 B . 19.57 14.29 37.30
C25 2R4 B . 19.81 14.60 35.90
C26 2R4 B . 19.67 13.30 35.07
O27 2R4 B . 18.43 12.68 35.36
C28 2R4 B . 18.35 12.30 36.75
C29 2R4 B . 18.35 13.57 37.61
C30 2R4 B . 20.41 14.33 39.63
#